data_4GKI
#
_entry.id   4GKI
#
_cell.length_a   96.843
_cell.length_b   97.103
_cell.length_c   112.128
_cell.angle_alpha   103.24
_cell.angle_beta   106.18
_cell.angle_gamma   112.66
#
_symmetry.space_group_name_H-M   'P 1'
#
loop_
_entity.id
_entity.type
_entity.pdbx_description
1 polymer "Aminoglycoside 3'-phosphotransferase AphA1-IAB"
2 non-polymer 'KANAMYCIN A'
3 non-polymer 1-tert-butyl-3-(naphthalen-1-ylmethyl)-1H-pyrazolo[3,4-d]pyrimidin-4-amine
4 non-polymer 'SODIUM ION'
5 non-polymer 'CHLORIDE ION'
6 non-polymer 'ACETATE ION'
7 non-polymer DI(HYDROXYETHYL)ETHER
8 water water
#
_entity_poly.entity_id   1
_entity_poly.type   'polypeptide(L)'
_entity_poly.pdbx_seq_one_letter_code
;G(MSE)SHIQRETSCSRPRLNSNLDADLYGYRWARDNVGQSGATIYRLYGKPNAPELFLKHGKGSVANDVTDE(MSE)VR
LNWLTAF(MSE)PLPTIKHFIRTPDDAWLLTTAIPGKTAFQVLEEYPDSGENIVDALAVFLRRLHSIPVCNCPFNSDRVF
RLAQAQSR(MSE)NNGLVDASDFDDERNGWPVEQVWKE(MSE)HKLLPFSPDSVVTHGDFSLDNLIFDEGKLIGCIDVGR
VGIADRYQDLAILWNCLGEFSPSLQKRLFQKYGIDNPD(MSE)NKLQFHL(MSE)LDEFF
;
_entity_poly.pdbx_strand_id   A,B,C,D,E,F,G,H,I,J,K,L
#
loop_
_chem_comp.id
_chem_comp.type
_chem_comp.name
_chem_comp.formula
0JN non-polymer 1-tert-butyl-3-(naphthalen-1-ylmethyl)-1H-pyrazolo[3,4-d]pyrimidin-4-amine 'C20 H21 N5'
ACT non-polymer 'ACETATE ION' 'C2 H3 O2 -1'
CL non-polymer 'CHLORIDE ION' 'Cl -1'
KAN non-polymer 'KANAMYCIN A' 'C18 H36 N4 O11'
NA non-polymer 'SODIUM ION' 'Na 1'
PEG non-polymer DI(HYDROXYETHYL)ETHER 'C4 H10 O3'
#
# COMPACT_ATOMS: atom_id res chain seq x y z
N GLY A 1 -9.44 17.38 -29.38
CA GLY A 1 -8.15 16.91 -29.87
C GLY A 1 -7.97 17.12 -31.36
N MSE A 2 -7.26 16.19 -31.99
CA MSE A 2 -6.97 16.24 -33.42
C MSE A 2 -6.45 14.88 -33.89
O MSE A 2 -5.62 14.26 -33.23
CB MSE A 2 -5.94 17.32 -33.74
CG MSE A 2 -5.32 17.23 -35.11
SE MSE A 2 -5.01 18.99 -35.86
CE MSE A 2 -6.82 19.36 -36.50
N SER A 3 -6.97 14.41 -35.03
CA SER A 3 -6.75 13.02 -35.42
C SER A 3 -5.88 12.93 -36.67
N HIS A 4 -5.50 11.71 -37.03
CA HIS A 4 -4.68 11.45 -38.21
C HIS A 4 -3.37 12.21 -38.14
N ILE A 5 -2.86 12.37 -36.92
CA ILE A 5 -1.61 13.09 -36.71
C ILE A 5 -0.43 12.30 -37.29
N GLN A 6 0.30 12.92 -38.20
CA GLN A 6 1.51 12.32 -38.75
C GLN A 6 2.54 13.45 -38.90
N ARG A 7 3.18 13.81 -37.79
CA ARG A 7 4.12 14.92 -37.74
CA ARG A 7 4.12 14.92 -37.74
C ARG A 7 5.56 14.43 -37.61
N GLU A 8 6.39 14.84 -38.56
CA GLU A 8 7.77 14.39 -38.64
C GLU A 8 8.78 15.48 -38.25
N THR A 9 9.76 15.09 -37.46
CA THR A 9 10.88 15.97 -37.14
C THR A 9 12.19 15.26 -37.44
N SER A 10 13.21 16.02 -37.80
CA SER A 10 14.54 15.46 -37.97
C SER A 10 15.08 15.01 -36.62
N CYS A 11 15.82 13.91 -36.59
CA CYS A 11 16.48 13.48 -35.36
C CYS A 11 17.81 12.79 -35.63
N SER A 12 18.70 12.85 -34.64
CA SER A 12 19.91 12.05 -34.66
C SER A 12 19.52 10.63 -34.27
N ARG A 13 20.42 9.69 -34.51
CA ARG A 13 20.24 8.32 -34.07
C ARG A 13 20.05 8.30 -32.55
N PRO A 14 19.06 7.54 -32.06
CA PRO A 14 18.84 7.39 -30.62
C PRO A 14 19.90 6.47 -30.02
N ARG A 15 19.91 6.35 -28.69
CA ARG A 15 20.83 5.43 -28.04
C ARG A 15 20.29 4.01 -28.16
N LEU A 16 21.00 3.16 -28.89
CA LEU A 16 20.55 1.79 -29.13
C LEU A 16 20.82 0.89 -27.93
N ASN A 17 20.16 -0.27 -27.91
CA ASN A 17 20.28 -1.19 -26.80
C ASN A 17 21.62 -1.91 -26.73
N SER A 18 22.10 -2.14 -25.51
CA SER A 18 23.26 -3.01 -25.27
C SER A 18 22.96 -4.40 -25.85
N ASN A 19 23.93 -4.93 -26.59
CA ASN A 19 23.76 -6.18 -27.32
C ASN A 19 23.72 -7.43 -26.44
N LEU A 20 23.31 -8.56 -27.03
CA LEU A 20 23.31 -9.83 -26.32
C LEU A 20 24.74 -10.21 -25.94
N ASP A 21 25.65 -10.09 -26.91
CA ASP A 21 27.06 -10.39 -26.69
C ASP A 21 27.67 -9.46 -25.64
N ALA A 22 27.09 -9.51 -24.44
CA ALA A 22 27.45 -8.61 -23.35
C ALA A 22 26.87 -9.13 -22.03
N ASP A 23 25.58 -9.43 -22.03
CA ASP A 23 24.93 -10.02 -20.87
C ASP A 23 25.61 -11.35 -20.56
N LEU A 24 25.66 -12.22 -21.56
CA LEU A 24 26.45 -13.44 -21.46
C LEU A 24 27.91 -13.11 -21.67
N TYR A 25 28.69 -13.12 -20.60
CA TYR A 25 30.12 -12.82 -20.74
C TYR A 25 31.01 -13.85 -20.05
N GLY A 26 31.02 -13.84 -18.72
CA GLY A 26 31.84 -14.77 -17.97
C GLY A 26 31.03 -15.92 -17.42
N TYR A 27 30.78 -16.93 -18.25
CA TYR A 27 29.95 -18.06 -17.83
C TYR A 27 30.46 -19.38 -18.41
N ARG A 28 30.16 -20.48 -17.70
CA ARG A 28 30.36 -21.82 -18.25
C ARG A 28 29.15 -22.15 -19.12
N TRP A 29 29.23 -23.23 -19.88
CA TRP A 29 28.20 -23.55 -20.87
C TRP A 29 27.90 -25.05 -20.91
N ALA A 30 26.64 -25.40 -21.17
CA ALA A 30 26.24 -26.81 -21.22
C ALA A 30 24.89 -26.98 -21.91
N ARG A 31 24.80 -27.93 -22.84
CA ARG A 31 23.51 -28.20 -23.50
C ARG A 31 22.72 -29.25 -22.72
N ASP A 32 21.52 -28.86 -22.27
CA ASP A 32 20.79 -29.66 -21.29
C ASP A 32 19.64 -30.49 -21.86
N ASN A 33 19.31 -30.29 -23.12
CA ASN A 33 18.19 -31.00 -23.74
C ASN A 33 18.57 -31.71 -25.03
N VAL A 34 19.76 -32.31 -25.05
CA VAL A 34 20.25 -32.97 -26.26
C VAL A 34 19.30 -34.04 -26.78
N GLY A 35 18.90 -33.90 -28.04
CA GLY A 35 18.05 -34.88 -28.70
C GLY A 35 16.57 -34.71 -28.44
N GLN A 36 16.18 -33.61 -27.81
CA GLN A 36 14.76 -33.38 -27.54
C GLN A 36 14.08 -32.59 -28.65
N SER A 37 12.81 -32.24 -28.44
CA SER A 37 12.07 -31.45 -29.41
C SER A 37 12.09 -29.98 -29.00
N GLY A 38 12.70 -29.14 -29.83
CA GLY A 38 12.75 -27.72 -29.56
C GLY A 38 14.13 -27.09 -29.65
N ALA A 39 14.32 -26.01 -28.90
CA ALA A 39 15.52 -25.20 -29.01
C ALA A 39 16.81 -25.86 -28.51
N THR A 40 17.94 -25.32 -28.95
CA THR A 40 19.21 -25.56 -28.31
C THR A 40 19.18 -24.78 -26.99
N ILE A 41 19.56 -25.42 -25.90
CA ILE A 41 19.54 -24.76 -24.59
C ILE A 41 20.92 -24.71 -23.96
N TYR A 42 21.33 -23.51 -23.55
CA TYR A 42 22.62 -23.31 -22.91
C TYR A 42 22.43 -22.93 -21.46
N ARG A 43 23.07 -23.67 -20.56
CA ARG A 43 23.09 -23.32 -19.15
C ARG A 43 24.34 -22.52 -18.87
N LEU A 44 24.17 -21.25 -18.50
CA LEU A 44 25.30 -20.40 -18.17
C LEU A 44 25.48 -20.30 -16.66
N TYR A 45 26.63 -20.72 -16.17
CA TYR A 45 26.90 -20.74 -14.74
C TYR A 45 28.37 -20.46 -14.45
N GLY A 46 28.68 -20.18 -13.20
CA GLY A 46 30.06 -20.00 -12.77
C GLY A 46 30.58 -18.59 -12.88
N LYS A 47 29.71 -17.60 -12.74
CA LYS A 47 30.14 -16.21 -12.69
C LYS A 47 30.01 -15.70 -11.27
N PRO A 48 31.12 -15.25 -10.68
CA PRO A 48 31.13 -14.68 -9.34
C PRO A 48 30.16 -13.51 -9.21
N ASN A 49 29.31 -13.55 -8.18
CA ASN A 49 28.31 -12.51 -7.93
C ASN A 49 27.30 -12.35 -9.06
N ALA A 50 27.01 -13.45 -9.76
CA ALA A 50 26.04 -13.42 -10.85
C ALA A 50 25.20 -14.69 -10.85
N PRO A 51 23.91 -14.56 -11.17
CA PRO A 51 23.04 -15.73 -11.07
C PRO A 51 23.20 -16.66 -12.27
N GLU A 52 22.62 -17.85 -12.17
CA GLU A 52 22.68 -18.80 -13.25
C GLU A 52 21.67 -18.41 -14.32
N LEU A 53 22.02 -18.62 -15.58
CA LEU A 53 21.13 -18.27 -16.67
C LEU A 53 20.92 -19.44 -17.62
N PHE A 54 19.82 -19.37 -18.36
CA PHE A 54 19.54 -20.28 -19.46
C PHE A 54 19.37 -19.44 -20.72
N LEU A 55 19.86 -19.96 -21.85
CA LEU A 55 19.67 -19.31 -23.14
C LEU A 55 19.10 -20.31 -24.15
N LYS A 56 17.86 -20.05 -24.58
CA LYS A 56 17.22 -20.89 -25.60
C LYS A 56 17.41 -20.26 -26.97
N HIS A 57 17.82 -21.09 -27.93
CA HIS A 57 17.96 -20.66 -29.30
C HIS A 57 17.07 -21.52 -30.18
N GLY A 58 16.01 -20.92 -30.73
CA GLY A 58 15.16 -21.59 -31.70
C GLY A 58 15.37 -21.13 -33.13
N LYS A 59 15.44 -22.09 -34.06
CA LYS A 59 15.59 -21.73 -35.46
C LYS A 59 14.37 -22.23 -36.24
N GLY A 60 13.97 -21.51 -37.28
CA GLY A 60 12.83 -21.91 -38.07
C GLY A 60 11.54 -21.87 -37.28
N SER A 61 10.74 -22.93 -37.37
CA SER A 61 9.48 -22.99 -36.64
C SER A 61 9.71 -22.96 -35.14
N VAL A 62 10.87 -23.42 -34.71
CA VAL A 62 11.19 -23.44 -33.29
C VAL A 62 11.40 -22.02 -32.78
N ALA A 63 11.78 -21.10 -33.67
CA ALA A 63 11.88 -19.70 -33.28
C ALA A 63 10.51 -19.13 -32.89
N ASN A 64 9.47 -19.57 -33.59
CA ASN A 64 8.12 -19.22 -33.17
C ASN A 64 7.80 -19.76 -31.78
N ASP A 65 8.17 -21.00 -31.50
CA ASP A 65 8.02 -21.57 -30.14
C ASP A 65 8.69 -20.75 -29.05
N VAL A 66 9.93 -20.37 -29.26
CA VAL A 66 10.65 -19.59 -28.26
C VAL A 66 10.00 -18.22 -28.09
N THR A 67 9.58 -17.61 -29.20
CA THR A 67 8.88 -16.34 -29.15
C THR A 67 7.60 -16.46 -28.32
N ASP A 68 6.86 -17.56 -28.54
CA ASP A 68 5.65 -17.89 -27.76
C ASP A 68 5.90 -17.98 -26.26
N GLU A 69 6.97 -18.67 -25.85
CA GLU A 69 7.33 -18.76 -24.43
CA GLU A 69 7.27 -18.76 -24.42
C GLU A 69 7.63 -17.38 -23.88
N MSE A 70 8.40 -16.59 -24.66
CA MSE A 70 8.85 -15.28 -24.16
C MSE A 70 7.68 -14.38 -23.78
O MSE A 70 7.69 -13.79 -22.70
CB MSE A 70 9.75 -14.57 -25.16
CG MSE A 70 10.31 -13.22 -24.64
SE MSE A 70 9.15 -11.65 -24.95
CE MSE A 70 9.01 -11.85 -26.86
N VAL A 71 6.67 -14.25 -24.68
CA VAL A 71 5.56 -13.34 -24.38
CA VAL A 71 5.54 -13.34 -24.43
C VAL A 71 4.69 -13.84 -23.26
N ARG A 72 4.61 -15.15 -23.12
CA ARG A 72 3.87 -15.72 -22.01
C ARG A 72 4.63 -15.53 -20.69
N LEU A 73 5.95 -15.71 -20.71
CA LEU A 73 6.77 -15.37 -19.55
C LEU A 73 6.56 -13.92 -19.16
N ASN A 74 6.64 -13.03 -20.14
CA ASN A 74 6.51 -11.61 -19.88
C ASN A 74 5.16 -11.29 -19.21
N TRP A 75 4.07 -11.81 -19.77
CA TRP A 75 2.74 -11.56 -19.20
C TRP A 75 2.52 -12.19 -17.80
N LEU A 76 2.80 -13.49 -17.68
CA LEU A 76 2.40 -14.22 -16.49
C LEU A 76 3.22 -13.88 -15.24
N THR A 77 4.39 -13.27 -15.43
CA THR A 77 5.27 -13.02 -14.30
C THR A 77 4.70 -11.96 -13.34
N ALA A 78 3.73 -11.18 -13.80
CA ALA A 78 3.06 -10.21 -12.93
C ALA A 78 2.18 -10.91 -11.89
N PHE A 79 1.89 -12.18 -12.11
CA PHE A 79 0.98 -12.90 -11.23
C PHE A 79 1.62 -14.10 -10.55
N MSE A 80 2.70 -14.64 -11.16
CA MSE A 80 3.27 -15.91 -10.71
C MSE A 80 4.80 -15.85 -10.72
O MSE A 80 5.37 -15.05 -11.46
CB MSE A 80 2.80 -17.06 -11.62
CG MSE A 80 1.28 -17.24 -11.65
SE MSE A 80 0.60 -17.91 -9.95
CE MSE A 80 1.21 -19.73 -10.16
N PRO A 81 5.45 -16.69 -9.89
CA PRO A 81 6.92 -16.74 -9.85
C PRO A 81 7.49 -17.53 -11.04
N LEU A 82 8.14 -16.81 -11.94
CA LEU A 82 8.64 -17.37 -13.20
C LEU A 82 10.08 -16.91 -13.40
N PRO A 83 10.81 -17.55 -14.34
CA PRO A 83 12.12 -17.01 -14.73
C PRO A 83 11.94 -15.59 -15.29
N THR A 84 12.86 -14.68 -14.98
CA THR A 84 12.75 -13.33 -15.53
C THR A 84 13.51 -13.25 -16.85
N ILE A 85 12.95 -12.51 -17.80
CA ILE A 85 13.60 -12.33 -19.09
C ILE A 85 14.71 -11.31 -18.97
N LYS A 86 15.94 -11.73 -19.25
CA LYS A 86 17.08 -10.81 -19.20
C LYS A 86 17.23 -10.14 -20.56
N HIS A 87 17.03 -10.90 -21.63
CA HIS A 87 17.23 -10.39 -22.98
C HIS A 87 16.51 -11.34 -23.93
N PHE A 88 15.85 -10.79 -24.94
CA PHE A 88 15.27 -11.62 -26.00
C PHE A 88 15.56 -10.99 -27.35
N ILE A 89 15.90 -11.81 -28.36
CA ILE A 89 16.14 -11.29 -29.71
C ILE A 89 15.39 -12.12 -30.73
N ARG A 90 14.65 -11.45 -31.63
N ARG A 90 14.67 -11.47 -31.66
CA ARG A 90 14.04 -12.12 -32.78
CA ARG A 90 14.02 -12.18 -32.76
C ARG A 90 14.62 -11.57 -34.08
C ARG A 90 14.47 -11.63 -34.12
N THR A 91 15.12 -12.47 -34.92
CA THR A 91 15.48 -12.12 -36.29
C THR A 91 14.58 -12.97 -37.19
N PRO A 92 14.60 -12.76 -38.53
CA PRO A 92 13.61 -13.52 -39.32
C PRO A 92 13.64 -15.05 -39.16
N ASP A 93 14.79 -15.68 -38.91
CA ASP A 93 14.84 -17.13 -38.79
CA ASP A 93 14.83 -17.13 -38.78
C ASP A 93 15.32 -17.64 -37.42
N ASP A 94 15.53 -16.74 -36.47
CA ASP A 94 16.05 -17.15 -35.16
C ASP A 94 15.42 -16.38 -34.02
N ALA A 95 15.28 -17.04 -32.87
CA ALA A 95 14.96 -16.37 -31.62
C ALA A 95 15.92 -16.82 -30.53
N TRP A 96 16.32 -15.85 -29.70
CA TRP A 96 17.22 -16.11 -28.60
C TRP A 96 16.56 -15.58 -27.35
N LEU A 97 16.43 -16.44 -26.33
CA LEU A 97 15.79 -16.08 -25.07
C LEU A 97 16.75 -16.34 -23.91
N LEU A 98 17.18 -15.26 -23.24
CA LEU A 98 18.05 -15.37 -22.08
C LEU A 98 17.23 -15.10 -20.83
N THR A 99 17.22 -16.06 -19.91
CA THR A 99 16.41 -15.97 -18.70
C THR A 99 17.22 -16.34 -17.47
N THR A 100 16.79 -15.87 -16.30
CA THR A 100 17.44 -16.27 -15.05
C THR A 100 16.99 -17.68 -14.69
N ALA A 101 17.87 -18.43 -14.04
CA ALA A 101 17.53 -19.79 -13.64
C ALA A 101 16.80 -19.74 -12.31
N ILE A 102 15.82 -20.61 -12.13
CA ILE A 102 15.21 -20.76 -10.81
C ILE A 102 15.90 -21.86 -10.05
N PRO A 103 16.57 -21.48 -8.94
CA PRO A 103 17.33 -22.43 -8.14
C PRO A 103 16.40 -23.47 -7.56
N GLY A 104 16.87 -24.70 -7.44
CA GLY A 104 16.04 -25.73 -6.83
C GLY A 104 16.00 -27.02 -7.62
N LYS A 105 15.04 -27.87 -7.28
CA LYS A 105 14.87 -29.16 -7.93
C LYS A 105 13.43 -29.21 -8.40
N THR A 106 13.15 -30.09 -9.36
CA THR A 106 11.77 -30.21 -9.84
C THR A 106 10.93 -30.95 -8.80
N ALA A 107 9.62 -30.76 -8.88
CA ALA A 107 8.68 -31.51 -8.05
C ALA A 107 8.86 -33.03 -8.17
N PHE A 108 9.14 -33.51 -9.38
CA PHE A 108 9.48 -34.93 -9.57
C PHE A 108 10.68 -35.32 -8.70
N GLN A 109 11.76 -34.53 -8.77
CA GLN A 109 12.97 -34.84 -8.02
C GLN A 109 12.71 -34.80 -6.51
N VAL A 110 11.95 -33.79 -6.07
CA VAL A 110 11.64 -33.65 -4.66
C VAL A 110 10.75 -34.81 -4.17
N LEU A 111 9.75 -35.20 -4.95
CA LEU A 111 8.94 -36.37 -4.59
C LEU A 111 9.79 -37.63 -4.44
N GLU A 112 10.72 -37.83 -5.37
CA GLU A 112 11.63 -38.98 -5.28
C GLU A 112 12.53 -38.90 -4.06
N GLU A 113 13.03 -37.70 -3.76
CA GLU A 113 13.97 -37.56 -2.66
C GLU A 113 13.25 -37.65 -1.32
N TYR A 114 12.01 -37.17 -1.30
CA TYR A 114 11.22 -37.10 -0.07
C TYR A 114 9.91 -37.85 -0.19
N PRO A 115 9.98 -39.17 -0.42
CA PRO A 115 8.74 -39.95 -0.60
C PRO A 115 7.79 -39.88 0.60
N ASP A 116 8.33 -39.78 1.83
CA ASP A 116 7.45 -39.69 3.01
C ASP A 116 6.73 -38.34 3.09
N SER A 117 7.08 -37.42 2.19
CA SER A 117 6.43 -36.12 2.14
C SER A 117 5.45 -35.98 0.97
N GLY A 118 5.12 -37.08 0.32
CA GLY A 118 4.24 -37.04 -0.85
C GLY A 118 2.97 -36.25 -0.64
N GLU A 119 2.29 -36.51 0.47
CA GLU A 119 1.07 -35.79 0.78
C GLU A 119 1.28 -34.27 1.00
N ASN A 120 2.33 -33.89 1.72
CA ASN A 120 2.64 -32.47 1.87
C ASN A 120 2.99 -31.83 0.53
N ILE A 121 3.66 -32.59 -0.34
CA ILE A 121 4.09 -32.06 -1.62
C ILE A 121 2.88 -31.81 -2.53
N VAL A 122 1.94 -32.75 -2.52
CA VAL A 122 0.72 -32.59 -3.31
C VAL A 122 -0.14 -31.41 -2.82
N ASP A 123 -0.17 -31.25 -1.50
CA ASP A 123 -0.84 -30.09 -0.91
C ASP A 123 -0.23 -28.79 -1.47
N ALA A 124 1.10 -28.72 -1.53
CA ALA A 124 1.76 -27.53 -2.05
C ALA A 124 1.44 -27.30 -3.53
N LEU A 125 1.41 -28.38 -4.29
CA LEU A 125 1.07 -28.31 -5.71
C LEU A 125 -0.35 -27.78 -5.96
N ALA A 126 -1.29 -28.23 -5.13
CA ALA A 126 -2.69 -27.83 -5.28
C ALA A 126 -2.85 -26.35 -4.95
N VAL A 127 -2.16 -25.90 -3.90
CA VAL A 127 -2.21 -24.49 -3.52
C VAL A 127 -1.67 -23.62 -4.64
N PHE A 128 -0.57 -24.05 -5.23
CA PHE A 128 0.06 -23.32 -6.33
C PHE A 128 -0.87 -23.28 -7.56
N LEU A 129 -1.47 -24.43 -7.88
CA LEU A 129 -2.40 -24.51 -9.01
C LEU A 129 -3.67 -23.65 -8.79
N ARG A 130 -4.19 -23.67 -7.57
CA ARG A 130 -5.31 -22.78 -7.19
C ARG A 130 -4.95 -21.32 -7.40
N ARG A 131 -3.72 -20.94 -7.04
CA ARG A 131 -3.24 -19.58 -7.23
C ARG A 131 -3.25 -19.21 -8.71
N LEU A 132 -2.72 -20.09 -9.56
CA LEU A 132 -2.74 -19.84 -11.01
C LEU A 132 -4.16 -19.68 -11.53
N HIS A 133 -5.03 -20.62 -11.20
CA HIS A 133 -6.41 -20.61 -11.68
C HIS A 133 -7.27 -19.52 -11.05
N SER A 134 -6.71 -18.78 -10.10
CA SER A 134 -7.40 -17.64 -9.49
C SER A 134 -7.14 -16.32 -10.21
N ILE A 135 -6.22 -16.31 -11.16
CA ILE A 135 -6.01 -15.10 -11.96
C ILE A 135 -7.25 -14.86 -12.80
N PRO A 136 -7.87 -13.67 -12.67
CA PRO A 136 -9.11 -13.44 -13.43
C PRO A 136 -8.85 -13.55 -14.93
N VAL A 137 -9.70 -14.26 -15.65
CA VAL A 137 -9.43 -14.55 -17.07
C VAL A 137 -9.42 -13.29 -17.91
N CYS A 138 -10.12 -12.26 -17.44
CA CYS A 138 -10.15 -10.97 -18.10
C CYS A 138 -8.76 -10.34 -18.23
N ASN A 139 -7.78 -10.85 -17.48
CA ASN A 139 -6.41 -10.31 -17.55
C ASN A 139 -5.57 -10.98 -18.64
N CYS A 140 -6.07 -12.07 -19.23
CA CYS A 140 -5.23 -12.96 -20.06
C CYS A 140 -5.44 -12.78 -21.57
N PRO A 141 -4.39 -12.37 -22.30
CA PRO A 141 -4.49 -12.10 -23.75
C PRO A 141 -4.26 -13.35 -24.61
N PHE A 142 -4.13 -14.52 -23.98
CA PHE A 142 -3.80 -15.73 -24.74
C PHE A 142 -4.92 -16.75 -24.74
N ASN A 143 -5.17 -17.29 -25.93
CA ASN A 143 -6.19 -18.31 -26.13
C ASN A 143 -5.55 -19.69 -26.24
N SER A 144 -5.91 -20.60 -25.33
CA SER A 144 -5.53 -22.02 -25.39
C SER A 144 -6.76 -22.94 -25.34
N ASP A 145 -7.89 -22.45 -25.85
CA ASP A 145 -9.14 -23.21 -25.72
C ASP A 145 -9.14 -24.50 -26.55
N ARG A 146 -10.16 -25.33 -26.35
CA ARG A 146 -10.09 -26.66 -26.96
C ARG A 146 -10.22 -26.65 -28.48
N VAL A 147 -10.91 -25.65 -29.03
CA VAL A 147 -11.02 -25.54 -30.48
C VAL A 147 -9.62 -25.28 -31.10
N PHE A 148 -8.90 -24.36 -30.48
CA PHE A 148 -7.52 -24.05 -30.85
C PHE A 148 -6.59 -25.27 -30.73
N ARG A 149 -6.63 -25.94 -29.58
CA ARG A 149 -5.76 -27.08 -29.32
CA ARG A 149 -5.75 -27.08 -29.34
C ARG A 149 -6.13 -28.28 -30.19
N LEU A 150 -7.42 -28.49 -30.42
CA LEU A 150 -7.85 -29.60 -31.27
C LEU A 150 -7.32 -29.41 -32.69
N ALA A 151 -7.29 -28.16 -33.15
CA ALA A 151 -6.75 -27.90 -34.50
C ALA A 151 -5.25 -28.17 -34.54
N GLN A 152 -4.53 -27.75 -33.50
CA GLN A 152 -3.11 -28.09 -33.41
C GLN A 152 -2.89 -29.60 -33.38
N ALA A 153 -3.75 -30.32 -32.67
CA ALA A 153 -3.60 -31.76 -32.54
C ALA A 153 -3.88 -32.45 -33.87
N GLN A 154 -4.86 -31.94 -34.61
CA GLN A 154 -5.19 -32.51 -35.90
C GLN A 154 -4.00 -32.36 -36.84
N SER A 155 -3.37 -31.19 -36.77
CA SER A 155 -2.20 -30.91 -37.60
C SER A 155 -1.02 -31.84 -37.29
N ARG A 156 -0.73 -32.02 -36.01
CA ARG A 156 0.36 -32.90 -35.61
C ARG A 156 0.11 -34.32 -36.07
N MSE A 157 -1.15 -34.74 -35.97
CA MSE A 157 -1.53 -36.07 -36.39
C MSE A 157 -1.32 -36.21 -37.90
O MSE A 157 -0.67 -37.15 -38.36
CB MSE A 157 -2.99 -36.36 -36.02
CG MSE A 157 -3.48 -37.72 -36.57
SE MSE A 157 -5.33 -38.16 -36.12
CE MSE A 157 -6.27 -36.69 -37.00
N ASN A 158 -1.82 -35.27 -38.67
CA ASN A 158 -1.67 -35.33 -40.13
C ASN A 158 -0.23 -35.14 -40.63
N ASN A 159 0.61 -34.51 -39.83
CA ASN A 159 2.03 -34.34 -40.16
C ASN A 159 2.93 -35.44 -39.59
N GLY A 160 2.32 -36.47 -39.01
CA GLY A 160 3.07 -37.57 -38.44
C GLY A 160 3.90 -37.22 -37.20
N LEU A 161 3.48 -36.22 -36.45
CA LEU A 161 4.30 -35.74 -35.33
C LEU A 161 3.88 -36.28 -33.97
N VAL A 162 2.79 -37.05 -33.93
CA VAL A 162 2.33 -37.57 -32.64
C VAL A 162 3.26 -38.70 -32.19
N ASP A 163 3.69 -38.64 -30.92
CA ASP A 163 4.57 -39.68 -30.39
C ASP A 163 3.75 -40.86 -29.89
N ALA A 164 3.48 -41.80 -30.78
CA ALA A 164 2.58 -42.92 -30.47
C ALA A 164 3.17 -43.88 -29.44
N SER A 165 4.48 -43.81 -29.23
CA SER A 165 5.14 -44.65 -28.24
C SER A 165 4.89 -44.17 -26.81
N ASP A 166 4.38 -42.95 -26.68
CA ASP A 166 4.33 -42.27 -25.38
C ASP A 166 2.90 -42.14 -24.85
N PHE A 167 1.96 -42.87 -25.44
CA PHE A 167 0.57 -42.86 -24.95
C PHE A 167 0.50 -43.43 -23.54
N ASP A 168 -0.45 -42.95 -22.74
CA ASP A 168 -0.73 -43.56 -21.44
C ASP A 168 -1.08 -45.05 -21.58
N ASP A 169 -0.92 -45.78 -20.47
CA ASP A 169 -1.12 -47.23 -20.45
C ASP A 169 -2.41 -47.69 -21.12
N GLU A 170 -3.51 -47.01 -20.83
CA GLU A 170 -4.83 -47.40 -21.32
C GLU A 170 -4.99 -47.18 -22.83
N ARG A 171 -4.04 -46.49 -23.44
CA ARG A 171 -4.05 -46.34 -24.89
C ARG A 171 -2.78 -46.91 -25.54
N ASN A 172 -2.08 -47.76 -24.82
CA ASN A 172 -0.82 -48.31 -25.33
C ASN A 172 -1.00 -49.02 -26.65
N GLY A 173 -0.19 -48.64 -27.63
CA GLY A 173 -0.26 -49.25 -28.95
C GLY A 173 -1.49 -48.91 -29.79
N TRP A 174 -2.32 -47.98 -29.34
CA TRP A 174 -3.45 -47.54 -30.18
C TRP A 174 -2.95 -46.75 -31.39
N PRO A 175 -3.58 -46.93 -32.56
CA PRO A 175 -3.25 -46.03 -33.66
C PRO A 175 -3.65 -44.60 -33.27
N VAL A 176 -2.90 -43.60 -33.72
CA VAL A 176 -3.24 -42.20 -33.41
CA VAL A 176 -3.25 -42.22 -33.40
C VAL A 176 -4.68 -41.89 -33.81
N GLU A 177 -5.11 -42.41 -34.97
CA GLU A 177 -6.45 -42.14 -35.46
C GLU A 177 -7.54 -42.67 -34.53
N GLN A 178 -7.27 -43.77 -33.83
CA GLN A 178 -8.22 -44.30 -32.85
C GLN A 178 -8.33 -43.35 -31.64
N VAL A 179 -7.20 -42.79 -31.22
CA VAL A 179 -7.23 -41.85 -30.11
C VAL A 179 -8.09 -40.65 -30.53
N TRP A 180 -7.83 -40.14 -31.74
CA TRP A 180 -8.58 -39.01 -32.29
C TRP A 180 -10.08 -39.29 -32.25
N LYS A 181 -10.48 -40.44 -32.80
CA LYS A 181 -11.89 -40.77 -32.94
C LYS A 181 -12.57 -40.91 -31.60
N GLU A 182 -11.98 -41.69 -30.69
CA GLU A 182 -12.59 -41.92 -29.40
C GLU A 182 -12.63 -40.65 -28.57
N MSE A 183 -11.62 -39.78 -28.74
CA MSE A 183 -11.59 -38.53 -27.98
C MSE A 183 -12.81 -37.66 -28.31
O MSE A 183 -13.39 -37.05 -27.42
CB MSE A 183 -10.31 -37.76 -28.25
CG MSE A 183 -10.33 -36.34 -27.68
SE MSE A 183 -8.58 -35.52 -27.79
CE MSE A 183 -8.52 -35.34 -29.72
N HIS A 184 -13.17 -37.63 -29.58
CA HIS A 184 -14.31 -36.81 -30.01
C HIS A 184 -15.66 -37.29 -29.48
N LYS A 185 -15.72 -38.53 -29.04
CA LYS A 185 -16.95 -39.04 -28.42
C LYS A 185 -17.18 -38.46 -27.01
N LEU A 186 -16.17 -37.84 -26.43
CA LEU A 186 -16.34 -37.17 -25.14
C LEU A 186 -16.91 -35.74 -25.26
N LEU A 187 -17.01 -35.25 -26.49
CA LEU A 187 -17.47 -33.89 -26.77
C LEU A 187 -18.96 -33.88 -27.12
N PRO A 188 -19.65 -32.76 -26.83
CA PRO A 188 -19.11 -31.56 -26.20
C PRO A 188 -19.29 -31.57 -24.69
N PHE A 189 -18.69 -30.60 -24.02
CA PHE A 189 -18.96 -30.29 -22.62
C PHE A 189 -18.72 -28.79 -22.44
N SER A 190 -19.28 -28.21 -21.40
CA SER A 190 -19.13 -26.76 -21.20
C SER A 190 -17.82 -26.44 -20.48
N PRO A 191 -16.99 -25.58 -21.10
CA PRO A 191 -15.71 -25.30 -20.48
C PRO A 191 -15.88 -24.48 -19.22
N ASP A 192 -15.05 -24.80 -18.23
CA ASP A 192 -14.93 -24.03 -17.02
C ASP A 192 -13.58 -23.34 -17.15
N SER A 193 -13.58 -22.17 -17.81
CA SER A 193 -12.35 -21.54 -18.32
C SER A 193 -11.56 -20.77 -17.26
N VAL A 194 -10.25 -21.02 -17.21
CA VAL A 194 -9.34 -20.31 -16.31
C VAL A 194 -8.02 -20.08 -17.02
N VAL A 195 -7.13 -19.30 -16.39
CA VAL A 195 -5.78 -19.15 -16.90
C VAL A 195 -5.07 -20.46 -16.63
N THR A 196 -4.67 -21.16 -17.69
CA THR A 196 -3.96 -22.44 -17.54
C THR A 196 -2.51 -22.35 -17.95
N HIS A 197 -1.68 -23.22 -17.40
CA HIS A 197 -0.26 -23.34 -17.72
C HIS A 197 -0.03 -24.09 -19.05
N GLY A 198 -0.77 -25.18 -19.25
CA GLY A 198 -0.69 -25.94 -20.50
C GLY A 198 0.16 -27.21 -20.46
N ASP A 199 1.11 -27.25 -19.54
CA ASP A 199 1.90 -28.46 -19.32
C ASP A 199 2.30 -28.49 -17.85
N PHE A 200 1.30 -28.66 -17.00
CA PHE A 200 1.48 -28.50 -15.57
C PHE A 200 1.96 -29.83 -14.99
N SER A 201 3.16 -30.24 -15.38
CA SER A 201 3.68 -31.54 -14.98
C SER A 201 4.71 -31.41 -13.86
N LEU A 202 5.09 -32.54 -13.27
CA LEU A 202 6.06 -32.52 -12.17
C LEU A 202 7.42 -31.99 -12.61
N ASP A 203 7.70 -32.02 -13.90
CA ASP A 203 9.00 -31.53 -14.37
C ASP A 203 9.06 -30.01 -14.44
N ASN A 204 7.88 -29.37 -14.43
CA ASN A 204 7.82 -27.92 -14.70
C ASN A 204 7.52 -27.06 -13.50
N LEU A 205 7.55 -27.64 -12.30
CA LEU A 205 7.36 -26.89 -11.06
C LEU A 205 8.60 -27.07 -10.22
N ILE A 206 9.08 -25.97 -9.64
CA ILE A 206 10.38 -25.98 -9.00
C ILE A 206 10.26 -25.72 -7.49
N PHE A 207 10.90 -26.58 -6.69
CA PHE A 207 10.95 -26.45 -5.23
C PHE A 207 12.32 -25.99 -4.77
N ASP A 208 12.36 -25.14 -3.76
CA ASP A 208 13.64 -24.81 -3.16
C ASP A 208 13.45 -24.59 -1.67
N GLU A 209 14.32 -25.20 -0.86
CA GLU A 209 14.20 -25.13 0.59
C GLU A 209 12.78 -25.52 1.05
N GLY A 210 12.25 -26.60 0.48
CA GLY A 210 11.00 -27.17 0.93
C GLY A 210 9.74 -26.45 0.47
N LYS A 211 9.92 -25.38 -0.32
CA LYS A 211 8.77 -24.63 -0.79
C LYS A 211 8.69 -24.57 -2.33
N LEU A 212 7.48 -24.60 -2.85
CA LEU A 212 7.26 -24.49 -4.28
C LEU A 212 7.52 -23.03 -4.68
N ILE A 213 8.62 -22.79 -5.39
CA ILE A 213 9.04 -21.41 -5.65
C ILE A 213 8.83 -20.91 -7.08
N GLY A 214 8.46 -21.79 -8.01
CA GLY A 214 8.17 -21.32 -9.35
C GLY A 214 7.75 -22.38 -10.35
N CYS A 215 7.34 -21.94 -11.54
CA CYS A 215 7.09 -22.87 -12.64
C CYS A 215 7.82 -22.40 -13.89
N ILE A 216 8.07 -23.34 -14.80
CA ILE A 216 8.83 -23.05 -16.01
C ILE A 216 8.06 -23.62 -17.20
N ASP A 217 8.61 -23.42 -18.41
CA ASP A 217 8.04 -24.02 -19.62
C ASP A 217 6.60 -23.54 -19.90
N VAL A 218 6.43 -22.22 -20.05
CA VAL A 218 5.08 -21.64 -20.09
C VAL A 218 4.56 -21.33 -21.51
N GLY A 219 5.13 -21.96 -22.53
CA GLY A 219 4.78 -21.67 -23.91
C GLY A 219 3.34 -21.95 -24.29
N ARG A 220 2.64 -22.77 -23.52
CA ARG A 220 1.24 -23.07 -23.82
C ARG A 220 0.25 -22.33 -22.92
N VAL A 221 0.73 -21.33 -22.20
CA VAL A 221 -0.11 -20.61 -21.27
C VAL A 221 -1.26 -19.93 -22.03
N GLY A 222 -2.47 -20.03 -21.48
CA GLY A 222 -3.59 -19.29 -22.00
C GLY A 222 -4.89 -19.76 -21.40
N ILE A 223 -6.01 -19.16 -21.83
CA ILE A 223 -7.32 -19.52 -21.30
C ILE A 223 -7.75 -20.87 -21.84
N ALA A 224 -8.07 -21.80 -20.94
CA ALA A 224 -8.57 -23.13 -21.29
C ALA A 224 -9.36 -23.66 -20.12
N ASP A 225 -9.96 -24.84 -20.27
CA ASP A 225 -10.66 -25.49 -19.16
C ASP A 225 -9.67 -25.82 -18.03
N ARG A 226 -10.13 -25.73 -16.78
CA ARG A 226 -9.22 -25.99 -15.67
C ARG A 226 -8.65 -27.41 -15.69
N TYR A 227 -9.35 -28.34 -16.31
CA TYR A 227 -8.87 -29.72 -16.36
C TYR A 227 -7.63 -29.89 -17.23
N GLN A 228 -7.32 -28.90 -18.07
CA GLN A 228 -6.07 -28.93 -18.83
C GLN A 228 -4.89 -29.10 -17.88
N ASP A 229 -4.89 -28.36 -16.78
CA ASP A 229 -3.78 -28.49 -15.84
C ASP A 229 -3.98 -29.61 -14.83
N LEU A 230 -5.20 -29.77 -14.34
CA LEU A 230 -5.49 -30.89 -13.44
C LEU A 230 -5.15 -32.24 -14.07
N ALA A 231 -5.57 -32.46 -15.32
CA ALA A 231 -5.31 -33.74 -15.98
C ALA A 231 -3.82 -34.06 -16.08
N ILE A 232 -3.03 -33.11 -16.54
CA ILE A 232 -1.61 -33.39 -16.74
C ILE A 232 -0.91 -33.73 -15.42
N LEU A 233 -1.19 -32.96 -14.38
CA LEU A 233 -0.58 -33.21 -13.07
C LEU A 233 -1.08 -34.51 -12.41
N TRP A 234 -2.39 -34.75 -12.50
CA TRP A 234 -2.97 -36.00 -12.01
C TRP A 234 -2.27 -37.20 -12.65
N ASN A 235 -2.06 -37.12 -13.96
CA ASN A 235 -1.36 -38.17 -14.71
C ASN A 235 0.03 -38.43 -14.13
N CYS A 236 0.82 -37.37 -13.93
CA CYS A 236 2.16 -37.53 -13.35
C CYS A 236 2.14 -38.18 -11.96
N LEU A 237 1.16 -37.83 -11.14
CA LEU A 237 1.10 -38.36 -9.78
C LEU A 237 0.85 -39.86 -9.77
N GLY A 238 0.32 -40.38 -10.87
CA GLY A 238 0.13 -41.81 -11.04
C GLY A 238 1.44 -42.58 -10.95
N GLU A 239 2.57 -41.92 -11.21
CA GLU A 239 3.85 -42.61 -11.02
C GLU A 239 4.11 -42.85 -9.53
N PHE A 240 3.28 -42.27 -8.68
CA PHE A 240 3.51 -42.33 -7.24
C PHE A 240 2.42 -43.13 -6.55
N SER A 241 1.18 -42.65 -6.56
CA SER A 241 0.08 -43.47 -6.03
C SER A 241 -1.27 -42.92 -6.42
N PRO A 242 -2.29 -43.79 -6.44
CA PRO A 242 -3.65 -43.30 -6.73
C PRO A 242 -4.19 -42.43 -5.59
N SER A 243 -3.69 -42.66 -4.37
CA SER A 243 -4.09 -41.80 -3.26
C SER A 243 -3.64 -40.37 -3.49
N LEU A 244 -2.41 -40.19 -3.97
CA LEU A 244 -1.89 -38.84 -4.27
C LEU A 244 -2.65 -38.19 -5.43
N GLN A 245 -2.99 -39.00 -6.44
CA GLN A 245 -3.85 -38.54 -7.52
C GLN A 245 -5.17 -37.97 -7.00
N LYS A 246 -5.85 -38.75 -6.18
CA LYS A 246 -7.08 -38.33 -5.53
C LYS A 246 -6.85 -37.06 -4.71
N ARG A 247 -5.76 -37.02 -3.97
CA ARG A 247 -5.51 -35.92 -3.04
C ARG A 247 -5.40 -34.59 -3.78
N LEU A 248 -4.84 -34.64 -4.99
CA LEU A 248 -4.72 -33.43 -5.80
C LEU A 248 -6.06 -32.74 -5.98
N PHE A 249 -7.04 -33.50 -6.45
CA PHE A 249 -8.39 -32.97 -6.62
C PHE A 249 -9.00 -32.45 -5.31
N GLN A 250 -8.89 -33.24 -4.24
CA GLN A 250 -9.48 -32.86 -2.95
C GLN A 250 -8.92 -31.53 -2.46
N LYS A 251 -7.60 -31.38 -2.54
CA LYS A 251 -6.96 -30.20 -1.98
C LYS A 251 -7.14 -29.01 -2.90
N TYR A 252 -7.29 -29.26 -4.18
CA TYR A 252 -7.57 -28.20 -5.13
C TYR A 252 -8.99 -27.67 -4.90
N GLY A 253 -9.87 -28.52 -4.39
CA GLY A 253 -11.22 -28.11 -4.08
C GLY A 253 -12.32 -28.80 -4.88
N ILE A 254 -12.00 -29.91 -5.52
CA ILE A 254 -13.00 -30.66 -6.28
C ILE A 254 -13.27 -32.01 -5.63
N ASP A 255 -14.45 -32.14 -5.01
CA ASP A 255 -14.86 -33.38 -4.35
C ASP A 255 -15.33 -34.43 -5.35
N ASN A 256 -16.00 -33.96 -6.41
CA ASN A 256 -16.56 -34.82 -7.45
C ASN A 256 -15.88 -34.61 -8.81
N PRO A 257 -14.74 -35.27 -9.04
CA PRO A 257 -13.95 -35.09 -10.26
C PRO A 257 -14.75 -35.48 -11.51
N ASP A 258 -14.77 -34.59 -12.48
CA ASP A 258 -15.44 -34.84 -13.74
C ASP A 258 -14.62 -35.80 -14.61
N MSE A 259 -14.98 -37.08 -14.59
CA MSE A 259 -14.19 -38.09 -15.29
C MSE A 259 -14.13 -37.86 -16.81
O MSE A 259 -13.13 -38.17 -17.44
CB MSE A 259 -14.71 -39.50 -14.96
CG MSE A 259 -14.58 -39.86 -13.48
SE MSE A 259 -12.76 -39.72 -12.81
CE MSE A 259 -11.91 -40.95 -14.07
N ASN A 260 -15.18 -37.33 -17.36
CA ASN A 260 -15.23 -37.03 -18.79
C ASN A 260 -14.23 -35.96 -19.19
N LYS A 261 -14.21 -34.86 -18.45
CA LYS A 261 -13.25 -33.80 -18.72
C LYS A 261 -11.83 -34.26 -18.44
N LEU A 262 -11.67 -35.14 -17.45
CA LEU A 262 -10.35 -35.66 -17.15
C LEU A 262 -9.86 -36.48 -18.33
N GLN A 263 -10.67 -37.44 -18.76
CA GLN A 263 -10.30 -38.29 -19.88
CA GLN A 263 -10.35 -38.29 -19.89
C GLN A 263 -10.06 -37.46 -21.15
N PHE A 264 -10.92 -36.49 -21.41
CA PHE A 264 -10.72 -35.66 -22.61
C PHE A 264 -9.35 -34.99 -22.64
N HIS A 265 -8.96 -34.37 -21.53
CA HIS A 265 -7.68 -33.68 -21.49
C HIS A 265 -6.44 -34.59 -21.50
N LEU A 266 -6.57 -35.79 -20.90
CA LEU A 266 -5.49 -36.78 -20.98
C LEU A 266 -5.28 -37.21 -22.42
N MSE A 267 -6.40 -37.45 -23.12
CA MSE A 267 -6.36 -37.87 -24.52
C MSE A 267 -5.80 -36.76 -25.39
O MSE A 267 -5.01 -37.02 -26.30
CB MSE A 267 -7.76 -38.29 -24.98
CG MSE A 267 -8.25 -39.57 -24.32
SE MSE A 267 -9.95 -40.20 -24.95
CE MSE A 267 -9.33 -41.23 -26.47
N LEU A 268 -6.21 -35.50 -25.12
CA LEU A 268 -5.72 -34.37 -25.92
C LEU A 268 -4.21 -34.26 -25.82
N ASP A 269 -3.66 -34.45 -24.61
CA ASP A 269 -2.22 -34.34 -24.43
C ASP A 269 -1.43 -35.44 -25.16
N GLU A 270 -2.08 -36.54 -25.52
CA GLU A 270 -1.41 -37.59 -26.33
C GLU A 270 -0.83 -37.03 -27.62
N PHE A 271 -1.43 -35.96 -28.14
CA PHE A 271 -1.04 -35.40 -29.43
C PHE A 271 0.11 -34.41 -29.34
N PHE A 272 0.55 -34.11 -28.13
CA PHE A 272 1.51 -33.03 -27.98
C PHE A 272 2.86 -33.47 -27.45
N LEU B 16 27.15 -14.85 -31.74
CA LEU B 16 26.70 -15.45 -32.99
C LEU B 16 25.29 -15.01 -33.39
N ASN B 17 25.02 -13.73 -33.23
CA ASN B 17 23.73 -13.16 -33.65
C ASN B 17 23.82 -11.75 -34.24
N SER B 18 22.97 -11.46 -35.22
CA SER B 18 22.93 -10.15 -35.86
C SER B 18 22.60 -9.06 -34.85
N ASN B 19 23.31 -7.94 -34.92
CA ASN B 19 22.99 -6.80 -34.06
C ASN B 19 22.14 -5.76 -34.79
N LEU B 20 21.37 -5.00 -34.01
CA LEU B 20 20.45 -4.00 -34.55
C LEU B 20 21.20 -2.95 -35.39
N ASP B 21 22.34 -2.50 -34.89
N ASP B 21 22.34 -2.49 -34.90
CA ASP B 21 23.17 -1.49 -35.54
CA ASP B 21 23.11 -1.45 -35.59
C ASP B 21 23.51 -1.89 -36.97
C ASP B 21 23.55 -1.89 -36.98
N ALA B 22 23.71 -3.19 -37.18
CA ALA B 22 24.10 -3.72 -38.47
C ALA B 22 23.04 -3.44 -39.54
N ASP B 23 21.77 -3.56 -39.14
CA ASP B 23 20.65 -3.33 -40.03
C ASP B 23 20.34 -1.85 -40.29
N LEU B 24 21.13 -0.94 -39.71
CA LEU B 24 20.78 0.48 -39.74
C LEU B 24 21.75 1.36 -40.52
N TYR B 25 22.79 0.77 -41.11
CA TYR B 25 23.81 1.56 -41.77
C TYR B 25 23.27 2.26 -43.00
N GLY B 26 23.67 3.52 -43.17
CA GLY B 26 23.38 4.25 -44.39
C GLY B 26 21.97 4.84 -44.46
N TYR B 27 21.19 4.63 -43.41
CA TYR B 27 19.84 5.18 -43.38
C TYR B 27 19.82 6.57 -42.75
N ARG B 28 19.01 7.46 -43.33
CA ARG B 28 18.74 8.73 -42.68
CA ARG B 28 18.70 8.74 -42.71
C ARG B 28 17.63 8.52 -41.64
N TRP B 29 17.65 9.33 -40.59
CA TRP B 29 16.67 9.18 -39.51
C TRP B 29 15.67 10.32 -39.44
N ALA B 30 14.43 9.97 -39.11
CA ALA B 30 13.41 10.96 -38.81
C ALA B 30 12.54 10.38 -37.70
N ARG B 31 11.88 11.25 -36.95
CA ARG B 31 11.02 10.81 -35.87
C ARG B 31 9.59 11.22 -36.19
N ASP B 32 8.66 10.27 -36.07
CA ASP B 32 7.27 10.52 -36.42
C ASP B 32 6.33 10.48 -35.21
N ASN B 33 5.57 11.56 -35.02
CA ASN B 33 4.50 11.56 -34.03
C ASN B 33 3.23 11.00 -34.68
N VAL B 34 3.09 9.69 -34.55
CA VAL B 34 2.03 8.92 -35.20
C VAL B 34 1.99 7.61 -34.43
N GLY B 35 1.09 6.70 -34.78
CA GLY B 35 1.13 5.35 -34.24
C GLY B 35 0.14 5.09 -33.13
N GLN B 36 0.02 3.82 -32.76
CA GLN B 36 -1.04 3.37 -31.87
C GLN B 36 -0.74 3.50 -30.37
N SER B 37 0.45 3.07 -29.95
CA SER B 37 0.74 2.81 -28.53
C SER B 37 1.40 3.96 -27.75
N GLY B 38 2.06 4.88 -28.45
CA GLY B 38 2.83 5.90 -27.77
C GLY B 38 4.32 5.56 -27.82
N ALA B 39 4.65 4.50 -28.53
CA ALA B 39 6.04 4.18 -28.78
C ALA B 39 6.69 5.33 -29.55
N THR B 40 7.97 5.52 -29.38
CA THR B 40 8.68 6.43 -30.23
C THR B 40 8.90 5.77 -31.60
N ILE B 41 8.49 6.45 -32.66
CA ILE B 41 8.56 5.85 -34.00
C ILE B 41 9.62 6.55 -34.85
N TYR B 42 10.59 5.79 -35.33
CA TYR B 42 11.61 6.30 -36.21
C TYR B 42 11.39 5.79 -37.63
N ARG B 43 11.49 6.70 -38.60
CA ARG B 43 11.47 6.35 -40.01
C ARG B 43 12.92 6.29 -40.48
N LEU B 44 13.29 5.20 -41.14
CA LEU B 44 14.63 5.02 -41.70
C LEU B 44 14.54 5.06 -43.21
N TYR B 45 15.18 6.05 -43.81
CA TYR B 45 14.98 6.33 -45.21
C TYR B 45 16.27 6.87 -45.85
N GLY B 46 16.20 7.19 -47.14
CA GLY B 46 17.29 7.86 -47.84
C GLY B 46 18.52 7.02 -48.15
N LYS B 47 18.42 5.71 -47.95
CA LYS B 47 19.54 4.81 -48.20
C LYS B 47 19.46 4.27 -49.61
N PRO B 48 20.46 4.60 -50.46
CA PRO B 48 20.47 4.17 -51.86
C PRO B 48 20.27 2.65 -51.95
N ASN B 49 19.43 2.24 -52.89
CA ASN B 49 19.08 0.83 -53.10
C ASN B 49 18.82 0.05 -51.82
N ALA B 50 17.83 0.50 -51.07
CA ALA B 50 17.44 -0.14 -49.82
C ALA B 50 16.04 0.29 -49.41
N PRO B 51 15.27 -0.63 -48.81
CA PRO B 51 13.86 -0.37 -48.46
C PRO B 51 13.74 0.51 -47.23
N GLU B 52 12.73 1.39 -47.22
CA GLU B 52 12.42 2.18 -46.04
C GLU B 52 12.04 1.26 -44.89
N LEU B 53 12.44 1.61 -43.67
CA LEU B 53 12.08 0.82 -42.50
C LEU B 53 11.45 1.71 -41.44
N PHE B 54 10.72 1.10 -40.52
CA PHE B 54 10.26 1.80 -39.32
C PHE B 54 10.85 1.10 -38.12
N LEU B 55 11.21 1.88 -37.11
CA LEU B 55 11.75 1.35 -35.86
C LEU B 55 10.90 1.90 -34.71
N LYS B 56 10.25 1.01 -33.96
CA LYS B 56 9.44 1.43 -32.82
C LYS B 56 10.22 1.16 -31.54
N HIS B 57 10.33 2.17 -30.68
CA HIS B 57 10.94 1.97 -29.36
C HIS B 57 9.91 2.20 -28.27
N GLY B 58 9.65 1.16 -27.49
CA GLY B 58 8.75 1.28 -26.34
C GLY B 58 9.56 1.14 -25.07
N LYS B 59 9.39 2.09 -24.15
CA LYS B 59 10.04 2.03 -22.84
C LYS B 59 9.00 1.86 -21.72
N GLY B 60 9.33 1.10 -20.68
CA GLY B 60 8.46 0.93 -19.54
C GLY B 60 7.20 0.18 -19.94
N SER B 61 6.02 0.67 -19.53
CA SER B 61 4.78 0.00 -19.93
C SER B 61 4.71 -0.15 -21.45
N VAL B 62 5.20 0.84 -22.19
CA VAL B 62 5.08 0.83 -23.66
C VAL B 62 5.92 -0.29 -24.30
N ALA B 63 6.95 -0.73 -23.60
CA ALA B 63 7.71 -1.89 -24.08
C ALA B 63 6.82 -3.14 -24.22
N ASN B 64 5.82 -3.27 -23.36
CA ASN B 64 4.88 -4.38 -23.47
C ASN B 64 3.98 -4.22 -24.70
N ASP B 65 3.55 -3.00 -24.99
CA ASP B 65 2.72 -2.76 -26.19
C ASP B 65 3.50 -3.12 -27.44
N VAL B 66 4.77 -2.77 -27.48
CA VAL B 66 5.60 -3.07 -28.64
C VAL B 66 5.83 -4.58 -28.80
N THR B 67 6.06 -5.24 -27.68
CA THR B 67 6.16 -6.69 -27.66
C THR B 67 4.87 -7.32 -28.15
N ASP B 68 3.72 -6.76 -27.74
CA ASP B 68 2.43 -7.31 -28.16
C ASP B 68 2.29 -7.24 -29.68
N GLU B 69 2.72 -6.12 -30.27
CA GLU B 69 2.62 -6.00 -31.72
C GLU B 69 3.55 -6.99 -32.41
N MSE B 70 4.74 -7.14 -31.88
CA MSE B 70 5.71 -8.05 -32.50
C MSE B 70 5.14 -9.47 -32.64
O MSE B 70 5.19 -10.03 -33.73
CB MSE B 70 7.04 -8.10 -31.73
CG MSE B 70 8.08 -9.01 -32.41
SE MSE B 70 8.00 -10.89 -31.89
CE MSE B 70 8.17 -10.61 -29.99
N VAL B 71 4.60 -10.05 -31.56
CA VAL B 71 4.12 -11.42 -31.67
CA VAL B 71 4.12 -11.41 -31.64
C VAL B 71 2.89 -11.55 -32.55
N ARG B 72 2.07 -10.50 -32.60
CA ARG B 72 0.88 -10.53 -33.45
C ARG B 72 1.27 -10.37 -34.92
N LEU B 73 2.28 -9.56 -35.19
CA LEU B 73 2.83 -9.44 -36.54
C LEU B 73 3.33 -10.81 -37.00
N ASN B 74 4.11 -11.44 -36.13
CA ASN B 74 4.71 -12.73 -36.43
C ASN B 74 3.63 -13.79 -36.72
N TRP B 75 2.55 -13.77 -35.96
CA TRP B 75 1.46 -14.72 -36.20
C TRP B 75 0.67 -14.42 -37.49
N LEU B 76 0.17 -13.21 -37.59
CA LEU B 76 -0.81 -12.86 -38.63
C LEU B 76 -0.21 -12.81 -40.05
N THR B 77 1.11 -12.70 -40.15
CA THR B 77 1.78 -12.64 -41.45
C THR B 77 1.48 -13.90 -42.30
N ALA B 78 1.12 -14.99 -41.63
CA ALA B 78 0.77 -16.21 -42.36
C ALA B 78 -0.55 -16.06 -43.10
N PHE B 79 -1.33 -15.03 -42.78
CA PHE B 79 -2.70 -14.91 -43.28
C PHE B 79 -2.98 -13.60 -44.01
N MSE B 80 -2.26 -12.53 -43.65
CA MSE B 80 -2.55 -11.22 -44.21
C MSE B 80 -1.26 -10.47 -44.53
O MSE B 80 -0.21 -10.79 -43.97
CB MSE B 80 -3.37 -10.40 -43.18
CG MSE B 80 -4.69 -11.04 -42.77
SE MSE B 80 -6.00 -11.07 -44.21
CE MSE B 80 -6.48 -9.19 -44.16
N PRO B 81 -1.33 -9.45 -45.46
CA PRO B 81 -0.13 -8.64 -45.77
C PRO B 81 0.12 -7.60 -44.68
N LEU B 82 1.28 -7.68 -44.04
CA LEU B 82 1.63 -6.83 -42.89
C LEU B 82 3.11 -6.48 -43.05
N PRO B 83 3.64 -5.54 -42.26
CA PRO B 83 5.08 -5.29 -42.35
C PRO B 83 5.89 -6.52 -41.95
N THR B 84 7.09 -6.69 -42.51
CA THR B 84 7.96 -7.80 -42.18
C THR B 84 8.87 -7.42 -41.02
N ILE B 85 8.90 -8.24 -39.97
CA ILE B 85 9.86 -8.06 -38.88
C ILE B 85 11.29 -8.31 -39.35
N LYS B 86 12.13 -7.29 -39.22
CA LYS B 86 13.55 -7.47 -39.54
C LYS B 86 14.38 -7.74 -38.29
N HIS B 87 13.98 -7.17 -37.15
CA HIS B 87 14.72 -7.37 -35.90
C HIS B 87 13.81 -7.00 -34.76
N PHE B 88 13.92 -7.72 -33.65
CA PHE B 88 13.19 -7.33 -32.44
C PHE B 88 14.10 -7.61 -31.25
N ILE B 89 14.12 -6.68 -30.30
CA ILE B 89 14.90 -6.83 -29.08
C ILE B 89 14.02 -6.49 -27.90
N ARG B 90 14.08 -7.32 -26.86
CA ARG B 90 13.39 -7.01 -25.61
C ARG B 90 14.41 -7.11 -24.47
N THR B 91 14.51 -6.04 -23.68
CA THR B 91 15.20 -6.08 -22.40
C THR B 91 14.13 -5.76 -21.33
N PRO B 92 14.48 -5.82 -20.03
CA PRO B 92 13.42 -5.61 -19.03
C PRO B 92 12.59 -4.33 -19.17
N ASP B 93 13.20 -3.20 -19.51
CA ASP B 93 12.48 -1.93 -19.56
CA ASP B 93 12.49 -1.93 -19.57
C ASP B 93 12.28 -1.43 -21.00
N ASP B 94 12.80 -2.16 -21.99
CA ASP B 94 12.74 -1.65 -23.36
C ASP B 94 12.43 -2.71 -24.41
N ALA B 95 11.70 -2.28 -25.44
CA ALA B 95 11.46 -3.12 -26.60
C ALA B 95 11.75 -2.32 -27.86
N TRP B 96 12.44 -2.95 -28.81
CA TRP B 96 12.73 -2.31 -30.09
C TRP B 96 12.23 -3.24 -31.21
N LEU B 97 11.43 -2.69 -32.11
CA LEU B 97 10.83 -3.45 -33.21
C LEU B 97 11.14 -2.80 -34.57
N LEU B 98 11.97 -3.46 -35.35
CA LEU B 98 12.35 -2.97 -36.67
C LEU B 98 11.57 -3.73 -37.75
N THR B 99 10.75 -3.01 -38.51
CA THR B 99 9.95 -3.61 -39.60
C THR B 99 10.14 -2.89 -40.92
N THR B 100 9.72 -3.52 -42.01
CA THR B 100 9.74 -2.86 -43.31
C THR B 100 8.55 -1.93 -43.37
N ALA B 101 8.68 -0.85 -44.13
CA ALA B 101 7.55 0.05 -44.38
C ALA B 101 6.72 -0.53 -45.50
N ILE B 102 5.40 -0.53 -45.34
CA ILE B 102 4.53 -0.81 -46.46
C ILE B 102 4.49 0.47 -47.29
N PRO B 103 4.94 0.38 -48.56
CA PRO B 103 4.95 1.58 -49.42
C PRO B 103 3.54 2.10 -49.69
N GLY B 104 3.43 3.39 -49.97
CA GLY B 104 2.15 3.98 -50.29
C GLY B 104 1.73 5.00 -49.23
N LYS B 105 0.42 5.19 -49.12
CA LYS B 105 -0.15 6.16 -48.20
CA LYS B 105 -0.15 6.16 -48.19
C LYS B 105 -1.32 5.55 -47.43
N THR B 106 -1.66 6.13 -46.28
CA THR B 106 -2.79 5.59 -45.52
C THR B 106 -4.11 5.79 -46.28
N ALA B 107 -5.09 4.97 -45.95
CA ALA B 107 -6.42 5.08 -46.55
C ALA B 107 -6.99 6.47 -46.35
N PHE B 108 -6.75 7.04 -45.18
CA PHE B 108 -7.15 8.42 -44.90
C PHE B 108 -6.53 9.36 -45.90
N GLN B 109 -5.21 9.22 -46.09
CA GLN B 109 -4.51 10.10 -46.99
C GLN B 109 -4.99 9.98 -48.45
N VAL B 110 -5.22 8.76 -48.92
CA VAL B 110 -5.69 8.56 -50.29
CA VAL B 110 -5.67 8.62 -50.30
C VAL B 110 -7.12 9.07 -50.47
N LEU B 111 -7.93 8.94 -49.44
CA LEU B 111 -9.33 9.39 -49.55
C LEU B 111 -9.33 10.93 -49.71
N GLU B 112 -8.45 11.60 -48.98
CA GLU B 112 -8.37 13.06 -49.10
C GLU B 112 -7.77 13.50 -50.43
N GLU B 113 -6.83 12.70 -50.94
CA GLU B 113 -6.19 13.01 -52.21
C GLU B 113 -7.11 12.71 -53.40
N TYR B 114 -7.94 11.67 -53.28
CA TYR B 114 -8.84 11.28 -54.36
C TYR B 114 -10.27 11.15 -53.85
N PRO B 115 -10.89 12.30 -53.54
CA PRO B 115 -12.24 12.26 -52.95
C PRO B 115 -13.25 11.52 -53.82
N ASP B 116 -13.05 11.51 -55.14
CA ASP B 116 -13.94 10.78 -56.06
C ASP B 116 -13.79 9.26 -56.03
N SER B 117 -12.75 8.76 -55.36
CA SER B 117 -12.51 7.32 -55.22
C SER B 117 -13.04 6.77 -53.90
N GLY B 118 -13.84 7.54 -53.18
CA GLY B 118 -14.36 7.09 -51.89
C GLY B 118 -15.06 5.72 -51.99
N GLU B 119 -15.91 5.56 -52.99
CA GLU B 119 -16.59 4.28 -53.15
C GLU B 119 -15.63 3.13 -53.42
N ASN B 120 -14.69 3.32 -54.34
CA ASN B 120 -13.69 2.29 -54.60
C ASN B 120 -12.83 1.97 -53.36
N ILE B 121 -12.47 3.01 -52.61
CA ILE B 121 -11.70 2.82 -51.38
C ILE B 121 -12.46 1.98 -50.36
N VAL B 122 -13.73 2.32 -50.14
CA VAL B 122 -14.53 1.56 -49.19
C VAL B 122 -14.73 0.11 -49.65
N ASP B 123 -14.97 -0.08 -50.94
CA ASP B 123 -15.11 -1.44 -51.50
C ASP B 123 -13.86 -2.27 -51.21
N ALA B 124 -12.68 -1.67 -51.43
CA ALA B 124 -11.42 -2.32 -51.11
C ALA B 124 -11.31 -2.63 -49.62
N LEU B 125 -11.69 -1.67 -48.78
CA LEU B 125 -11.66 -1.87 -47.31
C LEU B 125 -12.55 -3.07 -46.89
N ALA B 126 -13.75 -3.15 -47.45
CA ALA B 126 -14.68 -4.23 -47.09
C ALA B 126 -14.15 -5.60 -47.50
N VAL B 127 -13.61 -5.70 -48.71
CA VAL B 127 -12.99 -6.94 -49.17
C VAL B 127 -11.85 -7.38 -48.24
N PHE B 128 -10.98 -6.44 -47.87
CA PHE B 128 -9.83 -6.72 -47.00
C PHE B 128 -10.33 -7.19 -45.65
N LEU B 129 -11.34 -6.51 -45.12
CA LEU B 129 -11.92 -6.89 -43.83
C LEU B 129 -12.61 -8.26 -43.88
N ARG B 130 -13.30 -8.58 -44.98
CA ARG B 130 -13.93 -9.90 -45.11
C ARG B 130 -12.87 -11.01 -45.11
N ARG B 131 -11.72 -10.71 -45.70
CA ARG B 131 -10.61 -11.65 -45.72
CA ARG B 131 -10.56 -11.61 -45.72
C ARG B 131 -10.08 -11.87 -44.29
N LEU B 132 -9.79 -10.80 -43.59
CA LEU B 132 -9.35 -10.90 -42.18
C LEU B 132 -10.36 -11.71 -41.37
N HIS B 133 -11.63 -11.38 -41.52
CA HIS B 133 -12.67 -12.05 -40.74
C HIS B 133 -13.01 -13.48 -41.17
N SER B 134 -12.38 -13.95 -42.24
CA SER B 134 -12.58 -15.33 -42.71
CA SER B 134 -12.57 -15.32 -42.73
C SER B 134 -11.54 -16.30 -42.17
N ILE B 135 -10.53 -15.78 -41.49
CA ILE B 135 -9.53 -16.65 -40.86
C ILE B 135 -10.21 -17.48 -39.77
N PRO B 136 -10.16 -18.81 -39.87
CA PRO B 136 -10.78 -19.64 -38.84
C PRO B 136 -10.21 -19.29 -37.47
N VAL B 137 -11.07 -19.07 -36.49
CA VAL B 137 -10.59 -18.62 -35.18
C VAL B 137 -9.76 -19.69 -34.50
N CYS B 138 -9.88 -20.94 -34.94
CA CYS B 138 -9.08 -22.00 -34.31
C CYS B 138 -7.57 -21.78 -34.54
N ASN B 139 -7.23 -20.90 -35.47
CA ASN B 139 -5.82 -20.59 -35.76
C ASN B 139 -5.22 -19.57 -34.81
N CYS B 140 -6.05 -18.85 -34.06
CA CYS B 140 -5.60 -17.61 -33.43
C CYS B 140 -5.33 -17.78 -31.94
N PRO B 141 -4.10 -17.51 -31.51
CA PRO B 141 -3.76 -17.77 -30.11
C PRO B 141 -3.96 -16.55 -29.22
N PHE B 142 -4.53 -15.49 -29.78
CA PHE B 142 -4.73 -14.23 -29.06
C PHE B 142 -6.19 -13.98 -28.75
N ASN B 143 -6.44 -13.66 -27.48
CA ASN B 143 -7.75 -13.31 -26.97
C ASN B 143 -7.87 -11.80 -26.91
N SER B 144 -8.81 -11.24 -27.66
CA SER B 144 -9.10 -9.82 -27.57
C SER B 144 -10.56 -9.56 -27.23
N ASP B 145 -11.19 -10.48 -26.51
CA ASP B 145 -12.63 -10.41 -26.36
C ASP B 145 -13.13 -9.26 -25.48
N ARG B 146 -14.45 -9.09 -25.47
CA ARG B 146 -15.09 -8.00 -24.72
C ARG B 146 -14.67 -7.95 -23.25
N VAL B 147 -14.71 -9.09 -22.58
CA VAL B 147 -14.33 -9.17 -21.17
C VAL B 147 -12.88 -8.70 -20.95
N PHE B 148 -11.99 -9.13 -21.84
CA PHE B 148 -10.59 -8.70 -21.80
C PHE B 148 -10.43 -7.20 -22.05
N ARG B 149 -11.05 -6.70 -23.11
CA ARG B 149 -10.92 -5.26 -23.41
C ARG B 149 -11.54 -4.37 -22.33
N LEU B 150 -12.67 -4.80 -21.75
CA LEU B 150 -13.34 -4.03 -20.69
C LEU B 150 -12.43 -3.91 -19.48
N ALA B 151 -11.78 -5.01 -19.11
CA ALA B 151 -10.86 -4.97 -17.97
C ALA B 151 -9.69 -4.06 -18.28
N GLN B 152 -9.20 -4.10 -19.52
CA GLN B 152 -8.14 -3.18 -19.95
C GLN B 152 -8.59 -1.73 -19.85
N ALA B 153 -9.84 -1.50 -20.27
CA ALA B 153 -10.40 -0.15 -20.31
C ALA B 153 -10.56 0.39 -18.89
N GLN B 154 -11.01 -0.46 -17.98
CA GLN B 154 -11.14 -0.08 -16.59
C GLN B 154 -9.79 0.33 -16.00
N SER B 155 -8.74 -0.44 -16.30
CA SER B 155 -7.40 -0.13 -15.80
C SER B 155 -6.85 1.17 -16.37
N ARG B 156 -7.08 1.40 -17.66
CA ARG B 156 -6.64 2.67 -18.27
C ARG B 156 -7.34 3.85 -17.60
N MSE B 157 -8.67 3.74 -17.38
CA MSE B 157 -9.43 4.80 -16.72
C MSE B 157 -8.88 5.03 -15.30
O MSE B 157 -8.61 6.15 -14.92
CB MSE B 157 -10.91 4.43 -16.63
CG MSE B 157 -11.72 5.42 -15.80
SE MSE B 157 -13.63 5.02 -15.83
CE MSE B 157 -13.60 3.30 -14.89
N ASN B 158 -8.72 3.95 -14.54
CA ASN B 158 -8.27 4.07 -13.16
C ASN B 158 -6.82 4.56 -13.04
N ASN B 159 -6.00 4.25 -14.05
CA ASN B 159 -4.63 4.74 -14.10
C ASN B 159 -4.53 6.18 -14.64
N GLY B 160 -5.67 6.75 -15.05
CA GLY B 160 -5.70 8.13 -15.53
C GLY B 160 -5.30 8.32 -16.99
N LEU B 161 -5.26 7.22 -17.74
CA LEU B 161 -4.67 7.23 -19.07
C LEU B 161 -5.63 7.63 -20.21
N VAL B 162 -6.92 7.73 -19.90
CA VAL B 162 -7.90 7.99 -20.96
C VAL B 162 -7.84 9.42 -21.46
N ASP B 163 -7.72 9.60 -22.78
CA ASP B 163 -7.72 10.95 -23.34
C ASP B 163 -9.14 11.46 -23.47
N ALA B 164 -9.62 12.19 -22.46
CA ALA B 164 -11.02 12.61 -22.43
C ALA B 164 -11.35 13.68 -23.48
N SER B 165 -10.32 14.32 -24.01
CA SER B 165 -10.51 15.35 -25.00
C SER B 165 -10.53 14.76 -26.41
N ASP B 166 -10.42 13.43 -26.52
CA ASP B 166 -10.41 12.80 -27.83
C ASP B 166 -11.66 11.97 -28.08
N PHE B 167 -12.68 12.16 -27.25
CA PHE B 167 -13.94 11.43 -27.42
C PHE B 167 -14.62 11.85 -28.70
N ASP B 168 -15.52 11.02 -29.19
CA ASP B 168 -16.37 11.40 -30.32
C ASP B 168 -17.32 12.55 -29.93
N ASP B 169 -17.88 13.22 -30.95
CA ASP B 169 -18.78 14.37 -30.73
C ASP B 169 -19.99 14.06 -29.85
N GLU B 170 -20.54 12.86 -29.95
CA GLU B 170 -21.68 12.50 -29.08
C GLU B 170 -21.30 12.43 -27.61
N ARG B 171 -20.01 12.40 -27.31
CA ARG B 171 -19.58 12.29 -25.93
C ARG B 171 -18.64 13.44 -25.57
N ASN B 172 -18.70 14.51 -26.35
CA ASN B 172 -17.85 15.67 -26.11
C ASN B 172 -18.07 16.24 -24.71
N GLY B 173 -16.99 16.34 -23.96
CA GLY B 173 -17.06 16.88 -22.60
C GLY B 173 -17.55 15.92 -21.53
N TRP B 174 -17.97 14.71 -21.90
CA TRP B 174 -18.39 13.72 -20.91
C TRP B 174 -17.25 13.36 -19.98
N PRO B 175 -17.53 13.19 -18.68
CA PRO B 175 -16.48 12.61 -17.84
C PRO B 175 -16.25 11.19 -18.28
N VAL B 176 -15.00 10.73 -18.24
CA VAL B 176 -14.68 9.34 -18.54
C VAL B 176 -15.58 8.38 -17.74
N GLU B 177 -15.85 8.72 -16.49
CA GLU B 177 -16.73 7.90 -15.65
C GLU B 177 -18.14 7.79 -16.24
N GLN B 178 -18.62 8.83 -16.90
CA GLN B 178 -19.95 8.77 -17.51
C GLN B 178 -19.95 7.87 -18.76
N VAL B 179 -18.88 7.93 -19.54
CA VAL B 179 -18.72 7.00 -20.67
C VAL B 179 -18.76 5.56 -20.15
N TRP B 180 -17.96 5.30 -19.11
CA TRP B 180 -17.95 3.99 -18.46
C TRP B 180 -19.34 3.51 -18.04
N LYS B 181 -20.07 4.34 -17.31
CA LYS B 181 -21.38 3.93 -16.81
C LYS B 181 -22.39 3.69 -17.93
N GLU B 182 -22.46 4.60 -18.89
CA GLU B 182 -23.42 4.47 -19.97
C GLU B 182 -23.12 3.26 -20.86
N MSE B 183 -21.83 2.99 -21.10
CA MSE B 183 -21.44 1.82 -21.88
C MSE B 183 -22.00 0.54 -21.27
O MSE B 183 -22.46 -0.36 -21.99
CB MSE B 183 -19.94 1.72 -22.00
CG MSE B 183 -19.44 0.58 -22.89
SE MSE B 183 -17.52 0.70 -23.17
CE MSE B 183 -16.97 0.69 -21.31
N HIS B 184 -21.98 0.45 -19.97
CA HIS B 184 -22.44 -0.78 -19.31
C HIS B 184 -23.95 -0.90 -19.38
N LYS B 185 -24.64 0.19 -19.70
CA LYS B 185 -26.10 0.18 -19.81
C LYS B 185 -26.54 -0.41 -21.13
N LEU B 186 -25.61 -0.56 -22.06
CA LEU B 186 -25.95 -1.21 -23.33
C LEU B 186 -26.21 -2.68 -23.06
N LEU B 187 -27.14 -3.28 -23.80
CA LEU B 187 -27.46 -4.67 -23.54
C LEU B 187 -26.30 -5.57 -23.94
N PRO B 188 -25.96 -6.54 -23.09
CA PRO B 188 -24.93 -7.54 -23.39
C PRO B 188 -25.32 -8.29 -24.65
N PHE B 189 -24.34 -8.89 -25.32
CA PHE B 189 -24.64 -9.56 -26.58
C PHE B 189 -23.77 -10.79 -26.72
N SER B 190 -24.27 -11.76 -27.48
CA SER B 190 -23.52 -12.96 -27.76
C SER B 190 -22.48 -12.57 -28.79
N PRO B 191 -21.20 -12.77 -28.47
CA PRO B 191 -20.19 -12.36 -29.44
C PRO B 191 -20.32 -13.16 -30.73
N ASP B 192 -20.12 -12.48 -31.84
CA ASP B 192 -20.02 -13.10 -33.14
C ASP B 192 -18.52 -13.03 -33.44
N SER B 193 -17.77 -14.03 -32.95
CA SER B 193 -16.30 -13.89 -32.83
C SER B 193 -15.53 -14.27 -34.08
N VAL B 194 -14.58 -13.41 -34.42
CA VAL B 194 -13.72 -13.57 -35.58
C VAL B 194 -12.33 -13.10 -35.20
N VAL B 195 -11.35 -13.37 -36.06
CA VAL B 195 -10.06 -12.74 -35.91
C VAL B 195 -10.18 -11.26 -36.25
N THR B 196 -9.90 -10.37 -35.30
CA THR B 196 -10.03 -8.92 -35.51
C THR B 196 -8.68 -8.19 -35.45
N HIS B 197 -8.62 -7.05 -36.12
CA HIS B 197 -7.41 -6.24 -36.15
C HIS B 197 -7.27 -5.47 -34.84
N GLY B 198 -8.39 -4.93 -34.35
CA GLY B 198 -8.41 -4.19 -33.09
C GLY B 198 -8.33 -2.67 -33.19
N ASP B 199 -7.79 -2.17 -34.29
CA ASP B 199 -7.75 -0.73 -34.54
C ASP B 199 -7.83 -0.51 -36.06
N PHE B 200 -8.95 -0.91 -36.63
CA PHE B 200 -9.12 -0.93 -38.07
C PHE B 200 -9.55 0.46 -38.52
N SER B 201 -8.65 1.45 -38.38
CA SER B 201 -8.97 2.84 -38.74
C SER B 201 -8.43 3.13 -40.12
N LEU B 202 -8.79 4.31 -40.64
CA LEU B 202 -8.28 4.75 -41.94
C LEU B 202 -6.76 5.01 -41.89
N ASP B 203 -6.21 5.18 -40.69
CA ASP B 203 -4.76 5.39 -40.57
C ASP B 203 -3.96 4.09 -40.68
N ASN B 204 -4.62 2.95 -40.51
CA ASN B 204 -3.92 1.67 -40.35
C ASN B 204 -4.02 0.73 -41.54
N LEU B 205 -4.54 1.24 -42.65
CA LEU B 205 -4.61 0.48 -43.90
C LEU B 205 -3.89 1.27 -44.99
N ILE B 206 -3.00 0.60 -45.71
CA ILE B 206 -2.11 1.27 -46.64
C ILE B 206 -2.49 0.99 -48.07
N PHE B 207 -2.71 2.05 -48.83
CA PHE B 207 -2.99 1.94 -50.26
C PHE B 207 -1.75 2.30 -51.08
N ASP B 208 -1.50 1.53 -52.13
CA ASP B 208 -0.36 1.78 -52.98
C ASP B 208 -0.77 1.52 -54.41
N GLU B 209 -0.57 2.51 -55.27
CA GLU B 209 -0.93 2.42 -56.69
C GLU B 209 -2.35 1.93 -56.89
N GLY B 210 -3.28 2.45 -56.09
CA GLY B 210 -4.70 2.14 -56.22
C GLY B 210 -5.15 0.87 -55.53
N LYS B 211 -4.21 0.11 -54.98
CA LYS B 211 -4.52 -1.16 -54.34
C LYS B 211 -4.26 -1.13 -52.81
N LEU B 212 -5.14 -1.75 -52.05
CA LEU B 212 -4.94 -1.85 -50.61
C LEU B 212 -3.98 -3.00 -50.38
N ILE B 213 -2.75 -2.68 -49.99
CA ILE B 213 -1.71 -3.71 -50.00
C ILE B 213 -1.25 -4.21 -48.64
N GLY B 214 -1.75 -3.62 -47.55
CA GLY B 214 -1.39 -4.12 -46.24
C GLY B 214 -2.01 -3.39 -45.06
N CYS B 215 -1.94 -3.97 -43.88
CA CYS B 215 -2.37 -3.28 -42.67
C CYS B 215 -1.21 -3.19 -41.68
N ILE B 216 -1.31 -2.23 -40.76
CA ILE B 216 -0.24 -1.92 -39.82
C ILE B 216 -0.81 -1.71 -38.42
N ASP B 217 0.07 -1.57 -37.43
CA ASP B 217 -0.34 -1.31 -36.04
C ASP B 217 -1.23 -2.44 -35.55
N VAL B 218 -0.69 -3.65 -35.46
CA VAL B 218 -1.53 -4.84 -35.18
C VAL B 218 -1.46 -5.32 -33.72
N GLY B 219 -1.09 -4.43 -32.81
CA GLY B 219 -0.87 -4.82 -31.41
C GLY B 219 -2.13 -5.25 -30.68
N ARG B 220 -3.30 -4.92 -31.23
CA ARG B 220 -4.56 -5.31 -30.59
C ARG B 220 -5.23 -6.51 -31.28
N VAL B 221 -4.52 -7.16 -32.20
CA VAL B 221 -5.08 -8.34 -32.90
C VAL B 221 -5.49 -9.44 -31.91
N GLY B 222 -6.67 -10.01 -32.14
CA GLY B 222 -7.14 -11.16 -31.38
C GLY B 222 -8.58 -11.50 -31.74
N ILE B 223 -9.07 -12.60 -31.20
CA ILE B 223 -10.46 -12.97 -31.36
C ILE B 223 -11.36 -11.99 -30.60
N ALA B 224 -12.31 -11.41 -31.31
CA ALA B 224 -13.24 -10.45 -30.72
C ALA B 224 -14.50 -10.41 -31.59
N ASP B 225 -15.50 -9.63 -31.19
CA ASP B 225 -16.71 -9.55 -32.01
C ASP B 225 -16.34 -8.82 -33.31
N ARG B 226 -16.98 -9.17 -34.42
CA ARG B 226 -16.62 -8.55 -35.70
C ARG B 226 -16.84 -7.02 -35.69
N TYR B 227 -17.74 -6.55 -34.85
CA TYR B 227 -18.02 -5.11 -34.78
C TYR B 227 -16.86 -4.31 -34.17
N GLN B 228 -15.91 -4.99 -33.54
CA GLN B 228 -14.71 -4.30 -33.06
C GLN B 228 -14.05 -3.60 -34.23
N ASP B 229 -14.02 -4.27 -35.37
CA ASP B 229 -13.39 -3.70 -36.57
C ASP B 229 -14.36 -2.82 -37.36
N LEU B 230 -15.59 -3.32 -37.54
CA LEU B 230 -16.60 -2.55 -38.26
C LEU B 230 -16.84 -1.17 -37.64
N ALA B 231 -16.96 -1.13 -36.31
CA ALA B 231 -17.26 0.13 -35.63
C ALA B 231 -16.18 1.17 -35.82
N ILE B 232 -14.93 0.77 -35.63
CA ILE B 232 -13.85 1.75 -35.71
C ILE B 232 -13.78 2.36 -37.11
N LEU B 233 -13.91 1.53 -38.14
CA LEU B 233 -13.81 2.04 -39.51
C LEU B 233 -15.02 2.90 -39.84
N TRP B 234 -16.19 2.43 -39.42
CA TRP B 234 -17.43 3.15 -39.62
C TRP B 234 -17.33 4.56 -39.01
N ASN B 235 -16.75 4.66 -37.82
CA ASN B 235 -16.52 5.96 -37.20
C ASN B 235 -15.63 6.88 -38.04
N CYS B 236 -14.49 6.36 -38.51
CA CYS B 236 -13.61 7.15 -39.38
C CYS B 236 -14.31 7.61 -40.66
N LEU B 237 -15.14 6.76 -41.24
CA LEU B 237 -15.88 7.11 -42.44
C LEU B 237 -16.90 8.23 -42.21
N GLY B 238 -17.37 8.34 -40.98
CA GLY B 238 -18.29 9.42 -40.62
C GLY B 238 -17.71 10.82 -40.75
N GLU B 239 -16.38 10.92 -40.86
CA GLU B 239 -15.73 12.21 -41.11
C GLU B 239 -15.98 12.67 -42.54
N PHE B 240 -16.34 11.73 -43.40
CA PHE B 240 -16.46 11.99 -44.84
C PHE B 240 -17.88 11.92 -45.37
N SER B 241 -18.59 10.82 -45.10
CA SER B 241 -19.87 10.57 -45.78
C SER B 241 -20.75 9.52 -45.10
N PRO B 242 -22.03 9.84 -44.87
CA PRO B 242 -22.92 8.78 -44.35
C PRO B 242 -23.13 7.68 -45.39
N SER B 243 -23.06 8.04 -46.66
CA SER B 243 -23.14 7.04 -47.73
C SER B 243 -21.99 6.03 -47.69
N LEU B 244 -20.77 6.52 -47.46
CA LEU B 244 -19.62 5.61 -47.36
C LEU B 244 -19.74 4.76 -46.10
N GLN B 245 -20.30 5.33 -45.04
CA GLN B 245 -20.52 4.56 -43.82
C GLN B 245 -21.46 3.39 -44.10
N LYS B 246 -22.56 3.68 -44.78
CA LYS B 246 -23.51 2.62 -45.12
C LYS B 246 -22.90 1.62 -46.09
N ARG B 247 -22.12 2.11 -47.06
CA ARG B 247 -21.49 1.25 -48.05
C ARG B 247 -20.55 0.22 -47.42
N LEU B 248 -19.82 0.62 -46.38
CA LEU B 248 -18.97 -0.32 -45.67
C LEU B 248 -19.77 -1.55 -45.22
N PHE B 249 -20.90 -1.33 -44.54
CA PHE B 249 -21.71 -2.47 -44.10
C PHE B 249 -22.24 -3.28 -45.27
N GLN B 250 -22.77 -2.59 -46.28
CA GLN B 250 -23.41 -3.25 -47.42
C GLN B 250 -22.44 -4.17 -48.16
N LYS B 251 -21.25 -3.67 -48.47
CA LYS B 251 -20.25 -4.45 -49.17
C LYS B 251 -19.69 -5.54 -48.26
N TYR B 252 -19.58 -5.25 -46.97
CA TYR B 252 -19.07 -6.25 -46.03
C TYR B 252 -19.99 -7.45 -45.95
N GLY B 253 -21.29 -7.18 -46.03
CA GLY B 253 -22.28 -8.25 -46.07
C GLY B 253 -23.36 -8.14 -45.00
N ILE B 254 -23.45 -6.99 -44.36
CA ILE B 254 -24.51 -6.78 -43.37
C ILE B 254 -25.54 -5.77 -43.83
N ASP B 255 -26.77 -6.24 -44.04
CA ASP B 255 -27.85 -5.38 -44.52
C ASP B 255 -28.53 -4.58 -43.42
N ASN B 256 -28.47 -5.09 -42.19
CA ASN B 256 -29.09 -4.40 -41.06
C ASN B 256 -28.12 -4.24 -39.88
N PRO B 257 -27.32 -3.17 -39.90
CA PRO B 257 -26.27 -2.95 -38.89
C PRO B 257 -26.82 -3.08 -37.48
N ASP B 258 -26.10 -3.79 -36.62
CA ASP B 258 -26.54 -3.92 -35.23
C ASP B 258 -26.07 -2.66 -34.51
N MSE B 259 -27.02 -1.72 -34.25
CA MSE B 259 -26.68 -0.43 -33.69
C MSE B 259 -26.17 -0.51 -32.25
O MSE B 259 -25.38 0.33 -31.82
CB MSE B 259 -27.88 0.54 -33.77
CG MSE B 259 -28.31 0.85 -35.18
SE MSE B 259 -26.81 1.34 -36.29
CE MSE B 259 -26.31 2.98 -35.35
N ASN B 260 -26.63 -1.47 -31.53
CA ASN B 260 -26.16 -1.66 -30.17
C ASN B 260 -24.69 -2.11 -30.11
N LYS B 261 -24.34 -3.08 -30.95
CA LYS B 261 -22.97 -3.56 -31.04
C LYS B 261 -22.05 -2.48 -31.56
N LEU B 262 -22.57 -1.65 -32.45
CA LEU B 262 -21.80 -0.54 -33.02
C LEU B 262 -21.48 0.45 -31.91
N GLN B 263 -22.53 0.89 -31.22
CA GLN B 263 -22.39 1.82 -30.11
CA GLN B 263 -22.39 1.82 -30.11
C GLN B 263 -21.45 1.27 -29.03
N PHE B 264 -21.65 0.01 -28.67
CA PHE B 264 -20.76 -0.57 -27.68
C PHE B 264 -19.29 -0.42 -28.07
N HIS B 265 -18.95 -0.83 -29.29
CA HIS B 265 -17.55 -0.82 -29.65
C HIS B 265 -16.98 0.59 -29.84
N LEU B 266 -17.82 1.53 -30.26
CA LEU B 266 -17.40 2.93 -30.35
C LEU B 266 -17.07 3.47 -28.96
N MSE B 267 -17.93 3.22 -28.00
CA MSE B 267 -17.71 3.69 -26.64
C MSE B 267 -16.47 3.01 -26.03
O MSE B 267 -15.68 3.64 -25.34
CB MSE B 267 -18.93 3.43 -25.77
CG MSE B 267 -20.12 4.29 -26.17
SE MSE B 267 -21.68 4.02 -25.07
CE MSE B 267 -21.16 5.19 -23.59
N LEU B 268 -16.31 1.78 -26.30
CA LEU B 268 -15.14 1.04 -25.80
C LEU B 268 -13.82 1.63 -26.31
N ASP B 269 -13.79 2.06 -27.58
CA ASP B 269 -12.55 2.59 -28.15
C ASP B 269 -12.18 3.95 -27.54
N GLU B 270 -13.16 4.60 -26.90
CA GLU B 270 -12.91 5.85 -26.19
C GLU B 270 -11.84 5.71 -25.09
N PHE B 271 -11.67 4.48 -24.61
CA PHE B 271 -10.76 4.24 -23.48
C PHE B 271 -9.32 3.95 -23.91
N PHE B 272 -9.11 3.88 -25.22
CA PHE B 272 -7.82 3.46 -25.75
C PHE B 272 -7.11 4.54 -26.57
N GLY C 1 25.72 6.72 43.78
CA GLY C 1 26.35 6.86 45.08
C GLY C 1 26.62 8.30 45.48
N MSE C 2 27.91 8.71 45.43
CA MSE C 2 28.29 10.08 45.75
C MSE C 2 27.86 11.06 44.66
O MSE C 2 28.07 10.82 43.47
CB MSE C 2 29.80 10.17 46.01
CG MSE C 2 30.39 11.56 45.84
SE MSE C 2 31.81 11.90 47.11
CE MSE C 2 30.71 12.01 48.73
N SER C 3 27.22 12.20 45.08
CA SER C 3 26.67 13.16 44.12
CA SER C 3 26.67 13.16 44.12
C SER C 3 27.52 14.44 44.04
N HIS C 4 27.22 15.26 43.03
CA HIS C 4 27.88 16.55 42.81
C HIS C 4 29.38 16.42 42.62
N ILE C 5 29.78 15.31 42.01
CA ILE C 5 31.16 14.99 41.67
C ILE C 5 31.74 15.96 40.64
N GLN C 6 32.93 16.48 40.93
CA GLN C 6 33.65 17.32 39.96
C GLN C 6 35.14 17.03 40.08
N ARG C 7 35.60 16.06 39.31
N ARG C 7 35.60 16.02 39.33
CA ARG C 7 36.95 15.54 39.46
CA ARG C 7 36.96 15.51 39.48
C ARG C 7 37.79 15.82 38.23
C ARG C 7 37.80 15.81 38.24
N GLU C 8 38.89 16.55 38.41
CA GLU C 8 39.70 16.97 37.28
C GLU C 8 41.06 16.29 37.25
N THR C 9 41.44 15.81 36.06
CA THR C 9 42.76 15.23 35.85
C THR C 9 43.46 15.92 34.68
N SER C 10 44.78 15.96 34.74
CA SER C 10 45.57 16.45 33.60
C SER C 10 45.51 15.45 32.45
N CYS C 11 45.51 15.95 31.23
CA CYS C 11 45.55 15.03 30.09
C CYS C 11 46.34 15.65 28.96
N SER C 12 46.75 14.82 28.01
CA SER C 12 47.30 15.32 26.77
C SER C 12 46.14 15.55 25.82
N ARG C 13 46.40 16.32 24.77
CA ARG C 13 45.41 16.58 23.73
C ARG C 13 44.95 15.23 23.19
N PRO C 14 43.64 15.03 23.13
CA PRO C 14 43.05 13.81 22.57
C PRO C 14 43.31 13.71 21.08
N ARG C 15 43.35 12.47 20.59
CA ARG C 15 43.41 12.20 19.17
C ARG C 15 42.09 12.64 18.55
N LEU C 16 42.17 13.60 17.63
CA LEU C 16 40.95 14.16 17.04
C LEU C 16 40.27 13.23 16.03
N ASN C 17 39.16 13.71 15.50
CA ASN C 17 38.36 12.97 14.53
C ASN C 17 39.02 12.84 13.17
N SER C 18 38.18 12.73 12.14
CA SER C 18 38.65 12.79 10.76
C SER C 18 38.24 14.13 10.17
N ASN C 19 39.07 14.65 9.28
CA ASN C 19 38.72 15.86 8.55
C ASN C 19 37.89 15.51 7.32
N LEU C 20 36.76 16.20 7.16
CA LEU C 20 35.95 16.10 5.95
C LEU C 20 36.82 16.53 4.78
N ASP C 21 37.63 17.55 5.02
CA ASP C 21 38.65 17.99 4.08
C ASP C 21 39.45 16.80 3.58
N ALA C 22 40.04 16.08 4.53
CA ALA C 22 41.00 15.03 4.21
C ALA C 22 40.37 13.67 3.91
N ASP C 23 39.04 13.60 3.83
CA ASP C 23 38.39 12.33 3.55
C ASP C 23 37.57 12.35 2.26
N LEU C 24 37.91 13.27 1.37
CA LEU C 24 37.30 13.38 0.06
C LEU C 24 38.44 13.67 -0.90
N TYR C 25 38.90 12.66 -1.62
CA TYR C 25 40.20 12.74 -2.28
C TYR C 25 40.22 12.54 -3.78
N GLY C 26 39.16 11.95 -4.34
CA GLY C 26 39.16 11.62 -5.74
C GLY C 26 37.78 11.60 -6.35
N TYR C 27 36.80 12.08 -5.59
CA TYR C 27 35.45 12.26 -6.10
C TYR C 27 35.45 13.39 -7.12
N ARG C 28 34.44 13.43 -7.98
CA ARG C 28 34.28 14.56 -8.89
C ARG C 28 33.12 15.44 -8.45
N TRP C 29 33.27 16.74 -8.63
CA TRP C 29 32.35 17.71 -8.07
C TRP C 29 31.42 18.35 -9.10
N ALA C 30 30.16 18.50 -8.72
CA ALA C 30 29.18 19.14 -9.59
C ALA C 30 28.09 19.84 -8.77
N ARG C 31 27.69 21.02 -9.21
CA ARG C 31 26.62 21.77 -8.57
C ARG C 31 25.28 21.07 -8.79
N ASP C 32 24.28 21.42 -8.00
CA ASP C 32 22.97 20.78 -8.11
C ASP C 32 21.85 21.63 -7.50
N ASN C 33 20.62 21.40 -7.96
CA ASN C 33 19.42 22.07 -7.44
C ASN C 33 19.49 23.59 -7.60
N VAL C 34 19.73 24.03 -8.84
CA VAL C 34 19.95 25.43 -9.17
C VAL C 34 18.65 26.23 -9.29
N GLY C 35 18.48 27.22 -8.40
CA GLY C 35 17.33 28.10 -8.46
C GLY C 35 16.28 27.89 -7.37
N GLN C 36 16.58 27.01 -6.43
CA GLN C 36 15.65 26.72 -5.33
C GLN C 36 16.07 27.33 -4.00
N SER C 37 15.09 27.63 -3.16
CA SER C 37 15.34 28.16 -1.83
C SER C 37 15.88 27.09 -0.89
N GLY C 38 17.16 27.18 -0.57
CA GLY C 38 17.78 26.25 0.37
C GLY C 38 19.28 26.32 0.39
N ALA C 39 19.90 25.15 0.41
CA ALA C 39 21.34 25.05 0.57
C ALA C 39 22.06 24.74 -0.74
N THR C 40 23.36 25.01 -0.77
CA THR C 40 24.19 24.64 -1.90
C THR C 40 24.42 23.13 -1.81
N ILE C 41 24.29 22.45 -2.95
CA ILE C 41 24.45 21.00 -3.01
C ILE C 41 25.47 20.57 -4.07
N TYR C 42 26.41 19.74 -3.63
CA TYR C 42 27.45 19.20 -4.49
C TYR C 42 27.23 17.71 -4.67
N ARG C 43 27.35 17.26 -5.91
CA ARG C 43 27.28 15.83 -6.21
C ARG C 43 28.69 15.31 -6.28
N LEU C 44 29.00 14.30 -5.47
CA LEU C 44 30.32 13.70 -5.50
C LEU C 44 30.27 12.31 -6.13
N TYR C 45 30.89 12.17 -7.29
CA TYR C 45 30.82 10.95 -8.08
C TYR C 45 32.19 10.60 -8.66
N GLY C 46 32.24 9.54 -9.46
CA GLY C 46 33.43 9.24 -10.24
C GLY C 46 34.54 8.53 -9.49
N LYS C 47 34.53 8.60 -8.16
CA LYS C 47 35.51 7.85 -7.38
C LYS C 47 35.21 6.37 -7.53
N PRO C 48 36.18 5.60 -8.04
CA PRO C 48 36.00 4.17 -8.34
C PRO C 48 35.65 3.35 -7.10
N ASN C 49 34.56 2.59 -7.22
CA ASN C 49 34.08 1.68 -6.17
C ASN C 49 33.38 2.36 -4.99
N ALA C 50 33.58 3.66 -4.85
CA ALA C 50 32.89 4.42 -3.81
C ALA C 50 31.55 4.94 -4.31
N PRO C 51 30.52 4.87 -3.45
CA PRO C 51 29.17 5.34 -3.83
C PRO C 51 29.16 6.84 -4.07
N GLU C 52 28.20 7.29 -4.87
CA GLU C 52 28.01 8.73 -5.10
C GLU C 52 27.64 9.39 -3.78
N LEU C 53 28.10 10.62 -3.58
CA LEU C 53 27.79 11.36 -2.35
C LEU C 53 27.17 12.72 -2.64
N PHE C 54 26.41 13.23 -1.67
CA PHE C 54 25.92 14.60 -1.73
C PHE C 54 26.51 15.40 -0.57
N LEU C 55 27.02 16.59 -0.87
CA LEU C 55 27.43 17.52 0.17
C LEU C 55 26.52 18.74 0.14
N LYS C 56 25.81 18.95 1.24
CA LYS C 56 24.90 20.07 1.39
C LYS C 56 25.48 21.11 2.36
N HIS C 57 25.46 22.38 1.95
CA HIS C 57 26.00 23.47 2.74
C HIS C 57 24.95 24.52 3.04
N GLY C 58 24.62 24.68 4.32
CA GLY C 58 23.68 25.69 4.75
C GLY C 58 24.35 26.81 5.52
N LYS C 59 23.99 28.04 5.19
CA LYS C 59 24.55 29.23 5.80
C LYS C 59 23.42 30.01 6.44
N GLY C 60 23.72 30.74 7.51
CA GLY C 60 22.72 31.53 8.21
C GLY C 60 21.59 30.66 8.73
N SER C 61 20.35 31.04 8.45
CA SER C 61 19.19 30.29 8.94
C SER C 61 19.11 28.94 8.26
N VAL C 62 19.65 28.85 7.04
CA VAL C 62 19.68 27.61 6.29
C VAL C 62 20.56 26.56 7.03
N ALA C 63 21.52 27.03 7.81
CA ALA C 63 22.33 26.11 8.62
C ALA C 63 21.46 25.37 9.63
N ASN C 64 20.43 26.04 10.15
CA ASN C 64 19.52 25.37 11.07
C ASN C 64 18.70 24.30 10.35
N ASP C 65 18.28 24.59 9.12
CA ASP C 65 17.57 23.59 8.30
C ASP C 65 18.41 22.33 8.07
N VAL C 66 19.66 22.52 7.69
CA VAL C 66 20.56 21.40 7.44
C VAL C 66 20.81 20.60 8.73
N THR C 67 20.91 21.29 9.85
CA THR C 67 21.08 20.63 11.16
C THR C 67 19.85 19.81 11.54
N ASP C 68 18.67 20.37 11.29
CA ASP C 68 17.39 19.71 11.55
C ASP C 68 17.28 18.43 10.75
N GLU C 69 17.69 18.54 9.50
CA GLU C 69 17.67 17.41 8.60
C GLU C 69 18.61 16.30 9.06
N MSE C 70 19.85 16.68 9.42
CA MSE C 70 20.83 15.72 9.94
C MSE C 70 20.34 14.89 11.12
O MSE C 70 20.47 13.66 11.10
CB MSE C 70 22.16 16.41 10.28
CG MSE C 70 23.28 15.45 10.69
SE MSE C 70 23.20 14.87 12.58
CE MSE C 70 23.31 16.63 13.36
N VAL C 71 19.76 15.53 12.19
CA VAL C 71 19.36 14.74 13.36
CA VAL C 71 19.33 14.79 13.38
C VAL C 71 18.19 13.83 13.05
N ARG C 72 17.35 14.24 12.11
CA ARG C 72 16.23 13.39 11.71
C ARG C 72 16.71 12.21 10.85
N LEU C 73 17.65 12.44 9.94
CA LEU C 73 18.31 11.34 9.24
C LEU C 73 18.93 10.36 10.23
N ASN C 74 19.59 10.88 11.26
CA ASN C 74 20.30 10.04 12.21
C ASN C 74 19.34 9.17 13.02
N TRP C 75 18.24 9.78 13.45
CA TRP C 75 17.21 9.07 14.21
C TRP C 75 16.42 8.06 13.37
N LEU C 76 15.87 8.51 12.25
CA LEU C 76 14.88 7.71 11.52
C LEU C 76 15.46 6.53 10.76
N THR C 77 16.76 6.56 10.49
CA THR C 77 17.36 5.51 9.68
C THR C 77 17.33 4.16 10.40
N ALA C 78 17.17 4.19 11.72
CA ALA C 78 17.03 2.97 12.50
C ALA C 78 15.76 2.21 12.12
N PHE C 79 14.82 2.94 11.51
CA PHE C 79 13.50 2.40 11.20
C PHE C 79 13.17 2.34 9.70
N MSE C 80 13.86 3.18 8.87
CA MSE C 80 13.52 3.31 7.45
C MSE C 80 14.78 3.38 6.58
O MSE C 80 15.86 3.69 7.06
CB MSE C 80 12.70 4.58 7.21
CG MSE C 80 11.38 4.61 7.94
SE MSE C 80 10.09 3.33 7.21
CE MSE C 80 9.45 4.35 5.69
N PRO C 81 14.65 3.04 5.25
CA PRO C 81 15.81 3.20 4.36
C PRO C 81 16.02 4.68 3.97
N LEU C 82 17.09 5.27 4.51
CA LEU C 82 17.40 6.69 4.31
C LEU C 82 18.86 6.78 3.88
N PRO C 83 19.26 7.96 3.35
CA PRO C 83 20.68 8.22 3.11
C PRO C 83 21.49 8.13 4.40
N THR C 84 22.71 7.64 4.28
CA THR C 84 23.61 7.50 5.43
C THR C 84 24.44 8.75 5.63
N ILE C 85 24.60 9.19 6.88
CA ILE C 85 25.41 10.35 7.17
C ILE C 85 26.88 9.94 7.26
N LYS C 86 27.69 10.45 6.33
CA LYS C 86 29.13 10.18 6.40
C LYS C 86 29.84 11.19 7.29
N HIS C 87 29.36 12.43 7.28
CA HIS C 87 30.01 13.48 8.04
C HIS C 87 29.06 14.66 8.20
N PHE C 88 29.20 15.37 9.31
CA PHE C 88 28.44 16.60 9.51
C PHE C 88 29.27 17.58 10.35
N ILE C 89 29.25 18.85 9.95
CA ILE C 89 29.96 19.89 10.67
C ILE C 89 29.04 21.08 10.90
N ARG C 90 29.05 21.59 12.13
N ARG C 90 29.05 21.59 12.13
CA ARG C 90 28.31 22.79 12.48
CA ARG C 90 28.30 22.79 12.46
C ARG C 90 29.24 23.82 13.09
C ARG C 90 29.22 23.83 13.10
N THR C 91 29.23 25.03 12.53
CA THR C 91 29.96 26.15 13.11
C THR C 91 28.87 27.20 13.35
N PRO C 92 29.19 28.34 14.01
CA PRO C 92 28.10 29.29 14.27
C PRO C 92 27.20 29.67 13.07
N ASP C 93 27.78 29.88 11.89
CA ASP C 93 26.99 30.38 10.76
CA ASP C 93 26.98 30.38 10.77
C ASP C 93 26.85 29.38 9.61
N ASP C 94 27.41 28.18 9.79
CA ASP C 94 27.40 27.19 8.70
C ASP C 94 27.15 25.76 9.13
N ALA C 95 26.53 25.00 8.24
CA ALA C 95 26.35 23.56 8.41
C ALA C 95 26.68 22.83 7.11
N TRP C 96 27.43 21.75 7.24
CA TRP C 96 27.80 20.92 6.10
C TRP C 96 27.36 19.50 6.40
N LEU C 97 26.55 18.94 5.50
CA LEU C 97 26.05 17.59 5.66
C LEU C 97 26.46 16.75 4.46
N LEU C 98 27.24 15.71 4.72
CA LEU C 98 27.71 14.82 3.67
C LEU C 98 27.00 13.48 3.82
N THR C 99 26.22 13.12 2.80
CA THR C 99 25.43 11.89 2.83
C THR C 99 25.63 11.05 1.57
N THR C 100 25.26 9.78 1.67
CA THR C 100 25.28 8.87 0.52
C THR C 100 24.04 9.08 -0.36
N ALA C 101 24.19 8.83 -1.65
CA ALA C 101 23.06 8.95 -2.58
C ALA C 101 22.29 7.63 -2.62
N ILE C 102 20.97 7.72 -2.78
CA ILE C 102 20.18 6.52 -2.96
C ILE C 102 19.91 6.29 -4.44
N PRO C 103 20.51 5.23 -5.00
CA PRO C 103 20.37 4.88 -6.42
C PRO C 103 18.93 4.55 -6.78
N GLY C 104 18.44 5.06 -7.91
CA GLY C 104 17.09 4.75 -8.31
C GLY C 104 16.38 5.94 -8.92
N LYS C 105 15.07 5.81 -9.10
CA LYS C 105 14.23 6.88 -9.65
C LYS C 105 13.15 7.26 -8.65
N THR C 106 12.64 8.49 -8.75
CA THR C 106 11.57 8.93 -7.84
C THR C 106 10.28 8.23 -8.24
N ALA C 107 9.32 8.20 -7.31
CA ALA C 107 7.99 7.64 -7.58
C ALA C 107 7.30 8.33 -8.74
N PHE C 108 7.51 9.64 -8.85
CA PHE C 108 6.97 10.37 -9.98
C PHE C 108 7.51 9.79 -11.29
N GLN C 109 8.82 9.65 -11.38
CA GLN C 109 9.44 9.10 -12.59
C GLN C 109 8.99 7.67 -12.90
N VAL C 110 8.78 6.88 -11.86
CA VAL C 110 8.36 5.49 -12.03
C VAL C 110 6.92 5.40 -12.51
N LEU C 111 6.05 6.24 -11.94
CA LEU C 111 4.69 6.33 -12.42
C LEU C 111 4.67 6.73 -13.88
N GLU C 112 5.53 7.68 -14.27
CA GLU C 112 5.54 8.13 -15.66
C GLU C 112 6.05 7.03 -16.59
N GLU C 113 6.98 6.21 -16.10
CA GLU C 113 7.58 5.18 -16.94
C GLU C 113 6.68 3.96 -17.07
N TYR C 114 5.99 3.64 -15.98
CA TYR C 114 5.09 2.49 -15.96
C TYR C 114 3.65 2.90 -15.65
N PRO C 115 3.03 3.70 -16.53
CA PRO C 115 1.66 4.17 -16.26
C PRO C 115 0.65 3.02 -16.11
N ASP C 116 0.88 1.91 -16.79
CA ASP C 116 -0.02 0.76 -16.69
C ASP C 116 0.15 0.04 -15.37
N SER C 117 1.14 0.45 -14.57
CA SER C 117 1.33 -0.13 -13.24
C SER C 117 0.95 0.86 -12.14
N GLY C 118 0.20 1.91 -12.49
CA GLY C 118 -0.15 2.93 -11.50
C GLY C 118 -0.75 2.37 -10.22
N GLU C 119 -1.73 1.49 -10.36
CA GLU C 119 -2.37 0.90 -9.18
C GLU C 119 -1.40 0.09 -8.31
N ASN C 120 -0.50 -0.66 -8.95
CA ASN C 120 0.51 -1.43 -8.21
C ASN C 120 1.50 -0.52 -7.50
N ILE C 121 1.81 0.60 -8.12
CA ILE C 121 2.75 1.55 -7.55
C ILE C 121 2.14 2.23 -6.32
N VAL C 122 0.88 2.64 -6.43
CA VAL C 122 0.13 3.18 -5.27
C VAL C 122 0.04 2.15 -4.12
N ASP C 123 -0.17 0.88 -4.46
CA ASP C 123 -0.16 -0.17 -3.45
C ASP C 123 1.16 -0.21 -2.70
N ALA C 124 2.26 -0.10 -3.44
CA ALA C 124 3.60 -0.09 -2.84
C ALA C 124 3.81 1.15 -1.96
N LEU C 125 3.37 2.31 -2.44
CA LEU C 125 3.45 3.55 -1.66
C LEU C 125 2.67 3.42 -0.36
N ALA C 126 1.48 2.84 -0.43
CA ALA C 126 0.65 2.65 0.77
C ALA C 126 1.31 1.73 1.81
N VAL C 127 1.97 0.68 1.34
CA VAL C 127 2.65 -0.25 2.24
C VAL C 127 3.81 0.45 2.94
N PHE C 128 4.56 1.24 2.17
CA PHE C 128 5.69 2.01 2.69
C PHE C 128 5.22 3.04 3.73
N LEU C 129 4.12 3.71 3.43
CA LEU C 129 3.59 4.69 4.36
C LEU C 129 3.06 4.03 5.63
N ARG C 130 2.41 2.89 5.50
CA ARG C 130 1.96 2.15 6.68
C ARG C 130 3.11 1.78 7.57
N ARG C 131 4.25 1.49 6.95
CA ARG C 131 5.46 1.09 7.67
C ARG C 131 5.96 2.25 8.54
N LEU C 132 6.15 3.40 7.91
CA LEU C 132 6.57 4.60 8.63
C LEU C 132 5.64 4.89 9.80
N HIS C 133 4.34 4.84 9.53
CA HIS C 133 3.32 5.14 10.55
C HIS C 133 3.16 4.05 11.59
N SER C 134 3.81 2.91 11.37
CA SER C 134 3.76 1.83 12.36
C SER C 134 4.88 1.92 13.41
N ILE C 135 5.85 2.80 13.20
CA ILE C 135 6.86 3.06 14.22
C ILE C 135 6.17 3.61 15.47
N PRO C 136 6.29 2.93 16.63
CA PRO C 136 5.59 3.47 17.81
C PRO C 136 6.09 4.88 18.14
N VAL C 137 5.17 5.80 18.47
CA VAL C 137 5.57 7.20 18.69
C VAL C 137 6.47 7.36 19.92
N CYS C 138 6.50 6.35 20.78
CA CYS C 138 7.39 6.38 21.94
C CYS C 138 8.87 6.38 21.54
N ASN C 139 9.15 6.04 20.29
CA ASN C 139 10.52 6.08 19.78
C ASN C 139 10.97 7.43 19.28
N CYS C 140 10.03 8.33 19.04
CA CYS C 140 10.31 9.56 18.30
C CYS C 140 10.52 10.80 19.19
N PRO C 141 11.69 11.45 19.09
CA PRO C 141 12.00 12.59 19.97
C PRO C 141 11.66 13.96 19.33
N PHE C 142 10.94 13.94 18.23
CA PHE C 142 10.63 15.15 17.48
C PHE C 142 9.14 15.43 17.46
N ASN C 143 8.79 16.69 17.68
CA ASN C 143 7.41 17.16 17.62
C ASN C 143 7.19 17.93 16.32
N SER C 144 6.26 17.48 15.49
CA SER C 144 5.90 18.22 14.28
C SER C 144 4.40 18.46 14.23
N ASP C 145 3.78 18.64 15.38
CA ASP C 145 2.32 18.66 15.45
C ASP C 145 1.75 19.95 14.85
N ARG C 146 0.43 20.06 14.78
CA ARG C 146 -0.14 21.15 13.98
C ARG C 146 0.06 22.50 14.65
N VAL C 147 0.10 22.50 15.98
CA VAL C 147 0.31 23.74 16.72
C VAL C 147 1.71 24.27 16.38
N PHE C 148 2.68 23.37 16.36
CA PHE C 148 4.03 23.68 15.89
C PHE C 148 4.07 24.14 14.40
N ARG C 149 3.40 23.41 13.51
CA ARG C 149 3.44 23.80 12.11
C ARG C 149 2.69 25.11 11.81
N LEU C 150 1.60 25.36 12.54
CA LEU C 150 0.84 26.58 12.33
C LEU C 150 1.64 27.84 12.73
N ALA C 151 2.42 27.73 13.79
CA ALA C 151 3.30 28.84 14.19
C ALA C 151 4.35 29.11 13.10
N GLN C 152 4.88 28.06 12.48
CA GLN C 152 5.81 28.24 11.36
C GLN C 152 5.11 28.89 10.18
N ALA C 153 3.91 28.40 9.86
CA ALA C 153 3.13 28.93 8.74
C ALA C 153 2.84 30.42 8.96
N GLN C 154 2.44 30.77 10.18
CA GLN C 154 2.14 32.17 10.48
C GLN C 154 3.36 33.05 10.23
N SER C 155 4.52 32.58 10.68
CA SER C 155 5.76 33.34 10.51
C SER C 155 6.13 33.53 9.04
N ARG C 156 6.00 32.46 8.26
CA ARG C 156 6.26 32.53 6.82
C ARG C 156 5.31 33.52 6.16
N MSE C 157 4.07 33.46 6.54
CA MSE C 157 3.08 34.41 6.02
C MSE C 157 3.49 35.83 6.38
O MSE C 157 3.53 36.72 5.52
CB MSE C 157 1.67 34.11 6.55
CG MSE C 157 0.65 35.16 6.14
SE MSE C 157 -1.16 34.75 6.77
CE MSE C 157 -0.89 34.93 8.70
N ASN C 158 3.81 36.05 7.64
CA ASN C 158 4.10 37.39 8.14
C ASN C 158 5.38 37.96 7.56
N ASN C 159 6.28 37.08 7.14
CA ASN C 159 7.54 37.49 6.54
C ASN C 159 7.53 37.42 5.02
N GLY C 160 6.35 37.24 4.45
CA GLY C 160 6.18 37.23 3.00
C GLY C 160 6.91 36.14 2.26
N LEU C 161 7.08 34.98 2.90
CA LEU C 161 7.80 33.88 2.30
C LEU C 161 6.90 32.85 1.60
N VAL C 162 5.59 33.00 1.73
CA VAL C 162 4.65 32.03 1.14
C VAL C 162 4.62 32.15 -0.40
N ASP C 163 4.71 31.02 -1.10
CA ASP C 163 4.68 31.03 -2.57
C ASP C 163 3.22 31.02 -3.05
N ALA C 164 2.64 32.22 -3.22
CA ALA C 164 1.23 32.33 -3.59
C ALA C 164 0.96 31.79 -5.00
N SER C 165 2.01 31.66 -5.80
CA SER C 165 1.84 31.18 -7.18
C SER C 165 1.63 29.68 -7.25
N ASP C 166 1.88 29.00 -6.13
CA ASP C 166 1.97 27.55 -6.14
C ASP C 166 0.84 26.89 -5.31
N PHE C 167 -0.25 27.64 -5.05
CA PHE C 167 -1.39 27.06 -4.35
C PHE C 167 -2.06 26.00 -5.22
N ASP C 168 -2.77 25.08 -4.57
CA ASP C 168 -3.59 24.10 -5.31
C ASP C 168 -4.68 24.80 -6.09
N ASP C 169 -5.20 24.12 -7.13
CA ASP C 169 -6.17 24.73 -8.04
C ASP C 169 -7.34 25.40 -7.33
N GLU C 170 -7.88 24.73 -6.31
CA GLU C 170 -9.05 25.25 -5.62
C GLU C 170 -8.74 26.52 -4.82
N ARG C 171 -7.46 26.86 -4.64
CA ARG C 171 -7.08 28.12 -3.97
C ARG C 171 -6.29 29.04 -4.89
N ASN C 172 -6.38 28.82 -6.19
CA ASN C 172 -5.61 29.61 -7.14
C ASN C 172 -5.91 31.10 -7.04
N GLY C 173 -4.87 31.91 -6.84
CA GLY C 173 -5.05 33.35 -6.81
C GLY C 173 -5.59 33.89 -5.49
N TRP C 174 -5.85 33.03 -4.51
CA TRP C 174 -6.29 33.52 -3.20
C TRP C 174 -5.15 34.28 -2.53
N PRO C 175 -5.49 35.37 -1.84
CA PRO C 175 -4.51 35.99 -0.93
C PRO C 175 -4.15 34.98 0.15
N VAL C 176 -2.87 34.98 0.55
CA VAL C 176 -2.37 34.12 1.62
C VAL C 176 -3.23 34.24 2.86
N GLU C 177 -3.64 35.46 3.15
CA GLU C 177 -4.46 35.77 4.31
CA GLU C 177 -4.45 35.73 4.34
C GLU C 177 -5.80 35.04 4.28
N GLN C 178 -6.33 34.87 3.06
CA GLN C 178 -7.59 34.14 2.91
C GLN C 178 -7.39 32.65 3.18
N VAL C 179 -6.30 32.08 2.67
CA VAL C 179 -5.98 30.69 2.99
C VAL C 179 -5.89 30.51 4.51
N TRP C 180 -5.22 31.45 5.15
CA TRP C 180 -5.01 31.42 6.61
C TRP C 180 -6.31 31.44 7.40
N LYS C 181 -7.19 32.37 7.07
CA LYS C 181 -8.45 32.50 7.80
C LYS C 181 -9.35 31.28 7.57
N GLU C 182 -9.47 30.87 6.31
CA GLU C 182 -10.36 29.77 5.94
C GLU C 182 -9.92 28.45 6.55
N MSE C 183 -8.60 28.23 6.56
CA MSE C 183 -8.03 27.04 7.16
C MSE C 183 -8.40 26.94 8.64
O MSE C 183 -8.64 25.86 9.16
CB MSE C 183 -6.50 27.04 7.00
CG MSE C 183 -5.81 25.86 7.68
SE MSE C 183 -3.90 25.90 7.39
CE MSE C 183 -3.53 27.61 8.22
N HIS C 184 -8.45 28.06 9.29
CA HIS C 184 -8.77 28.06 10.72
C HIS C 184 -10.22 27.67 11.04
N LYS C 185 -11.09 27.80 10.05
CA LYS C 185 -12.47 27.35 10.21
C LYS C 185 -12.58 25.82 10.26
N LEU C 186 -11.50 25.13 9.92
CA LEU C 186 -11.49 23.66 9.95
C LEU C 186 -11.14 23.13 11.34
N LEU C 187 -10.62 24.00 12.19
CA LEU C 187 -10.22 23.62 13.54
C LEU C 187 -11.39 23.80 14.51
N PRO C 188 -11.47 22.94 15.55
CA PRO C 188 -10.48 21.93 15.92
C PRO C 188 -10.81 20.53 15.41
N PHE C 189 -9.84 19.61 15.56
CA PHE C 189 -10.09 18.19 15.38
C PHE C 189 -9.15 17.39 16.27
N SER C 190 -9.54 16.17 16.62
CA SER C 190 -8.70 15.31 17.46
C SER C 190 -7.58 14.69 16.63
N PRO C 191 -6.33 14.93 17.05
CA PRO C 191 -5.19 14.37 16.30
C PRO C 191 -5.13 12.85 16.41
N ASP C 192 -4.74 12.23 15.31
CA ASP C 192 -4.46 10.81 15.26
C ASP C 192 -2.95 10.71 15.02
N SER C 193 -2.17 10.72 16.09
CA SER C 193 -0.73 10.98 16.01
C SER C 193 0.14 9.74 15.70
N VAL C 194 1.01 9.90 14.71
CA VAL C 194 1.97 8.87 14.31
C VAL C 194 3.31 9.55 13.99
N VAL C 195 4.35 8.76 13.79
CA VAL C 195 5.58 9.30 13.26
C VAL C 195 5.35 9.67 11.79
N THR C 196 5.56 10.94 11.44
CA THR C 196 5.33 11.41 10.09
C THR C 196 6.61 11.91 9.41
N HIS C 197 6.60 11.90 8.09
CA HIS C 197 7.72 12.38 7.28
C HIS C 197 7.67 13.91 7.10
N GLY C 198 6.49 14.43 6.78
CA GLY C 198 6.29 15.87 6.70
C GLY C 198 6.24 16.42 5.28
N ASP C 199 6.83 15.69 4.35
CA ASP C 199 6.76 16.05 2.94
C ASP C 199 6.73 14.77 2.11
N PHE C 200 5.68 13.96 2.29
CA PHE C 200 5.66 12.62 1.72
C PHE C 200 5.18 12.69 0.26
N SER C 201 6.01 13.27 -0.61
CA SER C 201 5.59 13.51 -2.00
C SER C 201 6.24 12.51 -2.95
N LEU C 202 5.75 12.45 -4.19
CA LEU C 202 6.30 11.54 -5.18
C LEU C 202 7.77 11.81 -5.51
N ASP C 203 8.23 13.04 -5.29
CA ASP C 203 9.66 13.34 -5.52
C ASP C 203 10.56 12.82 -4.41
N ASN C 204 9.99 12.55 -3.24
CA ASN C 204 10.79 12.17 -2.07
C ASN C 204 10.82 10.70 -1.74
N LEU C 205 10.24 9.88 -2.63
CA LEU C 205 10.26 8.43 -2.48
C LEU C 205 11.00 7.82 -3.65
N ILE C 206 11.89 6.88 -3.36
CA ILE C 206 12.80 6.36 -4.37
C ILE C 206 12.56 4.88 -4.63
N PHE C 207 12.42 4.51 -5.90
CA PHE C 207 12.32 3.11 -6.33
C PHE C 207 13.62 2.65 -6.96
N ASP C 208 13.95 1.38 -6.73
CA ASP C 208 15.04 0.73 -7.45
C ASP C 208 14.69 -0.75 -7.65
N GLU C 209 14.93 -1.26 -8.85
CA GLU C 209 14.64 -2.66 -9.18
C GLU C 209 13.20 -3.02 -8.82
N GLY C 210 12.29 -2.08 -9.09
CA GLY C 210 10.86 -2.32 -8.89
C GLY C 210 10.37 -2.23 -7.45
N LYS C 211 11.24 -1.82 -6.53
CA LYS C 211 10.79 -1.71 -5.14
C LYS C 211 11.13 -0.37 -4.49
N LEU C 212 10.27 0.03 -3.56
CA LEU C 212 10.47 1.26 -2.80
C LEU C 212 11.63 1.02 -1.85
N ILE C 213 12.73 1.72 -2.06
CA ILE C 213 13.94 1.45 -1.28
C ILE C 213 14.42 2.65 -0.49
N GLY C 214 13.67 3.73 -0.46
CA GLY C 214 14.08 4.86 0.34
C GLY C 214 13.24 6.11 0.25
N CYS C 215 13.41 6.97 1.25
CA CYS C 215 12.82 8.30 1.18
C CYS C 215 13.88 9.31 1.55
N ILE C 216 13.73 10.54 1.08
CA ILE C 216 14.72 11.59 1.28
C ILE C 216 14.01 12.84 1.78
N ASP C 217 14.78 13.89 2.09
CA ASP C 217 14.19 15.18 2.46
C ASP C 217 13.38 15.06 3.76
N VAL C 218 14.07 14.76 4.85
CA VAL C 218 13.40 14.38 6.10
C VAL C 218 13.39 15.43 7.22
N GLY C 219 13.65 16.70 6.86
CA GLY C 219 13.75 17.76 7.84
C GLY C 219 12.49 18.03 8.66
N ARG C 220 11.33 17.58 8.17
CA ARG C 220 10.09 17.82 8.90
C ARG C 220 9.59 16.59 9.67
N VAL C 221 10.42 15.56 9.75
CA VAL C 221 10.04 14.32 10.45
C VAL C 221 9.67 14.57 11.91
N GLY C 222 8.61 13.93 12.36
CA GLY C 222 8.23 13.99 13.76
C GLY C 222 6.78 13.58 13.93
N ILE C 223 6.34 13.59 15.18
CA ILE C 223 4.99 13.17 15.52
C ILE C 223 4.01 14.25 15.06
N ALA C 224 3.02 13.81 14.29
CA ALA C 224 1.97 14.68 13.75
C ALA C 224 0.76 13.80 13.41
N ASP C 225 -0.29 14.40 12.89
CA ASP C 225 -1.47 13.63 12.48
C ASP C 225 -1.11 12.84 11.23
N ARG C 226 -1.63 11.60 11.10
CA ARG C 226 -1.29 10.76 9.95
C ARG C 226 -1.68 11.43 8.64
N TYR C 227 -2.67 12.32 8.70
CA TYR C 227 -3.06 13.06 7.47
C TYR C 227 -2.01 14.05 6.94
N GLN C 228 -1.00 14.36 7.74
CA GLN C 228 0.07 15.21 7.26
C GLN C 228 0.75 14.54 6.08
N ASP C 229 0.95 13.23 6.17
CA ASP C 229 1.53 12.47 5.06
C ASP C 229 0.50 11.99 4.03
N LEU C 230 -0.66 11.52 4.46
CA LEU C 230 -1.68 11.10 3.50
C LEU C 230 -2.05 12.24 2.55
N ALA C 231 -2.27 13.43 3.09
CA ALA C 231 -2.67 14.59 2.28
C ALA C 231 -1.70 14.94 1.17
N ILE C 232 -0.42 15.03 1.54
CA ILE C 232 0.59 15.48 0.58
C ILE C 232 0.69 14.45 -0.53
N LEU C 233 0.72 13.17 -0.18
CA LEU C 233 0.85 12.12 -1.20
C LEU C 233 -0.41 12.05 -2.07
N TRP C 234 -1.56 12.12 -1.41
CA TRP C 234 -2.86 12.19 -2.11
C TRP C 234 -2.87 13.35 -3.13
N ASN C 235 -2.36 14.50 -2.71
CA ASN C 235 -2.28 15.66 -3.59
C ASN C 235 -1.45 15.33 -4.85
N CYS C 236 -0.27 14.75 -4.64
CA CYS C 236 0.61 14.39 -5.77
C CYS C 236 -0.06 13.41 -6.74
N LEU C 237 -0.83 12.46 -6.21
CA LEU C 237 -1.50 11.46 -7.05
C LEU C 237 -2.62 12.05 -7.91
N GLY C 238 -3.05 13.27 -7.58
CA GLY C 238 -4.02 13.97 -8.41
C GLY C 238 -3.51 14.28 -9.81
N GLU C 239 -2.20 14.34 -9.98
CA GLU C 239 -1.59 14.52 -11.30
C GLU C 239 -1.82 13.28 -12.16
N PHE C 240 -2.24 12.19 -11.53
CA PHE C 240 -2.41 10.92 -12.22
C PHE C 240 -3.88 10.52 -12.39
N SER C 241 -4.61 10.32 -11.29
CA SER C 241 -6.06 10.08 -11.39
C SER C 241 -6.74 10.13 -10.02
N PRO C 242 -8.05 10.45 -10.00
CA PRO C 242 -8.81 10.39 -8.75
C PRO C 242 -8.99 8.97 -8.24
N SER C 243 -8.93 7.99 -9.13
CA SER C 243 -8.99 6.60 -8.72
C SER C 243 -7.73 6.23 -7.93
N LEU C 244 -6.58 6.69 -8.40
CA LEU C 244 -5.36 6.38 -7.68
C LEU C 244 -5.32 7.10 -6.31
N GLN C 245 -5.84 8.32 -6.28
CA GLN C 245 -5.95 9.09 -5.04
C GLN C 245 -6.81 8.33 -4.04
N LYS C 246 -7.95 7.84 -4.51
CA LYS C 246 -8.83 7.05 -3.65
C LYS C 246 -8.15 5.76 -3.21
N ARG C 247 -7.41 5.14 -4.12
CA ARG C 247 -6.73 3.88 -3.86
C ARG C 247 -5.70 3.98 -2.74
N LEU C 248 -4.99 5.11 -2.68
CA LEU C 248 -4.02 5.32 -1.61
C LEU C 248 -4.70 5.14 -0.25
N PHE C 249 -5.84 5.81 -0.05
CA PHE C 249 -6.56 5.68 1.21
C PHE C 249 -7.05 4.26 1.48
N GLN C 250 -7.64 3.62 0.47
CA GLN C 250 -8.18 2.26 0.64
C GLN C 250 -7.11 1.28 1.08
N LYS C 251 -5.97 1.32 0.39
CA LYS C 251 -4.88 0.40 0.65
C LYS C 251 -4.16 0.73 1.95
N TYR C 252 -4.09 2.02 2.28
CA TYR C 252 -3.51 2.42 3.55
C TYR C 252 -4.37 1.89 4.67
N GLY C 253 -5.67 1.77 4.41
CA GLY C 253 -6.56 1.14 5.35
C GLY C 253 -7.64 2.07 5.89
N ILE C 254 -7.92 3.14 5.17
CA ILE C 254 -8.99 4.06 5.57
C ILE C 254 -10.15 3.99 4.57
N ASP C 255 -11.27 3.43 5.00
CA ASP C 255 -12.43 3.30 4.11
C ASP C 255 -13.15 4.64 3.92
N ASN C 256 -13.33 5.38 5.01
CA ASN C 256 -13.97 6.69 4.95
C ASN C 256 -13.00 7.81 5.29
N PRO C 257 -12.30 8.33 4.27
CA PRO C 257 -11.31 9.39 4.50
C PRO C 257 -11.95 10.62 5.11
N ASP C 258 -11.26 11.21 6.07
CA ASP C 258 -11.76 12.35 6.80
C ASP C 258 -11.49 13.58 5.94
N MSE C 259 -12.50 14.09 5.31
CA MSE C 259 -12.33 15.20 4.38
C MSE C 259 -11.89 16.50 5.06
O MSE C 259 -11.12 17.27 4.48
CB MSE C 259 -13.62 15.42 3.60
CG MSE C 259 -13.98 14.23 2.72
SE MSE C 259 -12.58 13.87 1.41
CE MSE C 259 -12.67 11.93 1.37
N ASN C 260 -12.36 16.74 6.27
CA ASN C 260 -11.93 17.88 7.05
C ASN C 260 -10.42 17.87 7.36
N LYS C 261 -9.92 16.72 7.81
CA LYS C 261 -8.51 16.59 8.09
C LYS C 261 -7.67 16.66 6.82
N LEU C 262 -8.20 16.10 5.74
CA LEU C 262 -7.49 16.16 4.45
C LEU C 262 -7.36 17.60 4.00
N GLN C 263 -8.45 18.35 4.07
CA GLN C 263 -8.43 19.73 3.59
C GLN C 263 -7.52 20.59 4.47
N PHE C 264 -7.62 20.41 5.80
CA PHE C 264 -6.73 21.15 6.70
C PHE C 264 -5.25 20.96 6.35
N HIS C 265 -4.83 19.72 6.15
CA HIS C 265 -3.42 19.50 5.85
C HIS C 265 -2.98 19.96 4.45
N LEU C 266 -3.87 19.88 3.46
CA LEU C 266 -3.56 20.44 2.15
C LEU C 266 -3.36 21.96 2.27
N MSE C 267 -4.24 22.61 3.06
CA MSE C 267 -4.16 24.05 3.23
C MSE C 267 -2.89 24.44 3.99
O MSE C 267 -2.25 25.43 3.65
CB MSE C 267 -5.41 24.58 3.93
CG MSE C 267 -6.63 24.48 3.04
SE MSE C 267 -8.23 25.17 3.86
CE MSE C 267 -8.10 27.02 3.26
N LEU C 268 -2.53 23.64 4.99
CA LEU C 268 -1.34 23.92 5.77
C LEU C 268 -0.10 23.88 4.90
N ASP C 269 -0.04 22.92 3.99
CA ASP C 269 1.12 22.80 3.10
C ASP C 269 1.29 23.98 2.13
N GLU C 270 0.23 24.78 1.95
CA GLU C 270 0.31 25.96 1.07
C GLU C 270 1.33 26.97 1.58
N PHE C 271 1.58 26.96 2.90
CA PHE C 271 2.44 27.95 3.53
C PHE C 271 3.92 27.57 3.44
N PHE C 272 4.21 26.40 2.92
CA PHE C 272 5.58 25.88 2.98
C PHE C 272 6.23 25.69 1.64
N ASN D 19 39.14 22.45 10.53
CA ASN D 19 38.76 21.47 11.54
C ASN D 19 38.68 22.09 12.93
N LEU D 20 38.82 21.24 13.94
CA LEU D 20 38.78 21.68 15.33
C LEU D 20 40.04 22.41 15.76
N ASP D 21 41.14 22.14 15.06
CA ASP D 21 42.46 22.65 15.45
C ASP D 21 42.52 24.14 15.67
N ALA D 22 41.97 24.90 14.72
CA ALA D 22 42.03 26.35 14.78
C ALA D 22 41.29 26.83 16.01
N ASP D 23 40.17 26.18 16.29
CA ASP D 23 39.37 26.51 17.46
C ASP D 23 40.10 26.20 18.76
N LEU D 24 41.07 25.28 18.70
CA LEU D 24 41.68 24.77 19.93
C LEU D 24 43.07 25.33 20.24
N TYR D 25 43.61 26.11 19.31
CA TYR D 25 44.95 26.69 19.47
C TYR D 25 45.06 27.51 20.75
N GLY D 26 46.13 27.30 21.50
CA GLY D 26 46.44 28.16 22.63
C GLY D 26 45.85 27.77 23.97
N TYR D 27 44.99 26.75 23.98
CA TYR D 27 44.33 26.31 25.21
C TYR D 27 45.16 25.26 25.95
N ARG D 28 45.03 25.26 27.28
CA ARG D 28 45.52 24.13 28.11
C ARG D 28 44.40 23.11 28.26
N TRP D 29 44.74 21.84 28.41
CA TRP D 29 43.73 20.78 28.48
C TRP D 29 43.61 20.15 29.86
N ALA D 30 42.38 19.86 30.27
CA ALA D 30 42.14 18.96 31.40
C ALA D 30 40.90 18.12 31.11
N ARG D 31 40.77 17.00 31.82
CA ARG D 31 39.63 16.11 31.70
C ARG D 31 38.80 16.14 32.98
N ASP D 32 37.48 16.22 32.82
CA ASP D 32 36.57 16.30 33.96
C ASP D 32 35.61 15.12 34.07
N ASN D 33 35.55 14.54 35.26
CA ASN D 33 34.46 13.64 35.61
C ASN D 33 33.43 14.43 36.43
N VAL D 34 32.31 14.78 35.80
CA VAL D 34 31.21 15.44 36.50
C VAL D 34 30.04 14.49 36.83
N GLY D 35 30.34 13.19 36.83
CA GLY D 35 29.33 12.17 37.08
C GLY D 35 28.39 11.98 35.89
N GLN D 36 28.82 12.48 34.74
CA GLN D 36 28.01 12.44 33.52
C GLN D 36 27.73 11.03 33.04
N SER D 37 26.64 10.89 32.29
CA SER D 37 26.16 9.60 31.82
C SER D 37 27.23 8.83 31.01
N GLY D 38 27.90 9.52 30.10
CA GLY D 38 28.80 8.82 29.20
C GLY D 38 29.84 9.58 28.40
N ALA D 39 29.62 10.86 28.13
CA ALA D 39 30.53 11.59 27.26
C ALA D 39 31.85 11.90 27.95
N THR D 40 32.94 11.90 27.21
CA THR D 40 34.20 12.36 27.79
C THR D 40 34.17 13.86 27.76
N ILE D 41 34.52 14.49 28.88
CA ILE D 41 34.49 15.95 28.97
C ILE D 41 35.88 16.56 29.15
N TYR D 42 36.25 17.43 28.22
CA TYR D 42 37.48 18.21 28.35
C TYR D 42 37.21 19.66 28.69
N ARG D 43 38.02 20.21 29.59
CA ARG D 43 38.03 21.64 29.84
C ARG D 43 39.24 22.28 29.10
N LEU D 44 38.98 23.37 28.39
CA LEU D 44 40.01 24.09 27.65
C LEU D 44 40.17 25.47 28.25
N TYR D 45 41.36 25.77 28.76
CA TYR D 45 41.49 26.93 29.62
C TYR D 45 42.82 27.66 29.47
N GLY D 46 42.91 28.84 30.06
CA GLY D 46 44.20 29.53 30.11
C GLY D 46 44.69 30.19 28.83
N LYS D 47 43.79 30.41 27.87
CA LYS D 47 44.15 31.13 26.65
C LYS D 47 43.88 32.62 26.83
N PRO D 48 44.92 33.46 26.69
CA PRO D 48 44.77 34.91 26.82
C PRO D 48 43.77 35.45 25.80
N ASN D 49 42.90 36.38 26.21
CA ASN D 49 41.89 36.98 25.35
C ASN D 49 40.96 35.96 24.71
N ALA D 50 40.61 34.93 25.47
CA ALA D 50 39.72 33.90 24.96
C ALA D 50 38.91 33.23 26.08
N PRO D 51 37.66 32.87 25.80
CA PRO D 51 36.89 32.28 26.89
C PRO D 51 37.28 30.82 27.11
N GLU D 52 37.06 30.36 28.32
CA GLU D 52 37.16 28.95 28.64
C GLU D 52 36.13 28.17 27.81
N LEU D 53 36.54 26.99 27.32
CA LEU D 53 35.67 26.14 26.52
C LEU D 53 35.53 24.75 27.14
N PHE D 54 34.48 24.02 26.73
CA PHE D 54 34.36 22.60 27.04
C PHE D 54 34.18 21.83 25.75
N LEU D 55 34.76 20.63 25.70
CA LEU D 55 34.67 19.76 24.54
C LEU D 55 34.13 18.42 25.00
N LYS D 56 32.93 18.05 24.54
CA LYS D 56 32.38 16.72 24.81
C LYS D 56 32.67 15.79 23.65
N HIS D 57 33.09 14.57 23.94
CA HIS D 57 33.31 13.56 22.90
C HIS D 57 32.51 12.32 23.24
N GLY D 58 31.60 11.93 22.35
CA GLY D 58 30.83 10.71 22.56
C GLY D 58 31.15 9.70 21.47
N LYS D 59 31.31 8.43 21.86
CA LYS D 59 31.41 7.31 20.90
C LYS D 59 30.20 6.39 20.98
N GLY D 60 29.97 5.62 19.92
CA GLY D 60 28.83 4.73 19.85
C GLY D 60 27.52 5.41 20.20
N SER D 61 26.77 4.82 21.12
CA SER D 61 25.47 5.36 21.49
C SER D 61 25.60 6.76 22.09
N VAL D 62 26.74 7.00 22.74
CA VAL D 62 26.98 8.30 23.36
C VAL D 62 27.15 9.41 22.31
N ALA D 63 27.58 9.05 21.09
CA ALA D 63 27.59 9.99 19.98
C ALA D 63 26.20 10.59 19.76
N ASN D 64 25.17 9.73 19.79
CA ASN D 64 23.80 10.22 19.71
C ASN D 64 23.40 11.18 20.83
N ASP D 65 23.78 10.86 22.07
CA ASP D 65 23.49 11.76 23.19
C ASP D 65 24.14 13.13 23.01
N VAL D 66 25.37 13.15 22.51
CA VAL D 66 26.08 14.41 22.30
C VAL D 66 25.43 15.21 21.14
N THR D 67 24.99 14.49 20.11
CA THR D 67 24.23 15.10 19.03
C THR D 67 22.93 15.69 19.56
N ASP D 68 22.26 14.97 20.44
CA ASP D 68 20.99 15.44 21.01
C ASP D 68 21.22 16.75 21.73
N GLU D 69 22.32 16.86 22.46
CA GLU D 69 22.60 18.11 23.18
C GLU D 69 22.86 19.27 22.21
N MSE D 70 23.64 19.00 21.17
CA MSE D 70 23.98 20.02 20.18
C MSE D 70 22.73 20.66 19.56
O MSE D 70 22.61 21.88 19.48
CB MSE D 70 24.87 19.44 19.07
CG MSE D 70 25.32 20.47 18.03
SE MSE D 70 24.06 20.81 16.58
CE MSE D 70 23.87 18.99 15.91
N VAL D 71 21.79 19.84 19.14
CA VAL D 71 20.64 20.37 18.40
C VAL D 71 19.71 21.13 19.35
N ARG D 72 19.62 20.65 20.59
CA ARG D 72 18.86 21.34 21.63
C ARG D 72 19.52 22.66 22.09
N LEU D 73 20.85 22.69 22.16
CA LEU D 73 21.58 23.93 22.42
C LEU D 73 21.28 24.94 21.33
N ASN D 74 21.36 24.46 20.10
CA ASN D 74 21.16 25.27 18.92
C ASN D 74 19.78 25.91 18.92
N TRP D 75 18.78 25.12 19.29
CA TRP D 75 17.41 25.63 19.33
C TRP D 75 17.12 26.54 20.53
N LEU D 76 17.44 26.08 21.73
CA LEU D 76 16.99 26.73 22.95
C LEU D 76 17.69 28.07 23.19
N THR D 77 18.84 28.26 22.55
CA THR D 77 19.62 29.46 22.81
C THR D 77 18.91 30.73 22.35
N ALA D 78 17.96 30.59 21.43
CA ALA D 78 17.15 31.73 21.00
C ALA D 78 16.27 32.24 22.13
N PHE D 79 16.10 31.41 23.16
CA PHE D 79 15.13 31.70 24.23
C PHE D 79 15.75 31.83 25.63
N MSE D 80 16.88 31.17 25.85
CA MSE D 80 17.47 31.09 27.19
C MSE D 80 18.98 31.25 27.12
O MSE D 80 19.58 30.98 26.08
CB MSE D 80 17.11 29.76 27.86
CG MSE D 80 15.61 29.55 28.08
SE MSE D 80 14.81 30.78 29.34
CE MSE D 80 15.50 29.98 30.98
N PRO D 81 19.60 31.68 28.25
CA PRO D 81 21.07 31.80 28.31
C PRO D 81 21.72 30.43 28.46
N LEU D 82 22.49 30.03 27.45
CA LEU D 82 23.09 28.70 27.39
C LEU D 82 24.52 28.79 26.86
N PRO D 83 25.31 27.73 27.01
CA PRO D 83 26.62 27.76 26.34
C PRO D 83 26.46 27.86 24.83
N THR D 84 27.32 28.64 24.19
CA THR D 84 27.29 28.83 22.73
CA THR D 84 27.23 28.79 22.74
C THR D 84 28.07 27.74 22.04
N ILE D 85 27.56 27.24 20.91
CA ILE D 85 28.28 26.24 20.13
C ILE D 85 29.37 26.88 19.32
N LYS D 86 30.62 26.49 19.56
CA LYS D 86 31.71 26.96 18.73
C LYS D 86 31.97 26.03 17.55
N HIS D 87 31.81 24.72 17.74
CA HIS D 87 32.09 23.77 16.65
C HIS D 87 31.47 22.44 17.01
N PHE D 88 30.91 21.73 16.03
CA PHE D 88 30.40 20.38 16.24
C PHE D 88 30.74 19.51 15.04
N ILE D 89 31.15 18.28 15.32
CA ILE D 89 31.44 17.32 14.27
C ILE D 89 30.79 15.97 14.59
N ARG D 90 30.17 15.37 13.58
CA ARG D 90 29.60 14.03 13.70
C ARG D 90 30.15 13.18 12.56
N THR D 91 30.73 12.03 12.91
CA THR D 91 30.99 10.97 11.94
C THR D 91 30.14 9.77 12.40
N PRO D 92 30.09 8.66 11.64
CA PRO D 92 29.14 7.62 12.05
C PRO D 92 29.22 7.12 13.51
N ASP D 93 30.42 7.10 14.10
N ASP D 93 30.42 7.08 14.08
CA ASP D 93 30.59 6.52 15.43
CA ASP D 93 30.59 6.51 15.43
C ASP D 93 30.98 7.54 16.49
C ASP D 93 31.14 7.50 16.45
N ASP D 94 31.28 8.76 16.06
CA ASP D 94 31.81 9.78 16.97
C ASP D 94 31.12 11.12 16.83
N ALA D 95 30.99 11.83 17.95
CA ALA D 95 30.46 13.18 17.95
C ALA D 95 31.32 14.02 18.88
N TRP D 96 31.70 15.21 18.43
CA TRP D 96 32.48 16.16 19.23
C TRP D 96 31.73 17.48 19.30
N LEU D 97 31.62 18.03 20.49
CA LEU D 97 30.82 19.25 20.71
C LEU D 97 31.62 20.25 21.54
N LEU D 98 32.00 21.36 20.90
CA LEU D 98 32.81 22.39 21.53
C LEU D 98 31.93 23.61 21.86
N THR D 99 31.79 23.90 23.15
CA THR D 99 30.94 25.00 23.60
C THR D 99 31.70 25.98 24.48
N THR D 100 31.18 27.20 24.59
CA THR D 100 31.78 28.17 25.50
C THR D 100 31.34 27.83 26.93
N ALA D 101 32.24 27.99 27.90
CA ALA D 101 31.86 27.78 29.30
C ALA D 101 30.99 28.93 29.79
N ILE D 102 30.02 28.61 30.63
CA ILE D 102 29.32 29.65 31.39
C ILE D 102 30.17 29.86 32.65
N PRO D 103 30.67 31.08 32.85
CA PRO D 103 31.50 31.37 34.03
C PRO D 103 30.70 31.28 35.33
N GLY D 104 31.37 30.90 36.41
CA GLY D 104 30.71 30.84 37.71
C GLY D 104 30.80 29.49 38.39
N LYS D 105 29.87 29.24 39.30
CA LYS D 105 29.82 28.00 40.05
C LYS D 105 28.41 27.42 39.92
N THR D 106 28.26 26.11 40.16
CA THR D 106 26.94 25.50 40.11
C THR D 106 26.09 25.97 41.28
N ALA D 107 24.76 25.88 41.12
CA ALA D 107 23.83 26.17 42.18
C ALA D 107 24.19 25.35 43.43
N PHE D 108 24.55 24.09 43.26
CA PHE D 108 24.96 23.27 44.41
C PHE D 108 26.13 23.91 45.14
N GLN D 109 27.15 24.29 44.39
CA GLN D 109 28.35 24.82 45.01
C GLN D 109 28.09 26.12 45.77
N VAL D 110 27.25 26.98 45.21
CA VAL D 110 26.96 28.24 45.90
C VAL D 110 26.05 28.03 47.12
N LEU D 111 25.15 27.06 47.03
CA LEU D 111 24.37 26.67 48.21
C LEU D 111 25.27 26.14 49.32
N GLU D 112 26.27 25.33 48.95
CA GLU D 112 27.24 24.80 49.92
C GLU D 112 28.09 25.90 50.54
N GLU D 113 28.54 26.83 49.70
CA GLU D 113 29.41 27.92 50.14
C GLU D 113 28.69 28.99 50.95
N TYR D 114 27.44 29.27 50.59
CA TYR D 114 26.73 30.39 51.19
C TYR D 114 25.32 29.98 51.61
N PRO D 115 25.21 29.22 52.71
CA PRO D 115 23.90 28.81 53.25
C PRO D 115 22.96 30.00 53.48
N ASP D 116 23.51 31.12 53.91
CA ASP D 116 22.69 32.31 54.16
C ASP D 116 21.97 32.80 52.89
N SER D 117 22.46 32.38 51.73
CA SER D 117 21.83 32.80 50.47
C SER D 117 20.87 31.75 49.92
N GLY D 118 20.60 30.69 50.69
CA GLY D 118 19.76 29.62 50.21
C GLY D 118 18.41 30.06 49.69
N GLU D 119 17.77 30.95 50.45
CA GLU D 119 16.45 31.43 50.08
C GLU D 119 16.49 32.23 48.77
N ASN D 120 17.47 33.11 48.64
CA ASN D 120 17.66 33.83 47.37
C ASN D 120 17.97 32.90 46.21
N ILE D 121 18.76 31.87 46.46
CA ILE D 121 19.12 30.93 45.39
C ILE D 121 17.91 30.15 44.87
N VAL D 122 17.10 29.64 45.78
CA VAL D 122 15.94 28.86 45.41
C VAL D 122 14.93 29.72 44.68
N ASP D 123 14.77 30.95 45.16
CA ASP D 123 13.90 31.91 44.46
C ASP D 123 14.36 32.12 43.02
N ALA D 124 15.67 32.27 42.84
CA ALA D 124 16.21 32.49 41.50
C ALA D 124 15.98 31.27 40.62
N LEU D 125 16.17 30.09 41.20
CA LEU D 125 15.97 28.83 40.47
C LEU D 125 14.52 28.70 40.00
N ALA D 126 13.59 29.07 40.87
CA ALA D 126 12.17 28.95 40.55
C ALA D 126 11.75 29.92 39.45
N VAL D 127 12.25 31.16 39.53
CA VAL D 127 11.97 32.18 38.52
C VAL D 127 12.53 31.76 37.15
N PHE D 128 13.73 31.19 37.18
CA PHE D 128 14.40 30.76 35.95
C PHE D 128 13.61 29.61 35.34
N LEU D 129 13.17 28.66 36.18
CA LEU D 129 12.39 27.52 35.67
C LEU D 129 11.07 27.98 35.07
N ARG D 130 10.41 28.92 35.74
CA ARG D 130 9.21 29.56 35.19
C ARG D 130 9.47 30.19 33.83
N ARG D 131 10.64 30.84 33.69
CA ARG D 131 11.01 31.43 32.41
C ARG D 131 11.07 30.36 31.32
N LEU D 132 11.74 29.25 31.64
CA LEU D 132 11.86 28.15 30.70
C LEU D 132 10.49 27.60 30.35
N HIS D 133 9.69 27.32 31.37
CA HIS D 133 8.38 26.75 31.16
C HIS D 133 7.40 27.65 30.41
N SER D 134 7.71 28.94 30.37
CA SER D 134 6.83 29.91 29.74
C SER D 134 7.06 30.02 28.22
N ILE D 135 8.09 29.36 27.69
CA ILE D 135 8.29 29.36 26.24
C ILE D 135 7.09 28.66 25.61
N PRO D 136 6.34 29.36 24.74
CA PRO D 136 5.16 28.70 24.15
C PRO D 136 5.56 27.38 23.47
N VAL D 137 4.83 26.29 23.73
CA VAL D 137 5.22 24.98 23.20
C VAL D 137 5.21 24.91 21.66
N CYS D 138 4.56 25.88 21.02
CA CYS D 138 4.53 25.86 19.58
C CYS D 138 5.92 26.14 18.99
N ASN D 139 6.84 26.59 19.84
CA ASN D 139 8.19 26.91 19.38
C ASN D 139 9.12 25.68 19.37
N CYS D 140 8.72 24.63 20.09
CA CYS D 140 9.63 23.53 20.40
C CYS D 140 9.47 22.30 19.51
N PRO D 141 10.55 21.92 18.79
CA PRO D 141 10.43 20.76 17.88
C PRO D 141 10.78 19.43 18.55
N PHE D 142 10.96 19.42 19.87
CA PHE D 142 11.42 18.22 20.57
C PHE D 142 10.34 17.65 21.48
N ASN D 143 10.25 16.33 21.46
CA ASN D 143 9.35 15.59 22.32
C ASN D 143 10.13 14.87 23.40
N SER D 144 9.86 15.20 24.66
CA SER D 144 10.49 14.49 25.77
C SER D 144 9.44 13.94 26.71
N ASP D 145 8.27 13.59 26.19
CA ASP D 145 7.15 13.28 27.08
C ASP D 145 7.33 11.94 27.81
N ARG D 146 6.39 11.61 28.71
CA ARG D 146 6.58 10.44 29.57
C ARG D 146 6.57 9.12 28.82
N VAL D 147 5.76 9.05 27.77
CA VAL D 147 5.72 7.85 26.91
C VAL D 147 7.09 7.61 26.27
N PHE D 148 7.71 8.69 25.82
CA PHE D 148 9.04 8.63 25.23
C PHE D 148 10.10 8.19 26.26
N ARG D 149 10.09 8.84 27.41
CA ARG D 149 11.08 8.54 28.45
C ARG D 149 10.89 7.14 29.01
N LEU D 150 9.64 6.72 29.17
CA LEU D 150 9.37 5.37 29.70
C LEU D 150 9.94 4.30 28.78
N ALA D 151 9.82 4.50 27.47
CA ALA D 151 10.45 3.55 26.54
C ALA D 151 11.98 3.54 26.67
N GLN D 152 12.60 4.72 26.82
CA GLN D 152 14.05 4.78 27.05
C GLN D 152 14.41 4.06 28.34
N ALA D 153 13.64 4.32 29.40
CA ALA D 153 13.91 3.71 30.69
C ALA D 153 13.83 2.19 30.59
N GLN D 154 12.81 1.68 29.91
CA GLN D 154 12.61 0.25 29.83
C GLN D 154 13.75 -0.41 29.07
N SER D 155 14.21 0.27 28.03
CA SER D 155 15.33 -0.20 27.23
C SER D 155 16.60 -0.26 28.07
N ARG D 156 16.84 0.80 28.83
CA ARG D 156 18.02 0.87 29.69
C ARG D 156 17.97 -0.16 30.80
N MSE D 157 16.76 -0.57 31.21
CA MSE D 157 16.60 -1.63 32.19
C MSE D 157 16.91 -2.97 31.57
O MSE D 157 17.53 -3.83 32.18
CB MSE D 157 15.16 -1.65 32.74
CG MSE D 157 14.89 -2.81 33.69
SE MSE D 157 13.07 -2.78 34.42
CE MSE D 157 12.06 -2.91 32.75
N ASN D 158 16.47 -3.15 30.33
CA ASN D 158 16.61 -4.44 29.66
C ASN D 158 18.02 -4.68 29.15
N ASN D 159 18.80 -3.60 29.04
CA ASN D 159 20.22 -3.70 28.70
C ASN D 159 21.16 -3.61 29.91
N GLY D 160 20.58 -3.72 31.11
CA GLY D 160 21.35 -3.71 32.34
C GLY D 160 22.15 -2.45 32.58
N LEU D 161 21.61 -1.31 32.17
CA LEU D 161 22.37 -0.07 32.18
C LEU D 161 21.97 0.87 33.32
N VAL D 162 21.00 0.45 34.13
CA VAL D 162 20.49 1.29 35.22
C VAL D 162 21.39 1.18 36.43
N ASP D 163 21.83 2.33 36.95
CA ASP D 163 22.69 2.36 38.14
C ASP D 163 21.87 2.18 39.42
N ALA D 164 21.63 0.93 39.79
CA ALA D 164 20.82 0.61 40.96
C ALA D 164 21.45 1.10 42.27
N SER D 165 22.73 1.43 42.24
CA SER D 165 23.44 1.91 43.42
C SER D 165 23.14 3.38 43.69
N ASP D 166 22.53 4.04 42.71
CA ASP D 166 22.34 5.48 42.77
C ASP D 166 20.87 5.85 43.00
N PHE D 167 20.06 4.88 43.38
CA PHE D 167 18.65 5.16 43.68
C PHE D 167 18.54 6.08 44.90
N ASP D 168 17.44 6.81 44.99
CA ASP D 168 17.21 7.68 46.13
C ASP D 168 17.07 6.83 47.39
N ASP D 169 17.20 7.46 48.55
CA ASP D 169 17.15 6.74 49.83
C ASP D 169 15.89 5.89 49.99
N GLU D 170 14.75 6.42 49.53
CA GLU D 170 13.48 5.73 49.72
C GLU D 170 13.39 4.44 48.91
N ARG D 171 14.33 4.27 47.98
CA ARG D 171 14.37 3.07 47.14
C ARG D 171 15.71 2.37 47.24
N ASN D 172 16.47 2.68 48.28
CA ASN D 172 17.80 2.08 48.44
C ASN D 172 17.75 0.56 48.52
N GLY D 173 18.54 -0.10 47.68
CA GLY D 173 18.58 -1.55 47.65
C GLY D 173 17.53 -2.23 46.80
N TRP D 174 16.53 -1.48 46.34
CA TRP D 174 15.49 -2.04 45.48
C TRP D 174 16.09 -2.64 44.21
N PRO D 175 15.54 -3.77 43.75
CA PRO D 175 15.87 -4.26 42.41
C PRO D 175 15.25 -3.33 41.36
N VAL D 176 15.86 -3.22 40.19
CA VAL D 176 15.38 -2.32 39.14
C VAL D 176 13.93 -2.67 38.79
N GLU D 177 13.62 -3.96 38.72
CA GLU D 177 12.28 -4.41 38.36
C GLU D 177 11.22 -3.93 39.35
N GLN D 178 11.59 -3.80 40.63
CA GLN D 178 10.64 -3.33 41.63
C GLN D 178 10.28 -1.86 41.41
N VAL D 179 11.27 -1.05 41.06
CA VAL D 179 11.02 0.36 40.76
C VAL D 179 10.13 0.47 39.52
N TRP D 180 10.46 -0.32 38.50
CA TRP D 180 9.67 -0.39 37.27
C TRP D 180 8.21 -0.73 37.59
N LYS D 181 8.00 -1.82 38.31
CA LYS D 181 6.64 -2.26 38.64
C LYS D 181 5.90 -1.23 39.48
N GLU D 182 6.53 -0.75 40.55
CA GLU D 182 5.85 0.16 41.45
C GLU D 182 5.56 1.51 40.82
N MSE D 183 6.39 1.91 39.86
CA MSE D 183 6.22 3.18 39.17
C MSE D 183 4.93 3.16 38.34
O MSE D 183 4.22 4.16 38.25
CB MSE D 183 7.42 3.51 38.29
CG MSE D 183 7.32 4.82 37.51
SE MSE D 183 8.94 5.19 36.47
CE MSE D 183 9.00 3.56 35.41
N HIS D 184 4.62 2.00 37.76
CA HIS D 184 3.42 1.86 36.94
C HIS D 184 2.10 1.82 37.73
N LYS D 185 2.19 1.82 39.06
CA LYS D 185 1.01 1.95 39.91
C LYS D 185 0.51 3.40 39.97
N LEU D 186 1.38 4.33 39.63
CA LEU D 186 1.09 5.76 39.77
C LEU D 186 0.45 6.36 38.51
N LEU D 187 0.42 5.58 37.44
CA LEU D 187 -0.24 5.99 36.20
C LEU D 187 -1.71 5.58 36.29
N PRO D 188 -2.61 6.36 35.67
CA PRO D 188 -2.28 7.58 34.92
C PRO D 188 -2.46 8.86 35.73
N PHE D 189 -1.85 9.94 35.26
CA PHE D 189 -2.15 11.27 35.78
C PHE D 189 -2.42 12.23 34.63
N SER D 190 -2.97 13.39 34.95
CA SER D 190 -3.42 14.36 33.96
C SER D 190 -2.32 14.85 32.98
N PRO D 191 -2.66 14.98 31.70
CA PRO D 191 -1.73 15.52 30.72
C PRO D 191 -1.25 16.95 31.04
N ASP D 192 0.03 17.21 30.85
CA ASP D 192 0.58 18.56 31.02
C ASP D 192 1.80 18.71 30.11
N SER D 193 1.95 19.87 29.47
CA SER D 193 2.97 20.01 28.44
C SER D 193 3.61 21.39 28.47
N VAL D 194 4.89 21.43 28.80
CA VAL D 194 5.64 22.68 28.77
C VAL D 194 7.01 22.35 28.21
N VAL D 195 7.74 23.36 27.77
CA VAL D 195 9.13 23.17 27.39
C VAL D 195 9.94 22.88 28.65
N THR D 196 10.53 21.69 28.73
CA THR D 196 11.28 21.28 29.91
C THR D 196 12.78 21.12 29.65
N HIS D 197 13.57 21.17 30.72
CA HIS D 197 15.03 21.02 30.61
C HIS D 197 15.42 19.55 30.57
N GLY D 198 14.82 18.76 31.45
CA GLY D 198 15.05 17.31 31.44
C GLY D 198 16.03 16.79 32.49
N ASP D 199 16.91 17.66 32.96
CA ASP D 199 17.76 17.31 34.09
C ASP D 199 18.03 18.57 34.89
N PHE D 200 16.96 19.13 35.44
CA PHE D 200 17.04 20.42 36.09
C PHE D 200 17.57 20.26 37.51
N SER D 201 18.83 19.89 37.63
CA SER D 201 19.43 19.61 38.93
C SER D 201 20.29 20.77 39.42
N LEU D 202 20.75 20.68 40.66
CA LEU D 202 21.60 21.73 41.21
C LEU D 202 22.95 21.84 40.49
N ASP D 203 23.33 20.81 39.74
CA ASP D 203 24.62 20.83 39.04
C ASP D 203 24.52 21.49 37.66
N ASN D 204 23.30 21.75 37.21
CA ASN D 204 23.09 22.19 35.83
C ASN D 204 22.64 23.63 35.70
N LEU D 205 22.59 24.33 36.82
CA LEU D 205 22.35 25.77 36.81
C LEU D 205 23.56 26.53 37.32
N ILE D 206 23.95 27.60 36.60
CA ILE D 206 25.20 28.27 36.89
C ILE D 206 25.01 29.69 37.44
N PHE D 207 25.64 29.97 38.58
CA PHE D 207 25.60 31.29 39.21
C PHE D 207 26.92 32.02 39.07
N ASP D 208 26.85 33.31 38.73
CA ASP D 208 28.05 34.13 38.67
C ASP D 208 27.80 35.49 39.29
N GLU D 209 28.73 35.93 40.14
CA GLU D 209 28.65 37.22 40.80
C GLU D 209 27.29 37.49 41.45
N GLY D 210 26.68 36.44 41.99
CA GLY D 210 25.46 36.56 42.76
C GLY D 210 24.18 36.25 42.00
N LYS D 211 24.26 36.08 40.69
CA LYS D 211 23.06 35.89 39.88
C LYS D 211 23.07 34.58 39.11
N LEU D 212 21.87 34.08 38.81
CA LEU D 212 21.73 32.89 37.97
C LEU D 212 21.81 33.28 36.50
N ILE D 213 22.89 32.87 35.84
CA ILE D 213 23.16 33.36 34.48
C ILE D 213 23.04 32.35 33.33
N GLY D 214 22.74 31.08 33.63
CA GLY D 214 22.53 30.11 32.57
C GLY D 214 22.34 28.68 33.00
N CYS D 215 21.92 27.83 32.06
CA CYS D 215 21.81 26.41 32.36
C CYS D 215 22.64 25.64 31.33
N ILE D 216 23.00 24.41 31.67
CA ILE D 216 23.86 23.58 30.84
C ILE D 216 23.23 22.19 30.77
N ASP D 217 23.86 21.33 29.96
CA ASP D 217 23.44 19.94 29.83
C ASP D 217 21.99 19.77 29.44
N VAL D 218 21.69 20.23 28.23
CA VAL D 218 20.32 20.36 27.75
C VAL D 218 19.94 19.22 26.80
N GLY D 219 20.68 18.12 26.87
CA GLY D 219 20.43 16.96 26.01
C GLY D 219 19.04 16.34 26.07
N ARG D 220 18.30 16.56 27.16
CA ARG D 220 16.98 15.96 27.28
CA ARG D 220 16.99 15.97 27.34
C ARG D 220 15.87 17.01 27.17
N VAL D 221 16.22 18.19 26.67
CA VAL D 221 15.22 19.25 26.46
C VAL D 221 14.09 18.81 25.51
N GLY D 222 12.85 19.11 25.88
CA GLY D 222 11.70 18.83 25.03
C GLY D 222 10.41 19.06 25.79
N ILE D 223 9.30 18.88 25.09
CA ILE D 223 7.99 19.04 25.70
C ILE D 223 7.72 17.86 26.62
N ALA D 224 7.42 18.18 27.88
CA ALA D 224 7.07 17.17 28.86
C ALA D 224 6.25 17.83 29.98
N ASP D 225 5.97 17.06 31.02
CA ASP D 225 5.20 17.57 32.14
C ASP D 225 6.12 18.47 32.95
N ARG D 226 5.61 19.58 33.50
CA ARG D 226 6.48 20.49 34.23
C ARG D 226 7.16 19.80 35.42
N TYR D 227 6.54 18.75 35.94
CA TYR D 227 7.11 18.05 37.09
C TYR D 227 8.38 17.27 36.75
N GLN D 228 8.69 17.12 35.46
CA GLN D 228 9.97 16.52 35.08
C GLN D 228 11.11 17.35 35.65
N ASP D 229 10.93 18.67 35.63
CA ASP D 229 11.94 19.59 36.14
C ASP D 229 11.73 19.85 37.61
N LEU D 230 10.48 20.04 38.03
CA LEU D 230 10.23 20.35 39.45
C LEU D 230 10.67 19.20 40.36
N ALA D 231 10.42 17.97 39.93
CA ALA D 231 10.76 16.82 40.77
C ALA D 231 12.25 16.68 40.98
N ILE D 232 13.02 16.80 39.90
CA ILE D 232 14.45 16.60 40.01
C ILE D 232 15.08 17.65 40.93
N LEU D 233 14.64 18.90 40.81
CA LEU D 233 15.20 19.98 41.62
C LEU D 233 14.75 19.85 43.06
N TRP D 234 13.47 19.55 43.25
CA TRP D 234 12.91 19.34 44.59
C TRP D 234 13.70 18.26 45.34
N ASN D 235 14.00 17.17 44.65
CA ASN D 235 14.81 16.10 45.23
C ASN D 235 16.20 16.60 45.65
N CYS D 236 16.85 17.35 44.77
CA CYS D 236 18.16 17.93 45.10
C CYS D 236 18.09 18.81 46.35
N LEU D 237 17.06 19.64 46.43
CA LEU D 237 16.86 20.52 47.57
C LEU D 237 16.65 19.74 48.87
N GLY D 238 16.26 18.48 48.76
CA GLY D 238 16.10 17.64 49.94
C GLY D 238 17.41 17.40 50.69
N GLU D 239 18.53 17.65 50.03
CA GLU D 239 19.84 17.51 50.66
C GLU D 239 20.07 18.69 51.57
N PHE D 240 19.22 19.71 51.47
CA PHE D 240 19.40 20.91 52.26
C PHE D 240 18.37 21.07 53.38
N SER D 241 17.09 21.25 53.05
CA SER D 241 16.05 21.37 54.06
C SER D 241 14.66 21.28 53.45
N PRO D 242 13.67 20.82 54.24
CA PRO D 242 12.28 20.78 53.78
C PRO D 242 11.73 22.16 53.46
N SER D 243 12.14 23.20 54.19
CA SER D 243 11.64 24.54 53.88
C SER D 243 12.11 25.05 52.52
N LEU D 244 13.34 24.71 52.14
CA LEU D 244 13.81 25.10 50.81
C LEU D 244 13.08 24.32 49.71
N GLN D 245 12.80 23.04 49.96
CA GLN D 245 12.00 22.25 49.04
C GLN D 245 10.63 22.88 48.86
N LYS D 246 10.03 23.29 49.98
CA LYS D 246 8.71 23.88 49.98
C LYS D 246 8.74 25.20 49.22
N ARG D 247 9.80 25.97 49.46
CA ARG D 247 9.90 27.29 48.87
C ARG D 247 10.00 27.23 47.35
N LEU D 248 10.58 26.15 46.82
CA LEU D 248 10.64 25.99 45.37
C LEU D 248 9.23 26.03 44.78
N PHE D 249 8.32 25.23 45.33
CA PHE D 249 6.93 25.22 44.84
C PHE D 249 6.18 26.54 45.07
N GLN D 250 6.39 27.14 46.24
CA GLN D 250 5.73 28.39 46.58
C GLN D 250 6.15 29.52 45.64
N LYS D 251 7.44 29.61 45.35
CA LYS D 251 7.89 30.68 44.46
C LYS D 251 7.45 30.41 43.03
N TYR D 252 7.46 29.14 42.64
CA TYR D 252 7.02 28.74 41.29
C TYR D 252 5.54 29.02 41.12
N GLY D 253 4.79 28.93 42.21
CA GLY D 253 3.39 29.32 42.22
C GLY D 253 2.41 28.17 42.37
N ILE D 254 2.90 27.00 42.79
CA ILE D 254 2.04 25.83 42.99
C ILE D 254 1.65 25.66 44.45
N ASP D 255 0.35 25.58 44.70
CA ASP D 255 -0.20 25.58 46.05
C ASP D 255 -0.10 24.22 46.74
N ASN D 256 -0.41 23.16 46.00
CA ASN D 256 -0.39 21.82 46.55
C ASN D 256 0.40 20.92 45.63
N PRO D 257 1.69 20.75 45.93
CA PRO D 257 2.57 19.96 45.05
C PRO D 257 1.96 18.58 44.83
N ASP D 258 1.88 18.19 43.57
CA ASP D 258 1.27 16.92 43.21
C ASP D 258 2.25 15.82 43.54
N MSE D 259 2.03 15.16 44.68
CA MSE D 259 2.96 14.17 45.17
C MSE D 259 3.03 12.91 44.30
O MSE D 259 4.09 12.29 44.17
CB MSE D 259 2.67 13.85 46.65
CG MSE D 259 2.80 15.06 47.58
SE MSE D 259 4.55 15.93 47.46
CE MSE D 259 5.64 14.38 47.93
N ASN D 260 1.91 12.53 43.69
CA ASN D 260 1.91 11.43 42.73
C ASN D 260 2.85 11.71 41.54
N LYS D 261 2.67 12.86 40.92
CA LYS D 261 3.52 13.25 39.79
C LYS D 261 4.98 13.41 40.21
N LEU D 262 5.19 13.96 41.40
CA LEU D 262 6.55 14.18 41.91
C LEU D 262 7.25 12.82 42.01
N GLN D 263 6.62 11.88 42.70
CA GLN D 263 7.16 10.53 42.86
CA GLN D 263 7.22 10.56 42.86
C GLN D 263 7.38 9.84 41.52
N PHE D 264 6.41 9.96 40.63
CA PHE D 264 6.56 9.34 39.30
C PHE D 264 7.85 9.78 38.62
N HIS D 265 8.11 11.09 38.62
CA HIS D 265 9.24 11.64 37.87
C HIS D 265 10.58 11.36 38.56
N LEU D 266 10.57 11.27 39.88
CA LEU D 266 11.75 10.82 40.60
C LEU D 266 12.04 9.36 40.28
N MSE D 267 11.02 8.52 40.27
CA MSE D 267 11.24 7.11 39.97
C MSE D 267 11.73 6.92 38.53
O MSE D 267 12.61 6.10 38.26
CB MSE D 267 9.99 6.28 40.23
CG MSE D 267 9.66 6.15 41.71
SE MSE D 267 8.01 5.17 42.08
CE MSE D 267 8.73 3.36 42.14
N LEU D 268 11.14 7.70 37.60
CA LEU D 268 11.59 7.68 36.20
C LEU D 268 13.06 8.05 36.06
N ASP D 269 13.51 9.04 36.83
CA ASP D 269 14.93 9.46 36.76
C ASP D 269 15.88 8.41 37.32
N GLU D 270 15.35 7.47 38.09
CA GLU D 270 16.18 6.37 38.61
C GLU D 270 16.79 5.55 37.48
N PHE D 271 16.19 5.60 36.29
CA PHE D 271 16.60 4.75 35.19
C PHE D 271 17.67 5.39 34.27
N PHE D 272 18.02 6.65 34.54
CA PHE D 272 18.89 7.39 33.62
C PHE D 272 20.22 7.81 34.22
N ARG E 7 -30.71 62.81 8.12
CA ARG E 7 -31.70 62.27 7.18
C ARG E 7 -31.04 61.63 5.96
N GLU E 8 -30.45 62.48 5.12
CA GLU E 8 -29.83 62.03 3.87
C GLU E 8 -28.42 62.62 3.70
N THR E 9 -27.41 61.75 3.72
CA THR E 9 -26.02 62.15 3.52
C THR E 9 -25.49 61.70 2.16
N SER E 10 -24.20 61.91 1.93
CA SER E 10 -23.64 61.84 0.58
C SER E 10 -23.17 60.47 0.07
N CYS E 11 -22.39 60.50 -1.00
CA CYS E 11 -22.17 59.34 -1.87
C CYS E 11 -20.93 58.48 -1.55
N SER E 12 -20.98 57.25 -2.05
CA SER E 12 -19.89 56.26 -2.02
C SER E 12 -20.52 54.93 -2.39
N ARG E 13 -20.62 54.64 -3.68
CA ARG E 13 -21.29 53.40 -4.10
C ARG E 13 -20.49 52.15 -3.73
N PRO E 14 -21.06 51.28 -2.90
CA PRO E 14 -20.40 50.00 -2.64
C PRO E 14 -20.74 49.01 -3.74
N ARG E 15 -19.79 48.16 -4.11
CA ARG E 15 -20.03 47.19 -5.17
C ARG E 15 -21.01 46.10 -4.78
N LEU E 16 -21.12 45.07 -5.61
CA LEU E 16 -22.01 43.95 -5.35
C LEU E 16 -21.26 42.76 -4.77
N ASN E 17 -19.96 42.69 -5.07
CA ASN E 17 -19.10 41.56 -4.70
C ASN E 17 -19.69 40.23 -5.16
N SER E 18 -20.59 40.30 -6.13
CA SER E 18 -21.38 39.17 -6.55
C SER E 18 -22.13 39.47 -7.85
N ASN E 19 -21.49 39.13 -8.96
CA ASN E 19 -22.13 39.10 -10.26
C ASN E 19 -21.98 37.69 -10.84
N LEU E 20 -23.04 37.18 -11.45
CA LEU E 20 -23.18 35.75 -11.77
C LEU E 20 -21.98 35.18 -12.52
N ASP E 21 -21.32 36.07 -13.27
CA ASP E 21 -20.14 35.77 -14.05
C ASP E 21 -19.07 34.94 -13.32
N ALA E 22 -18.71 35.35 -12.10
CA ALA E 22 -17.61 34.73 -11.37
C ALA E 22 -17.95 33.35 -10.78
N ASP E 23 -19.24 33.10 -10.58
CA ASP E 23 -19.67 31.82 -10.04
C ASP E 23 -19.61 30.70 -11.07
N LEU E 24 -19.41 31.07 -12.33
CA LEU E 24 -19.53 30.11 -13.43
C LEU E 24 -18.18 29.69 -14.01
N TYR E 25 -17.11 30.30 -13.53
CA TYR E 25 -15.75 29.99 -13.99
C TYR E 25 -15.43 28.51 -13.78
N GLY E 26 -14.85 27.88 -14.79
CA GLY E 26 -14.36 26.51 -14.67
C GLY E 26 -15.35 25.38 -14.91
N TYR E 27 -16.63 25.71 -15.04
CA TYR E 27 -17.64 24.68 -15.25
C TYR E 27 -17.85 24.34 -16.72
N ARG E 28 -18.19 23.08 -16.98
CA ARG E 28 -18.71 22.67 -18.28
C ARG E 28 -20.22 22.84 -18.26
N TRP E 29 -20.80 23.12 -19.42
CA TRP E 29 -22.23 23.40 -19.53
C TRP E 29 -23.00 22.28 -20.23
N ALA E 30 -24.20 22.00 -19.75
CA ALA E 30 -25.12 21.12 -20.45
C ALA E 30 -26.53 21.64 -20.30
N ARG E 31 -27.36 21.44 -21.32
CA ARG E 31 -28.76 21.87 -21.29
C ARG E 31 -29.70 20.67 -21.16
N ASP E 32 -30.61 20.75 -20.19
CA ASP E 32 -31.56 19.67 -19.93
C ASP E 32 -32.93 20.06 -20.47
N ASN E 33 -33.91 19.15 -20.46
CA ASN E 33 -35.23 19.51 -20.96
C ASN E 33 -35.94 20.47 -20.01
N VAL E 34 -36.77 21.34 -20.57
CA VAL E 34 -37.42 22.44 -19.83
C VAL E 34 -37.93 22.08 -18.43
N GLY E 35 -37.97 23.09 -17.56
CA GLY E 35 -38.38 22.91 -16.18
C GLY E 35 -39.89 22.86 -15.94
N GLN E 36 -40.24 22.76 -14.66
CA GLN E 36 -41.61 22.62 -14.19
C GLN E 36 -42.58 23.67 -14.75
N SER E 37 -42.11 24.91 -14.87
CA SER E 37 -42.95 25.95 -15.44
C SER E 37 -42.36 26.49 -16.74
N GLY E 38 -41.43 25.74 -17.31
CA GLY E 38 -40.92 26.02 -18.64
C GLY E 38 -39.55 26.67 -18.64
N ALA E 39 -38.94 26.84 -17.47
CA ALA E 39 -37.64 27.51 -17.44
C ALA E 39 -36.58 26.69 -18.16
N THR E 40 -35.63 27.34 -18.81
CA THR E 40 -34.47 26.63 -19.35
C THR E 40 -33.58 26.18 -18.21
N ILE E 41 -33.12 24.93 -18.27
CA ILE E 41 -32.29 24.38 -17.20
C ILE E 41 -30.90 24.01 -17.69
N TYR E 42 -29.88 24.62 -17.09
CA TYR E 42 -28.48 24.26 -17.37
C TYR E 42 -27.89 23.48 -16.21
N ARG E 43 -27.16 22.42 -16.54
CA ARG E 43 -26.40 21.68 -15.52
C ARG E 43 -24.93 22.05 -15.63
N LEU E 44 -24.34 22.47 -14.51
CA LEU E 44 -22.93 22.88 -14.48
C LEU E 44 -22.11 21.81 -13.78
N TYR E 45 -21.11 21.28 -14.46
CA TYR E 45 -20.39 20.12 -13.97
C TYR E 45 -18.95 20.13 -14.44
N GLY E 46 -18.17 19.16 -13.97
CA GLY E 46 -16.83 18.95 -14.48
C GLY E 46 -15.85 20.04 -14.12
N LYS E 47 -16.18 20.81 -13.09
CA LYS E 47 -15.23 21.75 -12.52
C LYS E 47 -14.58 21.08 -11.34
N PRO E 48 -13.26 20.88 -11.40
CA PRO E 48 -12.52 20.17 -10.35
C PRO E 48 -12.69 20.84 -8.99
N ASN E 49 -12.91 20.04 -7.95
CA ASN E 49 -12.98 20.53 -6.57
C ASN E 49 -14.14 21.49 -6.30
N ALA E 50 -15.18 21.41 -7.13
CA ALA E 50 -16.39 22.18 -6.91
C ALA E 50 -17.60 21.26 -7.10
N PRO E 51 -18.72 21.58 -6.43
CA PRO E 51 -19.89 20.72 -6.62
C PRO E 51 -20.63 21.04 -7.90
N GLU E 52 -21.42 20.07 -8.38
CA GLU E 52 -22.30 20.28 -9.51
C GLU E 52 -23.34 21.34 -9.17
N LEU E 53 -23.66 22.19 -10.13
CA LEU E 53 -24.68 23.22 -9.93
C LEU E 53 -25.78 23.07 -10.96
N PHE E 54 -26.94 23.65 -10.68
CA PHE E 54 -27.96 23.85 -11.70
C PHE E 54 -28.25 25.34 -11.88
N LEU E 55 -28.46 25.76 -13.12
CA LEU E 55 -28.90 27.13 -13.39
C LEU E 55 -30.23 27.13 -14.14
N LYS E 56 -31.23 27.79 -13.55
CA LYS E 56 -32.53 27.97 -14.19
C LYS E 56 -32.64 29.38 -14.73
N HIS E 57 -33.13 29.51 -15.97
CA HIS E 57 -33.41 30.82 -16.56
C HIS E 57 -34.87 30.90 -16.99
N GLY E 58 -35.64 31.79 -16.38
CA GLY E 58 -36.98 32.04 -16.85
C GLY E 58 -37.08 33.42 -17.47
N LYS E 59 -37.81 33.52 -18.58
CA LYS E 59 -38.10 34.81 -19.19
C LYS E 59 -39.62 35.08 -19.16
N GLY E 60 -39.99 36.35 -19.05
CA GLY E 60 -41.39 36.74 -19.08
C GLY E 60 -42.13 36.14 -17.91
N SER E 61 -43.30 35.54 -18.17
CA SER E 61 -44.10 34.94 -17.10
C SER E 61 -43.34 33.85 -16.36
N VAL E 62 -42.47 33.14 -17.07
CA VAL E 62 -41.70 32.06 -16.45
C VAL E 62 -40.71 32.62 -15.43
N ALA E 63 -40.29 33.87 -15.61
CA ALA E 63 -39.42 34.49 -14.60
C ALA E 63 -40.14 34.58 -13.26
N ASN E 64 -41.47 34.72 -13.31
CA ASN E 64 -42.23 34.77 -12.06
C ASN E 64 -42.22 33.42 -11.36
N ASP E 65 -42.22 32.34 -12.14
CA ASP E 65 -42.20 31.01 -11.54
C ASP E 65 -40.84 30.69 -10.92
N VAL E 66 -39.77 31.13 -11.57
CA VAL E 66 -38.43 30.90 -11.05
C VAL E 66 -38.24 31.69 -9.77
N THR E 67 -38.74 32.92 -9.76
CA THR E 67 -38.76 33.76 -8.56
C THR E 67 -39.54 33.08 -7.41
N ASP E 68 -40.71 32.53 -7.72
CA ASP E 68 -41.49 31.78 -6.74
C ASP E 68 -40.71 30.61 -6.14
N GLU E 69 -39.93 29.92 -6.98
CA GLU E 69 -39.14 28.80 -6.51
C GLU E 69 -38.03 29.29 -5.61
N MSE E 70 -37.44 30.40 -5.96
CA MSE E 70 -36.31 30.92 -5.17
C MSE E 70 -36.75 31.20 -3.73
O MSE E 70 -36.09 30.79 -2.77
CB MSE E 70 -35.74 32.19 -5.79
CG MSE E 70 -34.49 32.70 -5.08
SE MSE E 70 -34.91 33.87 -3.57
CE MSE E 70 -35.67 35.30 -4.58
N VAL E 71 -37.88 31.89 -3.56
CA VAL E 71 -38.27 32.25 -2.20
C VAL E 71 -38.71 31.04 -1.39
N ARG E 72 -39.24 30.03 -2.07
CA ARG E 72 -39.67 28.82 -1.39
C ARG E 72 -38.48 27.96 -1.01
N LEU E 73 -37.46 27.93 -1.87
CA LEU E 73 -36.19 27.29 -1.52
C LEU E 73 -35.60 27.97 -0.30
N ASN E 74 -35.61 29.29 -0.30
CA ASN E 74 -35.03 30.06 0.80
C ASN E 74 -35.73 29.76 2.11
N TRP E 75 -37.06 29.67 2.06
CA TRP E 75 -37.85 29.43 3.27
C TRP E 75 -37.72 28.00 3.76
N LEU E 76 -38.08 27.06 2.90
CA LEU E 76 -38.19 25.65 3.27
C LEU E 76 -36.87 25.01 3.68
N THR E 77 -35.74 25.57 3.24
CA THR E 77 -34.46 24.94 3.56
C THR E 77 -34.16 24.93 5.06
N ALA E 78 -34.81 25.82 5.81
CA ALA E 78 -34.65 25.83 7.27
C ALA E 78 -35.23 24.57 7.90
N PHE E 79 -36.12 23.87 7.18
CA PHE E 79 -36.83 22.71 7.73
C PHE E 79 -36.48 21.38 7.08
N MSE E 80 -36.11 21.41 5.82
CA MSE E 80 -35.98 20.18 5.01
C MSE E 80 -34.72 20.26 4.16
O MSE E 80 -34.19 21.35 3.93
CB MSE E 80 -37.22 20.03 4.10
CG MSE E 80 -38.52 19.76 4.83
SE MSE E 80 -38.56 18.09 5.84
CE MSE E 80 -39.09 16.94 4.37
N PRO E 81 -34.18 19.08 3.68
CA PRO E 81 -32.96 19.11 2.86
C PRO E 81 -33.26 19.47 1.38
N LEU E 82 -32.79 20.64 0.95
CA LEU E 82 -33.08 21.19 -0.37
C LEU E 82 -31.79 21.66 -1.01
N PRO E 83 -31.80 21.92 -2.33
CA PRO E 83 -30.64 22.59 -2.93
C PRO E 83 -30.39 23.94 -2.26
N THR E 84 -29.12 24.36 -2.18
CA THR E 84 -28.75 25.66 -1.63
C THR E 84 -28.73 26.73 -2.72
N ILE E 85 -29.33 27.88 -2.46
CA ILE E 85 -29.23 29.00 -3.40
C ILE E 85 -27.84 29.60 -3.34
N LYS E 86 -27.15 29.57 -4.46
N LYS E 86 -27.13 29.57 -4.45
CA LYS E 86 -25.83 30.19 -4.58
CA LYS E 86 -25.83 30.21 -4.54
C LYS E 86 -25.96 31.64 -5.08
C LYS E 86 -25.95 31.64 -5.09
N HIS E 87 -26.93 31.86 -5.97
CA HIS E 87 -27.10 33.17 -6.59
C HIS E 87 -28.46 33.25 -7.29
N PHE E 88 -29.08 34.42 -7.23
CA PHE E 88 -30.35 34.65 -7.93
C PHE E 88 -30.36 36.07 -8.45
N ILE E 89 -30.83 36.24 -9.68
CA ILE E 89 -30.94 37.56 -10.28
C ILE E 89 -32.34 37.74 -10.88
N ARG E 90 -32.94 38.89 -10.61
CA ARG E 90 -34.18 39.31 -11.25
C ARG E 90 -34.00 40.66 -11.97
N THR E 91 -34.26 40.67 -13.27
CA THR E 91 -34.35 41.90 -14.04
C THR E 91 -35.80 41.95 -14.53
N PRO E 92 -36.22 43.04 -15.20
CA PRO E 92 -37.68 43.14 -15.44
C PRO E 92 -38.31 41.97 -16.21
N ASP E 93 -37.58 41.37 -17.15
CA ASP E 93 -38.13 40.25 -17.94
C ASP E 93 -37.43 38.93 -17.71
N ASP E 94 -36.48 38.86 -16.77
CA ASP E 94 -35.69 37.65 -16.61
C ASP E 94 -35.42 37.29 -15.14
N ALA E 95 -35.22 36.00 -14.90
CA ALA E 95 -34.83 35.49 -13.60
C ALA E 95 -33.83 34.36 -13.77
N TRP E 96 -32.74 34.44 -13.03
CA TRP E 96 -31.69 33.41 -13.06
C TRP E 96 -31.53 32.87 -11.64
N LEU E 97 -31.57 31.56 -11.51
CA LEU E 97 -31.51 30.91 -10.21
C LEU E 97 -30.43 29.85 -10.23
N LEU E 98 -29.36 30.11 -9.49
CA LEU E 98 -28.24 29.19 -9.41
C LEU E 98 -28.27 28.46 -8.07
N THR E 99 -28.36 27.13 -8.12
CA THR E 99 -28.43 26.32 -6.93
C THR E 99 -27.42 25.19 -6.96
N THR E 100 -27.06 24.66 -5.79
CA THR E 100 -26.23 23.46 -5.72
C THR E 100 -27.03 22.18 -6.02
N ALA E 101 -26.42 21.26 -6.77
CA ALA E 101 -27.12 20.03 -7.11
C ALA E 101 -27.21 19.13 -5.88
N ILE E 102 -28.33 18.42 -5.72
CA ILE E 102 -28.35 17.34 -4.75
C ILE E 102 -27.81 16.12 -5.46
N PRO E 103 -26.66 15.59 -4.99
CA PRO E 103 -26.03 14.44 -5.65
C PRO E 103 -26.90 13.19 -5.57
N GLY E 104 -26.88 12.38 -6.63
CA GLY E 104 -27.63 11.15 -6.63
C GLY E 104 -28.59 11.06 -7.79
N LYS E 105 -29.63 10.25 -7.64
CA LYS E 105 -30.59 10.01 -8.71
C LYS E 105 -32.01 10.23 -8.22
N THR E 106 -32.93 10.51 -9.15
CA THR E 106 -34.32 10.68 -8.77
C THR E 106 -34.91 9.34 -8.36
N ALA E 107 -35.99 9.41 -7.59
CA ALA E 107 -36.73 8.22 -7.16
C ALA E 107 -37.14 7.40 -8.38
N PHE E 108 -37.53 8.11 -9.43
CA PHE E 108 -37.94 7.46 -10.68
C PHE E 108 -36.78 6.67 -11.24
N GLN E 109 -35.61 7.32 -11.30
CA GLN E 109 -34.45 6.61 -11.84
C GLN E 109 -34.09 5.38 -11.03
N VAL E 110 -34.10 5.52 -9.71
CA VAL E 110 -33.66 4.43 -8.84
C VAL E 110 -34.67 3.29 -8.87
N LEU E 111 -35.95 3.63 -8.98
CA LEU E 111 -36.96 2.59 -9.08
C LEU E 111 -36.83 1.78 -10.39
N GLU E 112 -36.46 2.43 -11.49
CA GLU E 112 -36.24 1.71 -12.75
C GLU E 112 -34.97 0.87 -12.69
N GLU E 113 -33.97 1.37 -11.97
CA GLU E 113 -32.69 0.68 -11.90
C GLU E 113 -32.71 -0.48 -10.91
N TYR E 114 -33.54 -0.35 -9.87
CA TYR E 114 -33.68 -1.39 -8.84
C TYR E 114 -35.14 -1.74 -8.65
N PRO E 115 -35.73 -2.46 -9.61
CA PRO E 115 -37.17 -2.74 -9.52
C PRO E 115 -37.54 -3.51 -8.25
N ASP E 116 -36.61 -4.28 -7.68
CA ASP E 116 -36.92 -5.03 -6.46
C ASP E 116 -36.95 -4.14 -5.23
N SER E 117 -36.49 -2.89 -5.38
CA SER E 117 -36.41 -1.99 -4.24
C SER E 117 -37.65 -1.12 -4.10
N GLY E 118 -38.64 -1.38 -4.96
CA GLY E 118 -39.85 -0.56 -5.02
C GLY E 118 -40.49 -0.33 -3.67
N GLU E 119 -40.62 -1.41 -2.90
CA GLU E 119 -41.28 -1.33 -1.60
C GLU E 119 -40.52 -0.42 -0.62
N ASN E 120 -39.21 -0.59 -0.53
CA ASN E 120 -38.38 0.28 0.31
C ASN E 120 -38.41 1.76 -0.15
N ILE E 121 -38.39 1.97 -1.46
CA ILE E 121 -38.47 3.33 -2.00
C ILE E 121 -39.78 4.03 -1.59
N VAL E 122 -40.91 3.35 -1.77
CA VAL E 122 -42.21 3.90 -1.39
C VAL E 122 -42.28 4.19 0.12
N ASP E 123 -41.81 3.25 0.94
CA ASP E 123 -41.73 3.49 2.39
C ASP E 123 -40.93 4.76 2.74
N ALA E 124 -39.75 4.91 2.13
CA ALA E 124 -38.94 6.13 2.35
C ALA E 124 -39.67 7.40 1.89
N LEU E 125 -40.37 7.31 0.76
CA LEU E 125 -41.08 8.48 0.23
C LEU E 125 -42.18 8.87 1.20
N ALA E 126 -42.89 7.87 1.71
CA ALA E 126 -44.01 8.11 2.64
C ALA E 126 -43.54 8.75 3.94
N VAL E 127 -42.43 8.25 4.47
CA VAL E 127 -41.83 8.79 5.69
C VAL E 127 -41.35 10.24 5.46
N PHE E 128 -40.75 10.48 4.31
CA PHE E 128 -40.26 11.82 3.98
C PHE E 128 -41.46 12.77 3.88
N LEU E 129 -42.52 12.29 3.26
CA LEU E 129 -43.71 13.12 3.09
C LEU E 129 -44.33 13.46 4.44
N ARG E 130 -44.36 12.50 5.35
CA ARG E 130 -44.86 12.74 6.71
C ARG E 130 -44.03 13.81 7.43
N ARG E 131 -42.72 13.80 7.22
CA ARG E 131 -41.85 14.82 7.77
C ARG E 131 -42.24 16.21 7.26
N LEU E 132 -42.39 16.34 5.96
CA LEU E 132 -42.74 17.62 5.35
C LEU E 132 -44.08 18.08 5.89
N HIS E 133 -45.05 17.16 5.92
CA HIS E 133 -46.39 17.52 6.37
C HIS E 133 -46.46 17.83 7.85
N SER E 134 -45.38 17.51 8.59
CA SER E 134 -45.41 17.75 10.03
C SER E 134 -44.95 19.15 10.42
N ILE E 135 -44.41 19.91 9.48
CA ILE E 135 -44.01 21.29 9.76
C ILE E 135 -45.23 22.12 10.15
N PRO E 136 -45.24 22.71 11.37
CA PRO E 136 -46.40 23.51 11.77
C PRO E 136 -46.71 24.62 10.76
N VAL E 137 -47.97 24.78 10.38
CA VAL E 137 -48.33 25.73 9.32
C VAL E 137 -48.04 27.17 9.76
N CYS E 138 -47.94 27.40 11.06
CA CYS E 138 -47.62 28.74 11.55
C CYS E 138 -46.25 29.21 11.05
N ASN E 139 -45.44 28.30 10.52
CA ASN E 139 -44.13 28.68 9.99
C ASN E 139 -44.16 29.14 8.54
N CYS E 140 -45.28 28.90 7.85
CA CYS E 140 -45.28 28.99 6.39
C CYS E 140 -45.99 30.23 5.86
N PRO E 141 -45.26 31.07 5.10
CA PRO E 141 -45.82 32.31 4.57
C PRO E 141 -46.48 32.13 3.21
N PHE E 142 -46.57 30.89 2.72
CA PHE E 142 -47.12 30.64 1.38
C PHE E 142 -48.47 29.94 1.39
N ASN E 143 -49.40 30.54 0.65
CA ASN E 143 -50.73 29.97 0.46
C ASN E 143 -50.79 29.23 -0.88
N SER E 144 -51.05 27.93 -0.82
CA SER E 144 -51.20 27.13 -2.04
CA SER E 144 -51.21 27.16 -2.05
C SER E 144 -52.49 26.34 -2.03
N ASP E 145 -53.52 26.88 -1.37
CA ASP E 145 -54.75 26.12 -1.11
C ASP E 145 -55.64 25.96 -2.34
N ARG E 146 -56.65 25.10 -2.26
CA ARG E 146 -57.40 24.75 -3.48
C ARG E 146 -58.09 25.96 -4.10
N VAL E 147 -58.51 26.92 -3.27
CA VAL E 147 -59.10 28.15 -3.82
C VAL E 147 -58.09 28.88 -4.70
N PHE E 148 -56.86 28.94 -4.22
CA PHE E 148 -55.78 29.62 -4.93
C PHE E 148 -55.40 28.85 -6.19
N ARG E 149 -55.22 27.54 -6.05
CA ARG E 149 -54.86 26.73 -7.21
C ARG E 149 -55.95 26.70 -8.27
N LEU E 150 -57.22 26.70 -7.85
CA LEU E 150 -58.32 26.68 -8.82
C LEU E 150 -58.36 27.96 -9.67
N ALA E 151 -58.06 29.09 -9.04
CA ALA E 151 -58.02 30.37 -9.75
C ALA E 151 -56.82 30.36 -10.71
N GLN E 152 -55.70 29.82 -10.26
CA GLN E 152 -54.53 29.66 -11.12
C GLN E 152 -54.90 28.78 -12.32
N ALA E 153 -55.54 27.65 -12.03
CA ALA E 153 -55.96 26.70 -13.07
C ALA E 153 -56.92 27.36 -14.07
N GLN E 154 -57.82 28.20 -13.59
CA GLN E 154 -58.76 28.89 -14.46
C GLN E 154 -58.03 29.82 -15.41
N SER E 155 -57.01 30.50 -14.91
CA SER E 155 -56.28 31.42 -15.75
C SER E 155 -55.46 30.67 -16.80
N ARG E 156 -54.82 29.58 -16.38
CA ARG E 156 -54.07 28.73 -17.32
C ARG E 156 -54.99 28.24 -18.44
N MSE E 157 -56.15 27.74 -18.08
CA MSE E 157 -57.10 27.31 -19.11
C MSE E 157 -57.50 28.47 -20.02
O MSE E 157 -57.46 28.35 -21.25
CB MSE E 157 -58.35 26.72 -18.46
CG MSE E 157 -59.43 26.36 -19.48
SE MSE E 157 -60.99 25.54 -18.61
CE MSE E 157 -61.48 27.04 -17.46
N ASN E 158 -57.90 29.56 -19.43
CA ASN E 158 -58.38 30.71 -20.20
C ASN E 158 -57.29 31.40 -21.04
N ASN E 159 -56.05 31.35 -20.56
CA ASN E 159 -54.94 31.90 -21.33
C ASN E 159 -54.44 30.93 -22.38
N GLY E 160 -55.04 29.74 -22.44
CA GLY E 160 -54.73 28.78 -23.48
C GLY E 160 -53.45 27.96 -23.23
N LEU E 161 -53.08 27.81 -21.97
CA LEU E 161 -51.79 27.22 -21.62
C LEU E 161 -51.86 25.76 -21.21
N VAL E 162 -53.06 25.20 -21.10
CA VAL E 162 -53.18 23.84 -20.58
C VAL E 162 -52.75 22.85 -21.65
N ASP E 163 -51.90 21.90 -21.26
CA ASP E 163 -51.40 20.89 -22.21
C ASP E 163 -52.36 19.71 -22.25
N ALA E 164 -53.35 19.79 -23.13
CA ALA E 164 -54.43 18.81 -23.17
C ALA E 164 -53.94 17.45 -23.66
N SER E 165 -52.76 17.40 -24.25
CA SER E 165 -52.24 16.15 -24.76
C SER E 165 -51.55 15.36 -23.66
N ASP E 166 -51.49 15.94 -22.46
CA ASP E 166 -50.75 15.34 -21.33
C ASP E 166 -51.68 14.93 -20.19
N PHE E 167 -52.98 14.83 -20.47
CA PHE E 167 -53.93 14.38 -19.45
C PHE E 167 -53.69 12.92 -19.12
N ASP E 168 -54.12 12.49 -17.95
CA ASP E 168 -54.04 11.08 -17.56
C ASP E 168 -54.93 10.25 -18.50
N ASP E 169 -54.72 8.94 -18.50
CA ASP E 169 -55.45 8.01 -19.40
C ASP E 169 -56.97 8.19 -19.33
N GLU E 170 -57.49 8.36 -18.12
N GLU E 170 -57.50 8.36 -18.12
CA GLU E 170 -58.93 8.46 -17.92
CA GLU E 170 -58.94 8.45 -17.95
C GLU E 170 -59.53 9.74 -18.47
C GLU E 170 -59.52 9.70 -18.59
N ARG E 171 -58.68 10.71 -18.80
CA ARG E 171 -59.16 11.96 -19.39
C ARG E 171 -58.57 12.22 -20.77
N ASN E 172 -57.95 11.20 -21.35
CA ASN E 172 -57.32 11.34 -22.66
C ASN E 172 -58.34 11.80 -23.69
N GLY E 173 -58.02 12.85 -24.43
CA GLY E 173 -58.91 13.36 -25.46
C GLY E 173 -60.00 14.29 -24.96
N TRP E 174 -60.16 14.39 -23.65
CA TRP E 174 -61.16 15.30 -23.10
C TRP E 174 -60.71 16.72 -23.42
N PRO E 175 -61.68 17.59 -23.76
CA PRO E 175 -61.39 19.02 -23.88
C PRO E 175 -61.13 19.58 -22.49
N VAL E 176 -60.28 20.59 -22.38
CA VAL E 176 -59.92 21.13 -21.07
C VAL E 176 -61.14 21.62 -20.28
N GLU E 177 -62.15 22.12 -21.00
CA GLU E 177 -63.38 22.62 -20.39
C GLU E 177 -64.18 21.50 -19.72
N GLN E 178 -64.11 20.30 -20.28
CA GLN E 178 -64.77 19.15 -19.67
C GLN E 178 -64.09 18.74 -18.35
N VAL E 179 -62.77 18.77 -18.32
CA VAL E 179 -62.05 18.51 -17.08
C VAL E 179 -62.45 19.54 -16.04
N TRP E 180 -62.48 20.82 -16.45
CA TRP E 180 -62.83 21.92 -15.55
C TRP E 180 -64.21 21.70 -14.91
N LYS E 181 -65.20 21.47 -15.75
CA LYS E 181 -66.58 21.28 -15.29
C LYS E 181 -66.71 20.05 -14.38
N GLU E 182 -66.21 18.91 -14.84
CA GLU E 182 -66.30 17.66 -14.08
C GLU E 182 -65.58 17.74 -12.74
N MSE E 183 -64.45 18.42 -12.72
CA MSE E 183 -63.72 18.62 -11.47
C MSE E 183 -64.56 19.34 -10.41
O MSE E 183 -64.53 18.99 -9.22
CB MSE E 183 -62.43 19.39 -11.72
CG MSE E 183 -61.62 19.60 -10.46
SE MSE E 183 -59.89 20.41 -10.89
CE MSE E 183 -60.44 22.03 -11.77
N HIS E 184 -65.32 20.31 -10.84
CA HIS E 184 -66.18 21.09 -9.95
C HIS E 184 -67.30 20.32 -9.23
N LYS E 185 -67.73 19.20 -9.79
CA LYS E 185 -68.69 18.33 -9.11
C LYS E 185 -68.16 17.67 -7.81
N LEU E 186 -66.85 17.55 -7.68
CA LEU E 186 -66.25 16.91 -6.51
C LEU E 186 -66.19 17.85 -5.27
N LEU E 187 -66.42 19.14 -5.52
CA LEU E 187 -66.41 20.15 -4.45
C LEU E 187 -67.78 20.26 -3.77
N PRO E 188 -67.80 20.61 -2.47
CA PRO E 188 -66.63 20.89 -1.63
C PRO E 188 -66.20 19.69 -0.82
N PHE E 189 -65.07 19.80 -0.12
CA PHE E 189 -64.68 18.79 0.84
C PHE E 189 -64.02 19.44 2.06
N SER E 190 -63.78 18.64 3.09
CA SER E 190 -63.37 19.14 4.39
C SER E 190 -62.02 19.80 4.31
N PRO E 191 -61.88 21.00 4.90
CA PRO E 191 -60.60 21.70 4.89
C PRO E 191 -59.51 20.88 5.59
N ASP E 192 -58.39 20.70 4.91
CA ASP E 192 -57.22 20.11 5.55
C ASP E 192 -56.02 20.96 5.16
N SER E 193 -55.18 21.31 6.12
CA SER E 193 -54.08 22.22 5.83
C SER E 193 -52.77 21.71 6.39
N VAL E 194 -51.81 21.43 5.50
CA VAL E 194 -50.46 21.13 5.92
C VAL E 194 -49.50 21.83 5.00
N VAL E 195 -48.23 21.89 5.38
CA VAL E 195 -47.21 22.38 4.47
C VAL E 195 -47.02 21.33 3.38
N THR E 196 -47.23 21.71 2.11
CA THR E 196 -47.10 20.76 0.99
C THR E 196 -45.99 21.15 0.03
N HIS E 197 -45.54 20.18 -0.77
CA HIS E 197 -44.50 20.39 -1.77
C HIS E 197 -45.11 20.97 -3.05
N GLY E 198 -46.24 20.40 -3.48
CA GLY E 198 -46.97 20.95 -4.60
C GLY E 198 -46.75 20.21 -5.91
N ASP E 199 -45.62 19.51 -6.02
CA ASP E 199 -45.33 18.68 -7.17
C ASP E 199 -44.52 17.47 -6.70
N PHE E 200 -45.13 16.66 -5.85
CA PHE E 200 -44.43 15.58 -5.17
C PHE E 200 -44.40 14.31 -6.05
N SER E 201 -43.65 14.39 -7.15
CA SER E 201 -43.58 13.32 -8.13
C SER E 201 -42.30 12.51 -7.94
N LEU E 202 -42.19 11.37 -8.62
CA LEU E 202 -40.97 10.57 -8.54
C LEU E 202 -39.75 11.29 -9.12
N ASP E 203 -39.99 12.34 -9.90
CA ASP E 203 -38.88 13.10 -10.48
C ASP E 203 -38.24 14.03 -9.45
N ASN E 204 -38.99 14.33 -8.40
CA ASN E 204 -38.59 15.42 -7.50
C ASN E 204 -38.05 15.03 -6.13
N LEU E 205 -37.78 13.74 -5.95
CA LEU E 205 -37.11 13.27 -4.74
C LEU E 205 -35.79 12.59 -5.12
N ILE E 206 -34.73 12.87 -4.38
CA ILE E 206 -33.39 12.43 -4.76
C ILE E 206 -32.81 11.43 -3.77
N PHE E 207 -32.38 10.28 -4.29
CA PHE E 207 -31.78 9.21 -3.49
C PHE E 207 -30.30 9.17 -3.77
N ASP E 208 -29.50 8.89 -2.73
CA ASP E 208 -28.06 8.73 -2.93
C ASP E 208 -27.57 7.65 -2.01
N GLU E 209 -26.80 6.72 -2.57
CA GLU E 209 -26.24 5.63 -1.79
C GLU E 209 -27.32 4.92 -0.99
N GLY E 210 -28.49 4.79 -1.60
CA GLY E 210 -29.59 4.05 -1.02
C GLY E 210 -30.53 4.79 -0.08
N LYS E 211 -30.25 6.06 0.18
CA LYS E 211 -31.07 6.84 1.11
C LYS E 211 -31.71 8.05 0.40
N LEU E 212 -32.95 8.36 0.78
CA LEU E 212 -33.60 9.58 0.29
C LEU E 212 -32.97 10.77 0.99
N ILE E 213 -32.32 11.65 0.21
CA ILE E 213 -31.57 12.73 0.83
C ILE E 213 -32.13 14.13 0.58
N GLY E 214 -33.18 14.27 -0.19
CA GLY E 214 -33.78 15.59 -0.34
C GLY E 214 -34.80 15.68 -1.45
N CYS E 215 -35.44 16.84 -1.57
CA CYS E 215 -36.43 17.07 -2.61
C CYS E 215 -36.05 18.33 -3.38
N ILE E 216 -36.60 18.48 -4.58
CA ILE E 216 -36.21 19.55 -5.48
C ILE E 216 -37.47 20.12 -6.12
N ASP E 217 -37.33 21.19 -6.92
CA ASP E 217 -38.46 21.76 -7.66
C ASP E 217 -39.61 22.18 -6.75
N VAL E 218 -39.33 23.11 -5.84
CA VAL E 218 -40.26 23.47 -4.77
C VAL E 218 -41.07 24.72 -5.05
N GLY E 219 -41.20 25.10 -6.32
CA GLY E 219 -41.90 26.32 -6.68
C GLY E 219 -43.38 26.36 -6.35
N ARG E 220 -43.97 25.19 -6.09
CA ARG E 220 -45.40 25.15 -5.72
C ARG E 220 -45.64 24.92 -4.22
N VAL E 221 -44.59 25.02 -3.41
CA VAL E 221 -44.69 24.85 -1.96
C VAL E 221 -45.69 25.82 -1.33
N GLY E 222 -46.49 25.31 -0.41
CA GLY E 222 -47.37 26.16 0.37
C GLY E 222 -48.34 25.33 1.19
N ILE E 223 -49.15 26.02 1.99
CA ILE E 223 -50.19 25.37 2.77
C ILE E 223 -51.33 24.93 1.83
N ALA E 224 -51.68 23.66 1.91
CA ALA E 224 -52.69 23.06 1.06
C ALA E 224 -53.13 21.72 1.67
N ASP E 225 -54.02 21.00 0.98
CA ASP E 225 -54.47 19.70 1.48
C ASP E 225 -53.34 18.69 1.29
N ARG E 226 -53.14 17.78 2.25
CA ARG E 226 -52.10 16.76 2.11
C ARG E 226 -52.28 15.92 0.86
N TYR E 227 -53.51 15.77 0.38
CA TYR E 227 -53.75 15.01 -0.86
C TYR E 227 -53.12 15.68 -2.10
N GLN E 228 -52.78 16.96 -2.00
CA GLN E 228 -52.02 17.61 -3.09
C GLN E 228 -50.73 16.83 -3.40
N ASP E 229 -50.06 16.36 -2.35
CA ASP E 229 -48.83 15.59 -2.51
C ASP E 229 -49.13 14.11 -2.70
N LEU E 230 -50.05 13.56 -1.92
CA LEU E 230 -50.34 12.14 -2.02
C LEU E 230 -50.85 11.79 -3.41
N ALA E 231 -51.70 12.66 -3.98
CA ALA E 231 -52.29 12.34 -5.29
C ALA E 231 -51.23 12.27 -6.39
N ILE E 232 -50.38 13.27 -6.45
CA ILE E 232 -49.38 13.32 -7.50
C ILE E 232 -48.44 12.12 -7.44
N LEU E 233 -48.00 11.75 -6.24
CA LEU E 233 -47.13 10.59 -6.10
C LEU E 233 -47.85 9.27 -6.42
N TRP E 234 -49.10 9.16 -5.96
CA TRP E 234 -49.92 7.97 -6.21
C TRP E 234 -50.10 7.76 -7.71
N ASN E 235 -50.30 8.87 -8.42
CA ASN E 235 -50.44 8.82 -9.87
C ASN E 235 -49.18 8.28 -10.50
N CYS E 236 -48.02 8.77 -10.06
CA CYS E 236 -46.73 8.32 -10.59
C CYS E 236 -46.51 6.82 -10.34
N LEU E 237 -46.85 6.38 -9.14
CA LEU E 237 -46.70 4.97 -8.76
C LEU E 237 -47.58 4.05 -9.60
N GLY E 238 -48.66 4.61 -10.12
CA GLY E 238 -49.55 3.87 -11.01
C GLY E 238 -48.92 3.48 -12.34
N GLU E 239 -47.75 4.03 -12.65
CA GLU E 239 -47.05 3.55 -13.84
C GLU E 239 -46.36 2.23 -13.55
N PHE E 240 -46.23 1.88 -12.27
CA PHE E 240 -45.45 0.72 -11.83
C PHE E 240 -46.29 -0.42 -11.27
N SER E 241 -47.06 -0.17 -10.21
CA SER E 241 -47.93 -1.20 -9.66
C SER E 241 -49.00 -0.69 -8.69
N PRO E 242 -50.17 -1.33 -8.71
CA PRO E 242 -51.22 -0.92 -7.77
C PRO E 242 -50.83 -1.24 -6.33
N SER E 243 -49.94 -2.20 -6.13
CA SER E 243 -49.56 -2.52 -4.75
C SER E 243 -48.64 -1.44 -4.17
N LEU E 244 -47.86 -0.79 -5.03
CA LEU E 244 -47.02 0.30 -4.55
C LEU E 244 -47.89 1.52 -4.26
N GLN E 245 -48.89 1.71 -5.10
CA GLN E 245 -49.88 2.78 -4.88
C GLN E 245 -50.56 2.63 -3.52
N LYS E 246 -51.08 1.43 -3.27
CA LYS E 246 -51.71 1.09 -1.99
C LYS E 246 -50.74 1.28 -0.83
N ARG E 247 -49.50 0.82 -1.00
CA ARG E 247 -48.51 0.88 0.08
C ARG E 247 -48.20 2.30 0.53
N LEU E 248 -48.23 3.24 -0.42
CA LEU E 248 -47.96 4.63 -0.11
C LEU E 248 -48.90 5.15 0.96
N PHE E 249 -50.20 4.91 0.78
CA PHE E 249 -51.21 5.29 1.79
C PHE E 249 -51.08 4.48 3.08
N GLN E 250 -50.76 3.19 2.97
CA GLN E 250 -50.59 2.37 4.16
C GLN E 250 -49.43 2.85 5.04
N LYS E 251 -48.28 3.11 4.42
CA LYS E 251 -47.11 3.55 5.19
C LYS E 251 -47.34 4.96 5.74
N TYR E 252 -47.97 5.81 4.94
CA TYR E 252 -48.29 7.17 5.37
C TYR E 252 -49.23 7.15 6.57
N GLY E 253 -50.14 6.17 6.61
CA GLY E 253 -51.01 5.98 7.75
C GLY E 253 -52.49 6.26 7.54
N ILE E 254 -52.94 6.27 6.29
CA ILE E 254 -54.34 6.52 6.02
C ILE E 254 -55.08 5.21 5.75
N ASP E 255 -56.12 4.93 6.53
CA ASP E 255 -56.86 3.66 6.46
C ASP E 255 -57.71 3.53 5.20
N ASN E 256 -58.35 4.63 4.81
CA ASN E 256 -59.32 4.60 3.73
C ASN E 256 -59.09 5.80 2.83
N PRO E 257 -58.17 5.68 1.87
CA PRO E 257 -57.88 6.80 0.98
C PRO E 257 -59.17 7.41 0.45
N ASP E 258 -59.18 8.73 0.48
CA ASP E 258 -60.34 9.51 0.11
C ASP E 258 -60.29 9.64 -1.41
N MSE E 259 -61.07 8.86 -2.07
CA MSE E 259 -60.99 8.76 -3.52
C MSE E 259 -61.49 10.02 -4.21
O MSE E 259 -61.03 10.36 -5.29
CB MSE E 259 -61.73 7.52 -4.03
CG MSE E 259 -61.22 6.19 -3.44
SE MSE E 259 -59.31 5.87 -3.77
CE MSE E 259 -59.44 5.32 -5.61
N ASN E 260 -62.45 10.74 -3.56
CA ASN E 260 -62.88 12.04 -4.05
C ASN E 260 -61.76 13.08 -4.03
N LYS E 261 -61.11 13.23 -2.88
CA LYS E 261 -59.98 14.14 -2.77
C LYS E 261 -58.87 13.75 -3.70
N LEU E 262 -58.66 12.43 -3.82
CA LEU E 262 -57.63 11.91 -4.71
C LEU E 262 -57.94 12.33 -6.15
N GLN E 263 -59.15 12.04 -6.63
CA GLN E 263 -59.54 12.41 -7.99
CA GLN E 263 -59.56 12.40 -7.99
C GLN E 263 -59.49 13.92 -8.19
N PHE E 264 -59.97 14.68 -7.21
CA PHE E 264 -59.89 16.14 -7.31
C PHE E 264 -58.47 16.65 -7.58
N HIS E 265 -57.50 16.19 -6.81
CA HIS E 265 -56.14 16.69 -6.96
C HIS E 265 -55.46 16.20 -8.23
N LEU E 266 -55.83 15.00 -8.68
CA LEU E 266 -55.34 14.51 -9.97
C LEU E 266 -55.86 15.39 -11.09
N MSE E 267 -57.13 15.70 -11.05
CA MSE E 267 -57.73 16.57 -12.06
C MSE E 267 -57.13 17.97 -12.02
O MSE E 267 -56.87 18.57 -13.05
CB MSE E 267 -59.25 16.61 -11.90
CG MSE E 267 -59.90 15.26 -12.22
SE MSE E 267 -61.84 15.25 -12.06
CE MSE E 267 -62.28 16.00 -13.80
N LEU E 268 -56.89 18.49 -10.83
CA LEU E 268 -56.35 19.84 -10.72
C LEU E 268 -54.96 19.91 -11.36
N ASP E 269 -54.17 18.86 -11.19
CA ASP E 269 -52.82 18.87 -11.75
C ASP E 269 -52.80 18.83 -13.28
N GLU E 270 -53.93 18.40 -13.88
CA GLU E 270 -54.07 18.41 -15.34
C GLU E 270 -53.86 19.81 -15.91
N PHE E 271 -54.12 20.83 -15.10
CA PHE E 271 -54.08 22.23 -15.57
C PHE E 271 -52.71 22.87 -15.50
N PHE E 272 -51.77 22.13 -14.94
CA PHE E 272 -50.44 22.70 -14.64
C PHE E 272 -49.30 22.04 -15.39
N HIS F 4 -39.02 8.32 -19.05
CA HIS F 4 -39.07 9.78 -19.08
C HIS F 4 -38.11 10.37 -20.12
N ILE F 5 -37.56 11.53 -19.81
CA ILE F 5 -36.69 12.23 -20.74
C ILE F 5 -35.39 12.65 -20.05
N GLN F 6 -34.40 11.77 -20.06
CA GLN F 6 -33.08 12.13 -19.58
C GLN F 6 -32.22 12.57 -20.77
N ARG F 7 -32.84 13.31 -21.69
CA ARG F 7 -32.10 13.95 -22.76
C ARG F 7 -31.43 15.22 -22.25
N GLU F 8 -30.12 15.23 -22.42
CA GLU F 8 -29.28 16.36 -22.07
C GLU F 8 -28.41 16.64 -23.29
N THR F 9 -28.43 17.88 -23.74
CA THR F 9 -27.63 18.28 -24.88
C THR F 9 -26.42 19.07 -24.38
N SER F 10 -25.29 18.96 -25.06
CA SER F 10 -24.19 19.86 -24.77
C SER F 10 -24.51 21.21 -25.41
N CYS F 11 -24.11 22.30 -24.76
CA CYS F 11 -24.55 23.61 -25.19
C CYS F 11 -23.52 24.70 -24.94
N SER F 12 -23.83 25.91 -25.41
CA SER F 12 -22.95 27.06 -25.22
C SER F 12 -23.33 27.80 -23.95
N ARG F 13 -22.36 28.49 -23.37
CA ARG F 13 -22.62 29.36 -22.23
C ARG F 13 -23.44 30.54 -22.74
N PRO F 14 -24.61 30.78 -22.16
CA PRO F 14 -25.52 31.83 -22.61
C PRO F 14 -25.14 33.21 -22.07
N ARG F 15 -25.70 34.25 -22.70
CA ARG F 15 -25.53 35.63 -22.25
C ARG F 15 -26.34 35.85 -20.97
N LEU F 16 -26.27 37.06 -20.43
CA LEU F 16 -27.05 37.40 -19.25
C LEU F 16 -28.01 38.55 -19.57
N ASP F 21 -24.07 48.12 -11.62
CA ASP F 21 -23.01 47.66 -12.49
C ASP F 21 -22.66 48.74 -13.52
N ALA F 22 -22.99 48.48 -14.78
CA ALA F 22 -22.76 49.45 -15.84
C ALA F 22 -24.06 50.18 -16.18
N ASP F 23 -25.13 49.85 -15.46
CA ASP F 23 -26.41 50.52 -15.64
C ASP F 23 -26.47 51.71 -14.70
N LEU F 24 -25.74 51.61 -13.61
CA LEU F 24 -25.72 52.66 -12.61
C LEU F 24 -24.56 53.62 -12.91
N TYR F 25 -23.72 53.25 -13.88
CA TYR F 25 -22.50 53.95 -14.30
C TYR F 25 -22.27 55.32 -13.65
N GLY F 26 -23.12 56.26 -14.01
CA GLY F 26 -23.17 57.55 -13.35
C GLY F 26 -24.51 57.64 -12.67
N TYR F 27 -24.52 58.25 -11.48
CA TYR F 27 -25.73 58.48 -10.71
C TYR F 27 -25.31 59.22 -9.45
N ARG F 28 -26.01 60.28 -9.10
CA ARG F 28 -25.75 60.97 -7.83
C ARG F 28 -26.24 60.07 -6.70
N TRP F 29 -25.32 59.64 -5.83
CA TRP F 29 -25.66 58.70 -4.77
C TRP F 29 -25.97 59.39 -3.46
N ALA F 30 -27.17 59.15 -2.93
CA ALA F 30 -27.51 59.64 -1.60
C ALA F 30 -27.64 58.46 -0.66
N ARG F 31 -27.64 58.74 0.64
CA ARG F 31 -27.73 57.70 1.66
C ARG F 31 -28.85 58.03 2.63
N ASP F 32 -29.91 57.22 2.63
CA ASP F 32 -31.13 57.57 3.37
C ASP F 32 -31.26 56.93 4.76
N ASN F 33 -31.96 57.65 5.62
CA ASN F 33 -32.14 57.32 7.04
C ASN F 33 -31.13 56.35 7.70
N GLY F 38 -34.43 47.29 8.66
CA GLY F 38 -33.06 47.66 9.00
C GLY F 38 -32.15 47.72 7.78
N ALA F 39 -32.73 47.51 6.60
CA ALA F 39 -31.96 47.54 5.36
C ALA F 39 -31.37 48.92 5.06
N THR F 40 -30.15 48.95 4.54
CA THR F 40 -29.52 50.20 4.14
C THR F 40 -30.19 50.72 2.85
N ILE F 41 -30.56 52.00 2.85
CA ILE F 41 -31.30 52.59 1.74
C ILE F 41 -30.54 53.71 1.04
N TYR F 42 -30.34 53.52 -0.27
CA TYR F 42 -29.67 54.51 -1.10
C TYR F 42 -30.67 55.12 -2.09
N ARG F 43 -30.50 56.41 -2.37
CA ARG F 43 -31.29 57.08 -3.41
C ARG F 43 -30.39 57.43 -4.59
N LEU F 44 -30.82 57.11 -5.80
CA LEU F 44 -30.04 57.43 -7.00
C LEU F 44 -30.78 58.45 -7.87
N TYR F 45 -30.13 59.58 -8.12
CA TYR F 45 -30.80 60.72 -8.76
C TYR F 45 -29.80 61.55 -9.57
N GLY F 46 -30.20 62.77 -9.91
CA GLY F 46 -29.34 63.67 -10.66
C GLY F 46 -28.82 63.04 -11.93
N LYS F 47 -29.72 62.42 -12.68
CA LYS F 47 -29.34 61.71 -13.89
C LYS F 47 -30.21 62.13 -15.07
N PRO F 48 -29.58 62.79 -16.06
CA PRO F 48 -30.29 63.30 -17.24
C PRO F 48 -30.98 62.18 -18.03
N ASN F 49 -32.27 62.36 -18.28
CA ASN F 49 -33.06 61.43 -19.07
C ASN F 49 -33.20 60.02 -18.49
N ALA F 50 -32.84 59.86 -17.21
CA ALA F 50 -33.01 58.58 -16.52
C ALA F 50 -33.75 58.79 -15.19
N PRO F 51 -34.53 57.78 -14.77
CA PRO F 51 -35.39 57.96 -13.59
C PRO F 51 -34.64 57.86 -12.27
N GLU F 52 -35.21 58.48 -11.25
CA GLU F 52 -34.69 58.34 -9.89
C GLU F 52 -34.94 56.93 -9.40
N LEU F 53 -33.99 56.38 -8.65
CA LEU F 53 -34.10 54.99 -8.18
C LEU F 53 -33.79 54.86 -6.69
N PHE F 54 -34.33 53.81 -6.06
CA PHE F 54 -33.95 53.47 -4.70
C PHE F 54 -33.27 52.11 -4.67
N LEU F 55 -32.23 51.99 -3.86
CA LEU F 55 -31.56 50.72 -3.66
C LEU F 55 -31.63 50.32 -2.18
N LYS F 56 -32.12 49.11 -1.93
CA LYS F 56 -32.11 48.52 -0.59
C LYS F 56 -31.07 47.42 -0.49
N HIS F 57 -30.28 47.45 0.57
CA HIS F 57 -29.32 46.39 0.84
C HIS F 57 -29.62 45.75 2.19
N GLY F 58 -29.83 44.44 2.19
CA GLY F 58 -30.06 43.70 3.41
C GLY F 58 -28.99 42.64 3.61
N LYS F 59 -28.44 42.56 4.82
CA LYS F 59 -27.48 41.52 5.15
C LYS F 59 -28.03 40.64 6.28
N GLY F 60 -27.61 39.39 6.30
CA GLY F 60 -28.08 38.45 7.32
C GLY F 60 -29.58 38.30 7.30
N SER F 61 -30.21 38.41 8.46
CA SER F 61 -31.67 38.27 8.54
C SER F 61 -32.38 39.32 7.69
N VAL F 62 -31.79 40.51 7.60
CA VAL F 62 -32.40 41.61 6.86
C VAL F 62 -32.46 41.30 5.36
N ALA F 63 -31.54 40.46 4.88
CA ALA F 63 -31.59 40.00 3.49
C ALA F 63 -32.93 39.30 3.18
N ASN F 64 -33.44 38.54 4.15
CA ASN F 64 -34.71 37.84 3.97
C ASN F 64 -35.87 38.81 3.89
N ASP F 65 -35.78 39.86 4.70
CA ASP F 65 -36.81 40.91 4.69
C ASP F 65 -36.86 41.57 3.32
N VAL F 66 -35.70 41.89 2.79
CA VAL F 66 -35.63 42.53 1.48
C VAL F 66 -36.11 41.56 0.37
N THR F 67 -35.79 40.29 0.53
CA THR F 67 -36.30 39.24 -0.37
C THR F 67 -37.83 39.12 -0.31
N ASP F 68 -38.37 39.13 0.90
CA ASP F 68 -39.82 39.14 1.09
C ASP F 68 -40.47 40.30 0.37
N GLU F 69 -39.86 41.49 0.45
CA GLU F 69 -40.43 42.65 -0.21
C GLU F 69 -40.37 42.49 -1.71
N MSE F 70 -39.24 41.94 -2.21
CA MSE F 70 -39.12 41.73 -3.66
C MSE F 70 -40.26 40.88 -4.25
O MSE F 70 -40.90 41.30 -5.22
CB MSE F 70 -37.75 41.17 -4.05
CG MSE F 70 -37.55 41.08 -5.57
SE MSE F 70 -38.16 39.38 -6.32
CE MSE F 70 -37.18 38.21 -5.16
N VAL F 71 -40.51 39.66 -3.69
CA VAL F 71 -41.56 38.82 -4.28
CA VAL F 71 -41.56 38.79 -4.25
C VAL F 71 -42.93 39.43 -4.13
N ARG F 72 -43.13 40.21 -3.09
CA ARG F 72 -44.43 40.80 -2.87
C ARG F 72 -44.64 41.95 -3.86
N LEU F 73 -43.58 42.70 -4.12
CA LEU F 73 -43.58 43.72 -5.16
C LEU F 73 -43.90 43.07 -6.51
N ASN F 74 -43.21 41.98 -6.78
CA ASN F 74 -43.32 41.24 -8.05
C ASN F 74 -44.76 40.75 -8.28
N TRP F 75 -45.40 40.27 -7.23
CA TRP F 75 -46.76 39.76 -7.32
C TRP F 75 -47.83 40.85 -7.38
N LEU F 76 -47.78 41.79 -6.44
CA LEU F 76 -48.86 42.76 -6.27
C LEU F 76 -48.92 43.82 -7.39
N THR F 77 -47.83 43.96 -8.14
CA THR F 77 -47.75 45.02 -9.14
C THR F 77 -48.74 44.78 -10.28
N ALA F 78 -49.24 43.54 -10.37
CA ALA F 78 -50.27 43.20 -11.35
C ALA F 78 -51.63 43.79 -10.97
N PHE F 79 -51.76 44.17 -9.69
CA PHE F 79 -53.04 44.61 -9.14
C PHE F 79 -53.10 46.06 -8.62
N MSE F 80 -51.94 46.62 -8.22
CA MSE F 80 -51.89 47.94 -7.60
C MSE F 80 -50.67 48.69 -8.12
O MSE F 80 -49.75 48.06 -8.63
CB MSE F 80 -51.79 47.80 -6.07
CG MSE F 80 -52.98 47.11 -5.43
SE MSE F 80 -54.64 48.08 -5.67
CE MSE F 80 -54.45 49.34 -4.19
N PRO F 81 -50.67 50.06 -8.01
CA PRO F 81 -49.47 50.82 -8.43
C PRO F 81 -48.36 50.78 -7.38
N LEU F 82 -47.22 50.20 -7.78
CA LEU F 82 -46.08 49.95 -6.89
C LEU F 82 -44.80 50.38 -7.56
N PRO F 83 -43.71 50.52 -6.77
CA PRO F 83 -42.40 50.71 -7.39
C PRO F 83 -42.05 49.54 -8.29
N THR F 84 -41.45 49.83 -9.45
CA THR F 84 -41.03 48.82 -10.41
C THR F 84 -39.70 48.25 -9.96
N ILE F 85 -39.55 46.93 -10.05
CA ILE F 85 -38.26 46.30 -9.79
C ILE F 85 -37.36 46.46 -11.02
N LYS F 86 -36.28 47.21 -10.89
CA LYS F 86 -35.29 47.32 -11.98
C LYS F 86 -34.26 46.19 -11.92
N HIS F 87 -33.86 45.80 -10.71
CA HIS F 87 -32.85 44.77 -10.54
C HIS F 87 -32.92 44.23 -9.11
N PHE F 88 -32.73 42.92 -8.95
CA PHE F 88 -32.65 42.30 -7.63
C PHE F 88 -31.57 41.23 -7.64
N ILE F 89 -30.78 41.18 -6.57
CA ILE F 89 -29.75 40.14 -6.44
C ILE F 89 -29.81 39.49 -5.06
N ARG F 90 -29.75 38.16 -5.03
CA ARG F 90 -29.67 37.43 -3.76
C ARG F 90 -28.45 36.51 -3.75
N THR F 91 -27.60 36.68 -2.74
CA THR F 91 -26.52 35.75 -2.48
C THR F 91 -26.79 35.18 -1.08
N PRO F 92 -26.01 34.18 -0.63
CA PRO F 92 -26.40 33.56 0.64
C PRO F 92 -26.62 34.54 1.80
N ASP F 93 -25.84 35.61 1.88
CA ASP F 93 -25.93 36.50 3.04
C ASP F 93 -26.41 37.92 2.73
N ASP F 94 -26.63 38.22 1.45
CA ASP F 94 -26.98 39.59 1.06
C ASP F 94 -28.14 39.61 0.06
N ALA F 95 -28.93 40.68 0.12
CA ALA F 95 -29.96 40.94 -0.87
C ALA F 95 -29.88 42.42 -1.30
N TRP F 96 -29.95 42.65 -2.61
CA TRP F 96 -29.94 44.01 -3.14
C TRP F 96 -31.20 44.22 -3.99
N LEU F 97 -31.99 45.22 -3.63
CA LEU F 97 -33.25 45.51 -4.33
C LEU F 97 -33.26 46.93 -4.91
N LEU F 98 -33.28 47.01 -6.24
CA LEU F 98 -33.25 48.28 -6.95
C LEU F 98 -34.61 48.54 -7.57
N THR F 99 -35.26 49.61 -7.15
CA THR F 99 -36.61 49.91 -7.60
C THR F 99 -36.74 51.35 -8.07
N THR F 100 -37.73 51.60 -8.92
CA THR F 100 -38.01 52.98 -9.35
C THR F 100 -38.67 53.73 -8.21
N ALA F 101 -38.36 55.02 -8.11
CA ALA F 101 -38.98 55.89 -7.11
C ALA F 101 -40.37 56.30 -7.56
N ILE F 102 -41.33 56.31 -6.63
CA ILE F 102 -42.62 56.93 -6.92
C ILE F 102 -42.51 58.40 -6.56
N PRO F 103 -42.75 59.29 -7.53
CA PRO F 103 -42.60 60.73 -7.26
C PRO F 103 -43.71 61.23 -6.35
N GLY F 104 -43.43 62.27 -5.57
CA GLY F 104 -44.45 62.84 -4.72
C GLY F 104 -44.06 62.82 -3.25
N LYS F 105 -45.05 62.95 -2.38
CA LYS F 105 -44.83 63.05 -0.95
C LYS F 105 -45.66 61.97 -0.27
N THR F 106 -45.26 61.57 0.93
CA THR F 106 -46.02 60.56 1.65
C THR F 106 -47.32 61.17 2.15
N ALA F 107 -48.29 60.31 2.46
CA ALA F 107 -49.55 60.77 3.02
C ALA F 107 -49.32 61.50 4.34
N PHE F 108 -48.30 61.06 5.08
CA PHE F 108 -47.93 61.74 6.31
C PHE F 108 -47.50 63.16 6.00
N GLN F 109 -46.58 63.30 5.04
CA GLN F 109 -46.06 64.61 4.65
C GLN F 109 -47.17 65.54 4.16
N VAL F 110 -48.08 65.00 3.36
CA VAL F 110 -49.17 65.79 2.80
C VAL F 110 -50.14 66.22 3.89
N LEU F 111 -50.45 65.31 4.79
CA LEU F 111 -51.33 65.62 5.91
C LEU F 111 -50.74 66.70 6.82
N GLU F 112 -49.44 66.61 7.10
CA GLU F 112 -48.75 67.60 7.94
C GLU F 112 -48.73 68.98 7.27
N GLU F 113 -48.64 68.97 5.94
CA GLU F 113 -48.48 70.21 5.18
C GLU F 113 -49.81 70.87 4.84
N TYR F 114 -50.84 70.08 4.59
CA TYR F 114 -52.16 70.62 4.25
C TYR F 114 -53.24 70.07 5.17
N PRO F 115 -53.32 70.59 6.41
CA PRO F 115 -54.37 70.23 7.37
C PRO F 115 -55.78 70.44 6.82
N ASP F 116 -55.99 71.49 6.02
CA ASP F 116 -57.31 71.75 5.44
C ASP F 116 -57.71 70.74 4.35
N SER F 117 -56.81 69.82 4.00
CA SER F 117 -57.12 68.81 3.01
C SER F 117 -57.31 67.43 3.65
N GLY F 118 -57.34 67.42 4.98
CA GLY F 118 -57.42 66.19 5.75
C GLY F 118 -58.50 65.25 5.27
N GLU F 119 -59.73 65.76 5.18
CA GLU F 119 -60.86 64.93 4.74
C GLU F 119 -60.68 64.41 3.31
N ASN F 120 -60.17 65.24 2.41
CA ASN F 120 -59.88 64.79 1.04
C ASN F 120 -58.83 63.69 1.02
N ILE F 121 -57.79 63.86 1.84
CA ILE F 121 -56.72 62.89 1.93
C ILE F 121 -57.28 61.55 2.44
N VAL F 122 -58.06 61.61 3.52
CA VAL F 122 -58.63 60.40 4.10
C VAL F 122 -59.62 59.72 3.13
N ASP F 123 -60.39 60.53 2.41
CA ASP F 123 -61.29 59.96 1.41
C ASP F 123 -60.49 59.22 0.34
N ALA F 124 -59.33 59.76 -0.02
CA ALA F 124 -58.48 59.13 -1.03
C ALA F 124 -57.88 57.85 -0.49
N LEU F 125 -57.50 57.87 0.79
CA LEU F 125 -56.94 56.67 1.42
C LEU F 125 -57.98 55.54 1.48
N ALA F 126 -59.22 55.89 1.79
CA ALA F 126 -60.24 54.86 1.93
C ALA F 126 -60.52 54.21 0.58
N VAL F 127 -60.54 55.01 -0.47
CA VAL F 127 -60.75 54.51 -1.82
C VAL F 127 -59.64 53.55 -2.22
N PHE F 128 -58.40 53.96 -1.96
CA PHE F 128 -57.24 53.14 -2.28
C PHE F 128 -57.27 51.84 -1.48
N LEU F 129 -57.60 51.93 -0.20
CA LEU F 129 -57.66 50.75 0.65
C LEU F 129 -58.78 49.78 0.22
N ARG F 130 -59.93 50.34 -0.19
CA ARG F 130 -61.02 49.52 -0.73
C ARG F 130 -60.56 48.78 -1.98
N ARG F 131 -59.78 49.44 -2.82
CA ARG F 131 -59.26 48.81 -4.03
C ARG F 131 -58.37 47.61 -3.70
N LEU F 132 -57.45 47.80 -2.76
CA LEU F 132 -56.56 46.72 -2.35
C LEU F 132 -57.39 45.56 -1.80
N HIS F 133 -58.33 45.89 -0.91
CA HIS F 133 -59.15 44.86 -0.27
C HIS F 133 -60.19 44.22 -1.20
N SER F 134 -60.34 44.76 -2.42
CA SER F 134 -61.22 44.17 -3.43
C SER F 134 -60.57 43.02 -4.22
N ILE F 135 -59.25 42.90 -4.16
CA ILE F 135 -58.58 41.82 -4.88
C ILE F 135 -59.02 40.45 -4.33
N PRO F 136 -59.61 39.60 -5.19
CA PRO F 136 -60.04 38.27 -4.74
C PRO F 136 -58.88 37.53 -4.10
N VAL F 137 -59.10 36.94 -2.92
CA VAL F 137 -57.98 36.36 -2.18
C VAL F 137 -57.42 35.15 -2.91
N CYS F 138 -58.25 34.53 -3.75
CA CYS F 138 -57.78 33.45 -4.62
C CYS F 138 -56.60 33.84 -5.50
N ASN F 139 -56.30 35.14 -5.60
CA ASN F 139 -55.15 35.58 -6.38
C ASN F 139 -53.83 35.61 -5.60
N CYS F 140 -53.92 35.54 -4.27
CA CYS F 140 -52.75 35.85 -3.43
C CYS F 140 -52.04 34.60 -2.87
N PRO F 141 -50.74 34.42 -3.22
CA PRO F 141 -49.94 33.27 -2.78
C PRO F 141 -49.25 33.49 -1.42
N PHE F 142 -49.58 34.58 -0.73
CA PHE F 142 -48.91 34.89 0.53
C PHE F 142 -49.87 34.83 1.70
N ASN F 143 -49.45 34.11 2.73
CA ASN F 143 -50.18 33.96 4.00
C ASN F 143 -49.67 34.93 5.06
N SER F 144 -50.53 35.85 5.50
CA SER F 144 -50.15 36.75 6.57
C SER F 144 -51.14 36.65 7.72
N ASP F 145 -51.73 35.46 7.91
CA ASP F 145 -52.82 35.35 8.87
C ASP F 145 -52.32 35.44 10.31
N ARG F 146 -53.25 35.51 11.26
CA ARG F 146 -52.83 35.84 12.61
C ARG F 146 -52.01 34.71 13.26
N VAL F 147 -52.32 33.47 12.90
CA VAL F 147 -51.55 32.34 13.42
C VAL F 147 -50.08 32.48 13.02
N PHE F 148 -49.85 32.84 11.77
CA PHE F 148 -48.51 33.09 11.26
C PHE F 148 -47.86 34.31 11.94
N ARG F 149 -48.60 35.40 12.06
CA ARG F 149 -48.02 36.61 12.64
C ARG F 149 -47.80 36.47 14.15
N LEU F 150 -48.68 35.75 14.83
CA LEU F 150 -48.51 35.60 16.28
C LEU F 150 -47.24 34.79 16.59
N ALA F 151 -46.97 33.78 15.77
CA ALA F 151 -45.75 32.98 15.95
C ALA F 151 -44.52 33.86 15.76
N GLN F 152 -44.56 34.76 14.77
CA GLN F 152 -43.43 35.66 14.55
C GLN F 152 -43.30 36.60 15.74
N ALA F 153 -44.43 37.08 16.22
CA ALA F 153 -44.46 38.00 17.35
C ALA F 153 -43.81 37.36 18.57
N GLN F 154 -44.24 36.14 18.88
CA GLN F 154 -43.68 35.40 20.00
C GLN F 154 -42.16 35.28 19.87
N SER F 155 -41.70 34.94 18.68
CA SER F 155 -40.27 34.78 18.45
C SER F 155 -39.53 36.10 18.70
N ARG F 156 -40.08 37.19 18.16
CA ARG F 156 -39.48 38.50 18.36
C ARG F 156 -39.47 38.90 19.84
N MSE F 157 -40.52 38.54 20.55
CA MSE F 157 -40.56 38.79 21.99
C MSE F 157 -39.45 38.04 22.71
O MSE F 157 -38.65 38.63 23.43
CB MSE F 157 -41.92 38.41 22.58
CG MSE F 157 -42.01 38.59 24.08
SE MSE F 157 -43.77 38.19 24.80
CE MSE F 157 -43.94 36.36 24.17
N ASN F 158 -39.40 36.69 22.49
CA ASN F 158 -38.46 35.83 23.19
C ASN F 158 -37.00 36.16 22.90
N ASN F 159 -36.76 36.75 21.73
CA ASN F 159 -35.42 37.11 21.30
C ASN F 159 -35.06 38.57 21.62
N GLY F 160 -35.91 39.23 22.40
CA GLY F 160 -35.65 40.60 22.83
C GLY F 160 -35.57 41.62 21.71
N LEU F 161 -36.41 41.46 20.69
CA LEU F 161 -36.38 42.37 19.54
C LEU F 161 -37.50 43.39 19.56
N VAL F 162 -38.44 43.23 20.49
CA VAL F 162 -39.60 44.10 20.49
C VAL F 162 -39.21 45.47 21.07
N ASP F 163 -39.56 46.54 20.37
CA ASP F 163 -39.23 47.89 20.81
C ASP F 163 -40.28 48.40 21.80
N ALA F 164 -40.05 48.19 23.09
CA ALA F 164 -41.07 48.51 24.09
C ALA F 164 -41.28 50.02 24.25
N SER F 165 -40.27 50.80 23.88
CA SER F 165 -40.37 52.25 24.01
C SER F 165 -41.25 52.85 22.91
N ASP F 166 -41.62 52.05 21.93
CA ASP F 166 -42.34 52.55 20.77
C ASP F 166 -43.82 52.16 20.78
N PHE F 167 -44.30 51.68 21.93
CA PHE F 167 -45.70 51.27 22.07
C PHE F 167 -46.64 52.46 21.94
N ASP F 168 -47.88 52.20 21.54
CA ASP F 168 -48.91 53.24 21.55
C ASP F 168 -49.13 53.79 22.96
N ASP F 169 -49.71 54.99 23.03
CA ASP F 169 -49.94 55.69 24.29
C ASP F 169 -50.66 54.86 25.35
N GLU F 170 -51.69 54.12 24.95
CA GLU F 170 -52.44 53.33 25.92
C GLU F 170 -51.67 52.13 26.48
N ARG F 171 -50.54 51.77 25.85
CA ARG F 171 -49.68 50.72 26.38
C ARG F 171 -48.32 51.28 26.78
N ASN F 172 -48.28 52.58 27.02
CA ASN F 172 -47.06 53.27 27.41
C ASN F 172 -46.38 52.67 28.63
N GLY F 173 -45.15 52.19 28.48
CA GLY F 173 -44.41 51.66 29.62
C GLY F 173 -44.72 50.22 30.03
N TRP F 174 -45.65 49.58 29.32
CA TRP F 174 -45.96 48.17 29.57
C TRP F 174 -44.77 47.26 29.27
N PRO F 175 -44.58 46.22 30.09
CA PRO F 175 -43.66 45.15 29.67
C PRO F 175 -44.23 44.43 28.43
N VAL F 176 -43.36 43.90 27.57
CA VAL F 176 -43.80 43.21 26.35
C VAL F 176 -44.74 42.07 26.69
N GLU F 177 -44.39 41.31 27.73
CA GLU F 177 -45.17 40.16 28.16
C GLU F 177 -46.62 40.54 28.47
N GLN F 178 -46.81 41.72 29.06
CA GLN F 178 -48.15 42.21 29.32
C GLN F 178 -48.95 42.43 28.05
N VAL F 179 -48.32 43.01 27.03
CA VAL F 179 -48.99 43.20 25.75
C VAL F 179 -49.34 41.82 25.16
N TRP F 180 -48.40 40.89 25.23
CA TRP F 180 -48.64 39.52 24.78
C TRP F 180 -49.87 38.87 25.46
N LYS F 181 -49.86 38.83 26.79
CA LYS F 181 -50.97 38.24 27.55
C LYS F 181 -52.30 38.92 27.28
N GLU F 182 -52.32 40.25 27.35
CA GLU F 182 -53.55 41.01 27.16
C GLU F 182 -54.12 40.87 25.75
N MSE F 183 -53.25 40.79 24.76
CA MSE F 183 -53.69 40.67 23.38
C MSE F 183 -54.45 39.36 23.20
O MSE F 183 -55.43 39.29 22.46
CB MSE F 183 -52.48 40.71 22.45
CG MSE F 183 -52.83 40.54 20.97
SE MSE F 183 -51.24 40.68 19.86
CE MSE F 183 -50.16 39.26 20.67
N HIS F 184 -54.02 38.34 23.90
CA HIS F 184 -54.63 37.02 23.76
C HIS F 184 -56.03 36.95 24.41
N LYS F 185 -56.27 37.81 25.38
CA LYS F 185 -57.60 37.92 25.98
C LYS F 185 -58.67 38.36 24.97
N LEU F 186 -58.24 38.84 23.82
CA LEU F 186 -59.15 39.26 22.76
C LEU F 186 -59.47 38.15 21.74
N LEU F 187 -58.80 37.01 21.86
CA LEU F 187 -59.00 35.90 20.93
C LEU F 187 -60.03 34.90 21.47
N PRO F 188 -60.76 34.22 20.57
CA PRO F 188 -60.66 34.33 19.11
C PRO F 188 -61.72 35.25 18.52
N PHE F 189 -61.56 35.59 17.24
CA PHE F 189 -62.62 36.23 16.46
C PHE F 189 -62.60 35.58 15.07
N SER F 190 -63.69 35.66 14.31
CA SER F 190 -63.70 35.05 12.98
C SER F 190 -63.02 35.97 11.99
N PRO F 191 -62.02 35.46 11.28
CA PRO F 191 -61.33 36.34 10.34
C PRO F 191 -62.20 36.75 9.15
N ASP F 192 -62.00 37.97 8.70
CA ASP F 192 -62.62 38.53 7.52
C ASP F 192 -61.47 38.78 6.57
N SER F 193 -61.07 37.74 5.85
CA SER F 193 -59.77 37.73 5.17
C SER F 193 -59.79 38.45 3.83
N VAL F 194 -58.82 39.35 3.64
CA VAL F 194 -58.66 40.07 2.38
C VAL F 194 -57.15 40.11 2.06
N VAL F 195 -56.80 40.59 0.87
CA VAL F 195 -55.40 40.88 0.58
C VAL F 195 -55.03 42.13 1.33
N THR F 196 -54.06 42.03 2.23
CA THR F 196 -53.66 43.19 3.02
C THR F 196 -52.24 43.66 2.71
N HIS F 197 -51.97 44.94 2.99
CA HIS F 197 -50.64 45.51 2.75
C HIS F 197 -49.70 45.08 3.86
N GLY F 198 -50.20 45.07 5.10
CA GLY F 198 -49.39 44.64 6.24
C GLY F 198 -48.73 45.76 7.04
N ASP F 199 -48.53 46.91 6.42
CA ASP F 199 -48.01 48.08 7.15
C ASP F 199 -48.59 49.34 6.51
N PHE F 200 -49.92 49.45 6.57
CA PHE F 200 -50.65 50.48 5.86
C PHE F 200 -50.63 51.79 6.66
N SER F 201 -49.42 52.32 6.83
CA SER F 201 -49.24 53.55 7.59
C SER F 201 -49.19 54.76 6.66
N LEU F 202 -49.21 55.96 7.24
CA LEU F 202 -49.19 57.18 6.43
C LEU F 202 -47.85 57.35 5.69
N ASP F 203 -46.81 56.70 6.18
CA ASP F 203 -45.48 56.77 5.56
C ASP F 203 -45.37 55.98 4.25
N ASN F 204 -46.29 55.05 4.03
CA ASN F 204 -46.15 54.07 2.94
C ASN F 204 -47.12 54.27 1.78
N LEU F 205 -47.81 55.40 1.78
CA LEU F 205 -48.71 55.77 0.70
C LEU F 205 -48.23 57.08 0.10
N ILE F 206 -48.13 57.14 -1.22
CA ILE F 206 -47.53 58.30 -1.90
C ILE F 206 -48.55 59.11 -2.71
N PHE F 207 -48.59 60.41 -2.45
CA PHE F 207 -49.44 61.36 -3.17
C PHE F 207 -48.60 62.17 -4.13
N ASP F 208 -49.14 62.42 -5.30
CA ASP F 208 -48.52 63.34 -6.25
C ASP F 208 -49.61 64.02 -7.05
N GLU F 209 -49.54 65.34 -7.15
CA GLU F 209 -50.56 66.15 -7.82
C GLU F 209 -51.95 65.92 -7.21
N GLY F 210 -51.99 65.86 -5.89
CA GLY F 210 -53.25 65.69 -5.18
C GLY F 210 -53.89 64.32 -5.32
N LYS F 211 -53.21 63.40 -6.00
CA LYS F 211 -53.74 62.05 -6.21
C LYS F 211 -52.85 60.99 -5.56
N LEU F 212 -53.48 59.95 -5.06
CA LEU F 212 -52.76 58.86 -4.41
C LEU F 212 -52.32 57.87 -5.48
N ILE F 213 -51.01 57.85 -5.75
CA ILE F 213 -50.54 57.17 -6.95
C ILE F 213 -49.75 55.89 -6.69
N GLY F 214 -49.44 55.59 -5.44
CA GLY F 214 -48.78 54.33 -5.15
C GLY F 214 -48.67 54.00 -3.69
N CYS F 215 -48.29 52.77 -3.41
CA CYS F 215 -47.95 52.37 -2.06
C CYS F 215 -46.60 51.70 -2.10
N ILE F 216 -45.91 51.70 -0.97
CA ILE F 216 -44.54 51.19 -0.90
C ILE F 216 -44.38 50.31 0.33
N ASP F 217 -43.17 49.80 0.53
CA ASP F 217 -42.87 48.92 1.67
C ASP F 217 -43.86 47.77 1.82
N VAL F 218 -43.93 46.92 0.81
CA VAL F 218 -44.95 45.86 0.76
C VAL F 218 -44.43 44.50 1.29
N GLY F 219 -43.37 44.52 2.10
CA GLY F 219 -42.76 43.29 2.59
C GLY F 219 -43.64 42.38 3.43
N ARG F 220 -44.74 42.91 3.95
N ARG F 220 -44.74 42.93 3.94
CA ARG F 220 -45.63 42.12 4.81
CA ARG F 220 -45.65 42.20 4.84
C ARG F 220 -46.98 41.85 4.18
C ARG F 220 -46.98 41.84 4.17
N VAL F 221 -47.07 42.08 2.87
CA VAL F 221 -48.31 41.77 2.12
C VAL F 221 -48.73 40.31 2.27
N GLY F 222 -50.03 40.08 2.43
CA GLY F 222 -50.54 38.72 2.43
C GLY F 222 -52.00 38.70 2.87
N ILE F 223 -52.59 37.51 2.82
CA ILE F 223 -53.97 37.36 3.23
C ILE F 223 -54.04 37.50 4.74
N ALA F 224 -54.85 38.45 5.22
CA ALA F 224 -55.06 38.61 6.65
C ALA F 224 -56.41 39.28 6.88
N ASP F 225 -56.80 39.45 8.13
CA ASP F 225 -58.05 40.15 8.42
C ASP F 225 -57.97 41.61 7.93
N ARG F 226 -59.04 42.15 7.37
CA ARG F 226 -59.02 43.52 6.87
C ARG F 226 -58.59 44.55 7.94
N TYR F 227 -58.81 44.24 9.22
CA TYR F 227 -58.39 45.16 10.28
C TYR F 227 -56.87 45.28 10.41
N GLN F 228 -56.13 44.40 9.76
CA GLN F 228 -54.66 44.54 9.75
C GLN F 228 -54.29 45.92 9.16
N ASP F 229 -54.98 46.31 8.11
CA ASP F 229 -54.72 47.58 7.43
C ASP F 229 -55.50 48.72 8.06
N LEU F 230 -56.79 48.50 8.33
CA LEU F 230 -57.61 49.53 8.97
C LEU F 230 -56.99 49.99 10.29
N ALA F 231 -56.51 49.07 11.11
CA ALA F 231 -55.96 49.43 12.42
C ALA F 231 -54.74 50.34 12.34
N ILE F 232 -53.74 49.93 11.56
CA ILE F 232 -52.51 50.70 11.47
C ILE F 232 -52.75 52.11 10.92
N LEU F 233 -53.59 52.23 9.89
CA LEU F 233 -53.94 53.53 9.33
C LEU F 233 -54.71 54.37 10.34
N TRP F 234 -55.74 53.77 10.95
CA TRP F 234 -56.55 54.42 11.97
C TRP F 234 -55.68 55.01 13.08
N ASN F 235 -54.71 54.21 13.52
CA ASN F 235 -53.79 54.62 14.57
C ASN F 235 -53.01 55.86 14.15
N CYS F 236 -52.45 55.83 12.94
CA CYS F 236 -51.72 56.98 12.38
C CYS F 236 -52.55 58.25 12.38
N LEU F 237 -53.82 58.10 12.00
CA LEU F 237 -54.72 59.24 11.90
C LEU F 237 -55.04 59.88 13.25
N GLY F 238 -54.92 59.13 14.33
CA GLY F 238 -55.20 59.67 15.65
C GLY F 238 -54.37 60.87 16.06
N GLU F 239 -53.17 60.99 15.49
CA GLU F 239 -52.29 62.13 15.81
C GLU F 239 -52.75 63.40 15.11
N PHE F 240 -53.66 63.26 14.16
CA PHE F 240 -54.14 64.42 13.41
C PHE F 240 -55.55 64.81 13.84
N SER F 241 -56.43 63.81 13.95
CA SER F 241 -57.79 64.04 14.44
C SER F 241 -58.56 62.75 14.69
N PRO F 242 -59.40 62.75 15.74
CA PRO F 242 -60.41 61.71 15.95
C PRO F 242 -61.48 61.76 14.86
N SER F 243 -61.81 62.95 14.38
CA SER F 243 -62.76 63.07 13.26
C SER F 243 -62.25 62.36 11.99
N LEU F 244 -60.96 62.47 11.71
CA LEU F 244 -60.40 61.79 10.53
C LEU F 244 -60.36 60.28 10.72
N GLN F 245 -60.21 59.84 11.97
CA GLN F 245 -60.23 58.40 12.27
C GLN F 245 -61.60 57.80 11.93
N LYS F 246 -62.65 58.47 12.42
CA LYS F 246 -64.01 58.00 12.18
C LYS F 246 -64.34 58.06 10.69
N ARG F 247 -63.84 59.09 10.01
CA ARG F 247 -64.11 59.26 8.59
C ARG F 247 -63.48 58.16 7.73
N LEU F 248 -62.31 57.68 8.13
CA LEU F 248 -61.70 56.54 7.46
C LEU F 248 -62.66 55.34 7.40
N PHE F 249 -63.21 54.96 8.55
CA PHE F 249 -64.13 53.83 8.59
C PHE F 249 -65.40 54.11 7.78
N GLN F 250 -65.96 55.30 7.97
CA GLN F 250 -67.18 55.70 7.26
C GLN F 250 -67.01 55.62 5.74
N LYS F 251 -65.92 56.19 5.24
CA LYS F 251 -65.66 56.19 3.81
C LYS F 251 -65.28 54.81 3.28
N TYR F 252 -64.61 54.02 4.10
CA TYR F 252 -64.24 52.65 3.74
C TYR F 252 -65.46 51.76 3.61
N GLY F 253 -66.47 52.04 4.41
CA GLY F 253 -67.75 51.34 4.30
C GLY F 253 -68.17 50.63 5.57
N ILE F 254 -67.54 50.98 6.68
CA ILE F 254 -67.90 50.41 7.98
C ILE F 254 -68.46 51.46 8.94
N ASP F 255 -69.75 51.38 9.23
CA ASP F 255 -70.39 52.35 10.14
C ASP F 255 -70.03 52.08 11.60
N ASN F 256 -70.06 50.81 12.00
CA ASN F 256 -69.77 50.43 13.39
C ASN F 256 -68.51 49.59 13.50
N PRO F 257 -67.36 50.26 13.68
CA PRO F 257 -66.04 49.61 13.74
C PRO F 257 -65.94 48.58 14.86
N ASP F 258 -65.40 47.41 14.52
CA ASP F 258 -65.22 46.32 15.48
C ASP F 258 -64.05 46.66 16.40
N MSE F 259 -64.36 47.18 17.56
CA MSE F 259 -63.33 47.63 18.49
C MSE F 259 -62.36 46.54 18.91
O MSE F 259 -61.16 46.79 19.07
CB MSE F 259 -64.01 48.23 19.72
CG MSE F 259 -64.76 49.50 19.41
SE MSE F 259 -63.54 50.83 18.69
CE MSE F 259 -64.67 51.61 17.32
N ASN F 260 -62.88 45.32 19.07
CA ASN F 260 -62.04 44.17 19.44
C ASN F 260 -61.00 43.86 18.38
N LYS F 261 -61.41 43.89 17.11
CA LYS F 261 -60.50 43.56 16.03
C LYS F 261 -59.50 44.70 15.83
N LEU F 262 -59.99 45.92 16.02
CA LEU F 262 -59.13 47.09 15.98
C LEU F 262 -58.03 46.95 17.04
N GLN F 263 -58.46 46.72 18.28
CA GLN F 263 -57.54 46.58 19.40
C GLN F 263 -56.53 45.42 19.18
N PHE F 264 -57.02 44.27 18.71
CA PHE F 264 -56.11 43.15 18.46
C PHE F 264 -54.99 43.53 17.50
N HIS F 265 -55.34 44.16 16.38
CA HIS F 265 -54.33 44.44 15.37
C HIS F 265 -53.36 45.55 15.80
N LEU F 266 -53.84 46.52 16.57
CA LEU F 266 -52.95 47.53 17.12
C LEU F 266 -51.89 46.86 18.02
N MSE F 267 -52.36 45.96 18.90
CA MSE F 267 -51.45 45.27 19.82
C MSE F 267 -50.44 44.38 19.10
O MSE F 267 -49.27 44.35 19.45
CB MSE F 267 -52.24 44.47 20.86
CG MSE F 267 -53.07 45.38 21.78
SE MSE F 267 -54.01 44.43 23.15
CE MSE F 267 -52.58 44.30 24.43
N LEU F 268 -50.90 43.69 18.08
CA LEU F 268 -50.02 42.84 17.28
C LEU F 268 -48.89 43.63 16.63
N ASP F 269 -49.21 44.80 16.06
CA ASP F 269 -48.17 45.65 15.47
C ASP F 269 -47.12 46.12 16.48
N GLU F 270 -47.45 46.10 17.78
CA GLU F 270 -46.47 46.49 18.81
C GLU F 270 -45.22 45.61 18.77
N PHE F 271 -45.36 44.43 18.18
CA PHE F 271 -44.29 43.45 18.21
C PHE F 271 -43.39 43.57 17.00
N PHE F 272 -43.75 44.44 16.06
CA PHE F 272 -43.01 44.48 14.80
C PHE F 272 -42.25 45.76 14.55
N GLY G 1 -26.73 -7.34 62.99
CA GLY G 1 -26.07 -7.02 64.24
C GLY G 1 -25.81 -5.53 64.42
N MSE G 2 -24.50 -5.12 64.36
CA MSE G 2 -24.10 -3.71 64.45
C MSE G 2 -24.81 -2.87 63.41
O MSE G 2 -24.90 -3.25 62.23
CB MSE G 2 -22.60 -3.56 64.29
CG MSE G 2 -21.77 -3.80 65.53
SE MSE G 2 -20.86 -2.19 66.12
CE MSE G 2 -21.91 -1.85 67.71
N SER G 3 -25.33 -1.70 63.84
CA SER G 3 -26.00 -0.77 62.95
C SER G 3 -25.16 0.51 62.84
N HIS G 4 -25.41 1.28 61.78
CA HIS G 4 -24.78 2.59 61.60
C HIS G 4 -23.26 2.52 61.45
N ILE G 5 -22.75 1.40 60.93
CA ILE G 5 -21.30 1.26 60.82
C ILE G 5 -20.73 2.02 59.63
N GLN G 6 -19.53 2.56 59.81
CA GLN G 6 -18.87 3.36 58.79
C GLN G 6 -17.38 3.08 58.86
N ARG G 7 -16.96 1.98 58.23
CA ARG G 7 -15.60 1.50 58.37
CA ARG G 7 -15.60 1.49 58.36
C ARG G 7 -14.78 1.75 57.10
N GLU G 8 -13.73 2.54 57.23
CA GLU G 8 -12.93 2.91 56.08
C GLU G 8 -11.56 2.23 56.09
N THR G 9 -11.16 1.71 54.92
CA THR G 9 -9.83 1.13 54.75
C THR G 9 -9.10 1.83 53.60
N SER G 10 -7.77 1.88 53.69
CA SER G 10 -6.96 2.38 52.59
C SER G 10 -7.03 1.38 51.45
N CYS G 11 -7.06 1.86 50.22
CA CYS G 11 -7.01 0.95 49.07
C CYS G 11 -6.25 1.57 47.90
N SER G 12 -5.73 0.73 47.01
CA SER G 12 -5.16 1.20 45.77
C SER G 12 -6.29 1.37 44.77
N ARG G 13 -6.05 2.13 43.71
CA ARG G 13 -7.07 2.36 42.69
C ARG G 13 -7.44 1.01 42.10
N PRO G 14 -8.74 0.74 41.97
CA PRO G 14 -9.22 -0.55 41.46
C PRO G 14 -9.02 -0.67 39.96
N ARG G 15 -8.91 -1.91 39.47
CA ARG G 15 -8.91 -2.16 38.03
C ARG G 15 -10.25 -1.70 37.52
N LEU G 16 -10.24 -0.87 36.48
CA LEU G 16 -11.47 -0.26 35.98
C LEU G 16 -12.17 -1.08 34.89
N ASN G 17 -13.23 -0.48 34.37
CA ASN G 17 -13.97 -1.01 33.24
C ASN G 17 -13.09 -1.10 31.99
N SER G 18 -13.53 -1.90 31.02
CA SER G 18 -12.94 -1.89 29.68
C SER G 18 -13.97 -1.32 28.71
N ASN G 19 -13.96 0.01 28.58
CA ASN G 19 -15.08 0.73 27.99
C ASN G 19 -15.16 0.75 26.47
N LEU G 20 -15.90 1.73 25.95
CA LEU G 20 -15.95 2.02 24.51
C LEU G 20 -14.54 2.38 24.06
N ASP G 21 -14.37 2.54 22.74
CA ASP G 21 -13.03 2.65 22.14
C ASP G 21 -12.30 1.33 22.33
N ALA G 22 -13.07 0.29 22.63
CA ALA G 22 -12.55 -1.05 22.90
C ALA G 22 -13.67 -2.05 22.70
N ASP G 23 -13.42 -3.02 21.82
CA ASP G 23 -14.43 -3.97 21.33
C ASP G 23 -15.52 -3.30 20.50
N LEU G 24 -15.57 -1.98 20.56
CA LEU G 24 -16.13 -1.18 19.49
C LEU G 24 -14.94 -0.91 18.59
N TYR G 25 -14.44 -1.99 17.98
CA TYR G 25 -13.11 -2.00 17.40
C TYR G 25 -13.15 -2.40 15.93
N GLY G 26 -13.57 -1.46 15.08
CA GLY G 26 -13.52 -1.68 13.65
C GLY G 26 -14.84 -2.15 13.04
N TYR G 27 -15.89 -1.37 13.25
CA TYR G 27 -17.17 -1.59 12.59
C TYR G 27 -17.29 -0.61 11.42
N ARG G 28 -18.51 -0.38 10.95
CA ARG G 28 -18.75 0.65 9.95
C ARG G 28 -19.99 1.46 10.33
N TRP G 29 -20.06 2.72 9.92
CA TRP G 29 -21.01 3.66 10.53
C TRP G 29 -21.98 4.35 9.56
N ALA G 30 -23.17 4.67 10.07
CA ALA G 30 -24.20 5.39 9.30
C ALA G 30 -25.21 6.02 10.26
N ARG G 31 -26.31 6.56 9.74
CA ARG G 31 -27.34 7.16 10.61
C ARG G 31 -28.78 6.84 10.24
N ASP G 32 -29.55 6.37 11.24
CA ASP G 32 -30.99 6.20 11.08
C ASP G 32 -31.74 7.48 11.39
N ASN G 33 -33.05 7.35 11.58
CA ASN G 33 -33.96 8.42 11.97
C ASN G 33 -33.54 9.84 11.57
N VAL G 34 -33.00 9.97 10.37
CA VAL G 34 -32.60 11.27 9.84
C VAL G 34 -33.84 12.16 9.65
N GLY G 35 -33.87 13.29 10.33
CA GLY G 35 -35.00 14.20 10.26
C GLY G 35 -36.03 13.93 11.34
N GLN G 36 -35.68 13.06 12.28
CA GLN G 36 -36.56 12.71 13.40
C GLN G 36 -36.25 13.56 14.63
N SER G 37 -37.17 13.52 15.58
CA SER G 37 -36.94 14.09 16.90
C SER G 37 -36.42 12.97 17.79
N GLY G 38 -35.31 13.24 18.48
CA GLY G 38 -34.72 12.24 19.35
C GLY G 38 -33.22 12.21 19.24
N ALA G 39 -32.66 11.00 19.29
CA ALA G 39 -31.22 10.83 19.42
C ALA G 39 -30.56 10.54 18.08
N THR G 40 -29.28 10.88 17.96
CA THR G 40 -28.52 10.50 16.78
C THR G 40 -28.16 9.02 16.90
N ILE G 41 -28.31 8.29 15.80
CA ILE G 41 -28.12 6.84 15.80
C ILE G 41 -27.04 6.39 14.83
N TYR G 42 -26.14 5.55 15.32
CA TYR G 42 -25.13 4.97 14.45
C TYR G 42 -25.37 3.48 14.26
N ARG G 43 -25.32 3.06 13.00
CA ARG G 43 -25.40 1.64 12.67
C ARG G 43 -23.98 1.11 12.66
N LEU G 44 -23.76 -0.04 13.30
CA LEU G 44 -22.42 -0.62 13.32
C LEU G 44 -22.40 -2.03 12.72
N TYR G 45 -21.70 -2.15 11.60
CA TYR G 45 -21.76 -3.37 10.79
C TYR G 45 -20.42 -3.62 10.11
N GLY G 46 -20.41 -4.57 9.18
CA GLY G 46 -19.24 -4.76 8.33
C GLY G 46 -18.07 -5.44 9.02
N LYS G 47 -18.00 -5.31 10.35
CA LYS G 47 -17.00 -6.03 11.12
C LYS G 47 -17.30 -7.51 10.97
N PRO G 48 -16.41 -8.23 10.28
CA PRO G 48 -16.64 -9.62 9.88
C PRO G 48 -16.83 -10.52 11.09
N ASN G 49 -17.73 -11.49 10.98
CA ASN G 49 -18.08 -12.40 12.08
C ASN G 49 -18.81 -11.70 13.24
N ALA G 50 -18.72 -10.38 13.28
CA ALA G 50 -19.36 -9.60 14.35
C ALA G 50 -20.77 -9.14 13.98
N PRO G 51 -21.73 -9.35 14.88
CA PRO G 51 -23.12 -8.96 14.69
C PRO G 51 -23.27 -7.44 14.60
N GLU G 52 -24.33 -7.00 13.94
CA GLU G 52 -24.58 -5.57 13.75
C GLU G 52 -25.00 -4.91 15.06
N LEU G 53 -24.56 -3.66 15.26
CA LEU G 53 -24.89 -2.94 16.50
C LEU G 53 -25.54 -1.59 16.24
N PHE G 54 -26.27 -1.09 17.23
CA PHE G 54 -26.76 0.27 17.19
C PHE G 54 -26.15 1.07 18.34
N LEU G 55 -25.63 2.25 18.02
CA LEU G 55 -25.19 3.20 19.04
C LEU G 55 -26.10 4.42 19.02
N LYS G 56 -26.73 4.68 20.15
CA LYS G 56 -27.64 5.82 20.26
C LYS G 56 -27.08 6.88 21.21
N HIS G 57 -27.04 8.12 20.73
CA HIS G 57 -26.50 9.23 21.50
C HIS G 57 -27.55 10.29 21.74
N GLY G 58 -27.80 10.60 23.01
CA GLY G 58 -28.71 11.66 23.38
C GLY G 58 -28.05 12.76 24.21
N LYS G 59 -28.39 14.01 23.88
CA LYS G 59 -27.90 15.19 24.60
C LYS G 59 -29.05 15.89 25.29
N GLY G 60 -28.76 16.59 26.38
CA GLY G 60 -29.79 17.34 27.09
C GLY G 60 -30.92 16.45 27.56
N SER G 61 -32.16 16.89 27.33
CA SER G 61 -33.32 16.14 27.77
C SER G 61 -33.36 14.78 27.10
N VAL G 62 -32.84 14.71 25.87
CA VAL G 62 -32.77 13.46 25.13
C VAL G 62 -31.87 12.42 25.83
N ALA G 63 -30.83 12.88 26.53
CA ALA G 63 -30.02 11.93 27.32
C ALA G 63 -30.90 11.20 28.33
N ASN G 64 -31.90 11.89 28.87
CA ASN G 64 -32.83 11.25 29.79
C ASN G 64 -33.68 10.19 29.12
N ASP G 65 -34.12 10.47 27.90
CA ASP G 65 -34.89 9.49 27.14
C ASP G 65 -34.07 8.22 26.92
N VAL G 66 -32.80 8.40 26.56
CA VAL G 66 -31.93 7.26 26.29
C VAL G 66 -31.67 6.48 27.58
N THR G 67 -31.50 7.19 28.69
CA THR G 67 -31.35 6.54 29.99
C THR G 67 -32.59 5.68 30.37
N ASP G 68 -33.78 6.25 30.17
CA ASP G 68 -35.05 5.57 30.49
C ASP G 68 -35.21 4.32 29.65
N GLU G 69 -34.79 4.44 28.40
CA GLU G 69 -34.84 3.32 27.49
C GLU G 69 -33.92 2.20 27.98
N MSE G 70 -32.69 2.57 28.34
CA MSE G 70 -31.71 1.59 28.79
C MSE G 70 -32.21 0.77 29.97
O MSE G 70 -32.12 -0.46 29.97
CB MSE G 70 -30.37 2.26 29.15
CG MSE G 70 -29.28 1.27 29.55
SE MSE G 70 -29.33 0.76 31.44
CE MSE G 70 -29.08 2.54 32.15
N VAL G 71 -32.75 1.44 31.00
CA VAL G 71 -33.14 0.69 32.20
C VAL G 71 -34.33 -0.20 31.91
N ARG G 72 -35.15 0.20 30.94
CA ARG G 72 -36.27 -0.65 30.56
C ARG G 72 -35.85 -1.87 29.71
N LEU G 73 -34.92 -1.66 28.79
CA LEU G 73 -34.29 -2.79 28.08
C LEU G 73 -33.70 -3.75 29.08
N ASN G 74 -32.94 -3.20 30.02
CA ASN G 74 -32.26 -4.00 31.04
C ASN G 74 -33.22 -4.87 31.86
N TRP G 75 -34.34 -4.27 32.29
CA TRP G 75 -35.33 -4.98 33.09
C TRP G 75 -36.17 -5.96 32.28
N LEU G 76 -36.76 -5.49 31.19
CA LEU G 76 -37.71 -6.31 30.44
C LEU G 76 -37.10 -7.51 29.72
N THR G 77 -35.80 -7.47 29.46
CA THR G 77 -35.21 -8.57 28.67
C THR G 77 -35.23 -9.93 29.37
N ALA G 78 -35.46 -9.92 30.68
CA ALA G 78 -35.63 -11.16 31.44
C ALA G 78 -36.94 -11.86 31.05
N PHE G 79 -37.85 -11.12 30.44
CA PHE G 79 -39.19 -11.62 30.14
C PHE G 79 -39.52 -11.72 28.64
N MSE G 80 -38.84 -10.92 27.81
CA MSE G 80 -39.17 -10.81 26.39
C MSE G 80 -37.88 -10.75 25.56
O MSE G 80 -36.83 -10.40 26.08
CB MSE G 80 -39.97 -9.51 26.13
CG MSE G 80 -41.30 -9.42 26.87
SE MSE G 80 -42.62 -10.68 26.17
CE MSE G 80 -43.05 -9.74 24.52
N PRO G 81 -37.98 -11.08 24.27
CA PRO G 81 -36.81 -10.92 23.38
C PRO G 81 -36.61 -9.47 22.95
N LEU G 82 -35.51 -8.87 23.41
CA LEU G 82 -35.21 -7.46 23.19
C LEU G 82 -33.77 -7.34 22.72
N PRO G 83 -33.38 -6.16 22.21
CA PRO G 83 -31.96 -5.92 21.96
C PRO G 83 -31.19 -6.03 23.27
N THR G 84 -29.97 -6.53 23.20
CA THR G 84 -29.08 -6.68 24.36
C THR G 84 -28.18 -5.46 24.50
N ILE G 85 -28.01 -5.00 25.73
CA ILE G 85 -27.16 -3.85 26.00
C ILE G 85 -25.70 -4.27 26.10
N LYS G 86 -24.88 -3.77 25.19
CA LYS G 86 -23.45 -4.04 25.22
C LYS G 86 -22.71 -3.03 26.09
N HIS G 87 -23.16 -1.79 26.06
CA HIS G 87 -22.47 -0.74 26.82
C HIS G 87 -23.41 0.46 26.96
N PHE G 88 -23.28 1.17 28.08
CA PHE G 88 -24.04 2.38 28.31
C PHE G 88 -23.20 3.35 29.14
N ILE G 89 -23.21 4.62 28.73
CA ILE G 89 -22.50 5.68 29.44
C ILE G 89 -23.41 6.87 29.70
N ARG G 90 -23.38 7.36 30.92
N ARG G 90 -23.39 7.39 30.92
CA ARG G 90 -24.08 8.58 31.27
CA ARG G 90 -24.13 8.61 31.25
C ARG G 90 -23.10 9.59 31.85
C ARG G 90 -23.21 9.63 31.92
N THR G 91 -23.11 10.81 31.30
CA THR G 91 -22.39 11.93 31.89
C THR G 91 -23.47 13.01 32.07
N PRO G 92 -23.13 14.17 32.71
CA PRO G 92 -24.20 15.15 32.97
C PRO G 92 -25.12 15.54 31.80
N ASP G 93 -24.56 15.71 30.60
CA ASP G 93 -25.36 16.21 29.47
CA ASP G 93 -25.37 16.20 29.48
C ASP G 93 -25.50 15.19 28.34
N ASP G 94 -24.93 14.00 28.52
CA ASP G 94 -24.91 13.02 27.43
C ASP G 94 -25.19 11.59 27.87
N ALA G 95 -25.87 10.84 27.00
CA ALA G 95 -26.05 9.42 27.20
C ALA G 95 -25.76 8.65 25.92
N TRP G 96 -25.00 7.57 26.04
CA TRP G 96 -24.65 6.74 24.89
C TRP G 96 -25.11 5.32 25.20
N LEU G 97 -25.91 4.75 24.30
CA LEU G 97 -26.44 3.41 24.49
C LEU G 97 -26.06 2.54 23.29
N LEU G 98 -25.35 1.44 23.57
CA LEU G 98 -24.92 0.55 22.51
C LEU G 98 -25.60 -0.80 22.68
N THR G 99 -26.40 -1.19 21.69
CA THR G 99 -27.20 -2.42 21.76
C THR G 99 -27.01 -3.28 20.50
N THR G 100 -27.33 -4.57 20.62
CA THR G 100 -27.31 -5.47 19.47
C THR G 100 -28.52 -5.19 18.57
N ALA G 101 -28.34 -5.39 17.27
CA ALA G 101 -29.46 -5.30 16.34
C ALA G 101 -30.24 -6.61 16.35
N ILE G 102 -31.55 -6.53 16.13
CA ILE G 102 -32.36 -7.72 15.97
C ILE G 102 -32.66 -7.94 14.48
N PRO G 103 -32.08 -8.98 13.89
CA PRO G 103 -32.25 -9.34 12.48
C PRO G 103 -33.69 -9.69 12.15
N GLY G 104 -34.16 -9.26 10.98
CA GLY G 104 -35.52 -9.56 10.57
C GLY G 104 -36.22 -8.37 9.95
N LYS G 105 -37.54 -8.46 9.87
CA LYS G 105 -38.37 -7.43 9.28
C LYS G 105 -39.44 -7.03 10.28
N THR G 106 -39.92 -5.79 10.20
CA THR G 106 -40.99 -5.34 11.10
C THR G 106 -42.31 -6.02 10.74
N ALA G 107 -43.24 -6.05 11.67
CA ALA G 107 -44.58 -6.59 11.40
C ALA G 107 -45.27 -5.90 10.24
N PHE G 108 -45.03 -4.60 10.07
CA PHE G 108 -45.56 -3.86 8.92
C PHE G 108 -45.03 -4.44 7.61
N GLN G 109 -43.71 -4.59 7.52
CA GLN G 109 -43.11 -5.16 6.31
C GLN G 109 -43.60 -6.58 6.01
N VAL G 110 -43.81 -7.36 7.06
CA VAL G 110 -44.26 -8.75 6.90
C VAL G 110 -45.71 -8.86 6.43
N LEU G 111 -46.58 -8.04 7.01
CA LEU G 111 -47.94 -7.90 6.52
C LEU G 111 -47.97 -7.52 5.03
N GLU G 112 -47.11 -6.59 4.64
CA GLU G 112 -47.03 -6.17 3.24
C GLU G 112 -46.54 -7.28 2.31
N GLU G 113 -45.60 -8.07 2.79
CA GLU G 113 -45.04 -9.12 1.94
C GLU G 113 -45.97 -10.33 1.88
N TYR G 114 -46.65 -10.61 2.99
CA TYR G 114 -47.54 -11.76 3.05
C TYR G 114 -48.99 -11.36 3.32
N PRO G 115 -49.61 -10.60 2.38
CA PRO G 115 -50.98 -10.12 2.66
C PRO G 115 -51.98 -11.25 2.88
N ASP G 116 -51.81 -12.37 2.18
CA ASP G 116 -52.71 -13.52 2.35
C ASP G 116 -52.53 -14.20 3.71
N SER G 117 -51.55 -13.75 4.48
CA SER G 117 -51.32 -14.29 5.84
C SER G 117 -51.73 -13.32 6.94
N GLY G 118 -52.53 -12.32 6.61
CA GLY G 118 -52.85 -11.28 7.57
C GLY G 118 -53.43 -11.82 8.86
N GLU G 119 -54.39 -12.74 8.74
CA GLU G 119 -55.01 -13.34 9.91
C GLU G 119 -54.01 -14.13 10.76
N ASN G 120 -53.15 -14.92 10.12
CA ASN G 120 -52.11 -15.67 10.82
C ASN G 120 -51.13 -14.74 11.53
N ILE G 121 -50.85 -13.62 10.90
CA ILE G 121 -49.90 -12.67 11.46
C ILE G 121 -50.52 -11.96 12.66
N VAL G 122 -51.80 -11.61 12.56
CA VAL G 122 -52.48 -11.00 13.69
C VAL G 122 -52.58 -11.98 14.88
N ASP G 123 -52.84 -13.26 14.58
CA ASP G 123 -52.84 -14.29 15.62
C ASP G 123 -51.52 -14.31 16.36
N ALA G 124 -50.42 -14.25 15.60
CA ALA G 124 -49.09 -14.24 16.21
C ALA G 124 -48.84 -12.98 17.04
N LEU G 125 -49.29 -11.82 16.55
CA LEU G 125 -49.19 -10.59 17.31
C LEU G 125 -49.96 -10.68 18.62
N ALA G 126 -51.16 -11.22 18.56
CA ALA G 126 -51.99 -11.37 19.74
C ALA G 126 -51.32 -12.27 20.76
N VAL G 127 -50.68 -13.35 20.31
CA VAL G 127 -49.99 -14.28 21.20
C VAL G 127 -48.83 -13.57 21.91
N PHE G 128 -48.10 -12.76 21.15
CA PHE G 128 -46.96 -12.02 21.68
C PHE G 128 -47.41 -11.00 22.71
N LEU G 129 -48.48 -10.27 22.38
CA LEU G 129 -48.99 -9.28 23.30
C LEU G 129 -49.54 -9.94 24.56
N ARG G 130 -50.21 -11.08 24.41
CA ARG G 130 -50.67 -11.81 25.60
C ARG G 130 -49.49 -12.19 26.49
N ARG G 131 -48.35 -12.50 25.88
CA ARG G 131 -47.16 -12.87 26.63
CA ARG G 131 -47.17 -12.88 26.65
C ARG G 131 -46.67 -11.71 27.50
N LEU G 132 -46.50 -10.55 26.89
CA LEU G 132 -46.05 -9.36 27.61
C LEU G 132 -47.01 -9.03 28.76
N HIS G 133 -48.32 -9.10 28.47
CA HIS G 133 -49.32 -8.79 29.47
C HIS G 133 -49.50 -9.86 30.53
N SER G 134 -48.83 -11.01 30.36
CA SER G 134 -48.87 -12.06 31.38
C SER G 134 -47.75 -11.95 32.42
N ILE G 135 -46.79 -11.07 32.19
CA ILE G 135 -45.79 -10.79 33.22
C ILE G 135 -46.48 -10.23 34.46
N PRO G 136 -46.36 -10.90 35.62
CA PRO G 136 -46.98 -10.39 36.85
C PRO G 136 -46.49 -8.97 37.17
N VAL G 137 -47.41 -8.05 37.47
CA VAL G 137 -47.02 -6.65 37.65
C VAL G 137 -46.09 -6.48 38.85
N CYS G 138 -46.13 -7.45 39.77
CA CYS G 138 -45.23 -7.44 40.92
C CYS G 138 -43.76 -7.43 40.52
N ASN G 139 -43.45 -7.84 39.30
CA ASN G 139 -42.08 -7.80 38.79
C ASN G 139 -41.60 -6.44 38.29
N CYS G 140 -42.54 -5.54 38.01
CA CYS G 140 -42.22 -4.33 37.22
C CYS G 140 -42.01 -3.08 38.07
N PRO G 141 -40.80 -2.49 38.02
CA PRO G 141 -40.47 -1.33 38.87
C PRO G 141 -40.84 0.00 38.19
N PHE G 142 -41.60 -0.07 37.09
CA PHE G 142 -41.92 1.13 36.31
C PHE G 142 -43.41 1.49 36.29
N ASN G 143 -43.68 2.78 36.49
CA ASN G 143 -45.04 3.31 36.41
C ASN G 143 -45.26 4.06 35.09
N SER G 144 -46.15 3.57 34.25
CA SER G 144 -46.53 4.30 33.03
C SER G 144 -48.03 4.60 32.99
N ASP G 145 -48.65 4.79 34.15
CA ASP G 145 -50.11 4.85 34.21
C ASP G 145 -50.69 6.12 33.57
N ARG G 146 -52.01 6.21 33.52
CA ARG G 146 -52.59 7.31 32.73
C ARG G 146 -52.35 8.66 33.39
N VAL G 147 -52.30 8.69 34.71
CA VAL G 147 -52.03 9.95 35.41
C VAL G 147 -50.64 10.44 35.06
N PHE G 148 -49.70 9.49 35.01
CA PHE G 148 -48.34 9.79 34.58
C PHE G 148 -48.30 10.26 33.10
N ARG G 149 -48.98 9.55 32.20
CA ARG G 149 -48.95 9.89 30.78
C ARG G 149 -49.69 11.20 30.46
N LEU G 150 -50.79 11.47 31.16
CA LEU G 150 -51.55 12.71 30.97
C LEU G 150 -50.71 13.93 31.36
N ALA G 151 -49.90 13.81 32.41
CA ALA G 151 -49.04 14.91 32.82
C ALA G 151 -48.00 15.18 31.73
N GLN G 152 -47.51 14.11 31.10
CA GLN G 152 -46.59 14.26 29.97
C GLN G 152 -47.29 14.91 28.79
N ALA G 153 -48.51 14.46 28.53
CA ALA G 153 -49.27 14.96 27.39
C ALA G 153 -49.54 16.45 27.57
N GLN G 154 -49.94 16.83 28.79
CA GLN G 154 -50.22 18.22 29.07
C GLN G 154 -48.99 19.07 28.84
N SER G 155 -47.84 18.60 29.31
CA SER G 155 -46.60 19.34 29.14
C SER G 155 -46.24 19.49 27.65
N ARG G 156 -46.41 18.42 26.88
CA ARG G 156 -46.13 18.46 25.45
C ARG G 156 -47.03 19.48 24.75
N MSE G 157 -48.30 19.48 25.10
CA MSE G 157 -49.24 20.46 24.58
C MSE G 157 -48.82 21.89 24.91
O MSE G 157 -48.77 22.76 24.02
CB MSE G 157 -50.66 20.18 25.11
CG MSE G 157 -51.68 21.26 24.72
SE MSE G 157 -53.48 20.81 25.30
CE MSE G 157 -53.26 21.04 27.22
N ASN G 158 -48.52 22.15 26.16
CA ASN G 158 -48.22 23.50 26.62
C ASN G 158 -46.91 24.01 26.06
N ASN G 159 -46.03 23.09 25.68
CA ASN G 159 -44.78 23.48 25.06
C ASN G 159 -44.79 23.41 23.54
N GLY G 160 -45.97 23.17 22.97
CA GLY G 160 -46.14 23.19 21.52
C GLY G 160 -45.42 22.08 20.78
N LEU G 161 -45.28 20.92 21.42
CA LEU G 161 -44.58 19.80 20.81
C LEU G 161 -45.51 18.77 20.17
N VAL G 162 -46.83 18.95 20.31
CA VAL G 162 -47.76 17.97 19.74
C VAL G 162 -47.82 18.08 18.20
N ASP G 163 -47.69 16.95 17.50
CA ASP G 163 -47.75 16.95 16.03
C ASP G 163 -49.21 16.93 15.54
N ALA G 164 -49.79 18.11 15.38
CA ALA G 164 -51.21 18.20 15.02
C ALA G 164 -51.50 17.67 13.62
N SER G 165 -50.47 17.55 12.79
CA SER G 165 -50.61 17.05 11.43
C SER G 165 -50.78 15.53 11.38
N ASP G 166 -50.56 14.88 12.51
CA ASP G 166 -50.46 13.43 12.51
C ASP G 166 -51.60 12.81 13.35
N PHE G 167 -52.68 13.56 13.59
CA PHE G 167 -53.83 13.01 14.32
C PHE G 167 -54.54 11.95 13.50
N ASP G 168 -55.24 11.02 14.15
CA ASP G 168 -56.06 10.04 13.44
C ASP G 168 -57.14 10.72 12.62
N ASP G 169 -57.66 10.03 11.59
CA ASP G 169 -58.63 10.63 10.68
C ASP G 169 -59.80 11.30 11.39
N GLU G 170 -60.32 10.65 12.42
CA GLU G 170 -61.49 11.18 13.11
C GLU G 170 -61.17 12.47 13.87
N ARG G 171 -59.89 12.81 14.01
CA ARG G 171 -59.50 14.07 14.64
C ARG G 171 -58.69 15.00 13.72
N ASN G 172 -58.82 14.78 12.41
CA ASN G 172 -58.03 15.54 11.45
C ASN G 172 -58.35 17.02 11.53
N GLY G 173 -57.33 17.84 11.73
CA GLY G 173 -57.53 19.29 11.76
C GLY G 173 -58.04 19.84 13.09
N TRP G 174 -58.24 18.99 14.10
CA TRP G 174 -58.71 19.48 15.39
C TRP G 174 -57.58 20.25 16.03
N PRO G 175 -57.91 21.36 16.72
CA PRO G 175 -56.88 21.98 17.56
C PRO G 175 -56.49 20.99 18.64
N VAL G 176 -55.21 20.98 19.03
CA VAL G 176 -54.74 20.13 20.12
C VAL G 176 -55.61 20.33 21.36
N GLU G 177 -55.96 21.57 21.66
CA GLU G 177 -56.73 21.85 22.87
C GLU G 177 -58.12 21.18 22.83
N GLN G 178 -58.66 20.97 21.64
CA GLN G 178 -59.93 20.24 21.50
C GLN G 178 -59.74 18.75 21.78
N VAL G 179 -58.64 18.18 21.31
CA VAL G 179 -58.34 16.77 21.61
C VAL G 179 -58.27 16.64 23.14
N TRP G 180 -57.57 17.57 23.77
CA TRP G 180 -57.34 17.52 25.23
C TRP G 180 -58.67 17.56 25.98
N LYS G 181 -59.54 18.50 25.64
CA LYS G 181 -60.78 18.66 26.38
C LYS G 181 -61.73 17.46 26.18
N GLU G 182 -61.92 17.07 24.93
CA GLU G 182 -62.80 15.94 24.62
C GLU G 182 -62.34 14.61 25.23
N MSE G 183 -61.01 14.37 25.24
CA MSE G 183 -60.45 13.18 25.86
C MSE G 183 -60.81 13.10 27.35
O MSE G 183 -61.01 12.02 27.91
CB MSE G 183 -58.93 13.17 25.72
CG MSE G 183 -58.23 12.00 26.44
SE MSE G 183 -56.33 11.97 26.09
CE MSE G 183 -55.85 13.70 26.87
N HIS G 184 -60.88 14.23 28.00
CA HIS G 184 -61.14 14.21 29.42
C HIS G 184 -62.59 13.82 29.73
N LYS G 185 -63.46 13.93 28.74
CA LYS G 185 -64.87 13.51 28.91
C LYS G 185 -65.03 11.98 29.00
N LEU G 186 -63.97 11.25 28.69
CA LEU G 186 -63.98 9.79 28.79
C LEU G 186 -63.51 9.32 30.18
N LEU G 187 -63.12 10.26 31.02
CA LEU G 187 -62.63 9.93 32.35
C LEU G 187 -63.76 10.13 33.36
N PRO G 188 -63.79 9.29 34.42
CA PRO G 188 -62.78 8.28 34.73
C PRO G 188 -63.17 6.87 34.28
N PHE G 189 -62.23 5.94 34.38
CA PHE G 189 -62.54 4.51 34.25
C PHE G 189 -61.59 3.72 35.16
N SER G 190 -61.96 2.48 35.46
CA SER G 190 -61.16 1.60 36.32
C SER G 190 -60.04 0.94 35.54
N PRO G 191 -58.79 1.20 35.95
CA PRO G 191 -57.65 0.64 35.23
C PRO G 191 -57.65 -0.88 35.34
N ASP G 192 -57.21 -1.51 34.25
CA ASP G 192 -56.99 -2.94 34.19
C ASP G 192 -55.50 -3.07 33.92
N SER G 193 -54.71 -3.07 34.98
CA SER G 193 -53.26 -2.83 34.87
C SER G 193 -52.43 -4.08 34.58
N VAL G 194 -51.54 -3.94 33.60
CA VAL G 194 -50.59 -4.98 33.23
C VAL G 194 -49.25 -4.33 32.91
N VAL G 195 -48.22 -5.14 32.69
CA VAL G 195 -46.96 -4.60 32.16
C VAL G 195 -47.22 -4.25 30.69
N THR G 196 -46.98 -2.99 30.31
CA THR G 196 -47.20 -2.56 28.92
C THR G 196 -45.92 -2.07 28.26
N HIS G 197 -45.94 -2.11 26.93
CA HIS G 197 -44.81 -1.66 26.13
C HIS G 197 -44.84 -0.14 25.94
N GLY G 198 -46.02 0.40 25.65
CA GLY G 198 -46.16 1.84 25.53
C GLY G 198 -46.23 2.36 24.11
N ASP G 199 -45.62 1.66 23.16
CA ASP G 199 -45.75 2.03 21.73
C ASP G 199 -45.76 0.73 20.93
N PHE G 200 -46.80 -0.07 21.13
CA PHE G 200 -46.86 -1.43 20.59
C PHE G 200 -47.39 -1.39 19.15
N SER G 201 -46.57 -0.85 18.26
CA SER G 201 -46.96 -0.63 16.86
C SER G 201 -46.31 -1.65 15.94
N LEU G 202 -46.79 -1.70 14.70
CA LEU G 202 -46.26 -2.64 13.72
C LEU G 202 -44.78 -2.38 13.41
N ASP G 203 -44.33 -1.13 13.56
CA ASP G 203 -42.90 -0.81 13.36
C ASP G 203 -41.95 -1.33 14.46
N ASN G 204 -42.50 -1.66 15.63
CA ASN G 204 -41.69 -2.01 16.81
C ASN G 204 -41.68 -3.49 17.15
N LEU G 205 -42.25 -4.29 16.25
CA LEU G 205 -42.32 -5.73 16.42
C LEU G 205 -41.56 -6.39 15.28
N ILE G 206 -40.61 -7.26 15.62
CA ILE G 206 -39.72 -7.84 14.61
C ILE G 206 -39.97 -9.33 14.40
N PHE G 207 -40.15 -9.71 13.14
CA PHE G 207 -40.29 -11.10 12.71
C PHE G 207 -39.01 -11.60 12.06
N ASP G 208 -38.68 -12.86 12.28
CA ASP G 208 -37.61 -13.51 11.52
C ASP G 208 -37.94 -14.99 11.40
N GLU G 209 -37.75 -15.54 10.21
CA GLU G 209 -38.12 -16.92 9.90
C GLU G 209 -39.57 -17.23 10.32
N GLY G 210 -40.47 -16.31 10.00
CA GLY G 210 -41.90 -16.52 10.21
C GLY G 210 -42.38 -16.46 11.65
N LYS G 211 -41.48 -16.10 12.57
CA LYS G 211 -41.90 -15.98 13.96
C LYS G 211 -41.53 -14.62 14.54
N LEU G 212 -42.30 -14.20 15.53
CA LEU G 212 -42.11 -12.91 16.16
C LEU G 212 -40.97 -13.10 17.14
N ILE G 213 -39.86 -12.41 16.91
CA ILE G 213 -38.67 -12.69 17.72
C ILE G 213 -38.10 -11.48 18.48
N GLY G 214 -38.83 -10.37 18.50
CA GLY G 214 -38.38 -9.25 19.30
C GLY G 214 -39.24 -8.01 19.26
N CYS G 215 -39.12 -7.17 20.28
CA CYS G 215 -39.72 -5.84 20.20
C CYS G 215 -38.67 -4.81 20.54
N ILE G 216 -38.84 -3.60 20.03
CA ILE G 216 -37.84 -2.55 20.22
C ILE G 216 -38.55 -1.29 20.73
N ASP G 217 -37.75 -0.26 21.03
CA ASP G 217 -38.31 1.06 21.36
C ASP G 217 -39.13 0.97 22.65
N VAL G 218 -38.47 0.62 23.75
CA VAL G 218 -39.17 0.26 24.98
C VAL G 218 -39.14 1.36 26.05
N GLY G 219 -38.88 2.60 25.66
CA GLY G 219 -38.74 3.68 26.61
C GLY G 219 -39.97 4.01 27.44
N ARG G 220 -41.14 3.56 26.99
CA ARG G 220 -42.39 3.81 27.72
C ARG G 220 -42.90 2.58 28.49
N VAL G 221 -42.10 1.52 28.53
CA VAL G 221 -42.47 0.32 29.27
C VAL G 221 -42.80 0.64 30.73
N GLY G 222 -43.91 0.08 31.20
CA GLY G 222 -44.27 0.22 32.60
C GLY G 222 -45.69 -0.27 32.81
N ILE G 223 -46.13 -0.22 34.06
CA ILE G 223 -47.48 -0.66 34.39
C ILE G 223 -48.48 0.38 33.89
N ALA G 224 -49.48 -0.07 33.13
CA ALA G 224 -50.54 0.80 32.61
C ALA G 224 -51.72 -0.10 32.25
N ASP G 225 -52.81 0.53 31.80
CA ASP G 225 -53.99 -0.24 31.39
C ASP G 225 -53.64 -1.05 30.15
N ARG G 226 -54.17 -2.27 30.04
CA ARG G 226 -53.85 -3.11 28.89
C ARG G 226 -54.25 -2.44 27.56
N TYR G 227 -55.21 -1.52 27.59
CA TYR G 227 -55.59 -0.87 26.33
C TYR G 227 -54.55 0.11 25.78
N GLN G 228 -53.54 0.46 26.57
CA GLN G 228 -52.46 1.29 26.05
C GLN G 228 -51.81 0.60 24.85
N ASP G 229 -51.60 -0.70 24.95
CA ASP G 229 -50.96 -1.46 23.86
C ASP G 229 -51.98 -1.94 22.84
N LEU G 230 -53.14 -2.37 23.32
CA LEU G 230 -54.19 -2.82 22.41
C LEU G 230 -54.56 -1.69 21.43
N ALA G 231 -54.70 -0.48 21.97
CA ALA G 231 -55.18 0.64 21.17
C ALA G 231 -54.19 0.98 20.06
N ILE G 232 -52.91 1.01 20.41
CA ILE G 232 -51.93 1.44 19.41
C ILE G 232 -51.80 0.41 18.27
N LEU G 233 -51.78 -0.87 18.63
CA LEU G 233 -51.71 -1.94 17.63
C LEU G 233 -52.98 -1.98 16.79
N TRP G 234 -54.11 -1.83 17.47
CA TRP G 234 -55.40 -1.78 16.78
C TRP G 234 -55.41 -0.66 15.72
N ASN G 235 -54.92 0.51 16.13
CA ASN G 235 -54.81 1.65 15.23
C ASN G 235 -53.98 1.30 13.98
N CYS G 236 -52.82 0.68 14.18
CA CYS G 236 -51.93 0.29 13.07
C CYS G 236 -52.60 -0.69 12.11
N LEU G 237 -53.39 -1.60 12.66
CA LEU G 237 -54.07 -2.62 11.85
C LEU G 237 -55.17 -2.02 11.01
N GLY G 238 -55.58 -0.79 11.33
CA GLY G 238 -56.47 -0.02 10.49
C GLY G 238 -56.00 0.18 9.05
N GLU G 239 -54.69 0.23 8.83
CA GLU G 239 -54.19 0.34 7.46
C GLU G 239 -54.36 -0.94 6.67
N PHE G 240 -54.83 -1.99 7.33
CA PHE G 240 -54.98 -3.28 6.66
C PHE G 240 -56.44 -3.66 6.51
N SER G 241 -57.16 -3.84 7.62
CA SER G 241 -58.59 -4.12 7.52
C SER G 241 -59.27 -4.01 8.88
N PRO G 242 -60.56 -3.62 8.87
CA PRO G 242 -61.34 -3.63 10.13
C PRO G 242 -61.48 -5.05 10.68
N SER G 243 -61.47 -6.05 9.81
CA SER G 243 -61.57 -7.43 10.26
C SER G 243 -60.32 -7.84 11.02
N LEU G 244 -59.15 -7.39 10.57
CA LEU G 244 -57.92 -7.73 11.27
C LEU G 244 -57.88 -7.00 12.62
N GLN G 245 -58.39 -5.76 12.63
CA GLN G 245 -58.48 -4.98 13.88
C GLN G 245 -59.32 -5.72 14.92
N LYS G 246 -60.48 -6.21 14.50
CA LYS G 246 -61.36 -6.95 15.39
C LYS G 246 -60.72 -8.28 15.83
N ARG G 247 -60.00 -8.93 14.92
CA ARG G 247 -59.37 -10.22 15.19
C ARG G 247 -58.29 -10.10 16.26
N LEU G 248 -57.59 -8.97 16.27
CA LEU G 248 -56.62 -8.70 17.34
C LEU G 248 -57.29 -8.87 18.70
N PHE G 249 -58.42 -8.20 18.89
CA PHE G 249 -59.13 -8.28 20.17
C PHE G 249 -59.63 -9.70 20.45
N GLN G 250 -60.21 -10.35 19.45
CA GLN G 250 -60.76 -11.69 19.63
CA GLN G 250 -60.77 -11.68 19.65
C GLN G 250 -59.69 -12.67 20.08
N LYS G 251 -58.56 -12.64 19.39
CA LYS G 251 -57.48 -13.58 19.67
C LYS G 251 -56.76 -13.22 20.98
N TYR G 252 -56.70 -11.94 21.30
CA TYR G 252 -56.12 -11.53 22.57
C TYR G 252 -56.99 -12.04 23.72
N GLY G 253 -58.29 -12.15 23.47
CA GLY G 253 -59.19 -12.72 24.46
C GLY G 253 -60.33 -11.81 24.90
N ILE G 254 -60.58 -10.74 24.15
CA ILE G 254 -61.65 -9.79 24.48
C ILE G 254 -62.77 -9.84 23.44
N ASP G 255 -63.94 -10.31 23.85
CA ASP G 255 -65.05 -10.44 22.91
C ASP G 255 -65.76 -9.11 22.61
N ASN G 256 -66.02 -8.33 23.66
CA ASN G 256 -66.59 -7.01 23.51
C ASN G 256 -65.60 -5.94 23.91
N PRO G 257 -64.86 -5.39 22.93
CA PRO G 257 -63.87 -4.34 23.20
C PRO G 257 -64.50 -3.14 23.90
N ASP G 258 -63.82 -2.61 24.90
CA ASP G 258 -64.30 -1.48 25.68
C ASP G 258 -64.06 -0.23 24.86
N MSE G 259 -65.08 0.31 24.21
CA MSE G 259 -64.89 1.37 23.23
C MSE G 259 -64.40 2.66 23.90
O MSE G 259 -63.64 3.42 23.30
CB MSE G 259 -66.18 1.61 22.45
CG MSE G 259 -66.59 0.42 21.59
SE MSE G 259 -65.16 -0.07 20.32
CE MSE G 259 -65.60 -1.94 20.01
N ASN G 260 -64.84 2.89 25.11
CA ASN G 260 -64.40 4.04 25.88
C ASN G 260 -62.89 4.01 26.16
N LYS G 261 -62.37 2.88 26.64
CA LYS G 261 -60.95 2.78 26.91
C LYS G 261 -60.13 2.79 25.62
N LEU G 262 -60.72 2.28 24.55
CA LEU G 262 -60.03 2.26 23.29
C LEU G 262 -59.85 3.69 22.79
N GLN G 263 -60.94 4.45 22.77
CA GLN G 263 -60.87 5.85 22.34
C GLN G 263 -59.97 6.70 23.26
N PHE G 264 -60.05 6.49 24.57
CA PHE G 264 -59.13 7.22 25.46
C PHE G 264 -57.66 7.02 25.10
N HIS G 265 -57.24 5.77 24.90
CA HIS G 265 -55.83 5.51 24.61
C HIS G 265 -55.41 5.96 23.22
N LEU G 266 -56.33 5.91 22.28
CA LEU G 266 -56.06 6.45 20.94
C LEU G 266 -55.85 7.96 21.03
N MSE G 267 -56.71 8.64 21.79
CA MSE G 267 -56.59 10.10 21.92
C MSE G 267 -55.33 10.50 22.65
O MSE G 267 -54.68 11.47 22.29
CB MSE G 267 -57.82 10.70 22.61
CG MSE G 267 -59.04 10.59 21.75
SE MSE G 267 -60.63 11.28 22.60
CE MSE G 267 -60.53 13.11 21.94
N LEU G 268 -54.99 9.73 23.70
CA LEU G 268 -53.77 10.00 24.45
C LEU G 268 -52.53 9.92 23.57
N ASP G 269 -52.47 8.93 22.66
CA ASP G 269 -51.28 8.79 21.84
C ASP G 269 -51.13 9.97 20.85
N GLU G 270 -52.21 10.73 20.65
CA GLU G 270 -52.14 11.90 19.76
C GLU G 270 -51.11 12.93 20.27
N PHE G 271 -50.82 12.91 21.56
CA PHE G 271 -49.96 13.91 22.17
C PHE G 271 -48.47 13.57 22.11
N PHE G 272 -48.15 12.39 21.57
CA PHE G 272 -46.78 11.88 21.65
C PHE G 272 -46.12 11.65 20.32
N SER H 18 -12.41 4.84 28.43
CA SER H 18 -11.47 5.20 29.48
C SER H 18 -11.81 6.56 30.07
N ASN H 19 -13.00 7.06 29.75
CA ASN H 19 -13.39 8.43 30.11
C ASN H 19 -13.61 8.62 31.61
N LEU H 20 -13.70 7.51 32.34
CA LEU H 20 -13.80 7.58 33.79
C LEU H 20 -12.48 8.08 34.38
N ASP H 21 -11.38 7.86 33.67
CA ASP H 21 -10.04 8.29 34.13
C ASP H 21 -9.88 9.80 34.30
N ALA H 22 -10.34 10.56 33.30
CA ALA H 22 -10.24 12.01 33.36
C ALA H 22 -10.96 12.53 34.59
N ASP H 23 -12.10 11.92 34.90
CA ASP H 23 -12.88 12.31 36.06
C ASP H 23 -12.16 12.01 37.38
N LEU H 24 -11.28 11.02 37.39
CA LEU H 24 -10.71 10.51 38.66
C LEU H 24 -9.29 11.01 38.94
N TYR H 25 -8.73 11.76 37.99
CA TYR H 25 -7.37 12.30 38.11
C TYR H 25 -7.12 13.08 39.41
N GLY H 26 -6.08 12.72 40.14
CA GLY H 26 -5.65 13.52 41.28
C GLY H 26 -6.31 13.23 42.63
N TYR H 27 -7.31 12.34 42.64
CA TYR H 27 -7.98 11.95 43.87
C TYR H 27 -7.24 10.86 44.67
N ARG H 28 -7.34 10.95 46.00
CA ARG H 28 -6.91 9.87 46.90
CA ARG H 28 -6.91 9.86 46.87
C ARG H 28 -8.06 8.89 47.01
N TRP H 29 -7.75 7.60 47.21
CA TRP H 29 -8.78 6.56 47.26
C TRP H 29 -8.92 5.90 48.61
N ALA H 30 -10.15 5.59 49.01
CA ALA H 30 -10.39 4.72 50.16
C ALA H 30 -11.64 3.89 49.91
N ARG H 31 -11.81 2.85 50.71
CA ARG H 31 -12.94 1.93 50.60
C ARG H 31 -13.80 1.99 51.86
N ASP H 32 -15.11 2.08 51.67
CA ASP H 32 -16.05 2.22 52.77
C ASP H 32 -17.01 1.04 52.92
N ASN H 33 -17.06 0.49 54.13
CA ASN H 33 -18.13 -0.41 54.53
C ASN H 33 -19.17 0.39 55.32
N VAL H 34 -20.26 0.74 54.66
CA VAL H 34 -21.35 1.45 55.33
C VAL H 34 -22.50 0.50 55.63
N GLY H 35 -22.17 -0.79 55.66
CA GLY H 35 -23.15 -1.84 55.92
C GLY H 35 -24.10 -2.02 54.76
N GLN H 36 -23.67 -1.56 53.58
CA GLN H 36 -24.50 -1.56 52.38
C GLN H 36 -24.91 -2.97 51.97
N SER H 37 -25.92 -3.01 51.11
CA SER H 37 -26.47 -4.25 50.58
C SER H 37 -25.37 -5.07 49.88
N GLY H 38 -24.76 -4.51 48.84
CA GLY H 38 -23.83 -5.27 48.04
C GLY H 38 -22.74 -4.53 47.27
N ALA H 39 -22.96 -3.27 46.93
CA ALA H 39 -21.97 -2.58 46.09
C ALA H 39 -20.65 -2.28 46.82
N THR H 40 -19.54 -2.30 46.10
CA THR H 40 -18.30 -1.78 46.67
C THR H 40 -18.33 -0.25 46.59
N ILE H 41 -18.04 0.41 47.69
CA ILE H 41 -18.07 1.87 47.74
C ILE H 41 -16.67 2.46 47.93
N TYR H 42 -16.24 3.26 46.96
CA TYR H 42 -14.97 3.99 47.10
C TYR H 42 -15.24 5.46 47.41
N ARG H 43 -14.44 6.02 48.31
CA ARG H 43 -14.47 7.46 48.58
C ARG H 43 -13.26 8.08 47.91
N LEU H 44 -13.50 9.11 47.11
CA LEU H 44 -12.43 9.81 46.41
C LEU H 44 -12.27 11.20 47.01
N TYR H 45 -11.06 11.51 47.49
CA TYR H 45 -10.91 12.70 48.31
C TYR H 45 -9.56 13.35 48.11
N GLY H 46 -9.42 14.60 48.58
CA GLY H 46 -8.12 15.24 48.58
C GLY H 46 -7.65 15.84 47.27
N LYS H 47 -8.56 16.09 46.33
CA LYS H 47 -8.16 16.76 45.10
C LYS H 47 -8.37 18.27 45.26
N PRO H 48 -7.31 19.06 45.05
CA PRO H 48 -7.42 20.51 45.18
C PRO H 48 -8.45 21.08 44.21
N ASN H 49 -9.25 22.04 44.68
CA ASN H 49 -10.29 22.68 43.87
C ASN H 49 -11.31 21.70 43.30
N ALA H 50 -11.47 20.56 43.95
CA ALA H 50 -12.43 19.56 43.48
C ALA H 50 -13.22 18.95 44.63
N PRO H 51 -14.50 18.61 44.38
CA PRO H 51 -15.33 18.10 45.47
C PRO H 51 -15.05 16.64 45.75
N GLU H 52 -15.33 16.20 46.97
CA GLU H 52 -15.23 14.78 47.28
C GLU H 52 -16.23 13.98 46.44
N LEU H 53 -15.84 12.79 45.97
CA LEU H 53 -16.72 11.93 45.18
C LEU H 53 -16.92 10.56 45.83
N PHE H 54 -17.99 9.86 45.45
CA PHE H 54 -18.14 8.45 45.79
C PHE H 54 -18.31 7.67 44.51
N LEU H 55 -17.70 6.49 44.47
CA LEU H 55 -17.84 5.58 43.34
C LEU H 55 -18.38 4.23 43.83
N LYS H 56 -19.54 3.84 43.30
CA LYS H 56 -20.12 2.52 43.57
C LYS H 56 -19.83 1.59 42.41
N HIS H 57 -19.42 0.37 42.74
CA HIS H 57 -19.23 -0.67 41.74
C HIS H 57 -20.05 -1.90 42.12
N GLY H 58 -21.01 -2.23 41.28
CA GLY H 58 -21.79 -3.45 41.43
C GLY H 58 -21.44 -4.46 40.37
N LYS H 59 -21.30 -5.73 40.78
CA LYS H 59 -21.11 -6.84 39.86
C LYS H 59 -22.34 -7.76 39.85
N GLY H 60 -22.57 -8.45 38.74
CA GLY H 60 -23.71 -9.34 38.61
C GLY H 60 -25.02 -8.66 38.98
N SER H 61 -25.74 -9.26 39.91
CA SER H 61 -27.05 -8.74 40.30
C SER H 61 -26.95 -7.35 40.94
N VAL H 62 -25.82 -7.07 41.57
CA VAL H 62 -25.61 -5.77 42.20
C VAL H 62 -25.43 -4.70 41.13
N ALA H 63 -24.99 -5.09 39.94
CA ALA H 63 -24.93 -4.13 38.84
C ALA H 63 -26.32 -3.53 38.60
N ASN H 64 -27.36 -4.37 38.69
CA ASN H 64 -28.73 -3.89 38.55
C ASN H 64 -29.13 -2.93 39.66
N ASP H 65 -28.75 -3.24 40.89
CA ASP H 65 -29.04 -2.34 42.03
C ASP H 65 -28.40 -0.98 41.85
N VAL H 66 -27.14 -0.96 41.39
CA VAL H 66 -26.44 0.30 41.17
C VAL H 66 -27.07 1.06 40.00
N THR H 67 -27.49 0.31 38.98
CA THR H 67 -28.20 0.93 37.86
C THR H 67 -29.52 1.56 38.33
N ASP H 68 -30.24 0.84 39.19
CA ASP H 68 -31.49 1.34 39.79
C ASP H 68 -31.28 2.65 40.50
N GLU H 69 -30.17 2.79 41.23
CA GLU H 69 -29.93 4.03 41.96
C GLU H 69 -29.64 5.19 41.02
N MSE H 70 -28.82 4.92 40.01
CA MSE H 70 -28.49 5.93 39.00
C MSE H 70 -29.72 6.57 38.37
O MSE H 70 -29.80 7.79 38.27
CB MSE H 70 -27.60 5.32 37.91
CG MSE H 70 -27.12 6.32 36.86
SE MSE H 70 -28.37 6.68 35.39
CE MSE H 70 -28.51 4.89 34.66
N VAL H 71 -30.69 5.73 37.91
CA VAL H 71 -31.84 6.29 37.21
C VAL H 71 -32.75 7.09 38.18
N ARG H 72 -32.81 6.62 39.43
CA ARG H 72 -33.56 7.34 40.46
C ARG H 72 -32.86 8.65 40.87
N LEU H 73 -31.53 8.65 40.99
CA LEU H 73 -30.78 9.90 41.21
C LEU H 73 -31.03 10.89 40.07
N ASN H 74 -30.97 10.38 38.84
CA ASN H 74 -31.18 11.19 37.64
C ASN H 74 -32.57 11.84 37.63
N TRP H 75 -33.58 11.08 38.04
CA TRP H 75 -34.97 11.56 38.04
C TRP H 75 -35.24 12.54 39.18
N LEU H 76 -35.02 12.08 40.41
CA LEU H 76 -35.42 12.80 41.61
C LEU H 76 -34.64 14.11 41.83
N THR H 77 -33.48 14.24 41.18
CA THR H 77 -32.65 15.42 41.39
C THR H 77 -33.37 16.68 40.92
N ALA H 78 -34.34 16.53 40.03
CA ALA H 78 -35.12 17.69 39.59
C ALA H 78 -36.02 18.23 40.71
N PHE H 79 -36.23 17.43 41.77
CA PHE H 79 -37.19 17.80 42.80
C PHE H 79 -36.59 17.95 44.21
N MSE H 80 -35.44 17.28 44.45
CA MSE H 80 -34.86 17.23 45.79
C MSE H 80 -33.34 17.31 45.73
O MSE H 80 -32.74 17.01 44.69
CB MSE H 80 -35.26 15.91 46.51
CG MSE H 80 -36.76 15.73 46.73
SE MSE H 80 -37.49 16.97 48.02
CE MSE H 80 -36.74 16.21 49.64
N PRO H 81 -32.70 17.72 46.85
CA PRO H 81 -31.23 17.77 46.93
C PRO H 81 -30.62 16.39 47.07
N LEU H 82 -29.86 15.98 46.06
CA LEU H 82 -29.28 14.64 45.99
C LEU H 82 -27.85 14.72 45.51
N PRO H 83 -27.08 13.65 45.68
CA PRO H 83 -25.78 13.62 45.00
C PRO H 83 -25.97 13.75 43.48
N THR H 84 -25.07 14.50 42.83
CA THR H 84 -25.06 14.67 41.38
CA THR H 84 -25.13 14.61 41.39
C THR H 84 -24.30 13.52 40.71
N ILE H 85 -24.80 13.06 39.58
CA ILE H 85 -24.12 12.02 38.81
C ILE H 85 -23.01 12.64 37.98
N LYS H 86 -21.75 12.30 38.29
CA LYS H 86 -20.65 12.72 37.43
C LYS H 86 -20.45 11.78 36.24
N HIS H 87 -20.58 10.48 36.47
CA HIS H 87 -20.32 9.51 35.39
C HIS H 87 -20.97 8.20 35.77
N PHE H 88 -21.53 7.50 34.80
CA PHE H 88 -22.05 6.17 35.03
C PHE H 88 -21.73 5.28 33.84
N ILE H 89 -21.33 4.04 34.13
CA ILE H 89 -21.00 3.06 33.10
CA ILE H 89 -21.00 3.06 33.10
C ILE H 89 -21.69 1.73 33.39
N ARG H 90 -22.31 1.15 32.38
CA ARG H 90 -22.92 -0.17 32.51
C ARG H 90 -22.37 -1.04 31.38
N THR H 91 -21.85 -2.20 31.75
CA THR H 91 -21.55 -3.28 30.80
C THR H 91 -22.41 -4.46 31.23
N PRO H 92 -22.45 -5.57 30.46
CA PRO H 92 -23.43 -6.59 30.83
C PRO H 92 -23.34 -7.05 32.29
N ASP H 93 -22.16 -6.99 32.89
CA ASP H 93 -21.95 -7.60 34.19
C ASP H 93 -21.48 -6.64 35.26
N ASP H 94 -21.32 -5.38 34.92
CA ASP H 94 -20.76 -4.42 35.86
C ASP H 94 -21.42 -3.06 35.73
N ALA H 95 -21.56 -2.37 36.86
CA ALA H 95 -22.05 -1.01 36.84
C ALA H 95 -21.18 -0.16 37.75
N TRP H 96 -20.79 1.02 37.25
CA TRP H 96 -19.98 1.96 38.02
C TRP H 96 -20.71 3.29 38.05
N LEU H 97 -20.89 3.83 39.26
CA LEU H 97 -21.65 5.06 39.46
C LEU H 97 -20.84 6.05 40.30
N LEU H 98 -20.40 7.14 39.67
CA LEU H 98 -19.57 8.14 40.32
C LEU H 98 -20.46 9.35 40.63
N THR H 99 -20.56 9.71 41.89
CA THR H 99 -21.43 10.81 42.31
C THR H 99 -20.68 11.80 43.18
N THR H 100 -21.17 13.03 43.27
CA THR H 100 -20.55 13.99 44.17
C THR H 100 -21.07 13.70 45.58
N ALA H 101 -20.18 13.82 46.57
CA ALA H 101 -20.58 13.65 47.95
C ALA H 101 -21.41 14.84 48.41
N ILE H 102 -22.40 14.56 49.26
CA ILE H 102 -23.04 15.63 50.03
C ILE H 102 -22.20 15.82 51.29
N PRO H 103 -21.70 17.04 51.50
CA PRO H 103 -20.85 17.34 52.66
C PRO H 103 -21.66 17.29 53.95
N GLY H 104 -21.01 16.95 55.04
CA GLY H 104 -21.68 16.90 56.34
C GLY H 104 -21.60 15.55 57.02
N LYS H 105 -22.55 15.29 57.90
CA LYS H 105 -22.60 14.05 58.67
C LYS H 105 -24.02 13.50 58.58
N THR H 106 -24.18 12.20 58.85
CA THR H 106 -25.51 11.60 58.78
C THR H 106 -26.33 12.06 59.98
N ALA H 107 -27.65 12.00 59.84
CA ALA H 107 -28.57 12.36 60.90
C ALA H 107 -28.23 11.60 62.17
N PHE H 108 -27.96 10.32 62.02
CA PHE H 108 -27.51 9.52 63.17
C PHE H 108 -26.31 10.12 63.85
N GLN H 109 -25.28 10.40 63.06
CA GLN H 109 -24.06 10.94 63.63
C GLN H 109 -24.30 12.27 64.37
N VAL H 110 -25.11 13.14 63.77
N VAL H 110 -25.12 13.16 63.79
CA VAL H 110 -25.39 14.43 64.39
CA VAL H 110 -25.35 14.44 64.45
C VAL H 110 -26.21 14.25 65.67
C VAL H 110 -26.27 14.30 65.66
N LEU H 111 -27.14 13.30 65.64
CA LEU H 111 -27.96 12.98 66.80
C LEU H 111 -27.08 12.51 67.96
N GLU H 112 -26.05 11.73 67.65
CA GLU H 112 -25.11 11.28 68.68
C GLU H 112 -24.21 12.38 69.19
N GLU H 113 -23.81 13.27 68.29
CA GLU H 113 -22.91 14.37 68.64
C GLU H 113 -23.61 15.51 69.38
N TYR H 114 -24.88 15.72 69.08
CA TYR H 114 -25.65 16.81 69.67
C TYR H 114 -26.95 16.28 70.23
N PRO H 115 -26.88 15.49 71.31
CA PRO H 115 -28.12 14.88 71.83
C PRO H 115 -29.17 15.92 72.24
N ASP H 116 -28.76 17.13 72.60
CA ASP H 116 -29.71 18.20 72.93
C ASP H 116 -30.46 18.75 71.72
N SER H 117 -30.00 18.42 70.51
CA SER H 117 -30.62 18.96 69.30
C SER H 117 -31.63 17.99 68.69
N GLY H 118 -31.88 16.90 69.39
CA GLY H 118 -32.81 15.88 68.94
C GLY H 118 -34.14 16.39 68.39
N GLU H 119 -34.77 17.30 69.13
CA GLU H 119 -36.08 17.82 68.73
C GLU H 119 -35.99 18.61 67.43
N ASN H 120 -34.95 19.43 67.32
CA ASN H 120 -34.72 20.15 66.06
C ASN H 120 -34.40 19.22 64.89
N ILE H 121 -33.60 18.20 65.16
CA ILE H 121 -33.28 17.21 64.12
C ILE H 121 -34.54 16.50 63.63
N VAL H 122 -35.40 16.07 64.56
CA VAL H 122 -36.60 15.34 64.14
C VAL H 122 -37.56 16.21 63.32
N ASP H 123 -37.72 17.47 63.73
CA ASP H 123 -38.59 18.40 63.00
C ASP H 123 -38.04 18.58 61.59
N ALA H 124 -36.72 18.73 61.47
CA ALA H 124 -36.10 18.88 60.14
C ALA H 124 -36.31 17.65 59.28
N LEU H 125 -36.22 16.47 59.88
CA LEU H 125 -36.47 15.23 59.15
C LEU H 125 -37.91 15.12 58.67
N ALA H 126 -38.87 15.52 59.52
CA ALA H 126 -40.28 15.42 59.15
C ALA H 126 -40.65 16.39 58.04
N VAL H 127 -40.12 17.60 58.12
CA VAL H 127 -40.32 18.61 57.09
C VAL H 127 -39.76 18.15 55.76
N PHE H 128 -38.55 17.60 55.79
CA PHE H 128 -37.90 17.08 54.57
C PHE H 128 -38.73 15.96 53.98
N LEU H 129 -39.19 15.05 54.83
CA LEU H 129 -39.97 13.92 54.34
C LEU H 129 -41.29 14.36 53.70
N ARG H 130 -41.95 15.33 54.33
N ARG H 130 -41.95 15.33 54.33
CA ARG H 130 -43.14 15.95 53.74
CA ARG H 130 -43.14 15.94 53.74
C ARG H 130 -42.85 16.55 52.36
C ARG H 130 -42.86 16.57 52.37
N ARG H 131 -41.71 17.23 52.22
CA ARG H 131 -41.30 17.79 50.93
C ARG H 131 -41.23 16.69 49.87
N LEU H 132 -40.56 15.58 50.19
CA LEU H 132 -40.49 14.44 49.26
C LEU H 132 -41.87 13.89 48.93
N HIS H 133 -42.68 13.67 49.96
CA HIS H 133 -43.99 13.09 49.76
C HIS H 133 -44.96 14.04 49.05
N SER H 134 -44.61 15.32 49.01
CA SER H 134 -45.49 16.30 48.36
C SER H 134 -45.30 16.36 46.85
N ILE H 135 -44.26 15.68 46.34
CA ILE H 135 -44.05 15.66 44.87
C ILE H 135 -45.24 14.97 44.21
N PRO H 136 -45.94 15.65 43.29
CA PRO H 136 -47.12 15.00 42.71
C PRO H 136 -46.73 13.66 42.07
N VAL H 137 -47.51 12.62 42.32
CA VAL H 137 -47.16 11.28 41.84
C VAL H 137 -47.17 11.19 40.31
N CYS H 138 -47.82 12.13 39.65
CA CYS H 138 -47.88 12.11 38.20
C CYS H 138 -46.48 12.35 37.61
N ASN H 139 -45.54 12.80 38.43
CA ASN H 139 -44.18 13.04 37.97
C ASN H 139 -43.30 11.79 38.01
N CYS H 140 -43.73 10.76 38.72
CA CYS H 140 -42.83 9.67 39.12
C CYS H 140 -43.00 8.42 38.26
N PRO H 141 -41.92 8.00 37.55
CA PRO H 141 -42.00 6.87 36.62
C PRO H 141 -41.66 5.53 37.28
N PHE H 142 -41.54 5.51 38.61
CA PHE H 142 -41.09 4.31 39.32
C PHE H 142 -42.16 3.77 40.24
N ASN H 143 -42.33 2.45 40.19
CA ASN H 143 -43.22 1.73 41.10
C ASN H 143 -42.40 1.04 42.20
N SER H 144 -42.66 1.41 43.45
CA SER H 144 -42.04 0.75 44.59
C SER H 144 -43.08 0.20 45.58
N ASP H 145 -44.27 -0.12 45.07
CA ASP H 145 -45.39 -0.42 45.98
C ASP H 145 -45.28 -1.77 46.69
N ARG H 146 -46.24 -2.07 47.56
CA ARG H 146 -46.09 -3.24 48.43
C ARG H 146 -46.11 -4.55 47.67
N VAL H 147 -46.82 -4.61 46.56
CA VAL H 147 -46.89 -5.83 45.77
C VAL H 147 -45.52 -6.12 45.16
N PHE H 148 -44.87 -5.08 44.69
CA PHE H 148 -43.53 -5.16 44.13
C PHE H 148 -42.50 -5.51 45.22
N ARG H 149 -42.60 -4.89 46.39
CA ARG H 149 -41.62 -5.15 47.43
C ARG H 149 -41.82 -6.54 48.06
N LEU H 150 -43.08 -6.96 48.18
CA LEU H 150 -43.35 -8.29 48.74
C LEU H 150 -42.79 -9.40 47.85
N ALA H 151 -42.84 -9.21 46.53
CA ALA H 151 -42.22 -10.14 45.58
C ALA H 151 -40.70 -10.21 45.78
N GLN H 152 -40.07 -9.05 45.97
CA GLN H 152 -38.63 -9.01 46.23
C GLN H 152 -38.31 -9.73 47.53
N ALA H 153 -39.15 -9.51 48.53
CA ALA H 153 -38.92 -10.10 49.85
C ALA H 153 -39.12 -11.61 49.80
N GLN H 154 -40.12 -12.06 49.04
CA GLN H 154 -40.39 -13.50 48.92
C GLN H 154 -39.22 -14.21 48.25
N SER H 155 -38.64 -13.53 47.24
CA SER H 155 -37.49 -14.06 46.54
C SER H 155 -36.25 -14.17 47.45
N ARG H 156 -35.95 -13.11 48.19
CA ARG H 156 -34.82 -13.15 49.12
C ARG H 156 -35.00 -14.20 50.21
N MSE H 157 -36.25 -14.39 50.68
CA MSE H 157 -36.54 -15.46 51.64
C MSE H 157 -36.36 -16.86 51.03
O MSE H 157 -35.66 -17.71 51.59
CB MSE H 157 -37.95 -15.34 52.20
CG MSE H 157 -38.34 -16.48 53.15
SE MSE H 157 -40.19 -16.41 53.74
CE MSE H 157 -41.08 -16.56 52.00
N ASN H 158 -36.99 -17.11 49.88
CA ASN H 158 -36.88 -18.42 49.24
C ASN H 158 -35.45 -18.76 48.81
N ASN H 159 -34.65 -17.72 48.55
CA ASN H 159 -33.24 -17.89 48.20
C ASN H 159 -32.29 -17.83 49.40
N GLY H 160 -32.86 -17.79 50.62
CA GLY H 160 -32.06 -17.78 51.83
C GLY H 160 -31.12 -16.60 51.97
N LEU H 161 -31.59 -15.41 51.60
CA LEU H 161 -30.76 -14.22 51.61
C LEU H 161 -31.12 -13.23 52.72
N VAL H 162 -32.05 -13.62 53.57
CA VAL H 162 -32.55 -12.74 54.62
C VAL H 162 -31.68 -12.85 55.88
N ASP H 163 -31.16 -11.71 56.33
CA ASP H 163 -30.28 -11.64 57.51
C ASP H 163 -31.10 -11.70 58.79
N ALA H 164 -31.45 -12.91 59.21
CA ALA H 164 -32.33 -13.12 60.36
C ALA H 164 -31.77 -12.65 61.71
N SER H 165 -30.47 -12.38 61.75
CA SER H 165 -29.83 -11.95 62.99
C SER H 165 -29.89 -10.44 63.13
N ASP H 166 -30.44 -9.78 62.10
CA ASP H 166 -30.52 -8.33 62.09
C ASP H 166 -31.96 -7.85 62.27
N PHE H 167 -32.85 -8.76 62.69
CA PHE H 167 -34.25 -8.40 62.94
C PHE H 167 -34.37 -7.43 64.10
N ASP H 168 -35.45 -6.65 64.14
CA ASP H 168 -35.71 -5.78 65.30
C ASP H 168 -35.90 -6.64 66.55
N ASP H 169 -35.72 -6.05 67.72
CA ASP H 169 -35.82 -6.77 68.98
C ASP H 169 -37.15 -7.50 69.18
N GLU H 170 -38.24 -6.94 68.68
CA GLU H 170 -39.55 -7.60 68.81
C GLU H 170 -39.63 -8.89 68.02
N ARG H 171 -38.67 -9.10 67.13
CA ARG H 171 -38.63 -10.33 66.34
C ARG H 171 -37.29 -11.04 66.47
N ASN H 172 -36.57 -10.79 67.56
CA ASN H 172 -35.30 -11.46 67.78
C ASN H 172 -35.54 -12.95 67.98
N GLY H 173 -34.82 -13.77 67.21
CA GLY H 173 -34.96 -15.22 67.30
C GLY H 173 -36.04 -15.81 66.41
N TRP H 174 -36.70 -14.97 65.64
CA TRP H 174 -37.78 -15.45 64.78
C TRP H 174 -37.22 -16.12 63.53
N PRO H 175 -37.74 -17.31 63.19
CA PRO H 175 -37.48 -17.84 61.86
C PRO H 175 -38.15 -16.94 60.82
N VAL H 176 -37.50 -16.75 59.67
CA VAL H 176 -37.99 -15.88 58.62
C VAL H 176 -39.44 -16.17 58.22
N GLU H 177 -39.78 -17.46 58.15
CA GLU H 177 -41.13 -17.86 57.80
C GLU H 177 -42.20 -17.31 58.76
N GLN H 178 -41.83 -17.13 60.03
CA GLN H 178 -42.77 -16.62 61.00
C GLN H 178 -43.04 -15.14 60.72
N VAL H 179 -41.98 -14.39 60.46
CA VAL H 179 -42.12 -12.99 60.08
C VAL H 179 -42.99 -12.91 58.83
N TRP H 180 -42.66 -13.73 57.84
CA TRP H 180 -43.40 -13.77 56.57
C TRP H 180 -44.89 -14.04 56.81
N LYS H 181 -45.21 -15.08 57.58
CA LYS H 181 -46.61 -15.41 57.82
C LYS H 181 -47.35 -14.33 58.59
N GLU H 182 -46.78 -13.87 59.70
CA GLU H 182 -47.47 -12.89 60.52
C GLU H 182 -47.60 -11.55 59.84
N MSE H 183 -46.67 -11.24 59.01
CA MSE H 183 -46.74 -10.02 58.23
C MSE H 183 -48.01 -10.01 57.34
O MSE H 183 -48.66 -8.97 57.19
CB MSE H 183 -45.50 -9.84 57.37
CG MSE H 183 -45.55 -8.65 56.44
SE MSE H 183 -43.85 -8.28 55.55
CE MSE H 183 -43.68 -9.85 54.48
N HIS H 184 -48.34 -11.18 56.76
CA HIS H 184 -49.49 -11.27 55.86
C HIS H 184 -50.84 -11.16 56.55
N LYS H 185 -50.85 -11.37 57.87
CA LYS H 185 -52.03 -11.14 58.69
C LYS H 185 -52.46 -9.66 58.70
N LEU H 186 -51.52 -8.76 58.46
CA LEU H 186 -51.78 -7.32 58.50
C LEU H 186 -52.41 -6.79 57.20
N LEU H 187 -52.47 -7.63 56.17
CA LEU H 187 -53.03 -7.24 54.88
C LEU H 187 -54.50 -7.67 54.79
N PRO H 188 -55.31 -6.95 53.99
CA PRO H 188 -54.95 -5.73 53.26
C PRO H 188 -55.13 -4.47 54.10
N PHE H 189 -54.56 -3.37 53.64
CA PHE H 189 -54.85 -2.06 54.22
C PHE H 189 -55.09 -1.07 53.09
N SER H 190 -55.54 0.13 53.43
CA SER H 190 -56.01 1.10 52.43
C SER H 190 -54.90 1.52 51.47
N PRO H 191 -55.23 1.65 50.17
CA PRO H 191 -54.22 2.15 49.23
C PRO H 191 -53.78 3.58 49.55
N ASP H 192 -52.46 3.79 49.57
CA ASP H 192 -51.91 5.13 49.69
C ASP H 192 -50.73 5.21 48.73
N SER H 193 -50.62 6.30 47.98
CA SER H 193 -49.57 6.43 46.98
C SER H 193 -48.89 7.78 47.06
N VAL H 194 -47.64 7.81 47.50
CA VAL H 194 -46.83 9.02 47.44
C VAL H 194 -45.43 8.66 46.91
N VAL H 195 -44.68 9.66 46.48
CA VAL H 195 -43.29 9.44 46.10
C VAL H 195 -42.48 9.15 47.37
N THR H 196 -41.90 7.95 47.47
CA THR H 196 -41.15 7.57 48.68
C THR H 196 -39.66 7.36 48.40
N HIS H 197 -38.85 7.45 49.45
CA HIS H 197 -37.42 7.20 49.37
C HIS H 197 -37.10 5.70 49.35
N GLY H 198 -37.75 4.94 50.24
CA GLY H 198 -37.56 3.49 50.33
C GLY H 198 -36.59 2.98 51.38
N ASP H 199 -35.71 3.86 51.86
CA ASP H 199 -34.86 3.51 52.99
C ASP H 199 -34.57 4.78 53.79
N PHE H 200 -35.64 5.36 54.33
CA PHE H 200 -35.54 6.67 54.95
C PHE H 200 -35.05 6.56 56.41
N SER H 201 -33.78 6.18 56.56
CA SER H 201 -33.18 5.93 57.86
C SER H 201 -32.26 7.07 58.27
N LEU H 202 -31.79 7.03 59.51
CA LEU H 202 -30.94 8.08 60.04
C LEU H 202 -29.57 8.11 59.35
N ASP H 203 -29.24 7.04 58.62
CA ASP H 203 -27.96 6.98 57.92
C ASP H 203 -27.97 7.62 56.54
N ASN H 204 -29.17 7.87 56.02
CA ASN H 204 -29.32 8.33 54.62
C ASN H 204 -29.81 9.77 54.48
N LEU H 205 -29.80 10.51 55.57
CA LEU H 205 -30.08 11.95 55.52
C LEU H 205 -28.85 12.69 56.02
N ILE H 206 -28.46 13.75 55.32
CA ILE H 206 -27.16 14.38 55.59
C ILE H 206 -27.36 15.81 56.10
N PHE H 207 -26.70 16.12 57.22
CA PHE H 207 -26.72 17.44 57.82
C PHE H 207 -25.37 18.11 57.63
N ASP H 208 -25.39 19.40 57.33
CA ASP H 208 -24.15 20.15 57.23
C ASP H 208 -24.37 21.54 57.79
N GLU H 209 -23.48 21.98 58.67
CA GLU H 209 -23.62 23.26 59.35
C GLU H 209 -25.01 23.42 59.97
N GLY H 210 -25.52 22.36 60.57
CA GLY H 210 -26.76 22.42 61.33
C GLY H 210 -28.05 22.40 60.53
N LYS H 211 -27.94 22.20 59.23
N LYS H 211 -27.94 22.21 59.23
CA LYS H 211 -29.15 22.11 58.40
CA LYS H 211 -29.12 22.12 58.37
C LYS H 211 -29.15 20.82 57.59
C LYS H 211 -29.15 20.78 57.63
N LEU H 212 -30.34 20.26 57.41
CA LEU H 212 -30.53 19.06 56.61
C LEU H 212 -30.43 19.45 55.15
N ILE H 213 -29.41 18.97 54.46
CA ILE H 213 -29.18 19.44 53.10
C ILE H 213 -29.36 18.41 51.97
N GLY H 214 -29.53 17.15 52.29
CA GLY H 214 -29.76 16.17 51.23
C GLY H 214 -30.04 14.77 51.70
N CYS H 215 -30.42 13.91 50.76
CA CYS H 215 -30.61 12.50 51.06
C CYS H 215 -29.79 11.67 50.08
N ILE H 216 -29.51 10.43 50.48
CA ILE H 216 -28.65 9.54 49.71
C ILE H 216 -29.27 8.14 49.61
N ASP H 217 -28.64 7.25 48.84
N ASP H 217 -28.62 7.26 48.85
CA ASP H 217 -29.05 5.85 48.79
CA ASP H 217 -29.04 5.87 48.73
C ASP H 217 -30.49 5.74 48.29
C ASP H 217 -30.48 5.77 48.29
N VAL H 218 -30.74 6.24 47.07
CA VAL H 218 -32.08 6.37 46.57
C VAL H 218 -32.51 5.21 45.63
N GLY H 219 -31.82 4.08 45.69
CA GLY H 219 -32.13 2.93 44.84
C GLY H 219 -33.56 2.40 44.92
N ARG H 220 -34.27 2.71 45.99
CA ARG H 220 -35.65 2.19 46.12
C ARG H 220 -36.72 3.25 45.95
N VAL H 221 -36.32 4.44 45.51
CA VAL H 221 -37.28 5.50 45.24
C VAL H 221 -38.38 5.04 44.28
N GLY H 222 -39.62 5.34 44.63
CA GLY H 222 -40.74 5.12 43.74
C GLY H 222 -42.03 5.32 44.51
N ILE H 223 -43.15 5.15 43.81
CA ILE H 223 -44.45 5.32 44.44
C ILE H 223 -44.74 4.17 45.42
N ALA H 224 -45.07 4.51 46.65
CA ALA H 224 -45.41 3.53 47.67
C ALA H 224 -46.25 4.16 48.78
N ASP H 225 -46.62 3.37 49.78
CA ASP H 225 -47.32 3.93 50.94
C ASP H 225 -46.38 4.87 51.71
N ARG H 226 -46.89 6.00 52.19
CA ARG H 226 -46.05 6.93 52.94
C ARG H 226 -45.41 6.24 54.15
N TYR H 227 -46.05 5.21 54.68
CA TYR H 227 -45.49 4.48 55.83
C TYR H 227 -44.21 3.70 55.51
N GLN H 228 -43.93 3.48 54.22
CA GLN H 228 -42.64 2.89 53.85
C GLN H 228 -41.50 3.73 54.45
N ASP H 229 -41.67 5.04 54.42
CA ASP H 229 -40.64 5.94 54.94
C ASP H 229 -40.81 6.25 56.42
N LEU H 230 -42.05 6.51 56.86
CA LEU H 230 -42.29 6.83 58.26
C LEU H 230 -41.89 5.67 59.17
N ALA H 231 -42.19 4.45 58.74
CA ALA H 231 -41.92 3.30 59.61
C ALA H 231 -40.42 3.14 59.86
N ILE H 232 -39.64 3.22 58.79
CA ILE H 232 -38.20 3.04 58.88
C ILE H 232 -37.53 4.12 59.74
N LEU H 233 -37.90 5.38 59.53
CA LEU H 233 -37.38 6.44 60.39
C LEU H 233 -37.87 6.30 61.84
N TRP H 234 -39.15 5.99 62.03
CA TRP H 234 -39.71 5.83 63.39
C TRP H 234 -38.92 4.80 64.19
N ASN H 235 -38.66 3.65 63.56
CA ASN H 235 -37.88 2.58 64.15
C ASN H 235 -36.47 3.06 64.55
N CYS H 236 -35.83 3.83 63.67
CA CYS H 236 -34.50 4.36 64.00
C CYS H 236 -34.53 5.23 65.24
N LEU H 237 -35.59 6.03 65.35
CA LEU H 237 -35.74 6.96 66.48
C LEU H 237 -36.00 6.20 67.79
N GLY H 238 -36.44 4.95 67.67
CA GLY H 238 -36.66 4.12 68.85
C GLY H 238 -35.38 3.82 69.61
N GLU H 239 -34.24 4.02 68.97
CA GLU H 239 -32.95 3.87 69.67
C GLU H 239 -32.73 5.01 70.64
N PHE H 240 -33.47 6.09 70.45
CA PHE H 240 -33.22 7.32 71.20
C PHE H 240 -34.31 7.65 72.24
N SER H 241 -35.56 7.82 71.81
CA SER H 241 -36.67 7.99 72.76
C SER H 241 -38.04 7.87 72.09
N PRO H 242 -39.02 7.38 72.85
CA PRO H 242 -40.40 7.36 72.35
C PRO H 242 -40.94 8.76 72.09
N SER H 243 -40.40 9.78 72.76
CA SER H 243 -40.91 11.12 72.49
C SER H 243 -40.45 11.67 71.13
N LEU H 244 -39.22 11.33 70.72
CA LEU H 244 -38.78 11.70 69.37
C LEU H 244 -39.55 10.90 68.31
N GLN H 245 -39.81 9.63 68.60
CA GLN H 245 -40.67 8.83 67.72
C GLN H 245 -42.03 9.50 67.53
N LYS H 246 -42.61 9.97 68.63
CA LYS H 246 -43.95 10.52 68.59
C LYS H 246 -43.92 11.83 67.82
N ARG H 247 -42.86 12.60 68.03
CA ARG H 247 -42.77 13.93 67.45
C ARG H 247 -42.66 13.86 65.93
N LEU H 248 -42.04 12.79 65.42
CA LEU H 248 -41.96 12.60 63.97
C LEU H 248 -43.36 12.62 63.33
N PHE H 249 -44.27 11.82 63.89
CA PHE H 249 -45.65 11.82 63.38
C PHE H 249 -46.34 13.16 63.59
N GLN H 250 -46.13 13.79 64.75
CA GLN H 250 -46.80 15.06 65.04
C GLN H 250 -46.37 16.18 64.10
N LYS H 251 -45.07 16.28 63.84
CA LYS H 251 -44.60 17.31 62.92
C LYS H 251 -45.04 17.02 61.49
N TYR H 252 -45.03 15.75 61.12
CA TYR H 252 -45.48 15.34 59.79
C TYR H 252 -46.96 15.63 59.58
N GLY H 253 -47.72 15.58 60.67
CA GLY H 253 -49.13 15.98 60.65
C GLY H 253 -50.11 14.83 60.78
N ILE H 254 -49.64 13.66 61.23
CA ILE H 254 -50.53 12.51 61.48
C ILE H 254 -50.98 12.43 62.94
N ASP H 255 -52.28 12.32 63.18
CA ASP H 255 -52.81 12.38 64.53
C ASP H 255 -52.75 11.06 65.26
N ASN H 256 -53.03 9.99 64.53
CA ASN H 256 -53.10 8.65 65.10
C ASN H 256 -52.29 7.76 64.20
N PRO H 257 -51.03 7.52 64.56
CA PRO H 257 -50.21 6.71 63.67
C PRO H 257 -50.83 5.33 63.48
N ASP H 258 -50.84 4.89 62.22
CA ASP H 258 -51.46 3.63 61.84
C ASP H 258 -50.53 2.48 62.22
N MSE H 259 -50.78 1.91 63.40
CA MSE H 259 -49.92 0.87 63.96
C MSE H 259 -49.82 -0.38 63.09
O MSE H 259 -48.77 -1.01 63.04
CB MSE H 259 -50.41 0.49 65.36
CG MSE H 259 -50.46 1.68 66.30
SE MSE H 259 -48.72 2.50 66.51
CE MSE H 259 -47.87 1.14 67.60
N ASN H 260 -50.90 -0.71 62.40
CA ASN H 260 -50.90 -1.83 61.46
C ASN H 260 -49.97 -1.59 60.28
N LYS H 261 -50.13 -0.43 59.63
CA LYS H 261 -49.26 -0.03 58.54
C LYS H 261 -47.81 0.14 59.04
N LEU H 262 -47.67 0.70 60.22
CA LEU H 262 -46.35 0.84 60.82
C LEU H 262 -45.73 -0.57 60.97
N GLN H 263 -46.45 -1.47 61.62
CA GLN H 263 -45.89 -2.82 61.85
C GLN H 263 -45.60 -3.55 60.52
N PHE H 264 -46.51 -3.42 59.56
CA PHE H 264 -46.28 -4.06 58.26
C PHE H 264 -44.95 -3.65 57.62
N HIS H 265 -44.67 -2.34 57.60
CA HIS H 265 -43.50 -1.83 56.89
C HIS H 265 -42.19 -2.11 57.62
N LEU H 266 -42.24 -2.16 58.94
CA LEU H 266 -41.12 -2.68 59.71
C LEU H 266 -40.81 -4.13 59.38
N MSE H 267 -41.83 -4.98 59.37
CA MSE H 267 -41.62 -6.39 59.09
C MSE H 267 -41.15 -6.58 57.65
O MSE H 267 -40.37 -7.49 57.36
CB MSE H 267 -42.89 -7.20 59.36
CG MSE H 267 -43.31 -7.15 60.83
SE MSE H 267 -44.94 -8.16 61.10
CE MSE H 267 -44.16 -9.92 61.14
N LEU H 268 -41.63 -5.73 56.75
CA LEU H 268 -41.24 -5.82 55.35
C LEU H 268 -39.76 -5.51 55.22
N ASP H 269 -39.30 -4.50 55.95
CA ASP H 269 -37.88 -4.13 55.86
C ASP H 269 -36.94 -5.20 56.43
N GLU H 270 -37.48 -6.12 57.24
CA GLU H 270 -36.66 -7.23 57.77
C GLU H 270 -36.07 -8.08 56.67
N PHE H 271 -36.73 -8.10 55.51
CA PHE H 271 -36.32 -8.98 54.43
C PHE H 271 -35.23 -8.38 53.53
N PHE H 272 -34.82 -7.14 53.79
CA PHE H 272 -33.92 -6.43 52.87
C PHE H 272 -32.56 -6.06 53.42
N ASN I 19 75.41 5.73 -50.61
CA ASN I 19 75.64 6.17 -51.98
C ASN I 19 74.61 7.17 -52.49
N LEU I 20 73.91 7.85 -51.58
CA LEU I 20 72.96 8.88 -51.98
C LEU I 20 73.69 9.96 -52.77
N ASP I 21 74.93 10.25 -52.37
CA ASP I 21 75.81 11.17 -53.06
C ASP I 21 75.90 10.86 -54.55
N ALA I 22 76.06 9.58 -54.86
CA ALA I 22 76.25 9.11 -56.22
C ALA I 22 75.08 9.52 -57.11
N ASP I 23 73.87 9.34 -56.57
CA ASP I 23 72.65 9.59 -57.33
C ASP I 23 72.38 11.09 -57.48
N LEU I 24 72.91 11.89 -56.56
CA LEU I 24 72.60 13.33 -56.55
C LEU I 24 73.61 14.18 -57.32
N TYR I 25 74.73 13.57 -57.67
CA TYR I 25 75.85 14.30 -58.28
C TYR I 25 75.50 15.02 -59.59
N GLY I 26 76.06 16.22 -59.77
CA GLY I 26 75.93 16.97 -61.02
C GLY I 26 74.60 17.66 -61.27
N TYR I 27 73.75 17.75 -60.25
CA TYR I 27 72.42 18.32 -60.44
C TYR I 27 72.36 19.74 -59.90
N ARG I 28 71.55 20.58 -60.53
CA ARG I 28 71.17 21.87 -59.96
C ARG I 28 70.05 21.64 -58.94
N TRP I 29 70.06 22.41 -57.84
CA TRP I 29 69.02 22.27 -56.82
C TRP I 29 68.04 23.44 -56.77
N ALA I 30 66.77 23.14 -56.52
CA ALA I 30 65.77 24.15 -56.24
C ALA I 30 64.91 23.58 -55.14
N ARG I 31 64.21 24.44 -54.40
CA ARG I 31 63.35 24.00 -53.31
C ARG I 31 61.93 24.41 -53.66
N ASP I 32 60.98 23.46 -53.54
CA ASP I 32 59.59 23.74 -53.92
C ASP I 32 58.66 23.72 -52.72
N ASN I 33 57.91 24.80 -52.55
CA ASN I 33 56.79 24.79 -51.61
C ASN I 33 55.53 24.28 -52.34
N VAL I 34 55.28 22.98 -52.28
CA VAL I 34 54.19 22.40 -53.08
C VAL I 34 53.29 21.32 -52.45
N GLY I 35 53.87 20.16 -52.12
CA GLY I 35 53.14 18.91 -51.97
C GLY I 35 52.30 18.60 -50.73
N GLN I 36 52.26 17.32 -50.37
CA GLN I 36 51.24 16.78 -49.44
C GLN I 36 51.51 16.87 -47.93
N SER I 37 52.72 16.49 -47.51
CA SER I 37 52.99 16.21 -46.09
C SER I 37 53.59 17.34 -45.24
N GLY I 38 54.31 18.27 -45.86
CA GLY I 38 55.07 19.26 -45.11
C GLY I 38 56.54 18.88 -45.15
N ALA I 39 56.85 17.87 -45.95
CA ALA I 39 58.25 17.52 -46.20
C ALA I 39 58.92 18.65 -46.96
N THR I 40 60.24 18.75 -46.86
CA THR I 40 60.97 19.65 -47.75
C THR I 40 61.20 18.98 -49.10
N ILE I 41 60.80 19.65 -50.16
CA ILE I 41 60.86 19.06 -51.50
C ILE I 41 61.92 19.76 -52.33
N TYR I 42 62.88 18.99 -52.83
CA TYR I 42 63.90 19.52 -53.73
C TYR I 42 63.67 19.00 -55.14
N ARG I 43 63.85 19.88 -56.12
CA ARG I 43 63.84 19.49 -57.53
C ARG I 43 65.29 19.48 -58.01
N LEU I 44 65.67 18.37 -58.63
CA LEU I 44 67.03 18.22 -59.16
C LEU I 44 66.93 18.22 -60.66
N TYR I 45 67.59 19.19 -61.30
CA TYR I 45 67.43 19.41 -62.71
C TYR I 45 68.77 19.89 -63.29
N GLY I 46 68.82 20.11 -64.59
CA GLY I 46 69.98 20.74 -65.19
C GLY I 46 71.19 19.85 -65.41
N LYS I 47 71.05 18.55 -65.16
CA LYS I 47 72.14 17.61 -65.44
C LYS I 47 71.98 17.08 -66.86
N PRO I 48 72.90 17.47 -67.76
CA PRO I 48 72.85 17.00 -69.15
C PRO I 48 72.77 15.48 -69.23
N ASN I 49 71.94 14.98 -70.14
CA ASN I 49 71.63 13.55 -70.24
C ASN I 49 71.38 12.85 -68.92
N ALA I 50 70.41 13.38 -68.18
CA ALA I 50 69.96 12.80 -66.92
C ALA I 50 68.55 13.33 -66.64
N PRO I 51 67.65 12.45 -66.20
CA PRO I 51 66.27 12.85 -65.94
C PRO I 51 66.18 13.77 -64.72
N GLU I 52 65.19 14.66 -64.73
CA GLU I 52 64.91 15.48 -63.55
C GLU I 52 64.44 14.56 -62.42
N LEU I 53 64.81 14.88 -61.18
CA LEU I 53 64.41 14.08 -60.03
C LEU I 53 63.76 14.98 -59.00
N PHE I 54 63.06 14.36 -58.04
CA PHE I 54 62.61 15.06 -56.84
C PHE I 54 63.15 14.37 -55.60
N LEU I 55 63.53 15.16 -54.61
CA LEU I 55 64.01 14.60 -53.35
C LEU I 55 63.14 15.13 -52.22
N LYS I 56 62.46 14.24 -51.50
CA LYS I 56 61.65 14.64 -50.35
C LYS I 56 62.41 14.39 -49.06
N HIS I 57 62.45 15.37 -48.16
CA HIS I 57 63.10 15.16 -46.88
C HIS I 57 62.10 15.41 -45.77
N GLY I 58 61.83 14.38 -44.97
CA GLY I 58 60.98 14.54 -43.83
C GLY I 58 61.78 14.38 -42.56
N LYS I 59 61.59 15.31 -41.63
CA LYS I 59 62.26 15.27 -40.33
C LYS I 59 61.23 15.09 -39.20
N GLY I 60 61.60 14.41 -38.13
CA GLY I 60 60.67 14.18 -37.03
C GLY I 60 59.41 13.44 -37.46
N SER I 61 58.24 13.94 -37.09
CA SER I 61 56.98 13.30 -37.50
C SER I 61 56.92 13.12 -39.03
N VAL I 62 57.38 14.12 -39.77
CA VAL I 62 57.29 14.07 -41.23
C VAL I 62 58.12 12.93 -41.84
N ALA I 63 59.16 12.49 -41.14
CA ALA I 63 59.90 11.29 -41.57
C ALA I 63 58.96 10.09 -41.79
N ASN I 64 57.98 9.94 -40.91
CA ASN I 64 56.99 8.88 -41.06
C ASN I 64 56.12 9.04 -42.30
N ASP I 65 55.68 10.27 -42.57
CA ASP I 65 54.91 10.54 -43.79
C ASP I 65 55.68 10.16 -45.05
N VAL I 66 56.94 10.54 -45.09
CA VAL I 66 57.77 10.24 -46.25
C VAL I 66 58.03 8.72 -46.37
N THR I 67 58.21 8.06 -45.23
CA THR I 67 58.35 6.60 -45.21
C THR I 67 57.07 5.93 -45.74
N ASP I 68 55.92 6.46 -45.32
CA ASP I 68 54.62 5.96 -45.75
C ASP I 68 54.48 6.05 -47.26
N GLU I 69 54.91 7.17 -47.84
CA GLU I 69 54.84 7.30 -49.29
C GLU I 69 55.75 6.31 -50.01
N MSE I 70 56.99 6.18 -49.51
CA MSE I 70 57.92 5.25 -50.13
C MSE I 70 57.35 3.85 -50.32
O MSE I 70 57.39 3.30 -51.44
CB MSE I 70 59.25 5.17 -49.34
CG MSE I 70 60.32 4.30 -50.02
SE MSE I 70 60.18 2.41 -49.56
CE MSE I 70 60.63 2.57 -47.71
N VAL I 71 56.80 3.25 -49.27
CA VAL I 71 56.30 1.89 -49.38
CA VAL I 71 56.31 1.89 -49.37
C VAL I 71 55.06 1.78 -50.26
N ARG I 72 54.23 2.83 -50.25
CA ARG I 72 53.05 2.86 -51.11
C ARG I 72 53.43 3.01 -52.59
N LEU I 73 54.42 3.87 -52.87
CA LEU I 73 55.02 3.95 -54.22
C LEU I 73 55.56 2.58 -54.63
N ASN I 74 56.28 1.95 -53.71
CA ASN I 74 56.88 0.64 -53.96
C ASN I 74 55.81 -0.43 -54.32
N TRP I 75 54.69 -0.42 -53.61
CA TRP I 75 53.60 -1.36 -53.89
C TRP I 75 52.83 -1.03 -55.18
N LEU I 76 52.38 0.21 -55.29
CA LEU I 76 51.39 0.56 -56.31
C LEU I 76 51.98 0.59 -57.73
N THR I 77 53.30 0.70 -57.82
CA THR I 77 53.98 0.73 -59.11
C THR I 77 53.66 -0.51 -59.96
N ALA I 78 53.30 -1.62 -59.32
CA ALA I 78 52.95 -2.82 -60.05
C ALA I 78 51.64 -2.65 -60.83
N PHE I 79 50.84 -1.66 -60.43
CA PHE I 79 49.49 -1.49 -60.96
C PHE I 79 49.22 -0.20 -61.74
N MSE I 80 49.93 0.87 -61.40
CA MSE I 80 49.64 2.22 -61.91
C MSE I 80 50.92 2.96 -62.23
O MSE I 80 51.96 2.69 -61.61
CB MSE I 80 48.86 3.02 -60.84
CG MSE I 80 47.49 2.41 -60.45
SE MSE I 80 46.21 2.36 -61.93
CE MSE I 80 45.91 4.27 -62.13
N PRO I 81 50.86 3.94 -63.18
CA PRO I 81 52.04 4.77 -63.47
C PRO I 81 52.31 5.78 -62.34
N LEU I 82 53.50 5.71 -61.74
CA LEU I 82 53.86 6.54 -60.58
C LEU I 82 55.32 6.89 -60.74
N PRO I 83 55.85 7.82 -59.91
CA PRO I 83 57.30 8.03 -60.01
C PRO I 83 58.06 6.78 -59.61
N THR I 84 59.26 6.61 -60.16
CA THR I 84 60.12 5.49 -59.80
C THR I 84 61.03 5.87 -58.63
N ILE I 85 61.11 5.01 -57.62
CA ILE I 85 62.05 5.22 -56.52
C ILE I 85 63.48 4.96 -56.95
N LYS I 86 64.33 5.98 -56.85
CA LYS I 86 65.75 5.77 -57.15
C LYS I 86 66.57 5.45 -55.89
N HIS I 87 66.18 6.03 -54.76
CA HIS I 87 66.90 5.80 -53.52
C HIS I 87 66.03 6.23 -52.36
N PHE I 88 66.13 5.51 -51.25
CA PHE I 88 65.46 5.91 -50.03
C PHE I 88 66.34 5.59 -48.84
N ILE I 89 66.35 6.50 -47.87
CA ILE I 89 67.10 6.36 -46.65
C ILE I 89 66.23 6.75 -45.45
N ARG I 90 66.23 5.89 -44.43
CA ARG I 90 65.55 6.20 -43.17
C ARG I 90 66.56 6.05 -42.03
N THR I 91 66.69 7.10 -41.24
CA THR I 91 67.43 7.02 -39.98
C THR I 91 66.38 7.40 -38.93
N PRO I 92 66.71 7.32 -37.62
CA PRO I 92 65.63 7.52 -36.65
C PRO I 92 64.83 8.83 -36.78
N ASP I 93 65.46 9.95 -37.11
CA ASP I 93 64.76 11.23 -37.18
CA ASP I 93 64.76 11.23 -37.18
C ASP I 93 64.57 11.76 -38.59
N ASP I 94 65.05 11.02 -39.60
CA ASP I 94 65.01 11.54 -40.96
C ASP I 94 64.69 10.49 -42.01
N ALA I 95 64.01 10.93 -43.06
CA ALA I 95 63.75 10.09 -44.20
C ALA I 95 64.00 10.90 -45.46
N TRP I 96 64.66 10.28 -46.42
CA TRP I 96 64.96 10.92 -47.69
C TRP I 96 64.48 10.03 -48.80
N LEU I 97 63.59 10.55 -49.65
CA LEU I 97 63.00 9.78 -50.75
C LEU I 97 63.31 10.45 -52.10
N LEU I 98 64.12 9.78 -52.94
CA LEU I 98 64.52 10.28 -54.24
C LEU I 98 63.76 9.54 -55.34
N THR I 99 63.01 10.27 -56.15
CA THR I 99 62.18 9.65 -57.19
C THR I 99 62.39 10.37 -58.51
N THR I 100 61.96 9.74 -59.59
CA THR I 100 61.96 10.41 -60.88
C THR I 100 60.83 11.45 -60.92
N ALA I 101 61.00 12.48 -61.74
CA ALA I 101 59.92 13.43 -61.99
C ALA I 101 59.04 12.83 -63.08
N ILE I 102 57.74 12.95 -62.93
CA ILE I 102 56.87 12.66 -64.05
C ILE I 102 56.80 13.93 -64.90
N PRO I 103 57.23 13.84 -66.16
CA PRO I 103 57.26 15.04 -67.00
C PRO I 103 55.84 15.52 -67.28
N GLY I 104 55.69 16.83 -67.48
CA GLY I 104 54.40 17.42 -67.78
C GLY I 104 54.00 18.45 -66.75
N LYS I 105 52.70 18.64 -66.60
CA LYS I 105 52.14 19.65 -65.71
C LYS I 105 50.96 19.02 -64.99
N THR I 106 50.61 19.56 -63.83
CA THR I 106 49.46 19.04 -63.10
C THR I 106 48.15 19.24 -63.87
N ALA I 107 47.15 18.44 -63.52
CA ALA I 107 45.82 18.55 -64.08
C ALA I 107 45.32 19.98 -63.94
N PHE I 108 45.59 20.57 -62.79
CA PHE I 108 45.18 21.93 -62.51
C PHE I 108 45.83 22.90 -63.48
N GLN I 109 47.14 22.78 -63.64
CA GLN I 109 47.87 23.65 -64.57
C GLN I 109 47.37 23.49 -66.01
N VAL I 110 47.18 22.25 -66.46
CA VAL I 110 46.74 22.05 -67.84
C VAL I 110 45.30 22.52 -68.04
N LEU I 111 44.46 22.39 -67.02
CA LEU I 111 43.09 22.86 -67.17
C LEU I 111 43.07 24.39 -67.33
N GLU I 112 43.93 25.08 -66.56
CA GLU I 112 43.99 26.52 -66.67
C GLU I 112 44.58 26.97 -68.01
N GLU I 113 45.52 26.20 -68.53
CA GLU I 113 46.18 26.52 -69.80
C GLU I 113 45.28 26.21 -71.00
N TYR I 114 44.46 25.16 -70.87
CA TYR I 114 43.56 24.75 -71.94
C TYR I 114 42.11 24.59 -71.45
N PRO I 115 41.46 25.72 -71.14
CA PRO I 115 40.12 25.66 -70.53
C PRO I 115 39.10 24.99 -71.45
N ASP I 116 39.36 25.03 -72.75
CA ASP I 116 38.44 24.43 -73.72
C ASP I 116 38.55 22.89 -73.74
N SER I 117 39.54 22.37 -73.01
CA SER I 117 39.77 20.93 -72.93
C SER I 117 39.28 20.32 -71.61
N GLY I 118 38.47 21.06 -70.89
CA GLY I 118 37.96 20.56 -69.61
C GLY I 118 37.27 19.19 -69.68
N GLU I 119 36.39 19.03 -70.65
CA GLU I 119 35.69 17.76 -70.82
C GLU I 119 36.66 16.61 -71.07
N ASN I 120 37.61 16.80 -71.99
CA ASN I 120 38.63 15.77 -72.22
C ASN I 120 39.44 15.47 -70.97
N ILE I 121 39.77 16.52 -70.22
CA ILE I 121 40.59 16.33 -69.02
C ILE I 121 39.84 15.50 -67.98
N VAL I 122 38.58 15.84 -67.75
CA VAL I 122 37.78 15.09 -66.82
C VAL I 122 37.57 13.64 -67.27
N ASP I 123 37.30 13.46 -68.57
CA ASP I 123 37.17 12.10 -69.13
C ASP I 123 38.40 11.26 -68.81
N ALA I 124 39.58 11.84 -69.05
CA ALA I 124 40.85 11.20 -68.74
C ALA I 124 40.96 10.85 -67.25
N LEU I 125 40.57 11.79 -66.39
CA LEU I 125 40.61 11.56 -64.93
C LEU I 125 39.72 10.39 -64.53
N ALA I 126 38.51 10.36 -65.08
CA ALA I 126 37.55 9.28 -64.81
C ALA I 126 38.13 7.91 -65.19
N VAL I 127 38.70 7.83 -66.38
CA VAL I 127 39.30 6.59 -66.86
C VAL I 127 40.42 6.12 -65.92
N PHE I 128 41.31 7.04 -65.54
CA PHE I 128 42.44 6.74 -64.66
C PHE I 128 41.92 6.28 -63.29
N LEU I 129 40.89 6.96 -62.81
CA LEU I 129 40.31 6.62 -61.52
C LEU I 129 39.60 5.27 -61.53
N ARG I 130 38.90 4.97 -62.64
CA ARG I 130 38.29 3.65 -62.82
C ARG I 130 39.35 2.55 -62.81
N ARG I 131 40.50 2.80 -63.44
CA ARG I 131 41.63 1.87 -63.39
C ARG I 131 42.09 1.59 -61.97
N LEU I 132 42.34 2.65 -61.22
CA LEU I 132 42.81 2.52 -59.83
C LEU I 132 41.82 1.70 -59.02
N HIS I 133 40.55 2.06 -59.15
CA HIS I 133 39.51 1.41 -58.38
C HIS I 133 39.17 0.00 -58.87
N SER I 134 39.80 -0.41 -59.96
CA SER I 134 39.60 -1.78 -60.45
CA SER I 134 39.62 -1.77 -60.47
C SER I 134 40.63 -2.76 -59.89
N ILE I 135 41.62 -2.26 -59.15
CA ILE I 135 42.63 -3.16 -58.59
C ILE I 135 41.95 -4.01 -57.52
N PRO I 136 42.02 -5.35 -57.64
CA PRO I 136 41.39 -6.19 -56.61
C PRO I 136 41.94 -5.85 -55.21
N VAL I 137 41.06 -5.60 -54.24
CA VAL I 137 41.55 -5.16 -52.94
C VAL I 137 42.37 -6.24 -52.23
N CYS I 138 42.21 -7.49 -52.63
CA CYS I 138 43.03 -8.58 -52.07
C CYS I 138 44.52 -8.37 -52.31
N ASN I 139 44.87 -7.46 -53.22
CA ASN I 139 46.27 -7.18 -53.55
C ASN I 139 46.90 -6.16 -52.61
N CYS I 140 46.07 -5.42 -51.85
CA CYS I 140 46.53 -4.20 -51.17
C CYS I 140 46.78 -4.38 -49.68
N PRO I 141 48.04 -4.18 -49.24
CA PRO I 141 48.44 -4.38 -47.82
C PRO I 141 48.20 -3.16 -46.93
N PHE I 142 47.57 -2.12 -47.48
CA PHE I 142 47.38 -0.88 -46.74
C PHE I 142 45.92 -0.61 -46.40
N ASN I 143 45.71 -0.28 -45.13
CA ASN I 143 44.39 0.07 -44.62
C ASN I 143 44.25 1.59 -44.54
N SER I 144 43.31 2.16 -45.30
CA SER I 144 42.99 3.58 -45.19
C SER I 144 41.52 3.80 -44.87
N ASP I 145 40.91 2.88 -44.14
CA ASP I 145 39.46 2.95 -43.97
C ASP I 145 39.01 4.07 -43.04
N ARG I 146 37.70 4.22 -42.96
CA ARG I 146 37.08 5.32 -42.23
C ARG I 146 37.49 5.39 -40.76
N VAL I 147 37.49 4.25 -40.09
N VAL I 147 37.50 4.27 -40.06
CA VAL I 147 37.85 4.17 -38.68
CA VAL I 147 37.83 4.31 -38.64
C VAL I 147 39.27 4.71 -38.49
C VAL I 147 39.30 4.68 -38.44
N PHE I 148 40.16 4.28 -39.37
CA PHE I 148 41.57 4.63 -39.30
C PHE I 148 41.77 6.13 -39.58
N ARG I 149 41.15 6.65 -40.64
CA ARG I 149 41.30 8.08 -40.96
C ARG I 149 40.63 8.96 -39.90
N LEU I 150 39.48 8.53 -39.37
CA LEU I 150 38.83 9.33 -38.33
C LEU I 150 39.73 9.46 -37.10
N ALA I 151 40.42 8.38 -36.75
CA ALA I 151 41.31 8.42 -35.59
C ALA I 151 42.50 9.33 -35.87
N GLN I 152 42.99 9.31 -37.11
CA GLN I 152 44.04 10.21 -37.56
C GLN I 152 43.60 11.66 -37.47
N ALA I 153 42.36 11.91 -37.87
CA ALA I 153 41.82 13.27 -37.90
C ALA I 153 41.67 13.79 -36.48
N GLN I 154 41.21 12.92 -35.58
CA GLN I 154 41.01 13.30 -34.19
C GLN I 154 42.34 13.74 -33.57
N SER I 155 43.38 12.96 -33.87
CA SER I 155 44.72 13.23 -33.34
C SER I 155 45.32 14.50 -33.92
N ARG I 156 45.11 14.73 -35.22
CA ARG I 156 45.56 15.99 -35.81
C ARG I 156 44.84 17.20 -35.22
N MSE I 157 43.53 17.06 -35.00
CA MSE I 157 42.79 18.13 -34.31
C MSE I 157 43.34 18.38 -32.92
O MSE I 157 43.52 19.53 -32.49
CB MSE I 157 41.31 17.76 -34.18
CG MSE I 157 40.51 18.80 -33.40
SE MSE I 157 38.59 18.42 -33.43
CE MSE I 157 38.59 16.68 -32.51
N ASN I 158 43.60 17.31 -32.19
CA ASN I 158 44.08 17.41 -30.82
C ASN I 158 45.49 17.96 -30.69
N ASN I 159 46.35 17.62 -31.66
CA ASN I 159 47.71 18.13 -31.69
C ASN I 159 47.78 19.57 -32.23
N GLY I 160 46.65 20.09 -32.69
CA GLY I 160 46.58 21.47 -33.14
C GLY I 160 47.03 21.67 -34.58
N LEU I 161 46.99 20.58 -35.35
CA LEU I 161 47.56 20.59 -36.69
C LEU I 161 46.57 20.90 -37.83
N VAL I 162 45.28 21.02 -37.52
CA VAL I 162 44.29 21.29 -38.56
C VAL I 162 44.33 22.75 -39.04
N ASP I 163 44.47 22.95 -40.35
CA ASP I 163 44.47 24.31 -40.90
C ASP I 163 43.03 24.82 -41.00
N ALA I 164 42.58 25.57 -40.00
CA ALA I 164 41.19 26.03 -39.97
C ALA I 164 40.90 27.13 -41.00
N SER I 165 41.95 27.70 -41.58
CA SER I 165 41.78 28.79 -42.56
C SER I 165 41.67 28.21 -43.96
N ASP I 166 41.76 26.89 -44.06
CA ASP I 166 41.75 26.23 -45.35
C ASP I 166 40.48 25.40 -45.58
N PHE I 167 39.46 25.59 -44.74
CA PHE I 167 38.21 24.86 -44.91
C PHE I 167 37.49 25.28 -46.20
N ASP I 168 36.62 24.42 -46.73
CA ASP I 168 35.81 24.79 -47.88
C ASP I 168 34.86 25.94 -47.53
N ASP I 169 34.32 26.59 -48.55
CA ASP I 169 33.44 27.75 -48.37
C ASP I 169 32.24 27.46 -47.45
N GLU I 170 31.67 26.26 -47.55
CA GLU I 170 30.50 25.93 -46.72
C GLU I 170 30.84 25.85 -45.24
N ARG I 171 32.12 25.74 -44.91
CA ARG I 171 32.54 25.69 -43.49
C ARG I 171 33.51 26.82 -43.11
N ASN I 172 33.47 27.91 -43.85
CA ASN I 172 34.36 29.03 -43.59
C ASN I 172 34.11 29.61 -42.19
N GLY I 173 35.17 29.72 -41.39
CA GLY I 173 35.04 30.28 -40.06
C GLY I 173 34.43 29.31 -39.06
N TRP I 174 34.17 28.06 -39.47
CA TRP I 174 33.73 27.07 -38.50
C TRP I 174 34.88 26.74 -37.54
N PRO I 175 34.57 26.60 -36.24
CA PRO I 175 35.58 26.00 -35.36
C PRO I 175 35.85 24.56 -35.81
N VAL I 176 37.10 24.13 -35.72
CA VAL I 176 37.42 22.76 -36.07
C VAL I 176 36.54 21.77 -35.30
N GLU I 177 36.25 22.09 -34.04
CA GLU I 177 35.41 21.22 -33.22
C GLU I 177 33.99 21.07 -33.78
N GLN I 178 33.46 22.12 -34.39
CA GLN I 178 32.14 22.05 -35.01
C GLN I 178 32.17 21.16 -36.25
N VAL I 179 33.23 21.28 -37.06
CA VAL I 179 33.38 20.39 -38.21
C VAL I 179 33.39 18.93 -37.74
N TRP I 180 34.15 18.66 -36.68
CA TRP I 180 34.22 17.32 -36.07
C TRP I 180 32.84 16.83 -35.63
N LYS I 181 32.13 17.63 -34.84
CA LYS I 181 30.83 17.19 -34.33
C LYS I 181 29.83 16.94 -35.46
N GLU I 182 29.77 17.87 -36.40
CA GLU I 182 28.83 17.81 -37.51
C GLU I 182 29.11 16.63 -38.44
N MSE I 183 30.36 16.35 -38.64
CA MSE I 183 30.76 15.26 -39.50
C MSE I 183 30.22 13.95 -38.94
O MSE I 183 29.80 13.07 -39.68
CB MSE I 183 32.28 15.20 -39.63
CG MSE I 183 32.79 14.03 -40.48
SE MSE I 183 34.70 14.07 -40.77
CE MSE I 183 35.28 14.04 -38.90
N HIS I 184 30.21 13.81 -37.58
CA HIS I 184 29.74 12.57 -36.97
C HIS I 184 28.22 12.38 -37.06
N LYS I 185 27.51 13.43 -37.44
CA LYS I 185 26.06 13.32 -37.66
C LYS I 185 25.73 12.61 -38.98
N LEU I 186 26.70 12.53 -39.88
CA LEU I 186 26.49 11.86 -41.17
C LEU I 186 26.59 10.35 -41.01
N LEU I 187 27.48 9.92 -40.13
CA LEU I 187 27.80 8.51 -39.92
C LEU I 187 26.64 7.72 -39.33
N PRO I 188 26.58 6.40 -39.60
CA PRO I 188 27.53 5.61 -40.38
C PRO I 188 26.99 5.02 -41.69
N PHE I 189 27.88 4.52 -42.53
CA PHE I 189 27.49 3.87 -43.78
C PHE I 189 28.34 2.61 -44.04
N SER I 190 27.84 1.73 -44.88
CA SER I 190 28.62 0.57 -45.30
C SER I 190 29.61 0.99 -46.39
N PRO I 191 30.90 0.69 -46.18
CA PRO I 191 31.89 1.13 -47.17
C PRO I 191 31.82 0.33 -48.46
N ASP I 192 32.02 1.03 -49.57
CA ASP I 192 32.16 0.43 -50.88
C ASP I 192 33.67 0.49 -51.16
N SER I 193 34.38 -0.52 -50.67
CA SER I 193 35.83 -0.46 -50.52
C SER I 193 36.60 -0.79 -51.78
N VAL I 194 37.56 0.07 -52.11
CA VAL I 194 38.41 -0.12 -53.29
C VAL I 194 39.81 0.35 -52.90
N VAL I 195 40.81 0.07 -53.73
CA VAL I 195 42.11 0.73 -53.56
C VAL I 195 42.00 2.22 -53.90
N THR I 196 42.33 3.09 -52.95
CA THR I 196 42.18 4.52 -53.14
C THR I 196 43.54 5.21 -53.10
N HIS I 197 43.61 6.36 -53.78
CA HIS I 197 44.82 7.15 -53.80
C HIS I 197 44.96 7.92 -52.48
N GLY I 198 43.85 8.47 -52.00
CA GLY I 198 43.83 9.20 -50.74
C GLY I 198 43.91 10.73 -50.82
N ASP I 199 44.42 11.24 -51.93
CA ASP I 199 44.47 12.68 -52.16
C ASP I 199 44.41 12.93 -53.68
N PHE I 200 43.30 12.51 -54.28
CA PHE I 200 43.13 12.48 -55.71
C PHE I 200 42.66 13.87 -56.16
N SER I 201 43.55 14.85 -56.03
CA SER I 201 43.23 16.24 -56.36
C SER I 201 43.81 16.60 -57.72
N LEU I 202 43.46 17.78 -58.23
CA LEU I 202 44.00 18.22 -59.52
C LEU I 202 45.51 18.45 -59.45
N ASP I 203 46.07 18.59 -58.25
CA ASP I 203 47.52 18.81 -58.15
C ASP I 203 48.31 17.50 -58.23
N ASN I 204 47.63 16.37 -58.08
CA ASN I 204 48.34 15.09 -57.93
C ASN I 204 48.22 14.13 -59.13
N LEU I 205 47.72 14.67 -60.23
CA LEU I 205 47.64 13.95 -61.49
C LEU I 205 48.39 14.72 -62.56
N ILE I 206 49.24 14.03 -63.31
CA ILE I 206 50.16 14.72 -64.22
C ILE I 206 49.81 14.44 -65.66
N PHE I 207 49.63 15.51 -66.44
CA PHE I 207 49.34 15.44 -67.86
C PHE I 207 50.57 15.82 -68.68
N ASP I 208 50.82 15.08 -69.76
CA ASP I 208 51.97 15.37 -70.60
C ASP I 208 51.54 15.12 -72.04
N GLU I 209 51.69 16.15 -72.86
CA GLU I 209 51.26 16.09 -74.27
C GLU I 209 49.83 15.57 -74.42
N GLY I 210 48.94 16.04 -73.54
CA GLY I 210 47.53 15.71 -73.64
C GLY I 210 47.09 14.45 -72.93
N LYS I 211 48.06 13.64 -72.50
CA LYS I 211 47.76 12.35 -71.88
C LYS I 211 48.01 12.40 -70.36
N LEU I 212 47.10 11.79 -69.60
CA LEU I 212 47.31 11.63 -68.18
C LEU I 212 48.28 10.48 -68.00
N ILE I 213 49.54 10.77 -67.66
CA ILE I 213 50.57 9.74 -67.62
C ILE I 213 51.01 9.28 -66.23
N GLY I 214 50.45 9.86 -65.17
CA GLY I 214 50.85 9.42 -63.84
C GLY I 214 50.19 10.16 -62.69
N CYS I 215 50.24 9.55 -61.51
CA CYS I 215 49.84 10.23 -60.28
C CYS I 215 51.00 10.30 -59.32
N ILE I 216 50.90 11.22 -58.35
CA ILE I 216 51.98 11.51 -57.42
C ILE I 216 51.40 11.64 -56.00
N ASP I 217 52.28 11.77 -55.01
CA ASP I 217 51.85 12.03 -53.65
C ASP I 217 50.97 10.92 -53.14
N VAL I 218 51.49 9.69 -53.13
CA VAL I 218 50.66 8.53 -52.83
C VAL I 218 50.75 8.07 -51.38
N GLY I 219 51.10 8.99 -50.47
CA GLY I 219 51.29 8.61 -49.08
C GLY I 219 50.05 8.13 -48.34
N ARG I 220 48.88 8.42 -48.88
CA ARG I 220 47.62 8.05 -48.20
C ARG I 220 46.93 6.86 -48.89
N VAL I 221 47.63 6.25 -49.86
CA VAL I 221 47.08 5.09 -50.55
C VAL I 221 46.67 3.99 -49.57
N GLY I 222 45.49 3.42 -49.80
CA GLY I 222 45.04 2.26 -49.06
C GLY I 222 43.60 1.90 -49.41
N ILE I 223 43.12 0.79 -48.85
CA ILE I 223 41.71 0.42 -49.00
C ILE I 223 40.83 1.40 -48.24
N ALA I 224 39.90 2.02 -48.95
CA ALA I 224 38.93 2.97 -48.38
C ALA I 224 37.69 3.01 -49.26
N ASP I 225 36.67 3.77 -48.87
CA ASP I 225 35.47 3.89 -49.71
C ASP I 225 35.83 4.65 -50.99
N ARG I 226 35.23 4.29 -52.13
CA ARG I 226 35.58 4.91 -53.41
C ARG I 226 35.35 6.44 -53.37
N TYR I 227 34.42 6.89 -52.53
CA TYR I 227 34.17 8.34 -52.43
C TYR I 227 35.33 9.12 -51.78
N GLN I 228 36.28 8.43 -51.15
CA GLN I 228 37.48 9.15 -50.72
C GLN I 228 38.12 9.87 -51.91
N ASP I 229 38.17 9.20 -53.06
CA ASP I 229 38.82 9.81 -54.21
C ASP I 229 37.87 10.69 -54.99
N LEU I 230 36.63 10.22 -55.18
CA LEU I 230 35.65 10.96 -55.95
C LEU I 230 35.40 12.32 -55.30
N ALA I 231 35.32 12.34 -53.96
CA ALA I 231 34.97 13.59 -53.27
C ALA I 231 36.04 14.68 -53.44
N ILE I 232 37.30 14.30 -53.23
CA ILE I 232 38.38 15.27 -53.32
C ILE I 232 38.49 15.87 -54.73
N LEU I 233 38.35 15.03 -55.75
CA LEU I 233 38.46 15.54 -57.12
C LEU I 233 37.23 16.39 -57.47
N TRP I 234 36.06 15.95 -57.01
CA TRP I 234 34.82 16.66 -57.28
C TRP I 234 34.91 18.05 -56.67
N ASN I 235 35.47 18.11 -55.47
CA ASN I 235 35.69 19.40 -54.81
C ASN I 235 36.59 20.31 -55.66
N CYS I 236 37.71 19.77 -56.15
CA CYS I 236 38.61 20.57 -56.99
C CYS I 236 37.91 21.11 -58.23
N LEU I 237 37.14 20.25 -58.87
CA LEU I 237 36.40 20.66 -60.08
C LEU I 237 35.37 21.77 -59.82
N GLY I 238 34.92 21.88 -58.57
CA GLY I 238 33.94 22.91 -58.20
C GLY I 238 34.53 24.31 -58.32
N GLU I 239 35.85 24.39 -58.44
CA GLU I 239 36.50 25.67 -58.67
C GLU I 239 36.30 26.12 -60.12
N PHE I 240 35.92 25.18 -60.99
CA PHE I 240 35.81 25.46 -62.42
C PHE I 240 34.38 25.43 -62.98
N SER I 241 33.64 24.35 -62.69
CA SER I 241 32.38 24.12 -63.38
C SER I 241 31.53 23.04 -62.73
N PRO I 242 30.25 23.35 -62.46
CA PRO I 242 29.32 22.32 -61.99
C PRO I 242 29.13 21.24 -63.06
N SER I 243 29.23 21.60 -64.34
CA SER I 243 29.10 20.58 -65.38
C SER I 243 30.28 19.60 -65.34
N LEU I 244 31.49 20.10 -65.06
CA LEU I 244 32.64 19.21 -64.97
C LEU I 244 32.53 18.32 -63.74
N GLN I 245 31.94 18.84 -62.68
CA GLN I 245 31.74 18.05 -61.46
C GLN I 245 30.81 16.87 -61.74
N LYS I 246 29.71 17.16 -62.44
CA LYS I 246 28.74 16.13 -62.76
C LYS I 246 29.33 15.14 -63.76
N ARG I 247 30.10 15.67 -64.72
CA ARG I 247 30.73 14.83 -65.74
C ARG I 247 31.68 13.79 -65.13
N LEU I 248 32.37 14.17 -64.05
CA LEU I 248 33.23 13.22 -63.34
C LEU I 248 32.45 11.99 -62.88
N PHE I 249 31.31 12.21 -62.23
CA PHE I 249 30.50 11.07 -61.80
C PHE I 249 29.96 10.27 -62.97
N GLN I 250 29.41 10.96 -63.97
CA GLN I 250 28.82 10.28 -65.13
C GLN I 250 29.80 9.38 -65.87
N LYS I 251 30.99 9.90 -66.16
CA LYS I 251 32.03 9.13 -66.85
C LYS I 251 32.61 8.03 -65.97
N TYR I 252 32.73 8.28 -64.67
CA TYR I 252 33.19 7.24 -63.75
C TYR I 252 32.24 6.05 -63.72
N GLY I 253 30.94 6.33 -63.86
CA GLY I 253 29.94 5.28 -63.90
C GLY I 253 28.89 5.38 -62.81
N ILE I 254 28.81 6.54 -62.15
CA ILE I 254 27.79 6.76 -61.13
C ILE I 254 26.73 7.76 -61.57
N ASP I 255 25.50 7.29 -61.78
CA ASP I 255 24.41 8.14 -62.26
C ASP I 255 23.76 8.97 -61.16
N ASN I 256 23.77 8.45 -59.94
CA ASN I 256 23.18 9.15 -58.80
C ASN I 256 24.15 9.24 -57.63
N PRO I 257 24.96 10.30 -57.61
CA PRO I 257 25.99 10.49 -56.57
C PRO I 257 25.39 10.37 -55.16
N ASP I 258 26.08 9.66 -54.29
CA ASP I 258 25.66 9.50 -52.90
C ASP I 258 26.09 10.75 -52.14
N MSE I 259 25.16 11.69 -51.96
CA MSE I 259 25.48 12.97 -51.33
C MSE I 259 25.97 12.84 -49.87
O MSE I 259 26.76 13.67 -49.40
CB MSE I 259 24.28 13.92 -51.42
CG MSE I 259 23.82 14.18 -52.86
SE MSE I 259 25.30 14.75 -53.98
CE MSE I 259 25.70 16.45 -53.10
N ASN I 260 25.51 11.81 -49.13
CA ASN I 260 25.98 11.60 -47.77
C ASN I 260 27.46 11.22 -47.73
N LYS I 261 27.85 10.31 -48.60
CA LYS I 261 29.24 9.87 -48.65
C LYS I 261 30.13 10.97 -49.18
N LEU I 262 29.60 11.74 -50.12
CA LEU I 262 30.34 12.86 -50.70
C LEU I 262 30.66 13.86 -49.58
N GLN I 263 29.63 14.25 -48.85
CA GLN I 263 29.77 15.23 -47.78
C GLN I 263 30.70 14.74 -46.68
N PHE I 264 30.53 13.48 -46.29
CA PHE I 264 31.42 12.93 -45.28
C PHE I 264 32.90 13.03 -45.67
N HIS I 265 33.22 12.63 -46.89
CA HIS I 265 34.62 12.59 -47.29
C HIS I 265 35.21 13.98 -47.50
N LEU I 266 34.38 14.94 -47.91
CA LEU I 266 34.81 16.33 -47.97
C LEU I 266 35.11 16.87 -46.56
N MSE I 267 34.24 16.57 -45.64
CA MSE I 267 34.45 17.04 -44.27
C MSE I 267 35.69 16.39 -43.68
O MSE I 267 36.46 17.04 -42.96
CB MSE I 267 33.21 16.75 -43.43
CG MSE I 267 32.04 17.64 -43.84
SE MSE I 267 30.50 17.41 -42.70
CE MSE I 267 31.05 18.64 -41.30
N LEU I 268 35.91 15.12 -44.00
CA LEU I 268 37.06 14.41 -43.45
C LEU I 268 38.39 15.02 -43.94
N ASP I 269 38.42 15.41 -45.20
CA ASP I 269 39.62 16.02 -45.78
C ASP I 269 39.98 17.39 -45.14
N GLU I 270 39.01 18.04 -44.51
CA GLU I 270 39.29 19.28 -43.76
C GLU I 270 40.34 19.10 -42.68
N PHE I 271 40.49 17.86 -42.19
CA PHE I 271 41.39 17.60 -41.06
C PHE I 271 42.81 17.32 -41.50
N PHE I 272 43.04 17.25 -42.81
CA PHE I 272 44.32 16.83 -43.33
C PHE I 272 45.04 17.90 -44.14
N GLY J 1 43.90 29.43 -47.22
CA GLY J 1 43.44 30.61 -47.93
C GLY J 1 43.66 30.51 -49.42
N MSE J 2 44.89 30.09 -49.83
CA MSE J 2 45.23 29.95 -51.24
C MSE J 2 45.68 28.53 -51.60
O MSE J 2 46.47 27.93 -50.87
CB MSE J 2 46.34 30.94 -51.62
CG MSE J 2 47.07 30.58 -52.88
SE MSE J 2 47.44 32.14 -53.94
CE MSE J 2 45.61 32.48 -54.52
N SER J 3 45.15 28.00 -52.76
CA SER J 3 45.40 26.60 -53.13
C SER J 3 46.33 26.48 -54.33
N HIS J 4 46.78 25.25 -54.60
CA HIS J 4 47.63 24.95 -55.77
C HIS J 4 48.96 25.68 -55.72
N ILE J 5 49.44 25.90 -54.49
CA ILE J 5 50.73 26.53 -54.24
C ILE J 5 51.83 25.71 -54.91
N GLN J 6 52.65 26.37 -55.72
CA GLN J 6 53.83 25.75 -56.31
C GLN J 6 54.90 26.82 -56.47
N ARG J 7 55.57 27.13 -55.36
CA ARG J 7 56.51 28.23 -55.30
C ARG J 7 57.93 27.68 -55.18
N GLU J 8 58.80 28.12 -56.09
CA GLU J 8 60.16 27.60 -56.15
C GLU J 8 61.20 28.66 -55.80
N THR J 9 62.20 28.24 -55.01
CA THR J 9 63.33 29.11 -54.67
C THR J 9 64.63 28.39 -55.01
N SER J 10 65.67 29.14 -55.35
CA SER J 10 67.01 28.57 -55.46
C SER J 10 67.50 28.09 -54.10
N CYS J 11 68.28 27.03 -54.08
CA CYS J 11 68.96 26.63 -52.85
C CYS J 11 70.29 25.94 -53.11
N SER J 12 71.11 25.86 -52.08
CA SER J 12 72.29 25.01 -52.12
C SER J 12 71.86 23.60 -51.73
N ARG J 13 72.79 22.67 -51.79
CA ARG J 13 72.54 21.29 -51.37
C ARG J 13 72.33 21.20 -49.84
N PRO J 14 71.27 20.51 -49.41
CA PRO J 14 71.02 20.34 -47.97
C PRO J 14 72.07 19.43 -47.33
N ARG J 15 72.12 19.38 -46.00
CA ARG J 15 73.06 18.48 -45.31
C ARG J 15 72.62 17.05 -45.54
N LEU J 16 73.50 16.25 -46.12
CA LEU J 16 73.13 14.87 -46.40
C LEU J 16 73.47 13.90 -45.27
N ASN J 17 72.59 12.93 -45.10
CA ASN J 17 72.71 11.94 -44.02
C ASN J 17 73.99 11.11 -44.11
N SER J 18 74.61 10.88 -42.95
CA SER J 18 75.79 10.01 -42.86
C SER J 18 75.49 8.64 -43.48
N ASN J 19 76.37 8.19 -44.36
CA ASN J 19 76.07 7.08 -45.26
C ASN J 19 76.03 5.67 -44.65
N LEU J 20 75.83 4.70 -45.53
CA LEU J 20 75.84 3.26 -45.24
C LEU J 20 76.91 2.85 -44.22
N ASP J 21 78.14 2.83 -44.68
CA ASP J 21 79.25 2.24 -43.94
C ASP J 21 79.63 2.99 -42.66
N ALA J 22 79.03 4.16 -42.45
CA ALA J 22 79.40 5.03 -41.33
C ALA J 22 79.19 4.36 -39.96
N ASP J 23 77.95 4.07 -39.62
CA ASP J 23 77.62 3.47 -38.32
C ASP J 23 78.00 1.99 -38.20
N LEU J 24 78.37 1.37 -39.32
CA LEU J 24 78.79 -0.03 -39.33
C LEU J 24 80.29 -0.21 -39.09
N TYR J 25 80.96 0.83 -38.61
CA TYR J 25 82.41 0.88 -38.74
C TYR J 25 83.22 -0.22 -38.04
N GLY J 26 83.24 -0.23 -36.71
CA GLY J 26 84.07 -1.18 -35.99
C GLY J 26 83.31 -2.36 -35.43
N TYR J 27 83.05 -3.37 -36.26
CA TYR J 27 82.25 -4.51 -35.82
C TYR J 27 82.76 -5.82 -36.40
N ARG J 28 82.57 -6.90 -35.65
CA ARG J 28 82.81 -8.23 -36.17
C ARG J 28 81.58 -8.66 -36.94
N TRP J 29 81.69 -9.73 -37.73
CA TRP J 29 80.62 -10.13 -38.63
C TRP J 29 80.35 -11.62 -38.61
N ALA J 30 79.09 -11.99 -38.41
CA ALA J 30 78.66 -13.37 -38.45
C ALA J 30 77.37 -13.51 -39.24
N ARG J 31 77.32 -14.48 -40.14
CA ARG J 31 76.12 -14.66 -40.96
C ARG J 31 75.11 -15.60 -40.32
N ASP J 32 74.10 -15.01 -39.69
CA ASP J 32 73.07 -15.74 -38.95
C ASP J 32 72.40 -16.81 -39.81
N ASN J 33 71.52 -16.37 -40.71
CA ASN J 33 70.84 -17.27 -41.63
C ASN J 33 71.84 -17.96 -42.55
N VAL J 34 71.52 -19.18 -42.95
CA VAL J 34 72.30 -19.91 -43.95
C VAL J 34 71.32 -20.64 -44.87
N GLY J 35 71.34 -20.29 -46.15
CA GLY J 35 70.50 -20.95 -47.15
C GLY J 35 69.03 -20.96 -46.76
N GLN J 36 68.58 -19.85 -46.17
CA GLN J 36 67.24 -19.77 -45.62
C GLN J 36 66.26 -19.12 -46.60
N SER J 37 65.00 -19.04 -46.21
CA SER J 37 63.99 -18.34 -47.00
C SER J 37 64.03 -16.84 -46.71
N GLY J 38 64.50 -16.07 -47.68
CA GLY J 38 64.50 -14.62 -47.56
C GLY J 38 65.85 -13.94 -47.55
N ALA J 39 65.95 -12.91 -46.72
CA ALA J 39 67.13 -12.05 -46.68
C ALA J 39 68.35 -12.72 -46.06
N THR J 40 69.51 -12.22 -46.45
CA THR J 40 70.77 -12.57 -45.79
C THR J 40 70.92 -11.72 -44.52
N ILE J 41 71.28 -12.37 -43.43
CA ILE J 41 71.34 -11.70 -42.13
C ILE J 41 72.75 -11.71 -41.54
N TYR J 42 73.23 -10.53 -41.17
CA TYR J 42 74.52 -10.39 -40.49
C TYR J 42 74.32 -9.97 -39.04
N ARG J 43 75.06 -10.60 -38.15
CA ARG J 43 75.10 -10.22 -36.75
C ARG J 43 76.39 -9.44 -36.52
N LEU J 44 76.26 -8.16 -36.19
CA LEU J 44 77.43 -7.31 -35.94
C LEU J 44 77.66 -7.17 -34.44
N TYR J 45 78.85 -7.58 -34.00
CA TYR J 45 79.15 -7.66 -32.59
C TYR J 45 80.58 -7.26 -32.28
N GLY J 46 80.92 -7.21 -31.00
CA GLY J 46 82.28 -6.93 -30.56
C GLY J 46 82.80 -5.54 -30.86
N LYS J 47 82.09 -4.52 -30.38
CA LYS J 47 82.58 -3.14 -30.47
C LYS J 47 82.55 -2.46 -29.12
N PRO J 48 83.67 -1.79 -28.76
CA PRO J 48 83.82 -0.98 -27.55
C PRO J 48 82.60 -0.08 -27.31
N ASN J 49 81.91 -0.32 -26.20
CA ASN J 49 80.77 0.50 -25.78
C ASN J 49 79.56 0.46 -26.71
N ALA J 50 79.64 -0.30 -27.79
CA ALA J 50 78.57 -0.31 -28.78
C ALA J 50 77.67 -1.54 -28.70
N PRO J 51 76.37 -1.34 -28.94
CA PRO J 51 75.42 -2.45 -28.83
C PRO J 51 75.47 -3.36 -30.06
N GLU J 52 75.01 -4.59 -29.89
CA GLU J 52 74.97 -5.55 -30.98
C GLU J 52 73.94 -5.12 -32.01
N LEU J 53 74.27 -5.34 -33.28
CA LEU J 53 73.34 -4.97 -34.34
C LEU J 53 73.06 -6.16 -35.26
N PHE J 54 71.94 -6.08 -35.97
CA PHE J 54 71.64 -7.01 -37.04
C PHE J 54 71.52 -6.22 -38.32
N LEU J 55 72.03 -6.78 -39.41
CA LEU J 55 71.88 -6.18 -40.72
C LEU J 55 71.25 -7.20 -41.66
N LYS J 56 70.14 -6.80 -42.27
CA LYS J 56 69.37 -7.65 -43.16
C LYS J 56 69.46 -7.07 -44.56
N HIS J 57 69.85 -7.91 -45.51
CA HIS J 57 69.95 -7.49 -46.89
C HIS J 57 69.02 -8.35 -47.75
N GLY J 58 68.10 -7.69 -48.45
CA GLY J 58 67.25 -8.37 -49.41
C GLY J 58 67.53 -7.89 -50.84
N LYS J 59 67.60 -8.84 -51.76
CA LYS J 59 67.79 -8.48 -53.16
C LYS J 59 66.56 -8.94 -53.97
N GLY J 60 66.24 -8.22 -55.04
CA GLY J 60 65.08 -8.58 -55.86
C GLY J 60 63.77 -8.54 -55.10
N SER J 61 63.02 -9.63 -55.16
CA SER J 61 61.73 -9.70 -54.50
C SER J 61 61.88 -9.67 -52.98
N VAL J 62 63.02 -10.16 -52.49
CA VAL J 62 63.30 -10.15 -51.06
C VAL J 62 63.52 -8.72 -50.55
N ALA J 63 63.94 -7.82 -51.44
CA ALA J 63 64.05 -6.41 -51.05
C ALA J 63 62.70 -5.86 -50.57
N ASN J 64 61.63 -6.32 -51.20
CA ASN J 64 60.29 -5.90 -50.80
C ASN J 64 59.95 -6.44 -49.42
N ASP J 65 60.35 -7.68 -49.14
CA ASP J 65 60.15 -8.29 -47.81
C ASP J 65 60.81 -7.47 -46.71
N VAL J 66 62.07 -7.08 -46.93
CA VAL J 66 62.80 -6.31 -45.94
C VAL J 66 62.15 -4.95 -45.73
N THR J 67 61.75 -4.34 -46.85
CA THR J 67 61.05 -3.05 -46.82
C THR J 67 59.77 -3.16 -46.01
N ASP J 68 59.02 -4.26 -46.21
CA ASP J 68 57.78 -4.55 -45.48
C ASP J 68 58.04 -4.63 -43.99
N GLU J 69 59.14 -5.27 -43.61
CA GLU J 69 59.46 -5.40 -42.20
C GLU J 69 59.82 -4.04 -41.61
N MSE J 70 60.61 -3.24 -42.41
CA MSE J 70 61.05 -1.95 -41.93
C MSE J 70 59.87 -1.07 -41.53
O MSE J 70 59.85 -0.53 -40.44
CB MSE J 70 61.96 -1.23 -42.95
CG MSE J 70 62.55 0.08 -42.44
SE MSE J 70 61.34 1.62 -42.70
CE MSE J 70 61.03 1.33 -44.55
N VAL J 71 58.84 -0.90 -42.44
CA VAL J 71 57.74 -0.02 -42.06
C VAL J 71 56.91 -0.54 -40.90
N ARG J 72 56.77 -1.86 -40.82
CA ARG J 72 56.05 -2.42 -39.69
C ARG J 72 56.83 -2.25 -38.38
N LEU J 73 58.16 -2.40 -38.42
CA LEU J 73 58.97 -2.09 -37.23
C LEU J 73 58.79 -0.61 -36.84
N ASN J 74 58.84 0.25 -37.84
CA ASN J 74 58.71 1.68 -37.59
C ASN J 74 57.37 2.04 -36.96
N TRP J 75 56.29 1.38 -37.42
CA TRP J 75 54.97 1.67 -36.90
C TRP J 75 54.71 1.05 -35.52
N LEU J 76 54.97 -0.25 -35.39
CA LEU J 76 54.59 -0.97 -34.19
C LEU J 76 55.44 -0.64 -32.96
N THR J 77 56.62 -0.07 -33.19
CA THR J 77 57.51 0.20 -32.06
C THR J 77 56.96 1.27 -31.11
N ALA J 78 55.95 2.03 -31.58
CA ALA J 78 55.28 3.00 -30.71
C ALA J 78 54.40 2.31 -29.66
N PHE J 79 54.14 1.02 -29.85
CA PHE J 79 53.19 0.29 -29.03
C PHE J 79 53.79 -0.90 -28.32
N MSE J 80 54.92 -1.42 -28.85
CA MSE J 80 55.50 -2.68 -28.37
C MSE J 80 57.04 -2.64 -28.37
O MSE J 80 57.62 -1.85 -29.11
CB MSE J 80 55.03 -3.85 -29.24
CG MSE J 80 53.50 -4.05 -29.26
SE MSE J 80 52.78 -4.65 -27.58
CE MSE J 80 53.40 -6.46 -27.65
N PRO J 81 57.71 -3.50 -27.53
CA PRO J 81 59.17 -3.54 -27.55
C PRO J 81 59.71 -4.29 -28.77
N LEU J 82 60.37 -3.56 -29.67
CA LEU J 82 60.88 -4.12 -30.92
C LEU J 82 62.32 -3.68 -31.13
N PRO J 83 63.04 -4.33 -32.06
CA PRO J 83 64.35 -3.78 -32.40
C PRO J 83 64.19 -2.36 -32.93
N THR J 84 65.14 -1.48 -32.64
CA THR J 84 65.09 -0.10 -33.10
C THR J 84 65.79 -0.01 -34.45
N ILE J 85 65.24 0.78 -35.36
CA ILE J 85 65.84 0.95 -36.68
C ILE J 85 66.99 1.95 -36.62
N LYS J 86 68.21 1.48 -36.90
CA LYS J 86 69.35 2.39 -36.88
C LYS J 86 69.50 3.03 -38.25
N HIS J 87 69.25 2.26 -39.29
CA HIS J 87 69.45 2.75 -40.66
C HIS J 87 68.73 1.81 -41.62
N PHE J 88 68.13 2.38 -42.66
CA PHE J 88 67.50 1.61 -43.73
C PHE J 88 67.79 2.26 -45.07
N ILE J 89 68.12 1.44 -46.06
CA ILE J 89 68.44 1.91 -47.39
CA ILE J 89 68.41 1.93 -47.39
C ILE J 89 67.64 1.08 -48.40
N ARG J 90 66.91 1.75 -49.28
CA ARG J 90 66.27 1.06 -50.39
C ARG J 90 66.79 1.64 -51.71
N THR J 91 67.28 0.77 -52.58
CA THR J 91 67.62 1.16 -53.95
C THR J 91 66.78 0.25 -54.86
N PRO J 92 66.76 0.49 -56.19
CA PRO J 92 65.83 -0.32 -57.00
C PRO J 92 65.84 -1.84 -56.76
N ASP J 93 67.02 -2.44 -56.61
CA ASP J 93 67.13 -3.90 -56.50
CA ASP J 93 67.07 -3.90 -56.47
C ASP J 93 67.55 -4.40 -55.11
N ASP J 94 67.76 -3.48 -54.16
CA ASP J 94 68.27 -3.88 -52.84
C ASP J 94 67.63 -3.10 -51.70
N ALA J 95 67.50 -3.77 -50.56
CA ALA J 95 67.11 -3.15 -49.30
C ALA J 95 68.07 -3.59 -48.20
N TRP J 96 68.50 -2.63 -47.39
CA TRP J 96 69.39 -2.90 -46.26
C TRP J 96 68.72 -2.38 -45.01
N LEU J 97 68.60 -3.23 -44.00
CA LEU J 97 67.92 -2.88 -42.75
C LEU J 97 68.83 -3.19 -41.55
N LEU J 98 69.25 -2.12 -40.87
CA LEU J 98 70.16 -2.21 -39.74
C LEU J 98 69.37 -1.88 -38.49
N THR J 99 69.32 -2.83 -37.56
CA THR J 99 68.54 -2.67 -36.34
C THR J 99 69.40 -3.04 -35.15
N THR J 100 69.02 -2.55 -33.97
CA THR J 100 69.69 -2.93 -32.73
C THR J 100 69.24 -4.32 -32.28
N ALA J 101 70.15 -5.09 -31.72
CA ALA J 101 69.80 -6.43 -31.27
C ALA J 101 69.01 -6.37 -29.98
N ILE J 102 68.04 -7.26 -29.83
CA ILE J 102 67.39 -7.41 -28.55
C ILE J 102 68.12 -8.52 -27.79
N PRO J 103 68.74 -8.14 -26.66
CA PRO J 103 69.51 -9.09 -25.85
C PRO J 103 68.64 -10.21 -25.32
N GLY J 104 69.17 -11.41 -25.30
CA GLY J 104 68.46 -12.54 -24.73
C GLY J 104 68.40 -13.74 -25.65
N LYS J 105 67.53 -14.69 -25.30
CA LYS J 105 67.36 -15.92 -26.05
C LYS J 105 65.90 -15.97 -26.50
N THR J 106 65.59 -16.82 -27.47
CA THR J 106 64.21 -16.94 -27.94
C THR J 106 63.37 -17.71 -26.93
N ALA J 107 62.06 -17.59 -27.06
CA ALA J 107 61.14 -18.32 -26.19
C ALA J 107 61.37 -19.82 -26.33
N PHE J 108 61.66 -20.28 -27.56
CA PHE J 108 61.99 -21.68 -27.78
C PHE J 108 63.23 -22.08 -26.98
N GLN J 109 64.31 -21.31 -27.10
CA GLN J 109 65.54 -21.61 -26.35
C GLN J 109 65.31 -21.66 -24.83
N VAL J 110 64.60 -20.67 -24.29
CA VAL J 110 64.34 -20.58 -22.85
C VAL J 110 63.46 -21.74 -22.34
N LEU J 111 62.45 -22.09 -23.13
CA LEU J 111 61.57 -23.21 -22.81
C LEU J 111 62.38 -24.49 -22.77
N GLU J 112 63.30 -24.65 -23.73
CA GLU J 112 64.15 -25.85 -23.76
C GLU J 112 65.11 -25.90 -22.56
N GLU J 113 65.67 -24.74 -22.22
CA GLU J 113 66.66 -24.66 -21.15
C GLU J 113 66.00 -24.70 -19.76
N TYR J 114 64.78 -24.17 -19.68
CA TYR J 114 64.03 -24.11 -18.44
C TYR J 114 62.68 -24.85 -18.51
N PRO J 115 62.72 -26.16 -18.78
CA PRO J 115 61.46 -26.90 -19.01
C PRO J 115 60.51 -26.89 -17.79
N ASP J 116 61.06 -26.77 -16.59
CA ASP J 116 60.22 -26.70 -15.39
C ASP J 116 59.50 -25.35 -15.27
N SER J 117 59.87 -24.39 -16.11
CA SER J 117 59.20 -23.11 -16.08
C SER J 117 58.15 -22.98 -17.19
N GLY J 118 57.78 -24.10 -17.82
CA GLY J 118 56.91 -24.04 -18.99
C GLY J 118 55.61 -23.27 -18.79
N GLU J 119 54.93 -23.56 -17.68
CA GLU J 119 53.68 -22.89 -17.37
C GLU J 119 53.87 -21.38 -17.16
N ASN J 120 54.93 -20.98 -16.48
CA ASN J 120 55.20 -19.54 -16.31
C ASN J 120 55.55 -18.86 -17.63
N ILE J 121 56.26 -19.57 -18.49
CA ILE J 121 56.64 -19.03 -19.78
C ILE J 121 55.40 -18.79 -20.64
N VAL J 122 54.51 -19.78 -20.67
CA VAL J 122 53.23 -19.60 -21.37
C VAL J 122 52.42 -18.44 -20.82
N ASP J 123 52.41 -18.28 -19.49
CA ASP J 123 51.66 -17.19 -18.88
C ASP J 123 52.19 -15.86 -19.40
N ALA J 124 53.53 -15.77 -19.54
CA ALA J 124 54.17 -14.57 -20.04
C ALA J 124 53.86 -14.32 -21.51
N LEU J 125 53.83 -15.40 -22.30
CA LEU J 125 53.49 -15.28 -23.72
C LEU J 125 52.06 -14.77 -23.87
N ALA J 126 51.15 -15.32 -23.08
CA ALA J 126 49.75 -14.88 -23.14
C ALA J 126 49.56 -13.40 -22.77
N VAL J 127 50.23 -12.92 -21.73
CA VAL J 127 50.18 -11.49 -21.37
C VAL J 127 50.66 -10.60 -22.53
N PHE J 128 51.78 -11.00 -23.15
CA PHE J 128 52.37 -10.26 -24.24
C PHE J 128 51.42 -10.22 -25.43
N LEU J 129 50.79 -11.35 -25.75
CA LEU J 129 49.87 -11.39 -26.89
C LEU J 129 48.61 -10.57 -26.60
N ARG J 130 48.17 -10.57 -25.35
CA ARG J 130 47.05 -9.71 -24.94
C ARG J 130 47.37 -8.22 -25.12
N ARG J 131 48.61 -7.81 -24.82
CA ARG J 131 49.06 -6.42 -25.00
C ARG J 131 48.99 -6.06 -26.48
N LEU J 132 49.56 -6.94 -27.31
CA LEU J 132 49.57 -6.71 -28.76
C LEU J 132 48.14 -6.55 -29.28
N HIS J 133 47.28 -7.47 -28.88
CA HIS J 133 45.90 -7.49 -29.35
C HIS J 133 45.01 -6.41 -28.74
N SER J 134 45.54 -5.64 -27.79
CA SER J 134 44.78 -4.56 -27.15
CA SER J 134 44.75 -4.56 -27.17
C SER J 134 44.97 -3.23 -27.89
N ILE J 135 45.93 -3.20 -28.80
CA ILE J 135 46.13 -1.99 -29.60
C ILE J 135 44.89 -1.72 -30.44
N PRO J 136 44.26 -0.54 -30.28
CA PRO J 136 43.07 -0.25 -31.08
C PRO J 136 43.36 -0.35 -32.58
N VAL J 137 42.51 -1.08 -33.31
N VAL J 137 42.51 -1.07 -33.32
CA VAL J 137 42.70 -1.34 -34.73
CA VAL J 137 42.77 -1.32 -34.75
C VAL J 137 42.77 -0.04 -35.55
C VAL J 137 42.77 -0.04 -35.58
N CYS J 138 42.09 0.99 -35.07
CA CYS J 138 42.07 2.31 -35.71
C CYS J 138 43.46 2.93 -35.85
N ASN J 139 44.44 2.40 -35.12
CA ASN J 139 45.82 2.87 -35.17
C ASN J 139 46.65 2.22 -36.28
N CYS J 140 46.17 1.12 -36.85
CA CYS J 140 47.03 0.29 -37.70
C CYS J 140 46.77 0.49 -39.20
N PRO J 141 47.80 0.93 -39.95
CA PRO J 141 47.62 1.21 -41.39
C PRO J 141 47.87 -0.02 -42.27
N PHE J 142 48.00 -1.19 -41.67
CA PHE J 142 48.34 -2.42 -42.40
C PHE J 142 47.22 -3.47 -42.45
N ASN J 143 46.96 -3.98 -43.64
CA ASN J 143 45.96 -5.01 -43.85
C ASN J 143 46.63 -6.37 -43.98
N SER J 144 46.29 -7.28 -43.07
CA SER J 144 46.69 -8.70 -43.18
C SER J 144 45.46 -9.62 -43.17
N ASP J 145 44.33 -9.13 -43.68
CA ASP J 145 43.08 -9.88 -43.53
C ASP J 145 43.08 -11.15 -44.38
N ARG J 146 42.09 -12.01 -44.16
CA ARG J 146 42.17 -13.32 -44.79
C ARG J 146 42.03 -13.26 -46.30
N VAL J 147 41.25 -12.31 -46.82
CA VAL J 147 41.15 -12.14 -48.27
C VAL J 147 42.53 -11.88 -48.89
N PHE J 148 43.27 -10.98 -48.26
CA PHE J 148 44.65 -10.65 -48.65
C PHE J 148 45.60 -11.86 -48.54
N ARG J 149 45.60 -12.54 -47.39
CA ARG J 149 46.48 -13.69 -47.17
CA ARG J 149 46.49 -13.68 -47.19
C ARG J 149 46.10 -14.87 -48.09
N LEU J 150 44.81 -15.08 -48.29
CA LEU J 150 44.37 -16.17 -49.16
C LEU J 150 44.87 -15.97 -50.59
N ALA J 151 44.84 -14.73 -51.09
CA ALA J 151 45.32 -14.46 -52.45
C ALA J 151 46.82 -14.71 -52.55
N GLN J 152 47.55 -14.31 -51.52
CA GLN J 152 48.97 -14.62 -51.43
C GLN J 152 49.21 -16.14 -51.44
N ALA J 153 48.40 -16.85 -50.67
CA ALA J 153 48.54 -18.31 -50.58
C ALA J 153 48.26 -18.95 -51.95
N GLN J 154 47.28 -18.41 -52.65
CA GLN J 154 46.91 -18.97 -53.94
C GLN J 154 48.09 -18.80 -54.89
N SER J 155 48.68 -17.61 -54.87
CA SER J 155 49.82 -17.30 -55.72
C SER J 155 51.03 -18.20 -55.42
N ARG J 156 51.33 -18.39 -54.14
CA ARG J 156 52.44 -19.26 -53.78
C ARG J 156 52.23 -20.69 -54.27
N MSE J 157 51.00 -21.18 -54.11
CA MSE J 157 50.64 -22.51 -54.57
C MSE J 157 50.82 -22.62 -56.07
O MSE J 157 51.44 -23.56 -56.57
CB MSE J 157 49.19 -22.83 -54.17
CG MSE J 157 48.63 -24.09 -54.81
SE MSE J 157 46.82 -24.58 -54.25
CE MSE J 157 45.86 -23.08 -55.02
N ASN J 158 50.31 -21.63 -56.80
CA ASN J 158 50.41 -21.64 -58.26
C ASN J 158 51.83 -21.47 -58.78
N ASN J 159 52.70 -20.83 -58.01
CA ASN J 159 54.09 -20.68 -58.39
C ASN J 159 55.03 -21.76 -57.83
N GLY J 160 54.47 -22.78 -57.19
CA GLY J 160 55.26 -23.89 -56.68
C GLY J 160 56.15 -23.54 -55.51
N LEU J 161 55.73 -22.58 -54.69
CA LEU J 161 56.55 -22.09 -53.59
C LEU J 161 56.13 -22.65 -52.24
N VAL J 162 55.02 -23.39 -52.21
CA VAL J 162 54.57 -23.96 -50.94
C VAL J 162 55.54 -25.06 -50.48
N ASP J 163 55.91 -25.04 -49.19
CA ASP J 163 56.84 -26.05 -48.71
C ASP J 163 56.06 -27.26 -48.23
N ALA J 164 55.82 -28.19 -49.14
CA ALA J 164 54.95 -29.34 -48.90
C ALA J 164 55.55 -30.30 -47.88
N SER J 165 56.87 -30.22 -47.70
CA SER J 165 57.56 -31.07 -46.74
C SER J 165 57.34 -30.63 -45.29
N ASP J 166 56.83 -29.43 -45.13
CA ASP J 166 56.77 -28.79 -43.82
C ASP J 166 55.35 -28.64 -43.25
N PHE J 167 54.41 -29.45 -43.74
CA PHE J 167 53.05 -29.37 -43.23
C PHE J 167 53.01 -29.96 -41.83
N ASP J 168 52.05 -29.50 -41.02
CA ASP J 168 51.72 -30.17 -39.76
C ASP J 168 51.41 -31.66 -39.93
N ASP J 169 51.62 -32.42 -38.86
CA ASP J 169 51.49 -33.87 -38.89
C ASP J 169 50.19 -34.36 -39.53
N GLU J 170 49.09 -33.73 -39.16
CA GLU J 170 47.76 -34.14 -39.62
C GLU J 170 47.56 -33.91 -41.13
N ARG J 171 48.48 -33.17 -41.75
CA ARG J 171 48.45 -32.95 -43.20
C ARG J 171 49.69 -33.49 -43.92
N ASN J 172 50.45 -34.33 -43.24
CA ASN J 172 51.68 -34.89 -43.79
C ASN J 172 51.44 -35.64 -45.09
N GLY J 173 52.14 -35.25 -46.15
CA GLY J 173 52.01 -35.94 -47.42
C GLY J 173 50.84 -35.48 -48.27
N TRP J 174 49.98 -34.61 -47.74
CA TRP J 174 48.85 -34.10 -48.55
C TRP J 174 49.39 -33.27 -49.70
N PRO J 175 48.78 -33.41 -50.89
CA PRO J 175 49.16 -32.46 -51.94
C PRO J 175 48.70 -31.06 -51.54
N VAL J 176 49.44 -30.04 -51.95
CA VAL J 176 49.08 -28.66 -51.69
C VAL J 176 47.61 -28.38 -52.04
N GLU J 177 47.19 -28.82 -53.22
CA GLU J 177 45.83 -28.61 -53.70
C GLU J 177 44.78 -29.17 -52.74
N GLN J 178 45.06 -30.32 -52.13
CA GLN J 178 44.17 -30.86 -51.12
C GLN J 178 44.04 -29.94 -49.89
N VAL J 179 45.17 -29.38 -49.43
CA VAL J 179 45.13 -28.46 -48.30
C VAL J 179 44.28 -27.24 -48.64
N TRP J 180 44.46 -26.74 -49.86
CA TRP J 180 43.72 -25.59 -50.34
C TRP J 180 42.20 -25.82 -50.35
N LYS J 181 41.75 -26.94 -50.91
CA LYS J 181 40.31 -27.23 -51.01
C LYS J 181 39.68 -27.43 -49.64
N GLU J 182 40.29 -28.29 -48.83
CA GLU J 182 39.79 -28.59 -47.49
C GLU J 182 39.71 -27.32 -46.64
N MSE J 183 40.69 -26.45 -46.79
CA MSE J 183 40.72 -25.21 -46.02
C MSE J 183 39.50 -24.34 -46.30
O MSE J 183 38.95 -23.72 -45.40
CB MSE J 183 42.01 -24.42 -46.27
CG MSE J 183 42.02 -23.05 -45.59
SE MSE J 183 43.73 -22.14 -45.78
CE MSE J 183 43.75 -21.95 -47.71
N HIS J 184 39.07 -24.30 -47.55
CA HIS J 184 37.93 -23.48 -47.93
C HIS J 184 36.59 -23.99 -47.40
N LYS J 185 36.55 -25.25 -46.96
CA LYS J 185 35.34 -25.81 -46.36
C LYS J 185 35.08 -25.26 -44.96
N LEU J 186 36.08 -24.62 -44.38
CA LEU J 186 35.91 -24.00 -43.06
C LEU J 186 35.38 -22.57 -43.21
N LEU J 187 35.48 -22.01 -44.41
CA LEU J 187 34.95 -20.67 -44.69
C LEU J 187 33.46 -20.73 -45.00
N PRO J 188 32.72 -19.66 -44.66
CA PRO J 188 33.22 -18.41 -44.05
C PRO J 188 33.02 -18.38 -42.53
N PHE J 189 33.68 -17.43 -41.88
CA PHE J 189 33.44 -17.12 -40.46
C PHE J 189 33.61 -15.63 -40.25
N SER J 190 33.04 -15.10 -39.17
CA SER J 190 33.13 -13.67 -38.87
C SER J 190 34.46 -13.30 -38.21
N PRO J 191 35.21 -12.41 -38.84
CA PRO J 191 36.53 -12.02 -38.31
C PRO J 191 36.40 -11.31 -36.98
N ASP J 192 37.29 -11.65 -36.07
CA ASP J 192 37.41 -10.96 -34.80
C ASP J 192 38.76 -10.25 -34.90
N SER J 193 38.75 -9.06 -35.50
CA SER J 193 39.96 -8.40 -35.99
C SER J 193 40.73 -7.65 -34.94
N VAL J 194 42.04 -7.85 -34.93
CA VAL J 194 42.92 -7.16 -33.99
C VAL J 194 44.21 -6.86 -34.72
N VAL J 195 45.09 -6.09 -34.08
CA VAL J 195 46.44 -5.92 -34.60
C VAL J 195 47.20 -7.22 -34.38
N THR J 196 47.65 -7.85 -35.47
CA THR J 196 48.36 -9.12 -35.35
C THR J 196 49.83 -9.03 -35.76
N HIS J 197 50.62 -9.95 -35.20
CA HIS J 197 52.04 -10.10 -35.52
C HIS J 197 52.25 -10.81 -36.87
N GLY J 198 51.52 -11.91 -37.07
CA GLY J 198 51.56 -12.63 -38.34
C GLY J 198 52.44 -13.87 -38.36
N ASP J 199 53.43 -13.90 -37.48
CA ASP J 199 54.25 -15.10 -37.28
C ASP J 199 54.65 -15.18 -35.81
N PHE J 200 53.66 -15.35 -34.96
CA PHE J 200 53.85 -15.24 -33.53
C PHE J 200 54.35 -16.58 -33.00
N SER J 201 55.56 -16.98 -33.40
CA SER J 201 56.10 -18.28 -33.01
C SER J 201 57.12 -18.17 -31.87
N LEU J 202 57.52 -19.30 -31.28
CA LEU J 202 58.48 -19.27 -30.18
C LEU J 202 59.84 -18.73 -30.62
N ASP J 203 60.11 -18.74 -31.92
CA ASP J 203 61.40 -18.26 -32.38
C ASP J 203 61.43 -16.72 -32.43
N ASN J 204 60.26 -16.10 -32.40
CA ASN J 204 60.18 -14.66 -32.65
C ASN J 204 59.87 -13.84 -31.40
N LEU J 205 59.97 -14.47 -30.23
CA LEU J 205 59.77 -13.74 -28.99
C LEU J 205 61.02 -13.88 -28.15
N ILE J 206 61.45 -12.78 -27.55
CA ILE J 206 62.76 -12.75 -26.89
C ILE J 206 62.63 -12.55 -25.38
N PHE J 207 63.22 -13.47 -24.61
CA PHE J 207 63.31 -13.40 -23.15
C PHE J 207 64.71 -12.96 -22.69
N ASP J 208 64.77 -12.06 -21.73
CA ASP J 208 66.06 -11.72 -21.11
C ASP J 208 65.91 -11.62 -19.59
N GLU J 209 66.80 -12.28 -18.87
CA GLU J 209 66.72 -12.31 -17.41
C GLU J 209 65.34 -12.72 -16.92
N GLY J 210 64.75 -13.71 -17.59
CA GLY J 210 63.48 -14.28 -17.16
C GLY J 210 62.23 -13.56 -17.60
N LYS J 211 62.39 -12.38 -18.21
CA LYS J 211 61.24 -11.58 -18.65
C LYS J 211 61.13 -11.53 -20.17
N LEU J 212 59.90 -11.52 -20.69
CA LEU J 212 59.67 -11.40 -22.12
C LEU J 212 59.86 -9.95 -22.54
N ILE J 213 60.96 -9.65 -23.22
CA ILE J 213 61.31 -8.26 -23.48
C ILE J 213 61.09 -7.73 -24.90
N GLY J 214 60.70 -8.59 -25.83
CA GLY J 214 60.37 -8.09 -27.17
C GLY J 214 60.03 -9.16 -28.20
N CYS J 215 59.61 -8.70 -29.38
CA CYS J 215 59.36 -9.62 -30.49
C CYS J 215 60.09 -9.14 -31.73
N ILE J 216 60.33 -10.05 -32.66
CA ILE J 216 61.09 -9.74 -33.87
C ILE J 216 60.35 -10.28 -35.08
N ASP J 217 60.92 -10.06 -36.26
CA ASP J 217 60.38 -10.64 -37.49
CA ASP J 217 60.38 -10.62 -37.50
C ASP J 217 58.92 -10.21 -37.71
N VAL J 218 58.70 -8.91 -37.83
CA VAL J 218 57.33 -8.37 -37.85
C VAL J 218 56.81 -8.05 -39.27
N GLY J 219 57.45 -8.60 -40.30
CA GLY J 219 57.05 -8.31 -41.68
C GLY J 219 55.59 -8.60 -42.05
N ARG J 220 54.91 -9.46 -41.28
CA ARG J 220 53.51 -9.80 -41.59
C ARG J 220 52.49 -9.07 -40.70
N VAL J 221 52.97 -8.10 -39.94
CA VAL J 221 52.09 -7.35 -39.04
C VAL J 221 50.92 -6.67 -39.78
N GLY J 222 49.71 -6.80 -39.22
CA GLY J 222 48.57 -6.09 -39.75
C GLY J 222 47.28 -6.58 -39.11
N ILE J 223 46.18 -5.93 -39.47
CA ILE J 223 44.86 -6.31 -38.96
C ILE J 223 44.43 -7.65 -39.54
N ALA J 224 44.09 -8.57 -38.65
CA ALA J 224 43.64 -9.90 -39.02
C ALA J 224 42.86 -10.45 -37.85
N ASP J 225 42.26 -11.62 -38.02
CA ASP J 225 41.58 -12.28 -36.92
C ASP J 225 42.58 -12.63 -35.82
N ARG J 226 42.16 -12.54 -34.56
CA ARG J 226 43.07 -12.84 -33.45
C ARG J 226 43.67 -14.25 -33.51
N TYR J 227 42.98 -15.21 -34.14
CA TYR J 227 43.52 -16.57 -34.22
C TYR J 227 44.75 -16.69 -35.13
N GLN J 228 45.05 -15.68 -35.94
CA GLN J 228 46.26 -15.75 -36.74
C GLN J 228 47.46 -15.93 -35.81
N ASP J 229 47.43 -15.24 -34.68
CA ASP J 229 48.55 -15.34 -33.73
C ASP J 229 48.37 -16.50 -32.77
N LEU J 230 47.14 -16.71 -32.29
CA LEU J 230 46.91 -17.84 -31.38
C LEU J 230 47.28 -19.16 -32.04
N ALA J 231 46.92 -19.31 -33.31
CA ALA J 231 47.17 -20.56 -34.02
C ALA J 231 48.65 -20.88 -34.13
N ILE J 232 49.42 -19.93 -34.62
CA ILE J 232 50.84 -20.18 -34.78
C ILE J 232 51.55 -20.50 -33.45
N LEU J 233 51.23 -19.75 -32.39
CA LEU J 233 51.85 -20.02 -31.09
C LEU J 233 51.39 -21.35 -30.49
N TRP J 234 50.09 -21.59 -30.55
CA TRP J 234 49.50 -22.88 -30.14
C TRP J 234 50.22 -24.04 -30.83
N ASN J 235 50.38 -23.93 -32.14
CA ASN J 235 51.10 -24.96 -32.92
C ASN J 235 52.50 -25.22 -32.33
N CYS J 236 53.26 -24.14 -32.11
CA CYS J 236 54.62 -24.25 -31.57
C CYS J 236 54.67 -24.95 -30.21
N LEU J 237 53.67 -24.70 -29.36
CA LEU J 237 53.66 -25.27 -28.03
C LEU J 237 53.35 -26.77 -28.06
N GLY J 238 52.87 -27.25 -29.22
CA GLY J 238 52.71 -28.68 -29.45
C GLY J 238 54.00 -29.48 -29.31
N GLU J 239 55.14 -28.83 -29.55
CA GLU J 239 56.42 -29.50 -29.37
C GLU J 239 56.73 -29.72 -27.89
N PHE J 240 55.91 -29.13 -27.02
CA PHE J 240 56.14 -29.23 -25.59
C PHE J 240 55.08 -30.05 -24.86
N SER J 241 53.83 -29.59 -24.87
CA SER J 241 52.75 -30.41 -24.31
C SER J 241 51.38 -29.90 -24.69
N PRO J 242 50.39 -30.81 -24.72
CA PRO J 242 49.01 -30.36 -24.97
C PRO J 242 48.48 -29.49 -23.83
N SER J 243 48.97 -29.71 -22.61
CA SER J 243 48.57 -28.87 -21.49
C SER J 243 48.99 -27.41 -21.70
N LEU J 244 50.24 -27.21 -22.16
CA LEU J 244 50.74 -25.87 -22.43
C LEU J 244 49.98 -25.23 -23.59
N GLN J 245 49.59 -26.04 -24.56
CA GLN J 245 48.75 -25.53 -25.66
C GLN J 245 47.43 -25.03 -25.11
N LYS J 246 46.80 -25.84 -24.27
CA LYS J 246 45.54 -25.45 -23.64
C LYS J 246 45.74 -24.19 -22.81
N ARG J 247 46.83 -24.16 -22.04
CA ARG J 247 47.11 -23.06 -21.13
C ARG J 247 47.21 -21.72 -21.87
N LEU J 248 47.79 -21.72 -23.07
CA LEU J 248 47.86 -20.48 -23.86
C LEU J 248 46.49 -19.83 -24.01
N PHE J 249 45.51 -20.61 -24.44
CA PHE J 249 44.16 -20.06 -24.60
C PHE J 249 43.54 -19.60 -23.27
N GLN J 250 43.66 -20.42 -22.23
CA GLN J 250 43.03 -20.11 -20.95
C GLN J 250 43.57 -18.80 -20.40
N LYS J 251 44.88 -18.58 -20.51
CA LYS J 251 45.49 -17.39 -19.92
C LYS J 251 45.29 -16.17 -20.81
N TYR J 252 45.14 -16.41 -22.11
CA TYR J 252 44.85 -15.32 -23.04
C TYR J 252 43.42 -14.84 -22.79
N GLY J 253 42.60 -15.75 -22.27
CA GLY J 253 41.25 -15.39 -21.89
C GLY J 253 40.17 -16.02 -22.75
N ILE J 254 40.51 -17.13 -23.39
CA ILE J 254 39.53 -17.85 -24.17
C ILE J 254 39.27 -19.22 -23.55
N ASP J 255 38.05 -19.39 -23.05
CA ASP J 255 37.64 -20.61 -22.35
C ASP J 255 37.38 -21.77 -23.30
N ASN J 256 36.60 -21.51 -24.36
CA ASN J 256 36.34 -22.51 -25.38
C ASN J 256 36.90 -22.07 -26.72
N PRO J 257 38.10 -22.57 -27.06
CA PRO J 257 38.76 -22.24 -28.32
C PRO J 257 37.89 -22.60 -29.51
N ASP J 258 37.72 -21.66 -30.43
CA ASP J 258 36.99 -21.89 -31.66
C ASP J 258 37.81 -22.80 -32.57
N MSE J 259 37.53 -24.11 -32.52
CA MSE J 259 38.31 -25.09 -33.28
C MSE J 259 38.32 -24.85 -34.80
O MSE J 259 39.30 -25.16 -35.48
CB MSE J 259 37.85 -26.51 -32.94
CG MSE J 259 38.01 -26.89 -31.46
SE MSE J 259 39.88 -26.77 -30.87
CE MSE J 259 39.62 -26.72 -28.94
N ASN J 260 37.21 -24.26 -35.35
CA ASN J 260 37.14 -23.95 -36.78
C ASN J 260 38.13 -22.86 -37.17
N LYS J 261 38.14 -21.77 -36.42
CA LYS J 261 39.08 -20.69 -36.64
C LYS J 261 40.53 -21.10 -36.38
N LEU J 262 40.71 -22.00 -35.42
CA LEU J 262 42.06 -22.51 -35.14
C LEU J 262 42.56 -23.33 -36.32
N GLN J 263 41.75 -24.27 -36.79
CA GLN J 263 42.12 -25.11 -37.92
CA GLN J 263 42.22 -25.11 -37.89
C GLN J 263 42.35 -24.27 -39.17
N PHE J 264 41.49 -23.27 -39.36
CA PHE J 264 41.66 -22.43 -40.55
C PHE J 264 43.01 -21.74 -40.58
N HIS J 265 43.41 -21.16 -39.45
CA HIS J 265 44.66 -20.43 -39.42
C HIS J 265 45.90 -21.32 -39.50
N LEU J 266 45.81 -22.53 -38.92
CA LEU J 266 46.90 -23.51 -39.01
C LEU J 266 47.09 -23.91 -40.46
N MSE J 267 45.98 -24.13 -41.13
CA MSE J 267 45.99 -24.53 -42.52
C MSE J 267 46.50 -23.42 -43.42
O MSE J 267 47.27 -23.68 -44.35
CB MSE J 267 44.60 -24.99 -42.96
CG MSE J 267 44.18 -26.33 -42.32
SE MSE J 267 42.45 -26.95 -43.01
CE MSE J 267 43.10 -27.91 -44.60
N LEU J 268 46.08 -22.19 -43.16
CA LEU J 268 46.53 -21.06 -43.93
C LEU J 268 48.06 -20.91 -43.83
N ASP J 269 48.61 -21.10 -42.64
CA ASP J 269 50.06 -20.99 -42.48
C ASP J 269 50.87 -22.04 -43.26
N GLU J 270 50.24 -23.14 -43.64
CA GLU J 270 50.91 -24.14 -44.49
C GLU J 270 51.45 -23.52 -45.79
N PHE J 271 50.81 -22.46 -46.26
CA PHE J 271 51.17 -21.88 -47.56
C PHE J 271 52.34 -20.89 -47.52
N PHE J 272 52.89 -20.63 -46.35
CA PHE J 272 53.87 -19.56 -46.19
C PHE J 272 55.21 -20.01 -45.64
N MSE K 2 12.84 -63.50 -3.24
CA MSE K 2 14.19 -63.34 -2.69
C MSE K 2 14.16 -62.43 -1.46
O MSE K 2 13.33 -61.52 -1.38
CB MSE K 2 15.14 -62.77 -3.74
CG MSE K 2 15.13 -63.54 -5.06
SE MSE K 2 16.91 -64.18 -5.59
CE MSE K 2 16.98 -65.85 -4.59
N SER K 3 15.10 -62.68 -0.46
CA SER K 3 15.09 -61.94 0.82
C SER K 3 16.46 -61.73 1.50
N HIS K 4 17.38 -62.66 1.34
CA HIS K 4 18.51 -62.75 2.29
C HIS K 4 19.95 -62.59 1.78
N ILE K 5 20.28 -63.22 0.66
CA ILE K 5 21.67 -63.25 0.18
C ILE K 5 22.25 -61.84 -0.02
N GLN K 6 23.47 -61.62 0.48
CA GLN K 6 24.07 -60.28 0.49
C GLN K 6 24.86 -59.90 -0.77
N ARG K 7 24.37 -58.86 -1.45
CA ARG K 7 24.91 -58.43 -2.74
C ARG K 7 25.95 -57.31 -2.59
N GLU K 8 27.22 -57.70 -2.66
CA GLU K 8 28.35 -56.79 -2.51
C GLU K 8 28.89 -56.30 -3.86
N THR K 9 28.95 -55.00 -4.06
CA THR K 9 29.65 -54.43 -5.21
C THR K 9 30.84 -53.57 -4.79
N SER K 10 31.91 -53.59 -5.57
CA SER K 10 33.06 -52.75 -5.31
C SER K 10 32.66 -51.28 -5.49
N CYS K 11 33.31 -50.38 -4.78
CA CYS K 11 33.01 -48.95 -4.96
C CYS K 11 34.12 -47.99 -4.49
N SER K 12 34.12 -46.81 -5.08
CA SER K 12 34.98 -45.72 -4.60
C SER K 12 34.27 -45.14 -3.40
N ARG K 13 34.99 -44.47 -2.50
CA ARG K 13 34.26 -43.90 -1.37
C ARG K 13 33.40 -42.75 -1.86
N PRO K 14 32.21 -42.59 -1.27
CA PRO K 14 31.24 -41.61 -1.74
C PRO K 14 31.69 -40.18 -1.43
N ARG K 15 31.08 -39.22 -2.11
CA ARG K 15 31.34 -37.82 -1.85
C ARG K 15 30.64 -37.46 -0.55
N LEU K 16 31.44 -37.10 0.44
CA LEU K 16 30.89 -36.80 1.75
C LEU K 16 30.36 -35.40 1.83
N ASN K 17 29.64 -35.10 2.91
CA ASN K 17 29.15 -33.74 3.10
C ASN K 17 30.30 -32.81 3.47
N SER K 18 30.11 -31.52 3.17
CA SER K 18 31.02 -30.48 3.60
C SER K 18 31.27 -30.64 5.09
N ASN K 19 32.49 -30.29 5.53
CA ASN K 19 32.79 -30.29 6.95
C ASN K 19 31.95 -29.22 7.65
N LEU K 20 32.08 -29.16 8.97
CA LEU K 20 31.44 -28.11 9.76
C LEU K 20 32.18 -26.78 9.58
N ASP K 21 33.50 -26.84 9.39
CA ASP K 21 34.33 -25.65 9.21
C ASP K 21 33.85 -24.77 8.05
N ALA K 22 33.60 -25.39 6.89
CA ALA K 22 33.03 -24.67 5.77
C ALA K 22 31.62 -24.20 6.14
N ASP K 23 31.27 -22.99 5.69
CA ASP K 23 30.07 -22.30 6.15
C ASP K 23 30.14 -22.04 7.65
N LEU K 24 31.13 -21.25 8.04
CA LEU K 24 31.34 -20.86 9.43
C LEU K 24 32.35 -19.71 9.38
N TYR K 25 33.04 -19.61 8.25
CA TYR K 25 33.94 -18.51 8.00
C TYR K 25 33.11 -17.27 7.80
N GLY K 26 33.65 -16.13 8.21
CA GLY K 26 32.96 -14.87 8.02
C GLY K 26 31.83 -14.66 8.99
N TYR K 27 31.80 -15.44 10.07
CA TYR K 27 30.83 -15.21 11.14
C TYR K 27 31.51 -14.59 12.36
N ARG K 28 30.82 -13.63 12.97
CA ARG K 28 31.23 -13.11 14.26
C ARG K 28 30.76 -14.10 15.32
N TRP K 29 31.59 -14.35 16.32
CA TRP K 29 31.25 -15.30 17.37
C TRP K 29 30.92 -14.60 18.68
N ALA K 30 29.90 -15.11 19.36
CA ALA K 30 29.51 -14.60 20.67
C ALA K 30 29.00 -15.75 21.54
N ARG K 31 29.55 -15.85 22.75
CA ARG K 31 29.14 -16.88 23.70
C ARG K 31 27.92 -16.45 24.50
N ASP K 32 26.88 -17.29 24.52
CA ASP K 32 25.66 -16.95 25.23
C ASP K 32 25.54 -17.66 26.58
N ASN K 33 24.47 -17.33 27.31
CA ASN K 33 24.19 -17.93 28.61
C ASN K 33 23.95 -19.44 28.51
N VAL K 34 24.73 -20.21 29.28
CA VAL K 34 24.55 -21.66 29.33
C VAL K 34 23.14 -21.97 29.84
N GLY K 35 22.31 -22.54 28.96
CA GLY K 35 20.90 -22.66 29.28
C GLY K 35 20.18 -23.95 28.94
N GLN K 36 19.29 -24.34 29.85
CA GLN K 36 18.20 -25.30 29.61
C GLN K 36 18.55 -26.79 29.54
N SER K 37 19.85 -27.11 29.61
CA SER K 37 20.33 -28.48 29.78
C SER K 37 21.84 -28.55 30.02
N GLY K 38 22.51 -27.40 29.99
CA GLY K 38 23.93 -27.32 30.27
C GLY K 38 24.83 -27.09 29.05
N ALA K 39 24.28 -27.24 27.85
CA ALA K 39 25.07 -27.11 26.62
C ALA K 39 25.72 -25.73 26.47
N THR K 40 26.93 -25.73 25.92
CA THR K 40 27.60 -24.47 25.61
C THR K 40 26.97 -23.92 24.34
N ILE K 41 26.58 -22.65 24.36
CA ILE K 41 25.83 -22.05 23.25
C ILE K 41 26.56 -20.85 22.66
N TYR K 42 26.63 -20.81 21.34
CA TYR K 42 27.26 -19.70 20.63
C TYR K 42 26.26 -19.07 19.67
N ARG K 43 26.33 -17.76 19.53
CA ARG K 43 25.59 -17.09 18.46
C ARG K 43 26.55 -16.61 17.37
N LEU K 44 26.25 -16.97 16.13
CA LEU K 44 27.07 -16.57 14.99
C LEU K 44 26.32 -15.49 14.20
N TYR K 45 26.99 -14.35 13.97
CA TYR K 45 26.31 -13.21 13.36
C TYR K 45 27.24 -12.40 12.47
N GLY K 46 26.67 -11.42 11.76
CA GLY K 46 27.42 -10.51 10.92
C GLY K 46 28.12 -11.14 9.72
N LYS K 47 27.34 -11.54 8.72
CA LYS K 47 27.91 -12.08 7.48
C LYS K 47 27.07 -11.69 6.27
N PRO K 48 27.74 -11.27 5.18
CA PRO K 48 27.14 -10.91 3.90
C PRO K 48 26.05 -11.88 3.45
N ASN K 49 24.80 -11.48 3.63
CA ASN K 49 23.62 -12.24 3.21
C ASN K 49 23.38 -13.58 3.90
N ALA K 50 24.42 -14.18 4.47
CA ALA K 50 24.26 -15.43 5.22
C ALA K 50 23.50 -15.15 6.52
N PRO K 51 22.69 -16.13 6.97
CA PRO K 51 21.80 -15.94 8.13
C PRO K 51 22.48 -16.14 9.49
N GLU K 52 21.98 -15.44 10.50
CA GLU K 52 22.45 -15.62 11.87
C GLU K 52 22.17 -17.05 12.35
N LEU K 53 23.19 -17.69 12.92
CA LEU K 53 23.07 -19.08 13.35
C LEU K 53 23.36 -19.23 14.84
N PHE K 54 22.89 -20.33 15.42
CA PHE K 54 23.25 -20.72 16.77
C PHE K 54 23.99 -22.06 16.75
N LEU K 55 24.91 -22.24 17.68
CA LEU K 55 25.64 -23.49 17.80
C LEU K 55 25.69 -23.98 19.25
N LYS K 56 25.24 -25.21 19.47
CA LYS K 56 25.27 -25.85 20.77
C LYS K 56 26.32 -26.94 20.81
N HIS K 57 27.11 -26.97 21.88
CA HIS K 57 28.10 -28.01 22.10
C HIS K 57 27.85 -28.75 23.39
N GLY K 58 27.64 -30.06 23.30
CA GLY K 58 27.48 -30.89 24.47
C GLY K 58 28.55 -31.95 24.59
N LYS K 59 29.14 -32.04 25.77
CA LYS K 59 30.10 -33.09 26.05
C LYS K 59 29.57 -33.99 27.18
N GLY K 60 29.91 -35.27 27.13
CA GLY K 60 29.46 -36.18 28.16
C GLY K 60 27.95 -36.33 28.14
N SER K 61 27.32 -36.29 29.31
CA SER K 61 25.88 -36.47 29.41
C SER K 61 25.13 -35.42 28.58
N VAL K 62 25.69 -34.21 28.52
CA VAL K 62 25.08 -33.11 27.79
C VAL K 62 25.02 -33.39 26.29
N ALA K 63 25.97 -34.17 25.79
CA ALA K 63 25.94 -34.59 24.38
C ALA K 63 24.65 -35.34 24.07
N ASN K 64 24.14 -36.09 25.05
CA ASN K 64 22.87 -36.79 24.89
C ASN K 64 21.70 -35.80 24.86
N ASP K 65 21.78 -34.79 25.73
CA ASP K 65 20.75 -33.75 25.76
C ASP K 65 20.65 -33.02 24.42
N VAL K 66 21.80 -32.71 23.83
CA VAL K 66 21.82 -32.02 22.55
C VAL K 66 21.33 -32.94 21.42
N THR K 67 21.73 -34.21 21.49
CA THR K 67 21.27 -35.22 20.52
C THR K 67 19.74 -35.39 20.59
N ASP K 68 19.20 -35.43 21.81
CA ASP K 68 17.75 -35.39 22.04
C ASP K 68 17.07 -34.21 21.36
N GLU K 69 17.67 -33.02 21.46
CA GLU K 69 17.06 -31.84 20.85
C GLU K 69 17.06 -31.97 19.34
N MSE K 70 18.18 -32.44 18.82
CA MSE K 70 18.34 -32.58 17.37
C MSE K 70 17.24 -33.44 16.74
O MSE K 70 16.58 -33.00 15.78
CB MSE K 70 19.73 -33.11 17.03
CG MSE K 70 20.03 -33.20 15.53
SE MSE K 70 19.31 -34.81 14.66
CE MSE K 70 20.27 -36.13 15.63
N VAL K 71 16.97 -34.70 17.29
CA VAL K 71 15.94 -35.55 16.69
CA VAL K 71 15.94 -35.56 16.70
C VAL K 71 14.56 -34.95 16.84
N ARG K 72 14.35 -34.22 17.93
CA ARG K 72 13.06 -33.59 18.14
C ARG K 72 12.83 -32.39 17.21
N LEU K 73 13.89 -31.63 16.95
CA LEU K 73 13.85 -30.61 15.89
C LEU K 73 13.57 -31.26 14.55
N ASN K 74 14.25 -32.36 14.27
CA ASN K 74 14.15 -33.06 12.99
C ASN K 74 12.71 -33.59 12.75
N TRP K 75 12.09 -34.13 13.79
CA TRP K 75 10.71 -34.61 13.71
C TRP K 75 9.65 -33.51 13.65
N LEU K 76 9.64 -32.62 14.63
CA LEU K 76 8.55 -31.66 14.82
C LEU K 76 8.50 -30.55 13.75
N THR K 77 9.57 -30.42 12.98
CA THR K 77 9.63 -29.36 11.96
C THR K 77 8.66 -29.61 10.80
N ALA K 78 8.18 -30.84 10.68
CA ALA K 78 7.15 -31.13 9.69
C ALA K 78 5.79 -30.58 10.13
N PHE K 79 5.65 -30.26 11.42
CA PHE K 79 4.36 -29.84 11.98
C PHE K 79 4.27 -28.41 12.50
N MSE K 80 5.43 -27.88 12.96
CA MSE K 80 5.47 -26.58 13.61
C MSE K 80 6.65 -25.76 13.10
O MSE K 80 7.62 -26.34 12.58
CB MSE K 80 5.58 -26.74 15.13
CG MSE K 80 4.39 -27.44 15.80
SE MSE K 80 2.71 -26.47 15.64
CE MSE K 80 3.10 -25.00 16.85
N PRO K 81 6.59 -24.37 13.26
CA PRO K 81 7.72 -23.49 12.88
C PRO K 81 8.88 -23.58 13.89
N LEU K 82 10.00 -24.16 13.45
CA LEU K 82 11.14 -24.43 14.31
C LEU K 82 12.44 -23.97 13.67
N PRO K 83 13.51 -23.83 14.48
CA PRO K 83 14.85 -23.62 13.94
C PRO K 83 15.19 -24.76 12.99
N THR K 84 15.91 -24.46 11.92
CA THR K 84 16.33 -25.46 10.95
C THR K 84 17.69 -26.03 11.33
N ILE K 85 17.83 -27.35 11.24
CA ILE K 85 19.12 -27.99 11.43
C ILE K 85 20.01 -27.82 10.20
N LYS K 86 21.05 -26.99 10.34
CA LYS K 86 22.00 -26.77 9.26
C LYS K 86 23.07 -27.85 9.25
N HIS K 87 23.53 -28.25 10.42
CA HIS K 87 24.54 -29.29 10.53
C HIS K 87 24.47 -29.86 11.94
N PHE K 88 24.63 -31.17 12.05
CA PHE K 88 24.73 -31.83 13.36
C PHE K 88 25.80 -32.88 13.31
N ILE K 89 26.63 -32.94 14.35
CA ILE K 89 27.66 -33.98 14.42
C ILE K 89 27.62 -34.66 15.78
N ARG K 90 27.70 -35.99 15.79
CA ARG K 90 27.85 -36.74 17.03
C ARG K 90 29.08 -37.65 17.00
N THR K 91 29.95 -37.49 17.98
CA THR K 91 31.03 -38.45 18.21
C THR K 91 30.75 -39.09 19.57
N PRO K 92 31.54 -40.10 19.98
CA PRO K 92 31.17 -40.78 21.23
C PRO K 92 30.93 -39.83 22.41
N ASP K 93 31.77 -38.82 22.56
CA ASP K 93 31.67 -37.96 23.73
C ASP K 93 31.24 -36.50 23.48
N ASP K 94 30.88 -36.19 22.25
CA ASP K 94 30.57 -34.81 21.88
C ASP K 94 29.42 -34.72 20.90
N ALA K 95 28.64 -33.65 21.02
CA ALA K 95 27.60 -33.39 20.05
C ALA K 95 27.61 -31.90 19.70
N TRP K 96 27.46 -31.60 18.41
CA TRP K 96 27.43 -30.22 17.96
C TRP K 96 26.18 -30.02 17.12
N LEU K 97 25.37 -29.05 17.51
CA LEU K 97 24.12 -28.76 16.84
C LEU K 97 24.13 -27.34 16.30
N LEU K 98 24.13 -27.23 14.97
CA LEU K 98 24.09 -25.92 14.30
C LEU K 98 22.71 -25.66 13.71
N THR K 99 22.06 -24.61 14.20
CA THR K 99 20.70 -24.31 13.78
C THR K 99 20.55 -22.86 13.36
N THR K 100 19.59 -22.59 12.50
CA THR K 100 19.31 -21.22 12.10
C THR K 100 18.63 -20.51 13.25
N ALA K 101 18.72 -19.18 13.27
CA ALA K 101 18.08 -18.40 14.32
C ALA K 101 16.71 -17.94 13.87
N ILE K 102 15.75 -17.97 14.80
CA ILE K 102 14.46 -17.37 14.54
C ILE K 102 14.54 -15.90 14.91
N PRO K 103 14.48 -15.01 13.90
CA PRO K 103 14.61 -13.58 14.17
C PRO K 103 13.42 -13.07 14.99
N GLY K 104 13.70 -12.17 15.94
CA GLY K 104 12.65 -11.62 16.78
C GLY K 104 13.03 -11.59 18.25
N LYS K 105 12.05 -11.35 19.11
CA LYS K 105 12.25 -11.30 20.56
C LYS K 105 11.40 -12.38 21.20
N THR K 106 11.68 -12.71 22.45
CA THR K 106 10.90 -13.73 23.12
C THR K 106 9.59 -13.17 23.64
N ALA K 107 8.65 -14.06 23.92
CA ALA K 107 7.35 -13.69 24.47
C ALA K 107 7.53 -12.92 25.78
N PHE K 108 8.46 -13.39 26.61
CA PHE K 108 8.85 -12.70 27.83
C PHE K 108 9.20 -11.24 27.54
N GLN K 109 10.16 -11.03 26.65
CA GLN K 109 10.59 -9.68 26.28
C GLN K 109 9.42 -8.86 25.74
N VAL K 110 8.61 -9.50 24.91
CA VAL K 110 7.49 -8.82 24.28
C VAL K 110 6.47 -8.40 25.33
N LEU K 111 6.23 -9.29 26.28
CA LEU K 111 5.31 -9.01 27.36
C LEU K 111 5.80 -7.79 28.14
N GLU K 112 7.10 -7.74 28.39
CA GLU K 112 7.70 -6.63 29.13
C GLU K 112 7.75 -5.36 28.30
N GLU K 113 8.29 -5.45 27.09
CA GLU K 113 8.46 -4.28 26.26
C GLU K 113 7.13 -3.61 25.91
N TYR K 114 6.11 -4.41 25.64
CA TYR K 114 4.82 -3.86 25.28
C TYR K 114 3.71 -4.35 26.20
N PRO K 115 3.66 -3.82 27.44
CA PRO K 115 2.72 -4.26 28.48
C PRO K 115 1.28 -4.18 28.00
N ASP K 116 0.98 -3.08 27.31
CA ASP K 116 -0.34 -2.80 26.76
C ASP K 116 -0.91 -3.92 25.86
N SER K 117 -0.03 -4.81 25.38
CA SER K 117 -0.44 -5.84 24.44
C SER K 117 -0.50 -7.23 25.08
N GLY K 118 -0.43 -7.25 26.41
CA GLY K 118 -0.43 -8.49 27.17
C GLY K 118 -1.52 -9.47 26.80
N GLU K 119 -2.75 -8.97 26.69
CA GLU K 119 -3.89 -9.80 26.32
C GLU K 119 -3.77 -10.37 24.91
N ASN K 120 -3.36 -9.54 23.95
CA ASN K 120 -3.19 -10.04 22.59
C ASN K 120 -2.03 -11.01 22.51
N ILE K 121 -0.99 -10.75 23.29
CA ILE K 121 0.15 -11.64 23.39
C ILE K 121 -0.26 -13.02 23.91
N VAL K 122 -1.02 -13.05 24.99
CA VAL K 122 -1.49 -14.30 25.57
C VAL K 122 -2.40 -15.05 24.58
N ASP K 123 -3.26 -14.29 23.89
CA ASP K 123 -4.14 -14.87 22.87
C ASP K 123 -3.33 -15.61 21.81
N ALA K 124 -2.23 -15.01 21.37
CA ALA K 124 -1.36 -15.62 20.37
C ALA K 124 -0.73 -16.90 20.91
N LEU K 125 -0.32 -16.83 22.18
CA LEU K 125 0.24 -17.99 22.84
C LEU K 125 -0.76 -19.15 22.89
N ALA K 126 -2.01 -18.82 23.23
CA ALA K 126 -3.05 -19.83 23.31
C ALA K 126 -3.27 -20.51 21.96
N VAL K 127 -3.42 -19.70 20.91
CA VAL K 127 -3.59 -20.21 19.56
C VAL K 127 -2.43 -21.14 19.19
N PHE K 128 -1.21 -20.71 19.48
CA PHE K 128 -0.02 -21.50 19.18
C PHE K 128 0.03 -22.83 19.92
N LEU K 129 -0.26 -22.79 21.21
CA LEU K 129 -0.32 -24.01 22.00
C LEU K 129 -1.45 -24.95 21.53
N ARG K 130 -2.58 -24.39 21.11
CA ARG K 130 -3.69 -25.21 20.60
C ARG K 130 -3.27 -25.91 19.32
N ARG K 131 -2.46 -25.23 18.51
CA ARG K 131 -1.96 -25.83 17.28
C ARG K 131 -1.07 -27.03 17.59
N LEU K 132 -0.10 -26.83 18.48
CA LEU K 132 0.79 -27.90 18.90
C LEU K 132 -0.01 -29.09 19.43
N HIS K 133 -0.99 -28.79 20.27
CA HIS K 133 -1.73 -29.86 20.94
C HIS K 133 -2.78 -30.51 20.02
N SER K 134 -2.89 -30.02 18.79
CA SER K 134 -3.80 -30.58 17.81
CA SER K 134 -3.81 -30.59 17.82
C SER K 134 -3.13 -31.62 16.93
N ILE K 135 -1.79 -31.68 16.99
CA ILE K 135 -1.06 -32.69 16.23
C ILE K 135 -1.49 -34.06 16.73
N PRO K 136 -2.07 -34.90 15.84
CA PRO K 136 -2.48 -36.26 16.23
C PRO K 136 -1.32 -37.01 16.88
N VAL K 137 -1.56 -37.63 18.03
CA VAL K 137 -0.44 -38.24 18.77
C VAL K 137 0.12 -39.43 18.03
N CYS K 138 -0.68 -40.00 17.13
CA CYS K 138 -0.22 -41.12 16.30
C CYS K 138 0.98 -40.75 15.44
N ASN K 139 1.26 -39.45 15.34
CA ASN K 139 2.39 -38.97 14.54
C ASN K 139 3.70 -38.89 15.32
N CYS K 140 3.62 -39.00 16.65
CA CYS K 140 4.78 -38.67 17.51
C CYS K 140 5.54 -39.90 18.02
N PRO K 141 6.83 -40.01 17.67
CA PRO K 141 7.61 -41.19 18.07
C PRO K 141 8.30 -41.05 19.43
N PHE K 142 8.01 -39.97 20.16
CA PHE K 142 8.70 -39.74 21.45
C PHE K 142 7.78 -39.86 22.66
N ASN K 143 8.26 -40.59 23.66
CA ASN K 143 7.52 -40.77 24.91
C ASN K 143 7.99 -39.80 25.98
N SER K 144 7.10 -38.92 26.44
CA SER K 144 7.39 -38.01 27.53
C SER K 144 6.44 -38.18 28.70
N ASP K 145 5.84 -39.36 28.85
CA ASP K 145 4.76 -39.52 29.83
C ASP K 145 5.27 -39.42 31.26
N ARG K 146 4.37 -39.37 32.24
CA ARG K 146 4.84 -39.10 33.60
C ARG K 146 5.66 -40.26 34.18
N VAL K 147 5.41 -41.49 33.75
CA VAL K 147 6.21 -42.61 34.23
C VAL K 147 7.69 -42.44 33.81
N PHE K 148 7.90 -42.08 32.56
CA PHE K 148 9.22 -41.74 32.04
C PHE K 148 9.85 -40.54 32.77
N ARG K 149 9.09 -39.47 32.95
CA ARG K 149 9.63 -38.25 33.54
C ARG K 149 9.90 -38.38 35.06
N LEU K 150 9.04 -39.09 35.78
CA LEU K 150 9.24 -39.32 37.20
C LEU K 150 10.52 -40.14 37.47
N ALA K 151 10.78 -41.14 36.65
CA ALA K 151 12.03 -41.90 36.76
C ALA K 151 13.24 -41.01 36.52
N GLN K 152 13.14 -40.07 35.58
CA GLN K 152 14.24 -39.13 35.34
C GLN K 152 14.42 -38.24 36.54
N ALA K 153 13.30 -37.72 37.01
CA ALA K 153 13.29 -36.86 38.20
C ALA K 153 13.95 -37.55 39.38
N GLN K 154 13.51 -38.77 39.66
CA GLN K 154 14.05 -39.54 40.78
C GLN K 154 15.57 -39.70 40.68
N SER K 155 16.03 -40.01 39.47
CA SER K 155 17.46 -40.13 39.19
C SER K 155 18.18 -38.83 39.52
N ARG K 156 17.68 -37.72 38.97
CA ARG K 156 18.25 -36.40 39.23
C ARG K 156 18.27 -36.08 40.72
N MSE K 157 17.19 -36.42 41.44
CA MSE K 157 17.16 -36.23 42.88
C MSE K 157 18.26 -37.03 43.55
O MSE K 157 19.05 -36.50 44.33
CB MSE K 157 15.80 -36.62 43.47
CG MSE K 157 15.74 -36.48 44.99
SE MSE K 157 14.00 -36.95 45.73
CE MSE K 157 13.81 -38.74 44.98
N ASN K 158 18.29 -38.36 43.24
CA ASN K 158 19.25 -39.29 43.87
C ASN K 158 20.68 -38.88 43.63
N ASN K 159 20.93 -38.25 42.48
CA ASN K 159 22.28 -37.85 42.10
C ASN K 159 22.62 -36.39 42.41
N GLY K 160 21.83 -35.77 43.29
CA GLY K 160 22.09 -34.40 43.72
C GLY K 160 22.09 -33.33 42.64
N LEU K 161 21.32 -33.54 41.58
CA LEU K 161 21.34 -32.62 40.45
C LEU K 161 20.24 -31.57 40.51
N VAL K 162 19.31 -31.73 41.45
CA VAL K 162 18.15 -30.86 41.48
C VAL K 162 18.50 -29.51 42.09
N ASP K 163 18.15 -28.43 41.39
CA ASP K 163 18.44 -27.08 41.85
C ASP K 163 17.36 -26.61 42.83
N ALA K 164 17.57 -26.86 44.12
CA ALA K 164 16.59 -26.54 45.16
C ALA K 164 16.41 -25.03 45.36
N SER K 165 17.36 -24.24 44.88
CA SER K 165 17.31 -22.80 45.07
C SER K 165 16.42 -22.15 44.03
N ASP K 166 15.97 -22.94 43.07
CA ASP K 166 15.23 -22.41 41.93
C ASP K 166 13.76 -22.88 41.98
N PHE K 167 13.36 -23.43 43.12
CA PHE K 167 11.98 -23.86 43.33
C PHE K 167 11.02 -22.67 43.28
N ASP K 168 9.77 -22.90 42.87
CA ASP K 168 8.74 -21.86 42.89
C ASP K 168 8.51 -21.35 44.30
N ASP K 169 7.87 -20.18 44.40
CA ASP K 169 7.68 -19.51 45.68
C ASP K 169 7.00 -20.37 46.74
N GLU K 170 5.98 -21.13 46.36
CA GLU K 170 5.25 -21.94 47.36
C GLU K 170 6.07 -23.12 47.89
N ARG K 171 7.19 -23.42 47.23
CA ARG K 171 8.08 -24.49 47.69
C ARG K 171 9.43 -23.94 48.13
N ASN K 172 9.43 -22.67 48.49
CA ASN K 172 10.65 -21.95 48.84
C ASN K 172 11.37 -22.59 50.04
N GLY K 173 12.61 -23.04 49.84
CA GLY K 173 13.38 -23.63 50.92
C GLY K 173 13.06 -25.07 51.25
N TRP K 174 12.09 -25.66 50.55
CA TRP K 174 11.80 -27.08 50.71
C TRP K 174 13.01 -27.95 50.36
N PRO K 175 13.23 -29.02 51.14
CA PRO K 175 14.16 -30.07 50.70
C PRO K 175 13.61 -30.79 49.47
N VAL K 176 14.50 -31.25 48.60
CA VAL K 176 14.09 -31.93 47.36
C VAL K 176 13.19 -33.11 47.69
N GLU K 177 13.56 -33.87 48.72
CA GLU K 177 12.79 -35.04 49.14
C GLU K 177 11.33 -34.70 49.44
N GLN K 178 11.10 -33.57 50.08
CA GLN K 178 9.73 -33.14 50.38
C GLN K 178 8.91 -32.82 49.13
N VAL K 179 9.55 -32.21 48.13
CA VAL K 179 8.87 -32.00 46.86
C VAL K 179 8.46 -33.36 46.28
N TRP K 180 9.41 -34.29 46.26
CA TRP K 180 9.17 -35.64 45.77
C TRP K 180 7.96 -36.31 46.46
N LYS K 181 8.00 -36.34 47.78
CA LYS K 181 6.95 -36.98 48.57
C LYS K 181 5.59 -36.31 48.37
N GLU K 182 5.57 -34.99 48.44
CA GLU K 182 4.31 -34.25 48.33
C GLU K 182 3.69 -34.36 46.93
N MSE K 183 4.55 -34.42 45.90
CA MSE K 183 4.09 -34.51 44.52
C MSE K 183 3.32 -35.81 44.30
O MSE K 183 2.38 -35.86 43.51
CB MSE K 183 5.27 -34.41 43.56
CG MSE K 183 4.91 -34.62 42.09
SE MSE K 183 6.45 -34.40 40.93
CE MSE K 183 7.65 -35.70 41.74
N HIS K 184 3.75 -36.86 45.00
CA HIS K 184 3.12 -38.17 44.87
C HIS K 184 1.76 -38.22 45.58
N LYS K 185 1.55 -37.30 46.51
CA LYS K 185 0.24 -37.16 47.13
C LYS K 185 -0.84 -36.69 46.14
N LEU K 186 -0.41 -36.33 44.92
CA LEU K 186 -1.34 -35.90 43.87
C LEU K 186 -1.69 -37.00 42.86
N LEU K 187 -0.94 -38.09 42.88
CA LEU K 187 -1.16 -39.19 41.94
C LEU K 187 -2.19 -40.19 42.48
N PRO K 188 -2.97 -40.82 41.57
CA PRO K 188 -2.89 -40.65 40.12
C PRO K 188 -3.97 -39.71 39.56
N PHE K 189 -3.83 -39.40 38.28
CA PHE K 189 -4.91 -38.79 37.50
C PHE K 189 -4.93 -39.46 36.14
N SER K 190 -6.05 -39.39 35.44
CA SER K 190 -6.13 -39.99 34.12
C SER K 190 -5.40 -39.10 33.11
N PRO K 191 -4.43 -39.66 32.39
CA PRO K 191 -3.66 -38.86 31.42
C PRO K 191 -4.54 -38.38 30.26
N ASP K 192 -4.37 -37.11 29.91
CA ASP K 192 -5.02 -36.53 28.75
C ASP K 192 -3.92 -36.18 27.76
N SER K 193 -3.51 -37.15 26.94
CA SER K 193 -2.21 -37.10 26.28
C SER K 193 -2.22 -36.37 24.94
N VAL K 194 -1.23 -35.51 24.73
CA VAL K 194 -1.09 -34.80 23.46
C VAL K 194 0.41 -34.67 23.15
N VAL K 195 0.72 -34.18 21.96
CA VAL K 195 2.10 -33.83 21.63
C VAL K 195 2.47 -32.62 22.45
N THR K 196 3.48 -32.73 23.30
CA THR K 196 3.89 -31.61 24.16
C THR K 196 5.30 -31.10 23.87
N HIS K 197 5.50 -29.81 24.08
CA HIS K 197 6.80 -29.18 23.90
C HIS K 197 7.74 -29.57 25.04
N GLY K 198 7.22 -29.55 26.27
CA GLY K 198 7.99 -29.98 27.43
C GLY K 198 8.75 -28.91 28.19
N ASP K 199 8.95 -27.74 27.56
CA ASP K 199 9.49 -26.56 28.27
C ASP K 199 8.88 -25.29 27.68
N PHE K 200 7.55 -25.19 27.81
CA PHE K 200 6.78 -24.18 27.09
C PHE K 200 6.73 -22.90 27.91
N SER K 201 7.91 -22.31 28.08
CA SER K 201 8.05 -21.11 28.89
C SER K 201 8.07 -19.86 28.03
N LEU K 202 8.00 -18.70 28.66
CA LEU K 202 8.00 -17.44 27.92
C LEU K 202 9.32 -17.18 27.21
N ASP K 203 10.37 -17.88 27.64
CA ASP K 203 11.69 -17.75 27.00
C ASP K 203 11.78 -18.46 25.66
N ASN K 204 10.88 -19.41 25.43
CA ASN K 204 11.05 -20.34 24.32
C ASN K 204 10.11 -20.15 23.13
N LEU K 205 9.39 -19.03 23.13
CA LEU K 205 8.51 -18.68 22.02
C LEU K 205 8.95 -17.33 21.47
N ILE K 206 9.03 -17.26 20.14
CA ILE K 206 9.57 -16.07 19.47
C ILE K 206 8.51 -15.31 18.68
N PHE K 207 8.40 -14.01 18.95
CA PHE K 207 7.51 -13.11 18.23
C PHE K 207 8.32 -12.27 17.24
N ASP K 208 7.74 -12.01 16.08
CA ASP K 208 8.37 -11.14 15.11
C ASP K 208 7.28 -10.51 14.26
N GLU K 209 7.35 -9.18 14.10
CA GLU K 209 6.33 -8.42 13.37
C GLU K 209 4.96 -8.54 14.05
N GLY K 210 4.97 -8.68 15.38
CA GLY K 210 3.75 -8.84 16.14
C GLY K 210 3.11 -10.21 16.02
N LYS K 211 3.81 -11.15 15.40
CA LYS K 211 3.29 -12.49 15.18
C LYS K 211 4.15 -13.57 15.83
N LEU K 212 3.50 -14.55 16.45
CA LEU K 212 4.21 -15.66 17.06
C LEU K 212 4.67 -16.57 15.94
N ILE K 213 5.97 -16.55 15.64
CA ILE K 213 6.46 -17.21 14.44
C ILE K 213 7.32 -18.45 14.68
N GLY K 214 7.54 -18.82 15.94
CA GLY K 214 8.32 -20.01 16.21
C GLY K 214 8.53 -20.35 17.68
N CYS K 215 8.85 -21.62 17.94
CA CYS K 215 9.26 -22.05 19.28
C CYS K 215 10.65 -22.64 19.19
N ILE K 216 11.35 -22.66 20.32
CA ILE K 216 12.72 -23.15 20.39
C ILE K 216 12.90 -24.10 21.58
N ASP K 217 14.10 -24.65 21.72
CA ASP K 217 14.47 -25.55 22.81
C ASP K 217 13.49 -26.70 23.03
N VAL K 218 13.45 -27.59 22.04
CA VAL K 218 12.44 -28.64 21.96
C VAL K 218 12.94 -30.01 22.45
N GLY K 219 14.05 -30.04 23.17
CA GLY K 219 14.65 -31.30 23.59
C GLY K 219 13.79 -32.21 24.48
N ARG K 220 12.68 -31.69 25.01
CA ARG K 220 11.83 -32.49 25.88
CA ARG K 220 11.82 -32.46 25.90
C ARG K 220 10.47 -32.83 25.25
N VAL K 221 10.34 -32.55 23.95
CA VAL K 221 9.14 -32.86 23.19
C VAL K 221 8.74 -34.34 23.28
N GLY K 222 7.45 -34.60 23.40
CA GLY K 222 6.98 -35.96 23.45
C GLY K 222 5.53 -36.00 23.85
N ILE K 223 4.94 -37.20 23.81
CA ILE K 223 3.58 -37.39 24.26
C ILE K 223 3.51 -37.30 25.79
N ALA K 224 2.69 -36.37 26.29
CA ALA K 224 2.52 -36.22 27.72
C ALA K 224 1.15 -35.59 27.96
N ASP K 225 0.77 -35.43 29.24
CA ASP K 225 -0.48 -34.75 29.54
C ASP K 225 -0.40 -33.31 29.06
N ARG K 226 -1.50 -32.79 28.52
CA ARG K 226 -1.50 -31.42 28.01
C ARG K 226 -1.07 -30.39 29.07
N TYR K 227 -1.24 -30.74 30.35
CA TYR K 227 -0.88 -29.80 31.42
C TYR K 227 0.62 -29.63 31.59
N GLN K 228 1.42 -30.50 30.98
CA GLN K 228 2.85 -30.31 30.96
C GLN K 228 3.20 -28.93 30.39
N ASP K 229 2.49 -28.52 29.34
CA ASP K 229 2.79 -27.24 28.69
C ASP K 229 1.98 -26.11 29.33
N LEU K 230 0.71 -26.38 29.62
CA LEU K 230 -0.15 -25.38 30.25
C LEU K 230 0.45 -24.93 31.57
N ALA K 231 0.91 -25.87 32.38
CA ALA K 231 1.43 -25.54 33.71
C ALA K 231 2.67 -24.64 33.65
N ILE K 232 3.61 -24.98 32.77
CA ILE K 232 4.83 -24.21 32.69
C ILE K 232 4.55 -22.78 32.20
N LEU K 233 3.69 -22.64 31.19
CA LEU K 233 3.35 -21.30 30.69
C LEU K 233 2.54 -20.49 31.71
N TRP K 234 1.54 -21.14 32.31
CA TRP K 234 0.74 -20.52 33.37
C TRP K 234 1.64 -19.98 34.48
N ASN K 235 2.67 -20.75 34.84
CA ASN K 235 3.60 -20.34 35.90
C ASN K 235 4.37 -19.08 35.51
N CYS K 236 4.87 -19.04 34.27
CA CYS K 236 5.59 -17.87 33.77
C CYS K 236 4.72 -16.62 33.80
N LEU K 237 3.43 -16.80 33.50
CA LEU K 237 2.53 -15.67 33.39
C LEU K 237 2.21 -15.03 34.74
N GLY K 238 2.41 -15.79 35.82
CA GLY K 238 2.19 -15.29 37.16
C GLY K 238 3.03 -14.06 37.48
N GLU K 239 4.20 -13.95 36.88
CA GLU K 239 5.06 -12.79 37.09
C GLU K 239 4.41 -11.53 36.52
N PHE K 240 3.48 -11.72 35.58
CA PHE K 240 2.84 -10.58 34.95
C PHE K 240 1.48 -10.26 35.56
N SER K 241 0.54 -11.19 35.49
CA SER K 241 -0.75 -10.96 36.13
C SER K 241 -1.56 -12.24 36.28
N PRO K 242 -2.34 -12.34 37.37
CA PRO K 242 -3.23 -13.49 37.50
C PRO K 242 -4.37 -13.45 36.48
N SER K 243 -4.69 -12.27 35.95
CA SER K 243 -5.66 -12.18 34.87
C SER K 243 -5.11 -12.75 33.56
N LEU K 244 -3.82 -12.58 33.30
CA LEU K 244 -3.23 -13.14 32.09
C LEU K 244 -3.11 -14.67 32.17
N GLN K 245 -2.88 -15.18 33.38
CA GLN K 245 -2.85 -16.62 33.61
C GLN K 245 -4.20 -17.22 33.24
N LYS K 246 -5.25 -16.63 33.79
CA LYS K 246 -6.62 -17.05 33.58
C LYS K 246 -7.03 -16.99 32.11
N ARG K 247 -6.61 -15.92 31.43
CA ARG K 247 -6.90 -15.75 30.02
C ARG K 247 -6.27 -16.84 29.15
N LEU K 248 -5.06 -17.28 29.51
CA LEU K 248 -4.42 -18.40 28.81
C LEU K 248 -5.36 -19.61 28.76
N PHE K 249 -5.86 -20.01 29.92
CA PHE K 249 -6.76 -21.16 29.99
C PHE K 249 -8.06 -20.92 29.24
N GLN K 250 -8.63 -19.74 29.43
CA GLN K 250 -9.91 -19.43 28.78
C GLN K 250 -9.77 -19.44 27.27
N LYS K 251 -8.68 -18.86 26.78
CA LYS K 251 -8.45 -18.76 25.34
C LYS K 251 -7.95 -20.06 24.72
N TYR K 252 -7.43 -20.95 25.55
CA TYR K 252 -7.00 -22.27 25.08
C TYR K 252 -8.20 -23.20 24.95
N GLY K 253 -9.25 -22.91 25.72
CA GLY K 253 -10.48 -23.67 25.66
C GLY K 253 -10.83 -24.40 26.94
N ILE K 254 -10.11 -24.10 28.02
CA ILE K 254 -10.40 -24.72 29.32
C ILE K 254 -11.00 -23.68 30.28
N ASP K 255 -12.29 -23.82 30.57
CA ASP K 255 -12.97 -22.89 31.47
C ASP K 255 -12.60 -23.10 32.94
N ASN K 256 -12.46 -24.35 33.36
CA ASN K 256 -12.16 -24.69 34.74
C ASN K 256 -10.93 -25.54 34.93
N PRO K 257 -9.75 -24.90 35.03
CA PRO K 257 -8.44 -25.55 35.13
C PRO K 257 -8.38 -26.61 36.22
N ASP K 258 -7.80 -27.76 35.89
CA ASP K 258 -7.63 -28.85 36.83
C ASP K 258 -6.45 -28.50 37.72
N MSE K 259 -6.74 -27.97 38.92
CA MSE K 259 -5.67 -27.44 39.76
C MSE K 259 -4.69 -28.54 40.21
O MSE K 259 -3.51 -28.29 40.39
CB MSE K 259 -6.23 -26.67 40.96
CG MSE K 259 -7.04 -25.44 40.57
SE MSE K 259 -6.04 -24.14 39.50
CE MSE K 259 -4.79 -23.50 40.85
N ASN K 260 -5.21 -29.74 40.37
CA ASN K 260 -4.37 -30.87 40.78
C ASN K 260 -3.37 -31.22 39.70
N LYS K 261 -3.80 -31.13 38.45
CA LYS K 261 -2.97 -31.45 37.31
C LYS K 261 -1.94 -30.35 37.11
N LEU K 262 -2.39 -29.10 37.28
CA LEU K 262 -1.54 -27.94 37.21
C LEU K 262 -0.41 -28.08 38.24
N GLN K 263 -0.78 -28.34 39.48
CA GLN K 263 0.16 -28.51 40.58
C GLN K 263 1.15 -29.66 40.34
N PHE K 264 0.65 -30.81 39.88
CA PHE K 264 1.55 -31.93 39.62
C PHE K 264 2.65 -31.54 38.66
N HIS K 265 2.29 -30.87 37.57
CA HIS K 265 3.30 -30.58 36.57
C HIS K 265 4.25 -29.49 37.01
N LEU K 266 3.77 -28.55 37.82
CA LEU K 266 4.64 -27.52 38.37
C LEU K 266 5.68 -28.16 39.29
N MSE K 267 5.26 -29.09 40.09
CA MSE K 267 6.18 -29.79 40.98
C MSE K 267 7.18 -30.66 40.20
O MSE K 267 8.34 -30.76 40.57
CB MSE K 267 5.43 -30.62 42.00
CG MSE K 267 4.55 -29.75 42.91
SE MSE K 267 3.67 -30.74 44.30
CE MSE K 267 5.04 -30.79 45.65
N LEU K 268 6.74 -31.26 39.16
CA LEU K 268 7.62 -32.12 38.38
C LEU K 268 8.75 -31.31 37.71
N ASP K 269 8.42 -30.11 37.25
CA ASP K 269 9.43 -29.27 36.60
C ASP K 269 10.50 -28.80 37.59
N GLU K 270 10.17 -28.79 38.88
CA GLU K 270 11.17 -28.45 39.90
C GLU K 270 12.43 -29.33 39.78
N PHE K 271 12.27 -30.53 39.22
CA PHE K 271 13.36 -31.50 39.19
C PHE K 271 14.28 -31.36 37.97
N PHE K 272 13.92 -30.47 37.05
CA PHE K 272 14.65 -30.40 35.78
C PHE K 272 15.34 -29.06 35.53
N GLU L 8 24.79 -12.01 26.79
CA GLU L 8 25.66 -12.37 25.68
C GLU L 8 27.03 -11.73 25.79
N THR L 9 28.05 -12.49 25.41
CA THR L 9 29.43 -12.02 25.46
C THR L 9 30.19 -12.38 24.19
N SER L 10 31.00 -11.45 23.69
CA SER L 10 31.80 -11.70 22.50
C SER L 10 32.98 -12.64 22.81
N CYS L 11 33.31 -13.49 21.85
CA CYS L 11 34.40 -14.44 22.03
C CYS L 11 35.08 -14.73 20.69
N SER L 12 36.09 -15.60 20.73
CA SER L 12 36.81 -15.98 19.53
C SER L 12 36.32 -17.34 19.04
N ARG L 13 36.54 -17.63 17.77
CA ARG L 13 36.07 -18.88 17.19
C ARG L 13 36.70 -20.10 17.87
N PRO L 14 35.85 -21.02 18.34
CA PRO L 14 36.29 -22.18 19.13
C PRO L 14 36.81 -23.31 18.26
N ARG L 15 37.67 -24.14 18.82
CA ARG L 15 38.09 -25.37 18.16
C ARG L 15 36.88 -26.26 18.03
N LEU L 16 36.82 -27.05 16.95
CA LEU L 16 35.69 -27.92 16.72
C LEU L 16 36.14 -29.37 16.61
N ASN L 17 35.16 -30.28 16.56
CA ASN L 17 35.45 -31.71 16.62
C ASN L 17 36.15 -32.29 15.40
N SER L 18 36.36 -33.60 15.44
CA SER L 18 36.95 -34.33 14.32
C SER L 18 35.91 -34.54 13.22
N ASN L 19 36.37 -34.76 11.99
CA ASN L 19 35.49 -34.93 10.84
C ASN L 19 35.47 -36.39 10.35
N LEU L 20 34.41 -36.76 9.65
CA LEU L 20 34.21 -38.16 9.25
C LEU L 20 35.37 -38.73 8.44
N ASP L 21 35.88 -37.94 7.50
CA ASP L 21 37.01 -38.34 6.66
C ASP L 21 38.19 -38.92 7.46
N ALA L 22 38.41 -38.39 8.66
CA ALA L 22 39.55 -38.77 9.50
C ALA L 22 39.61 -40.26 9.81
N ASP L 23 38.56 -40.79 10.43
CA ASP L 23 38.59 -42.18 10.89
C ASP L 23 38.27 -43.20 9.79
N LEU L 24 38.39 -42.78 8.53
CA LEU L 24 38.09 -43.68 7.42
C LEU L 24 39.35 -44.14 6.70
N TYR L 25 40.49 -43.52 7.02
CA TYR L 25 41.78 -43.88 6.43
C TYR L 25 42.06 -45.37 6.52
N GLY L 26 42.65 -45.92 5.46
CA GLY L 26 43.18 -47.28 5.47
C GLY L 26 42.20 -48.42 5.26
N TYR L 27 40.92 -48.11 5.15
CA TYR L 27 39.94 -49.17 4.92
C TYR L 27 39.73 -49.38 3.43
N ARG L 28 39.36 -50.59 3.05
CA ARG L 28 38.82 -50.87 1.72
C ARG L 28 37.31 -50.68 1.77
N TRP L 29 36.69 -50.36 0.63
CA TRP L 29 35.26 -50.07 0.56
C TRP L 29 34.47 -51.07 -0.26
N ALA L 30 33.26 -51.43 0.21
CA ALA L 30 32.32 -52.24 -0.54
C ALA L 30 30.92 -51.67 -0.34
N ARG L 31 30.04 -51.89 -1.31
CA ARG L 31 28.67 -51.42 -1.21
C ARG L 31 27.76 -52.63 -1.01
N ASP L 32 26.91 -52.57 0.01
CA ASP L 32 26.00 -53.67 0.33
C ASP L 32 24.57 -53.22 0.07
N ASN L 33 23.84 -54.02 -0.69
CA ASN L 33 22.44 -53.75 -0.97
C ASN L 33 21.56 -54.55 -0.01
N VAL L 34 20.71 -53.90 0.79
CA VAL L 34 20.58 -52.45 1.00
C VAL L 34 19.93 -52.35 2.39
N GLY L 35 19.80 -51.14 2.94
CA GLY L 35 19.29 -50.95 4.29
C GLY L 35 17.84 -51.34 4.57
N GLN L 36 17.54 -51.56 5.86
CA GLN L 36 16.17 -51.78 6.35
C GLN L 36 15.17 -50.74 5.83
N SER L 37 15.60 -49.48 5.75
CA SER L 37 14.74 -48.41 5.27
C SER L 37 15.20 -47.78 3.96
N GLY L 38 16.20 -48.38 3.31
CA GLY L 38 16.62 -47.92 1.99
C GLY L 38 17.94 -47.17 1.95
N ALA L 39 18.63 -47.10 3.08
CA ALA L 39 19.93 -46.44 3.12
C ALA L 39 20.96 -47.19 2.29
N THR L 40 21.89 -46.45 1.69
CA THR L 40 23.04 -47.08 1.07
C THR L 40 23.97 -47.55 2.19
N ILE L 41 24.39 -48.81 2.12
CA ILE L 41 25.26 -49.36 3.15
C ILE L 41 26.65 -49.64 2.60
N TYR L 42 27.66 -49.04 3.21
CA TYR L 42 29.06 -49.30 2.87
C TYR L 42 29.71 -50.13 3.96
N ARG L 43 30.47 -51.14 3.54
CA ARG L 43 31.24 -51.94 4.48
C ARG L 43 32.69 -51.52 4.36
N LEU L 44 33.32 -51.20 5.50
CA LEU L 44 34.69 -50.74 5.53
C LEU L 44 35.55 -51.82 6.19
N TYR L 45 36.55 -52.32 5.46
CA TYR L 45 37.23 -53.54 5.86
C TYR L 45 38.69 -53.60 5.40
N GLY L 46 39.41 -54.61 5.90
CA GLY L 46 40.74 -54.91 5.41
C GLY L 46 41.80 -53.97 5.95
N LYS L 47 41.51 -53.31 7.06
CA LYS L 47 42.50 -52.46 7.71
C LYS L 47 43.14 -53.21 8.86
N PRO L 48 44.45 -53.48 8.76
CA PRO L 48 45.16 -54.16 9.84
C PRO L 48 45.01 -53.47 11.21
N ASN L 49 44.76 -54.26 12.25
CA ASN L 49 44.64 -53.77 13.62
C ASN L 49 43.47 -52.82 13.86
N ALA L 50 42.44 -52.89 13.04
CA ALA L 50 41.29 -52.02 13.21
C ALA L 50 40.02 -52.81 12.96
N PRO L 51 38.92 -52.42 13.64
CA PRO L 51 37.68 -53.17 13.45
C PRO L 51 37.04 -52.89 12.09
N GLU L 52 36.27 -53.85 11.60
CA GLU L 52 35.36 -53.62 10.48
C GLU L 52 34.30 -52.60 10.92
N LEU L 53 33.94 -51.70 10.00
CA LEU L 53 32.92 -50.67 10.23
C LEU L 53 31.83 -50.76 9.18
N PHE L 54 30.67 -50.19 9.49
CA PHE L 54 29.64 -49.99 8.48
C PHE L 54 29.29 -48.51 8.43
N LEU L 55 29.09 -47.99 7.23
CA LEU L 55 28.65 -46.61 7.05
C LEU L 55 27.30 -46.62 6.34
N LYS L 56 26.29 -46.07 6.98
CA LYS L 56 24.96 -45.89 6.35
C LYS L 56 24.82 -44.46 5.84
N HIS L 57 24.38 -44.31 4.59
CA HIS L 57 24.08 -42.98 4.06
C HIS L 57 22.62 -42.89 3.64
N GLY L 58 21.89 -41.96 4.25
CA GLY L 58 20.49 -41.75 3.94
C GLY L 58 20.28 -40.37 3.33
N LYS L 59 19.55 -40.30 2.22
CA LYS L 59 19.24 -39.04 1.57
C LYS L 59 17.74 -38.76 1.69
N GLY L 60 17.36 -37.50 1.80
CA GLY L 60 15.95 -37.14 1.84
C GLY L 60 15.20 -37.80 2.98
N SER L 61 14.04 -38.40 2.71
CA SER L 61 13.28 -39.07 3.76
C SER L 61 14.12 -40.12 4.50
N VAL L 62 14.96 -40.84 3.76
CA VAL L 62 15.77 -41.92 4.36
C VAL L 62 16.79 -41.40 5.42
N ALA L 63 17.20 -40.15 5.28
CA ALA L 63 18.05 -39.51 6.27
C ALA L 63 17.37 -39.47 7.63
N ASN L 64 16.04 -39.34 7.60
CA ASN L 64 15.27 -39.37 8.84
C ASN L 64 15.33 -40.76 9.43
N ASP L 65 15.24 -41.77 8.58
CA ASP L 65 15.31 -43.15 9.06
C ASP L 65 16.67 -43.42 9.69
N VAL L 66 17.72 -42.94 9.04
CA VAL L 66 19.08 -43.14 9.57
C VAL L 66 19.27 -42.39 10.88
N THR L 67 18.72 -41.19 10.95
CA THR L 67 18.71 -40.44 12.18
C THR L 67 17.97 -41.16 13.34
N ASP L 68 16.82 -41.76 13.03
CA ASP L 68 16.03 -42.51 14.01
C ASP L 68 16.83 -43.67 14.58
N GLU L 69 17.55 -44.35 13.71
CA GLU L 69 18.35 -45.49 14.12
C GLU L 69 19.52 -45.06 15.01
N MSE L 70 20.15 -43.94 14.66
CA MSE L 70 21.27 -43.44 15.45
C MSE L 70 20.85 -43.23 16.91
O MSE L 70 21.53 -43.69 17.82
CB MSE L 70 21.81 -42.13 14.89
CG MSE L 70 23.06 -41.60 15.65
SE MSE L 70 22.65 -40.53 17.22
CE MSE L 70 21.97 -38.98 16.33
N VAL L 71 19.74 -42.54 17.13
CA VAL L 71 19.40 -42.19 18.52
C VAL L 71 18.95 -43.40 19.30
N ARG L 72 18.46 -44.40 18.58
CA ARG L 72 18.03 -45.63 19.22
C ARG L 72 19.22 -46.55 19.55
N LEU L 73 20.25 -46.55 18.69
CA LEU L 73 21.51 -47.19 19.03
C LEU L 73 22.09 -46.58 20.30
N ASN L 74 22.11 -45.25 20.32
CA ASN L 74 22.67 -44.49 21.43
C ASN L 74 21.96 -44.81 22.74
N TRP L 75 20.63 -44.90 22.68
CA TRP L 75 19.85 -45.13 23.90
C TRP L 75 19.98 -46.58 24.35
N LEU L 76 19.69 -47.51 23.45
CA LEU L 76 19.55 -48.91 23.82
C LEU L 76 20.87 -49.59 24.19
N THR L 77 22.00 -49.01 23.76
CA THR L 77 23.28 -49.68 24.03
C THR L 77 23.60 -49.69 25.53
N ALA L 78 22.94 -48.82 26.27
CA ALA L 78 23.06 -48.81 27.72
C ALA L 78 22.52 -50.11 28.30
N PHE L 79 21.65 -50.79 27.56
CA PHE L 79 20.97 -51.98 28.07
C PHE L 79 21.28 -53.29 27.37
N MSE L 80 21.66 -53.21 26.11
CA MSE L 80 21.83 -54.40 25.28
C MSE L 80 23.07 -54.26 24.41
O MSE L 80 23.53 -53.14 24.16
CB MSE L 80 20.59 -54.59 24.38
CG MSE L 80 19.28 -54.82 25.15
SE MSE L 80 19.23 -56.48 26.12
CE MSE L 80 18.94 -57.66 24.59
N PRO L 81 23.64 -55.42 23.92
CA PRO L 81 24.83 -55.41 23.04
C PRO L 81 24.51 -55.02 21.59
N LEU L 82 25.00 -53.86 21.17
CA LEU L 82 24.68 -53.29 19.86
C LEU L 82 25.95 -52.74 19.21
N PRO L 83 25.91 -52.45 17.90
CA PRO L 83 27.07 -51.76 17.29
C PRO L 83 27.33 -50.41 17.96
N THR L 84 28.60 -50.04 18.12
CA THR L 84 28.98 -48.76 18.72
C THR L 84 28.97 -47.65 17.67
N ILE L 85 28.40 -46.50 18.01
CA ILE L 85 28.44 -45.34 17.11
C ILE L 85 29.83 -44.74 17.10
N LYS L 86 30.45 -44.64 15.94
CA LYS L 86 31.74 -43.96 15.87
C LYS L 86 31.59 -42.49 15.48
N HIS L 87 30.61 -42.21 14.63
CA HIS L 87 30.44 -40.86 14.12
C HIS L 87 29.09 -40.76 13.45
N PHE L 88 28.44 -39.60 13.57
CA PHE L 88 27.16 -39.40 12.87
C PHE L 88 27.10 -37.97 12.40
N ILE L 89 26.60 -37.77 11.18
CA ILE L 89 26.47 -36.43 10.62
C ILE L 89 25.05 -36.26 10.10
N ARG L 90 24.43 -35.13 10.42
CA ARG L 90 23.15 -34.79 9.84
C ARG L 90 23.26 -33.43 9.15
N THR L 91 22.95 -33.38 7.87
CA THR L 91 22.86 -32.11 7.15
C THR L 91 21.42 -32.03 6.59
N PRO L 92 21.02 -30.89 5.99
CA PRO L 92 19.60 -30.81 5.61
C PRO L 92 19.02 -31.98 4.78
N ASP L 93 19.78 -32.50 3.83
CA ASP L 93 19.27 -33.56 2.96
CA ASP L 93 19.27 -33.55 2.97
C ASP L 93 19.95 -34.90 3.19
N ASP L 94 20.89 -34.96 4.13
CA ASP L 94 21.68 -36.18 4.32
C ASP L 94 21.96 -36.55 5.77
N ALA L 95 22.05 -37.86 6.02
CA ALA L 95 22.52 -38.40 7.29
C ALA L 95 23.53 -39.50 6.99
N TRP L 96 24.62 -39.51 7.76
CA TRP L 96 25.67 -40.54 7.68
C TRP L 96 25.88 -41.14 9.07
N LEU L 97 25.82 -42.46 9.17
CA LEU L 97 26.00 -43.18 10.42
C LEU L 97 27.11 -44.19 10.29
N LEU L 98 28.21 -43.98 11.02
CA LEU L 98 29.36 -44.88 11.02
C LEU L 98 29.35 -45.66 12.33
N THR L 99 29.26 -46.99 12.24
CA THR L 99 29.21 -47.85 13.43
C THR L 99 30.22 -48.98 13.32
N THR L 100 30.59 -49.57 14.46
CA THR L 100 31.44 -50.77 14.44
C THR L 100 30.61 -51.98 14.06
N ALA L 101 31.22 -52.88 13.30
CA ALA L 101 30.55 -54.12 12.93
C ALA L 101 30.53 -55.04 14.15
N ILE L 102 29.44 -55.79 14.31
CA ILE L 102 29.41 -56.87 15.28
C ILE L 102 29.97 -58.09 14.58
N PRO L 103 31.06 -58.66 15.10
CA PRO L 103 31.65 -59.77 14.35
C PRO L 103 30.77 -61.01 14.41
N GLY L 104 30.78 -61.79 13.33
CA GLY L 104 30.02 -63.02 13.28
C GLY L 104 29.10 -63.10 12.08
N LYS L 105 28.07 -63.94 12.21
CA LYS L 105 27.09 -64.14 11.16
C LYS L 105 25.66 -63.94 11.69
N THR L 106 24.73 -63.65 10.78
CA THR L 106 23.33 -63.52 11.17
C THR L 106 22.78 -64.87 11.64
N ALA L 107 21.71 -64.83 12.42
CA ALA L 107 21.02 -66.05 12.83
C ALA L 107 20.60 -66.82 11.59
N PHE L 108 20.15 -66.10 10.57
CA PHE L 108 19.76 -66.73 9.30
C PHE L 108 20.91 -67.55 8.73
N GLN L 109 22.09 -66.94 8.65
CA GLN L 109 23.25 -67.62 8.07
C GLN L 109 23.62 -68.84 8.88
N VAL L 110 23.61 -68.69 10.20
CA VAL L 110 24.06 -69.75 11.06
C VAL L 110 23.08 -70.91 11.06
N LEU L 111 21.80 -70.60 10.92
CA LEU L 111 20.79 -71.65 10.80
C LEU L 111 21.01 -72.46 9.51
N GLU L 112 21.36 -71.80 8.42
CA GLU L 112 21.58 -72.53 7.18
C GLU L 112 22.87 -73.33 7.23
N GLU L 113 23.85 -72.80 7.95
CA GLU L 113 25.16 -73.44 8.09
C GLU L 113 25.11 -74.62 9.05
N TYR L 114 24.27 -74.52 10.08
CA TYR L 114 24.14 -75.60 11.06
C TYR L 114 22.67 -75.97 11.29
N PRO L 115 22.05 -76.61 10.29
CA PRO L 115 20.63 -77.00 10.37
C PRO L 115 20.30 -77.82 11.63
N ASP L 116 21.29 -78.54 12.16
CA ASP L 116 21.10 -79.32 13.38
C ASP L 116 21.03 -78.45 14.62
N SER L 117 21.36 -77.17 14.48
CA SER L 117 21.43 -76.28 15.63
C SER L 117 20.19 -75.38 15.77
N GLY L 118 19.18 -75.66 14.96
CA GLY L 118 17.97 -74.86 14.98
C GLY L 118 17.37 -74.68 16.36
N GLU L 119 17.32 -75.75 17.14
CA GLU L 119 16.66 -75.70 18.45
C GLU L 119 17.45 -74.83 19.40
N ASN L 120 18.77 -74.94 19.35
CA ASN L 120 19.63 -74.12 20.18
C ASN L 120 19.55 -72.67 19.79
N ILE L 121 19.52 -72.44 18.48
CA ILE L 121 19.43 -71.08 17.96
C ILE L 121 18.12 -70.41 18.42
N VAL L 122 17.00 -71.12 18.26
CA VAL L 122 15.71 -70.59 18.69
C VAL L 122 15.62 -70.31 20.20
N ASP L 123 16.13 -71.22 21.04
CA ASP L 123 16.16 -70.94 22.48
C ASP L 123 16.98 -69.68 22.79
N ALA L 124 18.14 -69.52 22.13
CA ALA L 124 18.95 -68.33 22.35
C ALA L 124 18.23 -67.03 21.93
N LEU L 125 17.49 -67.09 20.82
CA LEU L 125 16.76 -65.93 20.32
C LEU L 125 15.67 -65.56 21.30
N ALA L 126 14.97 -66.57 21.81
CA ALA L 126 13.88 -66.39 22.74
C ALA L 126 14.35 -65.80 24.06
N VAL L 127 15.44 -66.34 24.59
CA VAL L 127 16.04 -65.83 25.81
C VAL L 127 16.49 -64.38 25.63
N PHE L 128 17.13 -64.09 24.50
CA PHE L 128 17.60 -62.73 24.19
C PHE L 128 16.41 -61.78 24.09
N LEU L 129 15.33 -62.24 23.49
CA LEU L 129 14.14 -61.40 23.31
C LEU L 129 13.51 -61.06 24.65
N ARG L 130 13.44 -62.07 25.52
CA ARG L 130 12.97 -61.90 26.88
C ARG L 130 13.77 -60.83 27.62
N ARG L 131 15.09 -60.83 27.41
CA ARG L 131 15.97 -59.83 28.03
C ARG L 131 15.59 -58.43 27.55
N LEU L 132 15.44 -58.28 26.24
CA LEU L 132 15.05 -56.99 25.67
C LEU L 132 13.71 -56.54 26.24
N HIS L 133 12.73 -57.44 26.23
CA HIS L 133 11.40 -57.10 26.72
C HIS L 133 11.36 -56.83 28.21
N SER L 134 12.42 -57.17 28.92
CA SER L 134 12.44 -56.96 30.37
C SER L 134 12.92 -55.56 30.79
N ILE L 135 13.40 -54.77 29.83
CA ILE L 135 13.82 -53.39 30.14
C ILE L 135 12.61 -52.57 30.60
N PRO L 136 12.64 -52.02 31.83
CA PRO L 136 11.45 -51.28 32.27
C PRO L 136 11.12 -50.13 31.31
N VAL L 137 9.85 -49.99 30.94
CA VAL L 137 9.46 -49.00 29.93
C VAL L 137 9.71 -47.57 30.41
N CYS L 138 9.85 -47.39 31.72
CA CYS L 138 10.15 -46.06 32.26
C CYS L 138 11.49 -45.55 31.76
N ASN L 139 12.31 -46.46 31.22
CA ASN L 139 13.61 -46.08 30.65
C ASN L 139 13.55 -45.57 29.21
N CYS L 140 12.47 -45.88 28.50
CA CYS L 140 12.45 -45.75 27.04
C CYS L 140 11.75 -44.46 26.56
N PRO L 141 12.47 -43.61 25.83
CA PRO L 141 11.84 -42.38 25.35
C PRO L 141 11.18 -42.53 23.99
N PHE L 142 11.15 -43.74 23.45
CA PHE L 142 10.59 -43.94 22.10
C PHE L 142 9.25 -44.63 22.11
N ASN L 143 8.31 -44.06 21.37
CA ASN L 143 7.00 -44.65 21.18
C ASN L 143 6.95 -45.36 19.82
N SER L 144 6.67 -46.67 19.85
CA SER L 144 6.49 -47.42 18.62
CA SER L 144 6.48 -47.41 18.61
C SER L 144 5.19 -48.23 18.63
N ASP L 145 4.17 -47.71 19.32
CA ASP L 145 2.94 -48.46 19.54
C ASP L 145 2.07 -48.60 18.27
N ARG L 146 1.03 -49.43 18.34
CA ARG L 146 0.30 -49.77 17.12
C ARG L 146 -0.40 -48.55 16.53
N VAL L 147 -0.77 -47.61 17.38
CA VAL L 147 -1.42 -46.41 16.90
C VAL L 147 -0.43 -45.63 16.02
N PHE L 148 0.79 -45.50 16.53
CA PHE L 148 1.88 -44.83 15.83
C PHE L 148 2.22 -45.59 14.54
N ARG L 149 2.39 -46.90 14.64
CA ARG L 149 2.78 -47.70 13.47
C ARG L 149 1.68 -47.72 12.39
N LEU L 150 0.42 -47.78 12.79
CA LEU L 150 -0.68 -47.80 11.83
C LEU L 150 -0.72 -46.52 11.03
N ALA L 151 -0.44 -45.40 11.70
CA ALA L 151 -0.40 -44.12 11.01
C ALA L 151 0.77 -44.09 10.03
N GLN L 152 1.90 -44.65 10.45
CA GLN L 152 3.07 -44.76 9.58
C GLN L 152 2.72 -45.59 8.35
N ALA L 153 1.99 -46.70 8.58
CA ALA L 153 1.56 -47.60 7.52
C ALA L 153 0.63 -46.91 6.53
N GLN L 154 -0.37 -46.21 7.06
CA GLN L 154 -1.32 -45.45 6.24
C GLN L 154 -0.57 -44.49 5.32
N SER L 155 0.40 -43.76 5.88
CA SER L 155 1.15 -42.81 5.08
C SER L 155 1.96 -43.52 4.01
N ARG L 156 2.64 -44.60 4.38
CA ARG L 156 3.41 -45.35 3.39
C ARG L 156 2.56 -45.86 2.24
N MSE L 157 1.35 -46.35 2.58
CA MSE L 157 0.44 -46.81 1.55
C MSE L 157 0.02 -45.65 0.65
O MSE L 157 0.04 -45.76 -0.58
CB MSE L 157 -0.80 -47.45 2.19
CG MSE L 157 -1.89 -47.83 1.20
SE MSE L 157 -3.43 -48.68 2.04
CE MSE L 157 -3.89 -47.26 3.28
N ASN L 158 -0.36 -44.52 1.27
CA ASN L 158 -0.86 -43.37 0.52
C ASN L 158 0.21 -42.70 -0.31
N ASN L 159 1.45 -42.79 0.16
CA ASN L 159 2.58 -42.19 -0.55
C ASN L 159 3.11 -43.11 -1.62
N GLY L 160 2.54 -44.32 -1.68
CA GLY L 160 2.82 -45.28 -2.74
C GLY L 160 4.04 -46.14 -2.46
N LEU L 161 4.45 -46.21 -1.19
CA LEU L 161 5.72 -46.87 -0.86
C LEU L 161 5.65 -48.34 -0.48
N VAL L 162 4.45 -48.90 -0.34
CA VAL L 162 4.33 -50.29 0.10
C VAL L 162 4.78 -51.24 -1.02
N ASP L 163 5.61 -52.22 -0.66
CA ASP L 163 6.11 -53.20 -1.63
C ASP L 163 5.13 -54.36 -1.71
N ALA L 164 4.13 -54.22 -2.59
CA ALA L 164 3.06 -55.22 -2.72
C ALA L 164 3.54 -56.59 -3.24
N SER L 165 4.72 -56.63 -3.83
CA SER L 165 5.24 -57.90 -4.34
C SER L 165 5.95 -58.73 -3.26
N ASP L 166 6.07 -58.17 -2.06
CA ASP L 166 6.83 -58.81 -0.97
C ASP L 166 5.92 -59.25 0.18
N PHE L 167 4.62 -59.30 -0.07
CA PHE L 167 3.66 -59.78 0.94
C PHE L 167 3.92 -61.25 1.29
N ASP L 168 3.48 -61.67 2.48
CA ASP L 168 3.52 -63.11 2.82
C ASP L 168 2.60 -63.91 1.89
N ASP L 169 2.84 -65.21 1.81
CA ASP L 169 2.10 -66.11 0.91
C ASP L 169 0.58 -65.96 1.01
N GLU L 170 0.07 -65.83 2.22
CA GLU L 170 -1.39 -65.80 2.40
C GLU L 170 -1.98 -64.51 1.83
N ARG L 171 -1.12 -63.54 1.54
CA ARG L 171 -1.61 -62.25 1.03
C ARG L 171 -1.00 -61.95 -0.34
N ASN L 172 -0.43 -62.97 -0.95
CA ASN L 172 0.19 -62.82 -2.25
C ASN L 172 -0.85 -62.34 -3.28
N GLY L 173 -0.53 -61.28 -4.00
CA GLY L 173 -1.46 -60.73 -4.99
C GLY L 173 -2.59 -59.87 -4.42
N TRP L 174 -2.65 -59.69 -3.10
CA TRP L 174 -3.67 -58.82 -2.52
C TRP L 174 -3.37 -57.37 -2.83
N PRO L 175 -4.40 -56.59 -3.20
CA PRO L 175 -4.21 -55.13 -3.27
C PRO L 175 -3.85 -54.58 -1.90
N VAL L 176 -2.92 -53.62 -1.82
CA VAL L 176 -2.52 -53.06 -0.52
C VAL L 176 -3.71 -52.56 0.31
N GLU L 177 -4.71 -52.03 -0.37
CA GLU L 177 -5.91 -51.53 0.29
C GLU L 177 -6.70 -52.66 0.97
N GLN L 178 -6.63 -53.86 0.39
CA GLN L 178 -7.33 -55.00 0.99
C GLN L 178 -6.60 -55.46 2.25
N VAL L 179 -5.26 -55.45 2.23
CA VAL L 179 -4.51 -55.77 3.42
C VAL L 179 -4.87 -54.78 4.54
N TRP L 180 -4.89 -53.49 4.19
CA TRP L 180 -5.25 -52.41 5.12
C TRP L 180 -6.63 -52.63 5.74
N LYS L 181 -7.65 -52.80 4.92
CA LYS L 181 -9.01 -53.01 5.40
C LYS L 181 -9.14 -54.27 6.28
N GLU L 182 -8.58 -55.38 5.80
CA GLU L 182 -8.70 -56.65 6.53
C GLU L 182 -8.00 -56.59 7.86
N MSE L 183 -6.85 -55.90 7.90
CA MSE L 183 -6.08 -55.76 9.15
C MSE L 183 -6.88 -55.07 10.26
O MSE L 183 -6.74 -55.40 11.45
CB MSE L 183 -4.79 -54.97 8.89
CG MSE L 183 -3.98 -54.65 10.13
SE MSE L 183 -2.25 -53.94 9.69
CE MSE L 183 -2.85 -52.31 8.84
N HIS L 184 -7.75 -54.14 9.86
CA HIS L 184 -8.52 -53.35 10.81
C HIS L 184 -9.64 -54.12 11.50
N LYS L 185 -10.04 -55.22 10.90
CA LYS L 185 -11.02 -56.10 11.54
C LYS L 185 -10.46 -56.86 12.77
N LEU L 186 -9.15 -56.90 12.95
CA LEU L 186 -8.57 -57.58 14.11
C LEU L 186 -8.44 -56.67 15.34
N LEU L 187 -8.75 -55.39 15.16
CA LEU L 187 -8.72 -54.42 16.23
C LEU L 187 -10.11 -54.32 16.87
N PRO L 188 -10.17 -54.02 18.18
CA PRO L 188 -9.01 -53.77 19.03
C PRO L 188 -8.56 -55.03 19.77
N PHE L 189 -7.40 -54.96 20.40
CA PHE L 189 -6.97 -56.03 21.29
C PHE L 189 -6.29 -55.42 22.51
N SER L 190 -5.99 -56.25 23.50
CA SER L 190 -5.54 -55.76 24.80
C SER L 190 -4.20 -55.04 24.73
N PRO L 191 -4.05 -53.94 25.48
CA PRO L 191 -2.81 -53.16 25.51
C PRO L 191 -1.68 -53.94 26.17
N ASP L 192 -0.53 -53.98 25.53
CA ASP L 192 0.66 -54.58 26.11
C ASP L 192 1.83 -53.67 25.77
N SER L 193 2.67 -53.32 26.75
CA SER L 193 3.73 -52.37 26.48
C SER L 193 5.07 -52.88 26.98
N VAL L 194 5.99 -53.17 26.07
CA VAL L 194 7.36 -53.52 26.43
C VAL L 194 8.30 -52.80 25.46
N VAL L 195 9.57 -52.73 25.82
CA VAL L 195 10.57 -52.18 24.91
C VAL L 195 10.76 -53.22 23.82
N THR L 196 10.53 -52.84 22.56
CA THR L 196 10.67 -53.78 21.44
C THR L 196 11.76 -53.35 20.46
N HIS L 197 12.21 -54.31 19.65
CA HIS L 197 13.23 -54.05 18.63
C HIS L 197 12.60 -53.44 17.36
N GLY L 198 11.48 -54.01 16.93
CA GLY L 198 10.75 -53.46 15.80
C GLY L 198 10.96 -54.19 14.49
N ASP L 199 12.09 -54.89 14.35
CA ASP L 199 12.34 -55.69 13.15
C ASP L 199 13.16 -56.89 13.56
N PHE L 200 12.56 -57.75 14.39
CA PHE L 200 13.31 -58.80 15.07
C PHE L 200 13.34 -60.06 14.18
N SER L 201 14.05 -59.96 13.06
CA SER L 201 14.14 -61.03 12.06
C SER L 201 15.44 -61.83 12.24
N LEU L 202 15.57 -62.96 11.57
CA LEU L 202 16.79 -63.75 11.61
C LEU L 202 17.98 -63.00 11.01
N ASP L 203 17.72 -61.93 10.26
CA ASP L 203 18.79 -61.13 9.68
C ASP L 203 19.44 -60.20 10.70
N ASN L 204 18.70 -59.86 11.75
CA ASN L 204 19.11 -58.77 12.65
C ASN L 204 19.67 -59.21 14.01
N LEU L 205 19.94 -60.50 14.13
CA LEU L 205 20.63 -61.06 15.29
C LEU L 205 21.93 -61.72 14.84
N ILE L 206 23.01 -61.39 15.54
CA ILE L 206 24.35 -61.84 15.14
C ILE L 206 24.90 -62.87 16.11
N PHE L 207 25.38 -63.99 15.56
CA PHE L 207 26.02 -65.05 16.33
C PHE L 207 27.52 -65.08 16.02
N ASP L 208 28.34 -65.27 17.04
CA ASP L 208 29.77 -65.45 16.84
C ASP L 208 30.28 -66.57 17.74
N GLU L 209 30.98 -67.53 17.14
CA GLU L 209 31.56 -68.65 17.87
C GLU L 209 30.54 -69.37 18.74
N GLY L 210 29.36 -69.62 18.18
CA GLY L 210 28.34 -70.40 18.86
C GLY L 210 27.47 -69.64 19.85
N LYS L 211 27.66 -68.33 19.94
CA LYS L 211 26.88 -67.55 20.90
C LYS L 211 26.17 -66.37 20.24
N LEU L 212 24.97 -66.07 20.74
CA LEU L 212 24.27 -64.88 20.32
C LEU L 212 24.93 -63.70 21.04
N ILE L 213 25.47 -62.75 20.29
CA ILE L 213 26.23 -61.67 20.93
C ILE L 213 25.72 -60.24 20.71
N GLY L 214 24.68 -60.07 19.89
CA GLY L 214 24.12 -58.74 19.70
C GLY L 214 23.02 -58.64 18.66
N CYS L 215 22.35 -57.50 18.59
CA CYS L 215 21.34 -57.24 17.56
C CYS L 215 21.70 -55.97 16.78
N ILE L 216 21.11 -55.81 15.60
CA ILE L 216 21.44 -54.71 14.73
C ILE L 216 20.16 -54.14 14.14
N ASP L 217 20.28 -53.10 13.32
CA ASP L 217 19.14 -52.49 12.64
C ASP L 217 18.02 -52.12 13.60
N VAL L 218 18.33 -51.24 14.55
CA VAL L 218 17.41 -50.92 15.64
C VAL L 218 16.60 -49.65 15.43
N GLY L 219 16.43 -49.25 14.17
CA GLY L 219 15.72 -48.02 13.85
C GLY L 219 14.26 -47.98 14.23
N ARG L 220 13.64 -49.14 14.44
CA ARG L 220 12.23 -49.21 14.81
C ARG L 220 12.01 -49.49 16.31
N VAL L 221 13.06 -49.38 17.10
CA VAL L 221 12.97 -49.63 18.54
C VAL L 221 12.00 -48.66 19.23
N GLY L 222 11.20 -49.18 20.16
CA GLY L 222 10.38 -48.33 20.99
C GLY L 222 9.37 -49.16 21.75
N ILE L 223 8.53 -48.50 22.52
CA ILE L 223 7.54 -49.21 23.32
C ILE L 223 6.40 -49.70 22.41
N ALA L 224 6.11 -50.99 22.46
CA ALA L 224 5.08 -51.58 21.62
C ALA L 224 4.61 -52.92 22.20
N ASP L 225 3.73 -53.61 21.48
CA ASP L 225 3.28 -54.92 21.94
C ASP L 225 4.40 -55.93 21.72
N ARG L 226 4.63 -56.82 22.69
CA ARG L 226 5.69 -57.82 22.53
C ARG L 226 5.50 -58.64 21.25
N TYR L 227 4.26 -58.81 20.81
CA TYR L 227 4.03 -59.52 19.55
C TYR L 227 4.64 -58.86 18.31
N GLN L 228 5.04 -57.58 18.41
CA GLN L 228 5.71 -56.92 17.28
C GLN L 228 6.98 -57.69 16.92
N ASP L 229 7.68 -58.13 17.95
CA ASP L 229 8.92 -58.88 17.78
C ASP L 229 8.65 -60.37 17.58
N LEU L 230 7.75 -60.93 18.39
CA LEU L 230 7.45 -62.34 18.28
C LEU L 230 6.92 -62.70 16.90
N ALA L 231 6.08 -61.84 16.33
CA ALA L 231 5.44 -62.16 15.05
C ALA L 231 6.46 -62.21 13.92
N ILE L 232 7.30 -61.19 13.85
CA ILE L 232 8.30 -61.12 12.80
C ILE L 232 9.25 -62.31 12.82
N LEU L 233 9.74 -62.67 14.00
CA LEU L 233 10.62 -63.83 14.12
C LEU L 233 9.90 -65.14 13.81
N TRP L 234 8.66 -65.26 14.29
CA TRP L 234 7.84 -66.44 14.03
C TRP L 234 7.69 -66.63 12.52
N ASN L 235 7.46 -65.53 11.82
CA ASN L 235 7.32 -65.59 10.36
C ASN L 235 8.62 -66.08 9.70
N CYS L 236 9.76 -65.57 10.17
CA CYS L 236 11.04 -66.00 9.60
C CYS L 236 11.28 -67.49 9.84
N LEU L 237 10.87 -67.97 11.00
CA LEU L 237 11.10 -69.38 11.36
C LEU L 237 10.20 -70.28 10.52
N GLY L 238 9.11 -69.73 10.01
CA GLY L 238 8.22 -70.43 9.11
C GLY L 238 8.86 -70.88 7.81
N GLU L 239 10.01 -70.29 7.47
CA GLU L 239 10.73 -70.73 6.27
C GLU L 239 11.40 -72.06 6.56
N PHE L 240 11.53 -72.38 7.84
CA PHE L 240 12.31 -73.55 8.24
C PHE L 240 11.47 -74.72 8.78
N SER L 241 10.66 -74.47 9.80
CA SER L 241 10.02 -75.56 10.52
C SER L 241 8.88 -75.08 11.43
N PRO L 242 7.71 -75.73 11.33
CA PRO L 242 6.64 -75.40 12.27
C PRO L 242 7.05 -75.71 13.72
N SER L 243 7.93 -76.67 13.92
CA SER L 243 8.33 -76.99 15.30
C SER L 243 9.23 -75.90 15.88
N LEU L 244 10.01 -75.24 15.02
CA LEU L 244 10.85 -74.14 15.48
C LEU L 244 9.98 -72.94 15.82
N GLN L 245 8.95 -72.72 15.00
CA GLN L 245 7.98 -71.65 15.25
C GLN L 245 7.29 -71.82 16.61
N LYS L 246 6.78 -73.01 16.85
CA LYS L 246 6.16 -73.35 18.14
C LYS L 246 7.13 -73.19 19.31
N ARG L 247 8.36 -73.66 19.12
CA ARG L 247 9.35 -73.60 20.19
C ARG L 247 9.66 -72.17 20.63
N LEU L 248 9.63 -71.23 19.70
CA LEU L 248 9.89 -69.83 20.03
C LEU L 248 8.92 -69.36 21.12
N PHE L 249 7.62 -69.62 20.94
CA PHE L 249 6.65 -69.26 21.97
C PHE L 249 6.81 -70.07 23.25
N GLN L 250 7.11 -71.36 23.12
CA GLN L 250 7.32 -72.18 24.32
C GLN L 250 8.49 -71.70 25.18
N LYS L 251 9.64 -71.43 24.55
CA LYS L 251 10.80 -70.99 25.31
C LYS L 251 10.57 -69.59 25.88
N TYR L 252 9.91 -68.74 25.11
CA TYR L 252 9.64 -67.37 25.53
C TYR L 252 8.76 -67.37 26.76
N GLY L 253 7.85 -68.35 26.83
CA GLY L 253 7.01 -68.55 27.99
C GLY L 253 5.52 -68.25 27.78
N ILE L 254 5.06 -68.30 26.53
CA ILE L 254 3.64 -68.10 26.26
C ILE L 254 2.94 -69.43 26.00
N ASP L 255 1.82 -69.68 26.68
CA ASP L 255 1.14 -70.98 26.62
C ASP L 255 0.31 -71.13 25.37
N ASN L 256 -0.40 -70.07 25.03
CA ASN L 256 -1.35 -70.06 23.93
C ASN L 256 -1.12 -68.84 23.06
N PRO L 257 -0.24 -68.97 22.05
CA PRO L 257 0.03 -67.87 21.12
C PRO L 257 -1.27 -67.24 20.64
N ASP L 258 -1.33 -65.92 20.76
CA ASP L 258 -2.52 -65.16 20.44
C ASP L 258 -2.51 -65.01 18.92
N MSE L 259 -3.33 -65.78 18.26
CA MSE L 259 -3.28 -65.79 16.80
C MSE L 259 -3.77 -64.48 16.20
O MSE L 259 -3.29 -64.05 15.16
CB MSE L 259 -4.08 -66.98 16.22
CG MSE L 259 -3.59 -68.34 16.69
SE MSE L 259 -1.68 -68.62 16.41
CE MSE L 259 -1.68 -68.98 14.51
N ASN L 260 -4.74 -63.83 16.87
CA ASN L 260 -5.16 -62.49 16.47
C ASN L 260 -4.02 -61.47 16.48
N LYS L 261 -3.29 -61.37 17.60
CA LYS L 261 -2.14 -60.44 17.66
C LYS L 261 -1.04 -60.81 16.67
N LEU L 262 -0.79 -62.09 16.54
CA LEU L 262 0.23 -62.56 15.61
C LEU L 262 -0.15 -62.14 14.19
N GLN L 263 -1.39 -62.41 13.79
CA GLN L 263 -1.83 -62.03 12.45
C GLN L 263 -1.81 -60.53 12.24
N PHE L 264 -2.23 -59.77 13.25
CA PHE L 264 -2.17 -58.31 13.16
C PHE L 264 -0.77 -57.78 12.86
N HIS L 265 0.20 -58.21 13.66
CA HIS L 265 1.56 -57.70 13.50
C HIS L 265 2.25 -58.15 12.20
N LEU L 266 1.90 -59.34 11.71
CA LEU L 266 2.40 -59.80 10.41
C LEU L 266 1.83 -58.92 9.29
N MSE L 267 0.54 -58.66 9.34
CA MSE L 267 -0.11 -57.77 8.36
C MSE L 267 0.46 -56.36 8.43
O MSE L 267 0.67 -55.72 7.40
CB MSE L 267 -1.64 -57.75 8.53
CG MSE L 267 -2.29 -59.11 8.33
SE MSE L 267 -4.23 -59.10 8.50
CE MSE L 267 -4.65 -58.55 6.67
N LEU L 268 0.74 -55.90 9.65
CA LEU L 268 1.28 -54.57 9.84
C LEU L 268 2.67 -54.43 9.18
N ASP L 269 3.49 -55.47 9.30
CA ASP L 269 4.83 -55.42 8.73
C ASP L 269 4.83 -55.43 7.19
N GLU L 270 3.71 -55.81 6.57
CA GLU L 270 3.58 -55.80 5.11
C GLU L 270 3.73 -54.39 4.55
N PHE L 271 3.49 -53.40 5.40
CA PHE L 271 3.50 -52.00 4.98
C PHE L 271 4.87 -51.37 5.06
N PHE L 272 5.86 -52.11 5.55
CA PHE L 272 7.16 -51.54 5.87
C PHE L 272 8.29 -52.20 5.09
C1 KAN M . 5.77 -35.45 -22.53
C2 KAN M . 6.36 -34.28 -21.76
C3 KAN M . 5.95 -32.95 -22.37
C4 KAN M . 6.46 -32.91 -23.81
C5 KAN M . 5.83 -34.07 -24.57
C6 KAN M . 6.41 -34.02 -26.01
C7 KAN M . 1.46 -38.47 -22.22
C8 KAN M . 2.82 -38.76 -21.65
C9 KAN M . 3.53 -37.41 -21.42
C10 KAN M . 3.69 -36.61 -22.74
C11 KAN M . 2.28 -36.31 -23.27
C12 KAN M . 1.59 -37.63 -23.52
C13 KAN M . 3.72 -40.34 -19.95
C14 KAN M . 3.10 -41.54 -19.18
C15 KAN M . 2.28 -41.12 -17.99
C16 KAN M . 3.20 -40.33 -17.08
C17 KAN M . 3.72 -39.13 -17.82
C18 KAN M . 4.68 -38.41 -16.90
N1 KAN M . 5.85 -35.10 -26.85
N2 KAN M . 2.43 -35.63 -24.57
N3 KAN M . 0.87 -39.80 -22.47
N4 KAN M . 1.86 -42.34 -17.27
O5 KAN M . 6.20 -35.31 -23.94
O6 KAN M . 5.88 -34.36 -20.40
O7 KAN M . 6.54 -31.91 -21.59
O8 KAN M . 6.13 -31.67 -24.43
O9 KAN M . 4.36 -35.35 -22.50
O10 KAN M . 4.83 -37.66 -20.84
O11 KAN M . 2.61 -39.57 -20.44
O12 KAN M . 4.46 -39.56 -18.99
O13 KAN M . 2.28 -42.29 -20.09
O14 KAN M . 2.42 -39.87 -15.99
O15 KAN M . 5.18 -37.29 -17.62
N1 0JN N . 14.85 -22.34 -13.96
C2 0JN N . 14.61 -21.67 -15.15
N3 0JN N . 14.46 -22.44 -16.31
C4 0JN N . 14.54 -23.78 -16.25
C5 0JN N . 14.77 -24.40 -15.08
C6 0JN N . 14.92 -23.68 -13.96
CAA 0JN N . 15.12 -23.51 -19.26
CAB 0JN N . 14.42 -25.90 -19.36
CAE 0JN N . 19.14 -28.57 -16.91
CAF 0JN N . 17.83 -28.34 -17.32
CAG 0JN N . 18.03 -27.20 -12.43
CAH 0JN N . 16.72 -26.97 -12.83
CAI 0JN N . 19.50 -28.34 -15.59
CAJ 0JN N . 18.96 -27.65 -13.36
CAR 0JN N . 16.32 -27.18 -14.15
CAS 0JN N . 14.79 -25.70 -15.40
CAT 0JN N . 18.57 -27.88 -14.68
NAX 0JN N . 14.43 -24.72 -17.20
CAY 0JN N . 14.18 -24.56 -18.67
CAC 0JN N . 12.73 -24.14 -18.90
NAP 0JN N . 14.58 -25.81 -16.71
NAD 0JN N . 15.14 -24.34 -12.82
CAM 0JN N . 14.99 -26.93 -14.49
CAU 0JN N . 17.25 -27.65 -15.08
CAK 0JN N . 16.90 -27.88 -16.41
NA NA O . 6.91 -13.17 -11.23
NA NA P . -2.29 -42.06 -16.03
CL CL Q . -6.60 -44.53 -3.60
C ACT R . 16.87 -25.03 -32.85
O ACT R . 16.12 -24.57 -33.73
OXT ACT R . 16.31 -25.80 -32.04
CH3 ACT R . 18.33 -24.67 -32.76
C ACT S . 5.01 -13.00 -8.32
O ACT S . 6.14 -13.06 -8.83
OXT ACT S . 4.74 -13.89 -7.48
CH3 ACT S . 4.02 -11.93 -8.68
C ACT T . 9.73 -31.59 1.37
O ACT T . 10.49 -31.58 0.37
OXT ACT T . 10.27 -31.97 2.43
CH3 ACT T . 8.29 -31.19 1.28
C1 PEG U . -10.84 -19.96 -7.60
O1 PEG U . -10.84 -18.60 -7.71
C2 PEG U . -9.56 -20.75 -7.88
O2 PEG U . -9.51 -22.11 -7.78
C3 PEG U . -10.72 -22.62 -7.41
C4 PEG U . -10.87 -24.14 -7.25
O4 PEG U . -12.07 -24.68 -6.88
C1 KAN V . -6.82 7.27 -31.71
C2 KAN V . -6.03 6.42 -32.68
C3 KAN V . -5.58 5.09 -32.06
C4 KAN V . -4.74 5.41 -30.84
C5 KAN V . -5.59 6.22 -29.85
C6 KAN V . -4.69 6.61 -28.68
C7 KAN V . -11.94 8.07 -30.74
C8 KAN V . -11.05 8.87 -31.62
C9 KAN V . -9.90 7.94 -32.08
C10 KAN V . -9.06 7.43 -30.89
C11 KAN V . -10.01 6.60 -30.02
C12 KAN V . -11.14 7.49 -29.56
C13 KAN V . -11.40 10.57 -33.32
C14 KAN V . -12.67 11.33 -33.68
C15 KAN V . -13.51 10.61 -34.73
C16 KAN V . -12.64 10.42 -35.97
C17 KAN V . -11.41 9.60 -35.56
C18 KAN V . -10.52 9.23 -36.76
N1 KAN V . -5.45 7.40 -27.68
N2 KAN V . -9.27 6.16 -28.85
N3 KAN V . -12.96 9.02 -30.26
N4 KAN V . -14.68 11.42 -35.07
O5 KAN V . -6.02 7.46 -30.50
O6 KAN V . -6.83 6.14 -33.84
O7 KAN V . -4.76 4.41 -33.02
O8 KAN V . -4.33 4.18 -30.24
O9 KAN V . -7.99 6.56 -31.31
O10 KAN V . -9.07 8.61 -33.04
O11 KAN V . -11.90 9.39 -32.69
O12 KAN V . -10.65 10.29 -34.52
O13 KAN V . -13.38 11.57 -32.44
O14 KAN V . -13.38 9.79 -37.00
O15 KAN V . -9.46 8.37 -36.29
N1 0JN W . 4.36 0.94 -43.05
C2 0JN W . 4.81 0.32 -41.88
N3 0JN W . 4.53 0.95 -40.65
C4 0JN W . 3.84 2.11 -40.64
C5 0JN W . 3.40 2.68 -41.78
C6 0JN W . 3.68 2.09 -42.97
CAA 0JN W . 5.23 2.42 -37.87
CAB 0JN W . 3.20 3.81 -37.39
CAE 0JN W . 5.61 8.52 -41.68
CAF 0JN W . 5.00 7.67 -40.75
CAG 0JN W . 2.96 6.61 -45.23
CAH 0JN W . 2.35 5.77 -44.30
CAI 0JN W . 5.25 8.46 -43.02
CAJ 0JN W . 3.93 7.51 -44.78
CAR 0JN W . 2.71 5.78 -42.96
CAS 0JN W . 2.79 3.81 -41.34
CAT 0JN W . 4.28 7.55 -43.44
NAX 0JN W . 3.47 2.86 -39.61
CAY 0JN W . 3.73 2.60 -38.16
CAC 0JN W . 2.98 1.34 -37.72
NAP 0JN W . 2.85 3.85 -40.02
NAD 0JN W . 3.25 2.66 -44.12
CAM 0JN W . 2.02 4.91 -42.12
CAU 0JN W . 3.66 6.70 -42.52
CAK 0JN W . 4.02 6.76 -41.17
C ACT X . -7.24 4.97 -55.06
O ACT X . -6.09 4.72 -54.65
OXT ACT X . -7.52 6.18 -55.18
CH3 ACT X . -8.22 3.89 -55.39
C1 PEG Y . -16.22 -13.72 -42.43
O1 PEG Y . -16.64 -14.02 -41.16
C2 PEG Y . -17.07 -12.88 -43.40
O2 PEG Y . -18.29 -12.43 -43.00
C3 PEG Y . -18.89 -11.72 -44.00
C4 PEG Y . -20.27 -11.10 -43.78
O4 PEG Y . -20.90 -11.27 -42.58
C1 KAN Z . 6.44 22.28 -3.15
C2 KAN Z . 7.40 21.13 -2.94
C3 KAN Z . 8.01 21.12 -1.55
C4 KAN Z . 8.76 22.44 -1.37
C5 KAN Z . 7.75 23.58 -1.52
C6 KAN Z . 8.49 24.92 -1.29
C7 KAN Z . 1.24 22.83 -2.82
C8 KAN Z . 2.05 22.51 -4.04
C9 KAN Z . 3.37 21.85 -3.56
C10 KAN Z . 4.18 22.77 -2.64
C11 KAN Z . 3.33 23.03 -1.39
C12 KAN Z . 2.04 23.72 -1.84
C13 KAN Z . 1.51 21.69 -6.32
C14 KAN Z . 0.15 21.44 -7.05
C15 KAN Z . -0.46 20.10 -6.76
C16 KAN Z . 0.54 19.04 -7.16
C17 KAN Z . 1.81 19.24 -6.36
C18 KAN Z . 2.84 18.18 -6.69
N1 KAN Z . 7.54 26.03 -1.43
N2 KAN Z . 4.10 23.90 -0.50
N3 KAN Z . 0.01 23.52 -3.31
N4 KAN Z . -1.64 19.95 -7.65
O5 KAN Z . 7.15 23.51 -2.86
O6 KAN Z . 6.69 19.89 -3.14
O7 KAN Z . 8.90 20.00 -1.43
O8 KAN Z . 9.39 22.47 -0.08
O9 KAN Z . 5.38 22.14 -2.21
O10 KAN Z . 4.15 21.42 -4.67
O11 KAN Z . 1.21 21.69 -4.91
O12 KAN Z . 2.36 20.55 -6.65
O13 KAN Z . -0.75 22.51 -6.69
O14 KAN Z . -0.02 17.80 -6.77
O15 KAN Z . 3.96 18.44 -5.83
N1 0JN AA . 19.61 10.22 -2.65
C2 0JN AA . 19.98 10.98 -1.55
N3 0JN AA . 19.61 12.32 -1.55
C4 0JN AA . 18.93 12.84 -2.59
C5 0JN AA . 18.57 12.10 -3.65
C6 0JN AA . 18.93 10.80 -3.66
CAA 0JN AA . 20.09 15.48 -1.51
CAB 0JN AA . 18.09 16.51 -2.58
CAE 0JN AA . 21.08 12.73 -9.07
CAF 0JN AA . 20.65 13.67 -8.14
CAG 0JN AA . 17.42 9.84 -7.84
CAH 0JN AA . 16.97 10.78 -6.93
CAI 0JN AA . 20.38 11.53 -9.23
CAJ 0JN AA . 18.54 10.09 -8.61
CAR 0JN AA . 17.69 11.96 -6.74
CAS 0JN AA . 17.94 12.98 -4.44
CAT 0JN AA . 19.25 11.29 -8.46
NAX 0JN AA . 18.49 14.09 -2.79
CAY 0JN AA . 18.62 15.26 -1.88
CAC 0JN AA . 17.78 15.01 -0.63
NAP 0JN AA . 17.92 14.16 -3.81
NAD 0JN AA . 18.60 10.05 -4.69
CAM 0JN AA . 17.21 12.88 -5.81
CAU 0JN AA . 18.81 12.23 -7.52
CAK 0JN AA . 19.53 13.42 -7.37
NA NA BA . 18.11 2.87 7.57
NA NA CA . -5.20 18.40 -5.09
C ACT DA . 7.07 -0.64 -11.02
O ACT DA . 6.49 -0.85 -12.11
OXT ACT DA . 6.36 -0.79 -10.00
CH3 ACT DA . 8.51 -0.23 -10.94
C ACT EA . -10.24 18.40 0.14
O ACT EA . -9.68 19.46 0.51
OXT ACT EA . -11.24 18.04 0.78
CH3 ACT EA . -9.74 17.61 -1.04
C ACT FA . -14.70 21.74 12.03
O ACT FA . -14.32 22.55 11.16
OXT ACT FA . -13.97 21.63 13.04
CH3 ACT FA . -15.95 20.93 11.86
C ACT GA . 15.85 0.06 7.61
O ACT GA . 16.83 0.69 7.16
OXT ACT GA . 15.88 -0.20 8.84
CH3 ACT GA . 14.71 -0.35 6.74
C1 KAN HA . 22.72 11.57 38.21
C2 KAN HA . 23.04 12.90 37.55
C3 KAN HA . 22.56 12.92 36.11
C4 KAN HA . 23.27 11.82 35.36
C5 KAN HA . 22.92 10.49 36.04
C6 KAN HA . 23.64 9.41 35.26
C7 KAN HA . 18.79 9.83 41.31
C8 KAN HA . 20.10 10.43 41.74
C9 KAN HA . 20.61 11.32 40.58
C10 KAN HA . 20.82 10.51 39.26
C11 KAN HA . 19.44 9.96 38.85
C12 KAN HA . 18.94 9.07 39.98
C13 KAN HA . 21.03 11.27 43.81
C14 KAN HA . 20.51 11.32 45.26
C15 KAN HA . 19.64 12.50 45.59
C16 KAN HA . 20.45 13.75 45.33
C17 KAN HA . 20.86 13.77 43.86
C18 KAN HA . 21.58 15.08 43.54
N1 KAN HA . 23.32 8.10 35.87
N2 KAN HA . 19.58 9.17 37.63
N3 KAN HA . 18.40 8.90 42.39
N4 KAN HA . 19.28 12.41 47.01
O5 KAN HA . 23.34 10.51 37.42
O6 KAN HA . 22.37 13.94 38.28
O7 KAN HA . 22.87 14.19 35.54
O8 KAN HA . 22.80 11.81 34.01
O9 KAN HA . 21.32 11.37 38.19
O10 KAN HA . 21.81 11.99 40.97
O11 KAN HA . 19.86 11.13 43.00
O12 KAN HA . 21.68 12.58 43.58
O13 KAN HA . 19.83 10.08 45.48
O14 KAN HA . 19.69 14.92 45.66
O15 KAN HA . 21.88 15.08 42.14
N1 0JN IA . 29.73 25.70 31.48
C2 0JN IA . 29.56 24.97 30.30
N3 0JN IA . 29.51 23.58 30.42
C4 0JN IA . 29.62 23.00 31.62
C5 0JN IA . 29.78 23.72 32.75
C6 0JN IA . 29.83 25.06 32.66
CAA 0JN IA . 29.45 19.25 31.71
CAB 0JN IA . 28.09 20.69 30.21
CAE 0JN IA . 34.97 21.72 35.60
CAF 0JN IA . 33.86 21.15 34.98
CAG 0JN IA . 32.19 25.30 37.22
CAH 0JN IA . 31.09 24.71 36.61
CAI 0JN IA . 34.82 22.91 36.30
CAJ 0JN IA . 33.43 24.69 37.12
CAR 0JN IA . 31.20 23.54 35.86
CAS 0JN IA . 29.87 22.81 33.76
CAT 0JN IA . 33.55 23.50 36.40
NAX 0JN IA . 29.59 21.70 31.94
CAY 0JN IA . 29.43 20.57 30.96
CAC 0JN IA . 30.57 20.59 29.94
NAP 0JN IA . 29.74 21.59 33.24
NAD 0JN IA . 30.00 25.79 33.76
CAM 0JN IA . 30.01 23.03 35.29
CAU 0JN IA . 32.44 22.93 35.78
CAK 0JN IA . 32.61 21.75 35.07
NA NA JA . 20.98 32.14 24.46
C ACT KA . 18.88 34.49 25.65
O ACT KA . 20.11 34.33 25.45
OXT ACT KA . 18.13 34.36 24.66
CH3 ACT KA . 18.36 34.83 27.02
C ACT LA . 25.04 34.07 46.12
O ACT LA . 26.08 34.04 46.81
OXT ACT LA . 24.16 34.85 46.52
CH3 ACT LA . 24.88 33.24 44.88
C1 KAN MA . -45.82 17.24 -15.68
C2 KAN MA . -44.66 17.44 -14.72
C3 KAN MA . -44.78 18.74 -13.92
C4 KAN MA . -44.80 19.90 -14.90
C5 KAN MA . -46.00 19.71 -15.82
C6 KAN MA . -45.95 20.86 -16.84
C7 KAN MA . -50.47 14.75 -15.61
C8 KAN MA . -49.18 14.22 -16.13
C9 KAN MA . -48.04 14.97 -15.38
C10 KAN MA . -48.07 16.49 -15.62
C11 KAN MA . -49.41 16.98 -15.04
C12 KAN MA . -50.54 16.28 -15.77
C13 KAN MA . -48.33 12.03 -16.77
C14 KAN MA . -49.03 10.68 -16.96
C15 KAN MA . -49.21 9.86 -15.68
C16 KAN MA . -47.81 9.60 -15.15
C17 KAN MA . -47.18 10.96 -14.88
C18 KAN MA . -45.82 10.86 -14.15
N1 KAN MA . -47.07 20.75 -17.77
N2 KAN MA . -49.51 18.43 -15.22
N3 KAN MA . -51.54 14.06 -16.38
N4 KAN MA . -49.88 8.59 -15.95
O5 KAN MA . -45.88 18.44 -16.53
O6 KAN MA . -44.64 16.33 -13.82
O7 KAN MA . -43.64 18.85 -13.06
O8 KAN MA . -44.90 21.13 -14.15
O9 KAN MA . -47.02 17.17 -14.91
O10 KAN MA . -46.76 14.44 -15.75
O11 KAN MA . -49.23 12.78 -15.95
O12 KAN MA . -47.10 11.74 -16.11
O13 KAN MA . -50.29 10.99 -17.58
O14 KAN MA . -47.85 8.78 -13.99
O15 KAN MA . -45.38 12.19 -13.78
N1 0JN NA . -30.40 18.72 -7.76
C2 0JN NA . -30.78 20.06 -7.83
N3 0JN NA . -31.70 20.42 -8.80
C4 0JN NA . -32.18 19.50 -9.66
C5 0JN NA . -31.80 18.20 -9.58
C6 0JN NA . -30.90 17.84 -8.63
CAA 0JN NA . -32.69 22.02 -11.33
CAB 0JN NA . -34.51 20.72 -12.38
CAE 0JN NA . -29.88 16.45 -15.34
CAF 0JN NA . -30.98 17.14 -14.84
CAG 0JN NA . -29.74 13.74 -11.35
CAH 0JN NA . -30.84 14.43 -10.82
CAI 0JN NA . -29.30 15.42 -14.59
CAJ 0JN NA . -29.23 14.07 -12.59
CAR 0JN NA . -31.42 15.48 -11.56
CAS 0JN NA . -32.47 17.60 -10.59
CAT 0JN NA . -29.82 15.10 -13.34
NAX 0JN NA . -33.07 19.64 -10.67
CAY 0JN NA . -33.74 20.93 -11.08
CAC 0JN NA . -34.74 21.39 -10.00
NAP 0JN NA . -33.25 18.49 -11.21
NAD 0JN NA . -30.49 16.56 -8.54
CAM 0JN NA . -32.53 16.11 -11.00
CAU 0JN NA . -30.92 15.79 -12.82
CAK 0JN NA . -31.50 16.82 -13.58
NA NA OA . -32.08 22.60 4.40
C ACT PA . -61.04 7.82 -21.97
O ACT PA . -60.68 8.71 -22.77
OXT ACT PA . -62.15 7.99 -21.44
CH3 ACT PA . -60.18 6.62 -21.70
C ACT QA . -59.25 7.77 -9.04
O ACT QA . -59.66 8.26 -10.11
OXT ACT QA . -59.99 6.91 -8.50
CH3 ACT QA . -57.96 8.20 -8.43
C ACT RA . -33.51 26.66 -25.12
O ACT RA . -32.51 27.24 -25.61
OXT ACT RA . -33.29 25.93 -24.13
CH3 ACT RA . -34.88 26.80 -25.69
C ACT SA . -32.61 20.57 7.05
O ACT SA . -32.00 20.71 5.97
OXT ACT SA . -33.18 19.47 7.22
CH3 ACT SA . -32.66 21.65 8.07
C ACT TA . -32.41 2.12 -3.26
O ACT TA . -32.08 1.02 -3.75
OXT ACT TA . -31.81 3.11 -3.74
CH3 ACT TA . -33.44 2.25 -2.17
C1 KAN UA . -43.05 51.58 13.12
C2 KAN UA . -43.09 51.70 11.60
C3 KAN UA . -43.03 50.35 10.90
C4 KAN UA . -41.74 49.66 11.32
C5 KAN UA . -41.76 49.48 12.84
C6 KAN UA . -40.41 48.88 13.23
C7 KAN UA . -46.61 51.30 16.99
C8 KAN UA . -45.88 52.52 16.51
C9 KAN UA . -45.48 52.26 15.04
C10 KAN UA . -44.54 51.05 14.89
C11 KAN UA . -45.33 49.82 15.37
C12 KAN UA . -45.73 50.04 16.82
C13 KAN UA . -46.18 54.92 16.81
C14 KAN UA . -47.18 55.76 17.62
C15 KAN UA . -48.51 56.01 16.93
C16 KAN UA . -48.21 56.68 15.60
C17 KAN UA . -47.33 55.75 14.77
C18 KAN UA . -46.99 56.31 13.37
N1 KAN UA . -40.35 48.68 14.67
N2 KAN UA . -44.45 48.64 15.29
N3 KAN UA . -46.91 51.53 18.41
N4 KAN UA . -49.34 56.92 17.76
O5 KAN UA . -41.86 50.79 13.46
O6 KAN UA . -44.31 52.37 11.22
O7 KAN UA . -43.03 50.61 9.50
O8 KAN UA . -41.60 48.40 10.64
O9 KAN UA . -44.17 50.82 13.52
O10 KAN UA . -44.90 53.45 14.49
O11 KAN UA . -46.78 53.64 16.71
O12 KAN UA . -46.10 55.52 15.51
O13 KAN UA . -47.34 55.13 18.90
O14 KAN UA . -49.42 57.00 14.92
O15 KAN UA . -46.19 55.35 12.65
N1 0JN VA . -40.75 55.63 -3.93
C2 0JN VA . -40.15 54.37 -3.97
N3 0JN VA . -39.60 53.88 -2.79
C4 0JN VA . -39.67 54.61 -1.66
C5 0JN VA . -40.25 55.81 -1.65
C6 0JN VA . -40.78 56.31 -2.77
CAA 0JN VA . -37.24 52.92 -0.78
CAB 0JN VA . -38.14 53.29 1.51
CAE 0JN VA . -36.04 59.81 0.38
CAF 0JN VA . -36.49 58.57 0.81
CAG 0JN VA . -40.50 60.90 -1.10
CAH 0JN VA . -40.95 59.66 -0.65
CAI 0JN VA . -36.95 60.69 -0.20
CAJ 0JN VA . -39.16 61.25 -0.95
CAR 0JN VA . -40.07 58.74 -0.09
CAS 0JN VA . -40.10 56.22 -0.37
CAT 0JN VA . -38.28 60.35 -0.35
NAX 0JN VA . -39.23 54.35 -0.43
CAY 0JN VA . -38.51 53.12 0.04
CAC 0JN VA . -39.42 51.90 -0.12
NAP 0JN VA . -39.47 55.26 0.31
NAD 0JN VA . -41.35 57.51 -2.71
CAM 0JN VA . -40.58 57.52 0.36
CAU 0JN VA . -38.73 59.10 0.09
CAK 0JN VA . -37.83 58.21 0.67
NA NA WA . -48.35 47.99 -10.75
C ACT XA . -28.17 46.01 6.41
O ACT XA . -28.66 44.86 6.56
OXT ACT XA . -28.49 46.85 7.28
CH3 ACT XA . -27.25 46.35 5.27
C1 KAN YA . -46.03 8.06 15.57
C2 KAN YA . -45.07 6.91 15.84
C3 KAN YA . -44.48 6.98 17.24
C4 KAN YA . -43.75 8.30 17.39
C5 KAN YA . -44.76 9.44 17.18
C6 KAN YA . -43.97 10.76 17.31
C7 KAN YA . -51.20 8.80 15.87
C8 KAN YA . -50.42 8.40 14.65
C9 KAN YA . -49.13 7.70 15.15
C10 KAN YA . -48.27 8.63 16.04
C11 KAN YA . -49.10 8.96 17.29
C12 KAN YA . -50.37 9.67 16.82
C13 KAN YA . -51.04 7.54 12.40
C14 KAN YA . -52.41 7.29 11.70
C15 KAN YA . -53.01 5.97 12.07
C16 KAN YA . -52.02 4.90 11.69
C17 KAN YA . -50.74 5.13 12.43
C18 KAN YA . -49.72 4.09 11.99
N1 KAN YA . -44.86 11.92 17.13
N2 KAN YA . -48.26 9.84 18.10
N3 KAN YA . -52.39 9.52 15.34
N4 KAN YA . -54.19 5.81 11.21
O5 KAN YA . -45.33 9.31 15.83
O6 KAN YA . -45.77 5.66 15.68
O7 KAN YA . -43.57 5.90 17.41
O8 KAN YA . -43.09 8.37 18.65
O9 KAN YA . -47.10 7.97 16.49
O10 KAN YA . -48.36 7.19 14.04
O11 KAN YA . -51.31 7.59 13.81
O12 KAN YA . -50.20 6.43 12.09
O13 KAN YA . -53.31 8.38 12.05
O14 KAN YA . -52.56 3.64 12.11
O15 KAN YA . -48.52 4.36 12.69
N1 0JN ZA . -33.11 -4.05 16.27
C2 0JN ZA . -32.67 -3.28 17.34
N3 0JN ZA . -32.85 -1.90 17.24
C4 0JN ZA . -33.43 -1.35 16.15
C5 0JN ZA . -33.84 -2.13 15.13
C6 0JN ZA . -33.67 -3.46 15.21
CAA 0JN ZA . -32.00 1.64 16.44
CAB 0JN ZA . -34.37 2.29 16.11
CAE 0JN ZA . -31.02 0.05 9.99
CAF 0JN ZA . -31.78 0.64 10.98
CAG 0JN ZA . -33.64 -3.93 10.42
CAH 0JN ZA . -34.40 -3.34 11.40
CAI 0JN ZA . -31.31 -1.25 9.61
CAJ 0JN ZA . -32.61 -3.24 9.82
CAR 0JN ZA . -34.16 -2.04 11.84
CAS 0JN ZA . -34.33 -1.26 14.24
CAT 0JN ZA . -32.35 -1.94 10.22
NAX 0JN ZA . -33.70 -0.07 15.84
CAY 0JN ZA . -33.44 1.19 16.63
CAC 0JN ZA . -33.71 0.98 18.11
NAP 0JN ZA . -34.22 -0.03 14.74
NAD 0JN ZA . -34.08 -4.20 14.20
CAM 0JN ZA . -34.99 -1.50 12.85
CAU 0JN ZA . -33.12 -1.33 11.23
CAK 0JN ZA . -32.83 -0.03 11.60
NA NA AB . -34.56 -11.27 26.51
NA NA BB . -57.63 4.38 13.43
C ACT CB . -62.62 4.37 18.77
O ACT CB . -62.21 5.50 19.11
OXT ACT CB . -63.31 3.76 19.62
CH3 ACT CB . -62.35 3.78 17.43
C ACT DB . -45.42 -14.88 7.99
O ACT DB . -46.30 -14.82 7.11
OXT ACT DB . -45.81 -15.22 9.13
CH3 ACT DB . -43.98 -14.59 7.70
C1 KAN EB . -29.97 -2.26 57.35
C2 KAN EB . -29.65 -0.94 56.64
C3 KAN EB . -30.13 -0.94 55.20
C4 KAN EB . -29.44 -2.07 54.47
C5 KAN EB . -29.80 -3.40 55.16
C6 KAN EB . -29.11 -4.51 54.40
C7 KAN EB . -33.94 -3.84 60.47
C8 KAN EB . -32.63 -3.27 60.91
C9 KAN EB . -32.10 -2.40 59.72
C10 KAN EB . -31.87 -3.26 58.44
C11 KAN EB . -33.26 -3.78 58.03
C12 KAN EB . -33.79 -4.63 59.16
C13 KAN EB . -31.70 -2.33 62.92
C14 KAN EB . -32.19 -2.25 64.38
C15 KAN EB . -33.08 -1.08 64.68
C16 KAN EB . -32.28 0.18 64.34
C17 KAN EB . -31.90 0.16 62.87
C18 KAN EB . -31.13 1.40 62.45
N1 KAN EB . -29.44 -5.81 55.00
N2 KAN EB . -33.16 -4.58 56.79
N3 KAN EB . -34.36 -4.77 61.56
N4 KAN EB . -33.38 -1.05 66.12
O5 KAN EB . -29.36 -3.35 56.55
O6 KAN EB . -30.29 0.13 57.36
O7 KAN EB . -29.83 0.32 54.61
O8 KAN EB . -29.79 -2.05 53.08
O9 KAN EB . -31.38 -2.45 57.35
O10 KAN EB . -30.91 -1.69 60.07
O11 KAN EB . -32.88 -2.56 62.14
O12 KAN EB . -31.08 -1.04 62.63
O13 KAN EB . -32.82 -3.51 64.65
O14 KAN EB . -33.04 1.33 64.70
O15 KAN EB . -30.81 1.31 61.05
N1 0JN FB . -22.73 11.67 50.15
C2 0JN FB . -22.93 10.92 48.99
N3 0JN FB . -22.99 9.53 49.12
C4 0JN FB . -22.85 8.97 50.33
C5 0JN FB . -22.65 9.71 51.43
C6 0JN FB . -22.59 11.04 51.32
CAA 0JN FB . -23.03 5.22 50.55
CAB 0JN FB . -24.45 6.61 49.04
CAE 0JN FB . -17.49 7.60 54.33
CAF 0JN FB . -18.60 7.02 53.73
CAG 0JN FB . -20.20 11.28 55.84
CAH 0JN FB . -21.32 10.69 55.24
CAI 0JN FB . -17.62 8.82 54.99
CAJ 0JN FB . -18.97 10.65 55.75
CAR 0JN FB . -21.21 9.49 54.54
CAS 0JN FB . -22.54 8.79 52.43
CAT 0JN FB . -18.85 9.44 55.07
NAX 0JN FB . -22.87 7.68 50.66
CAY 0JN FB . -23.07 6.52 49.74
CAC 0JN FB . -21.99 6.51 48.65
NAP 0JN FB . -22.70 7.58 51.90
NAD 0JN FB . -22.40 11.78 52.41
CAM 0JN FB . -22.38 8.94 53.97
CAU 0JN FB . -19.97 8.85 54.47
CAK 0JN FB . -19.85 7.64 53.81
NA NA GB . -31.30 18.10 42.93
C ACT HB . -33.33 20.57 44.10
O ACT HB . -32.18 20.09 44.15
OXT ACT HB . -33.81 20.96 45.19
CH3 ACT HB . -34.08 20.68 42.80
C ACT IB . -45.71 -1.57 65.93
O ACT IB . -44.81 -2.29 65.42
OXT ACT IB . -45.32 -0.54 66.50
CH3 ACT IB . -47.16 -1.95 65.88
C ACT JB . -27.40 20.62 64.97
O ACT JB . -27.21 19.76 64.08
OXT ACT JB . -28.59 20.98 65.14
CH3 ACT JB . -26.26 21.20 65.76
C1 KAN KB . 45.38 20.70 -49.24
C2 KAN KB . 46.22 19.88 -50.21
C3 KAN KB . 46.66 18.56 -49.62
C4 KAN KB . 47.48 18.85 -48.38
C5 KAN KB . 46.60 19.62 -47.38
C6 KAN KB . 47.56 19.92 -46.20
C7 KAN KB . 40.21 21.45 -48.30
C8 KAN KB . 41.11 22.28 -49.19
C9 KAN KB . 42.28 21.35 -49.65
C10 KAN KB . 43.12 20.82 -48.46
C11 KAN KB . 42.17 19.98 -47.60
C12 KAN KB . 41.02 20.87 -47.12
C13 KAN KB . 40.78 23.98 -50.87
C14 KAN KB . 39.51 24.75 -51.28
C15 KAN KB . 38.69 24.03 -52.34
C16 KAN KB . 39.56 23.83 -53.56
C17 KAN KB . 40.78 22.99 -53.14
C18 KAN KB . 41.68 22.56 -54.31
N1 KAN KB . 46.84 20.65 -45.14
N2 KAN KB . 42.92 19.54 -46.41
N3 KAN KB . 39.16 22.37 -47.78
N4 KAN KB . 37.52 24.84 -52.71
O5 KAN KB . 46.18 20.84 -48.01
O6 KAN KB . 45.44 19.65 -51.38
O7 KAN KB . 47.45 17.89 -50.61
O8 KAN KB . 47.88 17.62 -47.78
O9 KAN KB . 44.19 19.97 -48.91
O10 KAN KB . 43.10 22.01 -50.64
O11 KAN KB . 40.29 22.79 -50.25
O12 KAN KB . 41.52 23.70 -52.09
O13 KAN KB . 38.77 24.99 -50.08
O14 KAN KB . 38.77 23.18 -54.53
O15 KAN KB . 42.70 21.67 -53.83
N1 0JN LB . 56.68 14.36 -60.58
C2 0JN LB . 57.11 13.70 -59.43
N3 0JN LB . 56.83 14.31 -58.20
C4 0JN LB . 56.18 15.48 -58.16
C5 0JN LB . 55.76 16.10 -59.28
C6 0JN LB . 56.02 15.52 -60.48
CAA 0JN LB . 57.61 15.67 -55.47
CAB 0JN LB . 55.67 17.06 -54.78
CAE 0JN LB . 58.11 21.83 -59.16
CAF 0JN LB . 57.46 21.01 -58.23
CAG 0JN LB . 55.37 20.02 -62.72
CAH 0JN LB . 54.73 19.20 -61.80
CAI 0JN LB . 57.74 21.79 -60.51
CAJ 0JN LB . 56.38 20.89 -62.28
CAR 0JN LB . 55.10 19.20 -60.46
CAS 0JN LB . 55.15 17.22 -58.82
CAT 0JN LB . 56.73 20.92 -60.94
NAX 0JN LB . 55.81 16.22 -57.10
CAY 0JN LB . 56.10 15.89 -55.67
CAC 0JN LB . 55.31 14.62 -55.25
NAP 0JN LB . 55.21 17.22 -57.49
NAD 0JN LB . 55.62 16.12 -61.59
CAM 0JN LB . 54.40 18.37 -59.56
CAU 0JN LB . 56.09 20.10 -60.02
CAK 0JN LB . 56.45 20.14 -58.66
C ACT MB . 44.92 18.41 -72.96
O ACT MB . 45.78 18.64 -73.83
OXT ACT MB . 44.70 19.36 -72.17
CH3 ACT MB . 44.18 17.12 -72.84
C1 PEG NB . 35.69 0.57 -61.94
O1 PEG NB . 36.49 -0.45 -61.57
C2 PEG NB . 34.38 0.79 -61.18
O2 PEG NB . 33.53 1.80 -61.50
C3 PEG NB . 32.50 1.69 -60.61
C4 PEG NB . 31.31 2.63 -60.64
O4 PEG NB . 30.32 2.47 -59.73
C1 KAN OB . 58.14 -21.99 -40.82
C2 KAN OB . 58.68 -20.81 -40.04
C3 KAN OB . 58.24 -19.48 -40.65
C4 KAN OB . 58.75 -19.42 -42.08
C5 KAN OB . 58.17 -20.60 -42.84
C6 KAN OB . 58.73 -20.46 -44.26
C7 KAN OB . 53.89 -25.09 -40.47
C8 KAN OB . 55.26 -25.38 -39.93
C9 KAN OB . 55.96 -24.02 -39.70
C10 KAN OB . 56.10 -23.20 -41.01
C11 KAN OB . 54.68 -22.91 -41.50
C12 KAN OB . 53.98 -24.23 -41.75
C13 KAN OB . 56.20 -26.99 -38.29
C14 KAN OB . 55.60 -28.18 -37.52
C15 KAN OB . 54.84 -27.77 -36.29
C16 KAN OB . 55.79 -27.00 -35.40
C17 KAN OB . 56.29 -25.79 -36.17
C18 KAN OB . 57.20 -24.96 -35.27
N1 KAN OB . 58.22 -21.53 -45.11
N2 KAN OB . 54.79 -22.15 -42.74
N3 KAN OB . 53.25 -26.40 -40.71
N4 KAN OB . 54.45 -29.00 -35.56
O5 KAN OB . 58.57 -21.85 -42.21
O6 KAN OB . 58.21 -20.91 -38.69
O7 KAN OB . 58.80 -18.41 -39.88
O8 KAN OB . 58.34 -18.21 -42.73
O9 KAN OB . 56.74 -21.94 -40.78
O10 KAN OB . 57.25 -24.19 -39.11
O11 KAN OB . 55.08 -26.22 -38.73
O12 KAN OB . 56.99 -26.22 -37.38
O13 KAN OB . 54.75 -28.92 -38.41
O14 KAN OB . 55.05 -26.54 -34.30
O15 KAN OB . 57.59 -23.81 -36.01
N1 0JN PB . 67.28 -9.15 -31.76
C2 0JN PB . 67.11 -8.36 -32.88
N3 0JN PB . 66.91 -9.01 -34.11
C4 0JN PB . 66.89 -10.34 -34.17
C5 0JN PB . 67.05 -11.10 -33.07
C6 0JN PB . 67.25 -10.49 -31.88
CAA 0JN PB . 67.45 -9.83 -37.18
CAB 0JN PB . 66.69 -12.19 -37.45
CAE 0JN PB . 72.01 -14.61 -32.49
CAF 0JN PB . 71.18 -14.29 -33.55
CAG 0JN PB . 68.25 -14.58 -29.51
CAH 0JN PB . 67.41 -14.26 -30.57
CAI 0JN PB . 71.48 -14.77 -31.22
CAJ 0JN PB . 69.60 -14.75 -29.73
CAR 0JN PB . 67.92 -14.07 -31.85
CAS 0JN PB . 66.99 -12.35 -33.54
CAT 0JN PB . 70.12 -14.60 -31.01
NAX 0JN PB . 66.71 -11.17 -35.22
CAY 0JN PB . 66.49 -10.90 -36.68
CAC 0JN PB . 65.05 -10.43 -36.90
NAP 0JN PB . 66.76 -12.27 -34.86
NAD 0JN PB . 67.42 -11.25 -30.81
CAM 0JN PB . 67.04 -13.76 -32.89
CAU 0JN PB . 69.28 -14.26 -32.07
CAK 0JN PB . 69.81 -14.11 -33.35
NA NA QB . 59.13 0.02 -28.99
NA NA RB . 50.26 -28.91 -34.29
C ACT SB . 62.72 -18.68 -16.78
O ACT SB . 63.73 -18.77 -17.50
OXT ACT SB . 62.79 -19.25 -15.67
CH3 ACT SB . 61.49 -17.93 -17.23
C ACT TB . 57.44 -0.07 -25.90
O ACT TB . 58.57 0.14 -26.39
OXT ACT TB . 57.33 -1.12 -25.23
CH3 ACT TB . 56.30 0.87 -26.10
C1 PEG UB . 70.46 -11.43 -50.80
O1 PEG UB . 71.58 -11.05 -50.11
C2 PEG UB . 69.11 -11.58 -50.08
O2 PEG UB . 68.00 -11.95 -50.77
C3 PEG UB . 68.32 -12.13 -52.08
C4 PEG UB . 67.27 -12.56 -53.10
O4 PEG UB . 67.61 -12.73 -54.40
C1 PEG VB . 42.96 -8.44 -25.50
O1 PEG VB . 42.88 -7.07 -25.46
C2 PEG VB . 41.69 -9.23 -25.17
O2 PEG VB . 41.70 -10.59 -25.19
C3 PEG VB . 40.43 -10.96 -24.86
C4 PEG VB . 40.03 -12.42 -24.78
O4 PEG VB . 38.75 -12.74 -24.43
C1 PEG WB . 56.73 -20.67 -60.79
O1 PEG WB . 56.33 -21.83 -61.37
C2 PEG WB . 56.42 -19.32 -61.44
O2 PEG WB . 56.81 -18.15 -60.87
C3 PEG WB . 57.49 -18.32 -59.69
C4 PEG WB . 58.01 -17.09 -58.93
O4 PEG WB . 58.68 -17.21 -57.75
C1 KAN XB . 14.51 -23.28 34.35
C2 KAN XB . 14.48 -23.14 32.84
C3 KAN XB . 14.57 -24.48 32.13
C4 KAN XB . 15.87 -25.15 32.55
C5 KAN XB . 15.86 -25.33 34.06
C6 KAN XB . 17.22 -25.92 34.43
C7 KAN XB . 10.99 -23.67 38.23
C8 KAN XB . 11.67 -22.42 37.77
C9 KAN XB . 12.08 -22.65 36.30
C10 KAN XB . 13.05 -23.85 36.14
C11 KAN XB . 12.28 -25.09 36.59
C12 KAN XB . 11.89 -24.91 38.04
C13 KAN XB . 11.34 -20.00 38.08
C14 KAN XB . 10.35 -19.17 38.90
C15 KAN XB . 9.02 -18.97 38.22
C16 KAN XB . 9.31 -18.27 36.90
C17 KAN XB . 10.22 -19.14 36.06
C18 KAN XB . 10.56 -18.50 34.71
N1 KAN XB . 17.30 -26.13 35.88
N2 KAN XB . 13.17 -26.26 36.45
N3 KAN XB . 10.63 -23.49 39.66
N4 KAN XB . 8.16 -18.12 39.06
O5 KAN XB . 15.72 -24.02 34.70
O6 KAN XB . 13.26 -22.51 32.46
O7 KAN XB . 14.56 -24.23 30.74
O8 KAN XB . 16.04 -26.39 31.86
O9 KAN XB . 13.41 -24.06 34.75
O10 KAN XB . 12.62 -21.44 35.74
O11 KAN XB . 10.75 -21.30 37.99
O12 KAN XB . 11.46 -19.35 36.79
O13 KAN XB . 10.23 -19.82 40.17
O14 KAN XB . 8.09 -18.00 36.23
O15 KAN XB . 11.43 -19.38 33.97
N1 0JN YB . 16.62 -18.87 17.53
C2 0JN YB . 17.24 -20.12 17.47
N3 0JN YB . 17.77 -20.65 18.65
C4 0JN YB . 17.68 -19.96 19.79
C5 0JN YB . 17.07 -18.75 19.84
C6 0JN YB . 16.56 -18.23 18.71
CAA 0JN YB . 19.19 -21.26 22.99
CAB 0JN YB . 17.92 -22.68 21.39
CAE 0JN YB . 20.62 -14.05 21.58
CAF 0JN YB . 20.49 -15.36 22.03
CAG 0JN YB . 15.91 -13.90 20.61
CAH 0JN YB . 15.78 -15.20 21.07
CAI 0JN YB . 19.52 -13.36 21.11
CAJ 0JN YB . 17.16 -13.29 20.64
CAR 0JN YB . 16.90 -15.92 21.51
CAS 0JN YB . 17.22 -18.41 21.14
CAT 0JN YB . 18.27 -13.98 21.10
NAX 0JN YB . 18.11 -20.26 21.03
CAY 0JN YB . 18.84 -21.45 21.51
CAC 0JN YB . 20.11 -21.67 20.69
NAP 0JN YB . 17.85 -19.41 21.75
NAD 0JN YB . 15.96 -17.05 18.76
CAM 0JN YB . 16.75 -17.21 21.99
CAU 0JN YB . 18.15 -15.29 21.55
CAK 0JN YB . 19.26 -15.98 22.02
NA NA ZB . 9.05 -26.47 10.28
C ACT AC . 29.05 -29.06 27.56
O ACT AC . 28.96 -30.25 27.96
OXT ACT AC . 28.14 -28.29 27.92
CH3 ACT AC . 30.19 -28.59 26.70
C1 KAN BC . 11.79 -56.95 4.66
C2 KAN BC . 12.97 -56.76 5.62
C3 KAN BC . 12.84 -55.46 6.41
C4 KAN BC . 12.76 -54.30 5.44
C5 KAN BC . 11.54 -54.49 4.55
C6 KAN BC . 11.60 -53.33 3.54
C7 KAN BC . 7.09 -59.39 4.81
C8 KAN BC . 8.38 -59.94 4.25
C9 KAN BC . 9.54 -59.20 4.96
C10 KAN BC . 9.49 -57.67 4.74
C11 KAN BC . 8.18 -57.18 5.38
C12 KAN BC . 7.04 -57.86 4.66
C13 KAN BC . 9.18 -62.15 3.50
C14 KAN BC . 8.49 -63.49 3.32
C15 KAN BC . 8.39 -64.29 4.61
C16 KAN BC . 9.80 -64.53 5.08
C17 KAN BC . 10.45 -63.18 5.32
C18 KAN BC . 11.85 -63.30 5.89
N1 KAN BC . 10.43 -53.40 2.66
N2 KAN BC . 8.09 -55.74 5.11
N3 KAN BC . 5.98 -60.04 4.08
N4 KAN BC . 7.70 -65.58 4.38
O5 KAN BC . 11.69 -55.74 3.82
O6 KAN BC . 13.04 -57.87 6.55
O7 KAN BC . 14.01 -55.29 7.25
O8 KAN BC . 12.59 -53.10 6.21
O9 KAN BC . 10.58 -57.01 5.42
O10 KAN BC . 10.81 -59.74 4.51
O11 KAN BC . 8.36 -61.39 4.40
O12 KAN BC . 10.47 -62.42 4.07
O13 KAN BC . 7.20 -63.21 2.77
O14 KAN BC . 9.84 -65.36 6.23
O15 KAN BC . 12.33 -61.97 6.16
N1 0JN CC . 27.25 -55.57 12.33
C2 0JN CC . 26.84 -54.23 12.32
N3 0JN CC . 25.91 -53.84 11.37
C4 0JN CC . 25.43 -54.73 10.48
C5 0JN CC . 25.84 -56.01 10.49
C6 0JN CC . 26.74 -56.41 11.42
CAA 0JN CC . 24.85 -52.18 8.84
CAB 0JN CC . 23.04 -53.54 7.81
CAE 0JN CC . 27.72 -57.37 4.64
CAF 0JN CC . 26.61 -56.74 5.19
CAG 0JN CC . 27.98 -60.30 8.47
CAH 0JN CC . 26.87 -59.67 9.02
CAI 0JN CC . 28.34 -58.42 5.32
CAJ 0JN CC . 28.47 -59.88 7.24
CAR 0JN CC . 26.24 -58.61 8.36
CAS 0JN CC . 25.17 -56.57 9.47
CAT 0JN CC . 27.84 -58.83 6.56
NAX 0JN CC . 24.55 -54.57 9.48
CAY 0JN CC . 23.83 -53.31 9.10
CAC 0JN CC . 22.87 -52.88 10.20
NAP 0JN CC . 24.39 -55.64 8.93
NAD 0JN CC . 27.14 -57.67 11.42
CAM 0JN CC . 25.11 -58.04 8.95
CAU 0JN CC . 26.73 -58.20 7.11
CAK 0JN CC . 26.11 -57.16 6.42
NA NA DC . 25.69 -51.95 24.65
C ACT EC . 25.28 -53.62 27.38
O ACT EC . 26.06 -53.54 26.41
OXT ACT EC . 24.47 -54.57 27.35
CH3 ACT EC . 25.28 -52.65 28.52
C ACT FC . -1.55 -66.60 11.17
O ACT FC . -0.39 -66.90 10.83
OXT ACT FC . -1.66 -66.02 12.28
CH3 ACT FC . -2.74 -66.91 10.32
C ACT GC . 29.13 -56.33 21.13
O ACT GC . 29.40 -57.38 20.52
OXT ACT GC . 28.65 -55.41 20.44
CH3 ACT GC . 29.35 -56.18 22.60
#